data_7TU8
#
_entry.id   7TU8
#
_cell.length_a   1.00
_cell.length_b   1.00
_cell.length_c   1.00
_cell.angle_alpha   90.00
_cell.angle_beta   90.00
_cell.angle_gamma   90.00
#
_symmetry.space_group_name_H-M   'P 1'
#
loop_
_entity.id
_entity.type
_entity.pdbx_description
1 polymer 'dGTP triphosphohydrolase'
2 non-polymer "2'-DEOXYGUANOSINE-5'-TRIPHOSPHATE"
3 non-polymer "2'-DEOXYADENOSINE 5'-TRIPHOSPHATE"
4 non-polymer 'MAGNESIUM ION'
#
_entity_poly.entity_id   1
_entity_poly.type   'polypeptide(L)'
_entity_poly.pdbx_seq_one_letter_code
;MHHHHHHSSGVDLGTENLYFQSNANWEHLLSLKRQGDTAKRLRIEQDDTRLGFEVDYDRIIFSAPFRSLQDKTQVIPLSK
TDFVHTRLTHSLEVSVVGRSLGRMVGKKLLEKYPHLEQVYGYKFNDFGAIVAAAALAHDIGNPPFGASGEKAIGEFFKNG
YGKRYKDSLTAKEYQDLIKFEGNANGFKVLSQSKPGAQGGLRLSYATLGAFMKYPKESLPHKPSDHIADKKYGFFQSERA
LFEDVAQELGLLKRSTTDDVSWSRHPLAYLVEAADDICYTIIDFEDGINLGLIPEEYALEYMVKLVGQTIDRNKYNALQE
TSDRVSYLRALAIGTLINESVDTFMKYEEEILAGTFDQSLIDKSNYQAQITDIINLSIERIYNSREVIEKEIAGYEILST
LLEARCRALDNNDTHYNQLIQQLLAPNDHSEKSLYENLIQICAEVSTMTDGKALRNYKKIKGLD
;
_entity_poly.pdbx_strand_id   A,B,C,D,E,F
#
# COMPACT_ATOMS: atom_id res chain seq x y z
N ASN A 25 -21.81 -58.41 3.57
CA ASN A 25 -22.14 -58.51 4.99
C ASN A 25 -21.23 -57.63 5.85
N TRP A 26 -21.63 -57.45 7.11
CA TRP A 26 -21.00 -56.46 7.97
C TRP A 26 -19.63 -56.87 8.49
N GLU A 27 -19.30 -58.16 8.45
CA GLU A 27 -18.00 -58.61 8.93
C GLU A 27 -16.87 -58.08 8.06
N HIS A 28 -17.07 -58.09 6.73
CA HIS A 28 -16.04 -57.62 5.82
C HIS A 28 -16.01 -56.11 5.68
N LEU A 29 -17.07 -55.42 6.09
CA LEU A 29 -17.12 -53.97 5.94
C LEU A 29 -16.25 -53.26 6.98
N LEU A 30 -16.07 -53.84 8.15
CA LEU A 30 -15.25 -53.25 9.20
C LEU A 30 -13.85 -53.85 9.21
N SER A 31 -13.13 -53.64 8.12
CA SER A 31 -11.80 -54.22 7.96
C SER A 31 -10.75 -53.33 8.59
N LEU A 32 -9.77 -53.97 9.25
CA LEU A 32 -8.66 -53.29 9.89
C LEU A 32 -7.37 -53.40 9.10
N LYS A 33 -7.47 -53.68 7.80
CA LYS A 33 -6.30 -53.87 6.96
C LYS A 33 -5.71 -52.54 6.54
N ARG A 34 -4.39 -52.53 6.37
CA ARG A 34 -3.66 -51.38 5.86
C ARG A 34 -2.85 -51.79 4.64
N GLN A 35 -2.54 -50.80 3.80
CA GLN A 35 -1.84 -51.09 2.55
C GLN A 35 -0.45 -51.66 2.83
N GLY A 36 -0.10 -52.72 2.09
CA GLY A 36 1.14 -53.42 2.30
C GLY A 36 1.09 -54.58 3.26
N ASP A 37 -0.05 -54.81 3.91
CA ASP A 37 -0.16 -55.88 4.89
C ASP A 37 -0.16 -57.24 4.20
N THR A 38 0.42 -58.22 4.89
CA THR A 38 0.44 -59.60 4.44
C THR A 38 -0.42 -60.51 5.30
N ALA A 39 -0.35 -60.36 6.61
CA ALA A 39 -1.15 -61.17 7.53
C ALA A 39 -2.55 -60.58 7.64
N LYS A 40 -3.34 -61.08 8.58
CA LYS A 40 -4.70 -60.62 8.81
C LYS A 40 -4.80 -60.05 10.22
N ARG A 41 -5.15 -58.77 10.32
CA ARG A 41 -5.37 -58.14 11.61
C ARG A 41 -6.78 -58.44 12.09
N LEU A 42 -6.90 -58.97 13.31
CA LEU A 42 -8.19 -59.31 13.87
C LEU A 42 -8.55 -58.35 15.00
N ARG A 43 -9.86 -58.15 15.17
CA ARG A 43 -10.34 -57.20 16.16
C ARG A 43 -9.98 -57.63 17.58
N ILE A 44 -10.07 -58.94 17.86
CA ILE A 44 -9.79 -59.44 19.20
C ILE A 44 -8.31 -59.43 19.55
N GLU A 45 -7.44 -59.17 18.58
CA GLU A 45 -6.00 -59.07 18.82
C GLU A 45 -5.53 -57.63 18.93
N GLN A 46 -6.44 -56.66 18.96
CA GLN A 46 -6.08 -55.26 19.04
C GLN A 46 -5.81 -54.84 20.48
N ASP A 47 -5.10 -53.72 20.62
CA ASP A 47 -4.90 -53.10 21.92
C ASP A 47 -6.05 -52.14 22.18
N ASP A 48 -6.81 -52.39 23.24
CA ASP A 48 -8.07 -51.69 23.42
C ASP A 48 -7.88 -50.23 23.80
N THR A 49 -6.72 -49.86 24.34
CA THR A 49 -6.44 -48.45 24.61
C THR A 49 -6.41 -47.65 23.33
N ARG A 50 -5.80 -48.19 22.28
CA ARG A 50 -5.62 -47.49 21.00
C ARG A 50 -5.97 -48.46 19.88
N LEU A 51 -7.21 -48.40 19.39
CA LEU A 51 -7.61 -49.19 18.24
C LEU A 51 -7.16 -48.50 16.96
N GLY A 52 -7.27 -49.24 15.84
CA GLY A 52 -6.76 -48.73 14.58
C GLY A 52 -7.44 -47.47 14.10
N PHE A 53 -8.74 -47.34 14.35
CA PHE A 53 -9.48 -46.17 13.89
C PHE A 53 -9.03 -44.91 14.66
N GLU A 54 -8.75 -45.05 15.96
CA GLU A 54 -8.16 -43.94 16.70
C GLU A 54 -6.77 -43.60 16.19
N VAL A 55 -6.00 -44.60 15.75
CA VAL A 55 -4.71 -44.33 15.14
C VAL A 55 -4.90 -43.52 13.85
N ASP A 56 -5.93 -43.85 13.07
CA ASP A 56 -6.24 -43.08 11.86
C ASP A 56 -6.57 -41.63 12.21
N TYR A 57 -7.39 -41.43 13.23
CA TYR A 57 -7.72 -40.09 13.70
C TYR A 57 -6.46 -39.32 14.06
N ASP A 58 -5.58 -39.92 14.85
CA ASP A 58 -4.36 -39.25 15.29
C ASP A 58 -3.41 -38.99 14.13
N ARG A 59 -3.38 -39.86 13.13
CA ARG A 59 -2.51 -39.64 11.98
C ARG A 59 -3.02 -38.48 11.13
N ILE A 60 -4.34 -38.34 11.02
CA ILE A 60 -4.88 -37.20 10.28
C ILE A 60 -4.63 -35.90 11.05
N ILE A 61 -4.75 -35.94 12.38
CA ILE A 61 -4.62 -34.72 13.18
C ILE A 61 -3.24 -34.10 13.02
N PHE A 62 -2.20 -34.94 12.92
CA PHE A 62 -0.82 -34.49 13.00
C PHE A 62 -0.20 -34.19 11.64
N SER A 63 -0.96 -34.24 10.56
CA SER A 63 -0.41 -34.06 9.22
C SER A 63 -0.56 -32.62 8.74
N ALA A 64 0.21 -32.28 7.71
CA ALA A 64 0.23 -30.95 7.09
C ALA A 64 -0.98 -30.68 6.21
N PRO A 65 -1.47 -31.64 5.41
CA PRO A 65 -2.72 -31.39 4.67
C PRO A 65 -3.88 -31.00 5.56
N PHE A 66 -3.99 -31.58 6.76
CA PHE A 66 -5.05 -31.19 7.69
C PHE A 66 -4.83 -29.76 8.20
N ARG A 67 -3.59 -29.39 8.46
CA ARG A 67 -3.31 -28.07 8.92
C ARG A 67 -3.59 -27.01 7.88
N SER A 68 -3.37 -27.30 6.61
CA SER A 68 -3.63 -26.31 5.57
C SER A 68 -5.11 -25.96 5.44
N LEU A 69 -6.00 -26.72 6.05
CA LEU A 69 -7.42 -26.41 6.03
C LEU A 69 -7.77 -25.17 6.84
N GLN A 70 -6.85 -24.64 7.63
CA GLN A 70 -7.15 -23.52 8.50
C GLN A 70 -7.36 -22.22 7.73
N ASP A 71 -6.84 -22.11 6.51
CA ASP A 71 -6.97 -20.90 5.72
C ASP A 71 -7.51 -21.26 4.33
N LYS A 72 -8.57 -22.04 4.31
CA LYS A 72 -9.23 -22.41 3.07
C LYS A 72 -10.71 -22.06 3.15
N THR A 73 -11.28 -21.71 2.00
CA THR A 73 -12.62 -21.13 1.95
C THR A 73 -13.68 -22.18 2.22
N GLN A 74 -14.62 -21.84 3.10
CA GLN A 74 -15.87 -22.58 3.25
C GLN A 74 -16.99 -21.95 2.43
N VAL A 75 -17.34 -20.70 2.73
CA VAL A 75 -18.32 -19.96 1.95
C VAL A 75 -17.73 -18.63 1.50
N ILE A 76 -17.18 -17.87 2.44
CA ILE A 76 -16.67 -16.53 2.18
C ILE A 76 -15.16 -16.60 2.04
N PRO A 77 -14.59 -16.31 0.87
CA PRO A 77 -13.14 -16.41 0.70
C PRO A 77 -12.38 -15.36 1.48
N LEU A 78 -11.14 -15.72 1.85
CA LEU A 78 -10.20 -14.82 2.52
C LEU A 78 -10.80 -14.23 3.80
N SER A 79 -11.21 -15.13 4.69
CA SER A 79 -11.87 -14.74 5.93
C SER A 79 -11.36 -15.58 7.09
N LYS A 80 -10.04 -15.71 7.19
CA LYS A 80 -9.43 -16.48 8.28
C LYS A 80 -9.28 -15.67 9.57
N ASP A 82 -12.07 -13.39 11.11
CA ASP A 82 -13.44 -13.08 11.46
C ASP A 82 -14.01 -14.08 12.45
N PHE A 83 -15.32 -14.20 12.47
CA PHE A 83 -16.01 -15.18 13.28
C PHE A 83 -16.68 -16.20 12.36
N VAL A 84 -16.35 -16.18 11.08
CA VAL A 84 -16.92 -17.10 10.11
C VAL A 84 -16.14 -18.39 10.07
N HIS A 85 -16.72 -19.44 9.52
CA HIS A 85 -16.09 -20.75 9.50
C HIS A 85 -15.10 -20.89 8.36
N THR A 86 -14.09 -21.72 8.60
CA THR A 86 -13.17 -22.21 7.58
C THR A 86 -13.43 -23.71 7.40
N ARG A 87 -12.62 -24.34 6.55
CA ARG A 87 -12.78 -25.78 6.35
C ARG A 87 -12.42 -26.58 7.59
N LEU A 88 -11.46 -26.09 8.38
CA LEU A 88 -11.00 -26.85 9.54
C LEU A 88 -12.08 -26.94 10.62
N THR A 89 -12.69 -25.81 10.97
CA THR A 89 -13.71 -25.82 12.02
C THR A 89 -14.97 -26.53 11.57
N HIS A 90 -15.33 -26.38 10.29
CA HIS A 90 -16.42 -27.14 9.72
C HIS A 90 -16.16 -28.64 9.83
N SER A 91 -14.93 -29.06 9.53
CA SER A 91 -14.59 -30.48 9.62
C SER A 91 -14.69 -30.98 11.05
N LEU A 92 -14.26 -30.16 12.03
CA LEU A 92 -14.38 -30.56 13.43
C LEU A 92 -15.84 -30.75 13.85
N GLU A 93 -16.71 -29.82 13.47
CA GLU A 93 -18.12 -29.95 13.81
C GLU A 93 -18.73 -31.19 13.17
N VAL A 94 -18.39 -31.44 11.90
CA VAL A 94 -18.88 -32.64 11.22
C VAL A 94 -18.37 -33.88 11.94
N SER A 95 -17.15 -33.84 12.46
CA SER A 95 -16.61 -34.98 13.20
C SER A 95 -17.44 -35.26 14.46
N VAL A 96 -17.82 -34.22 15.19
CA VAL A 96 -18.62 -34.42 16.40
C VAL A 96 -19.97 -35.04 16.06
N VAL A 97 -20.66 -34.47 15.07
CA VAL A 97 -21.98 -34.97 14.70
C VAL A 97 -21.88 -36.40 14.17
N GLY A 98 -20.83 -36.69 13.39
CA GLY A 98 -20.65 -38.03 12.86
C GLY A 98 -20.36 -39.05 13.93
N ARG A 99 -19.57 -38.68 14.93
CA ARG A 99 -19.32 -39.59 16.05
C ARG A 99 -20.62 -39.96 16.74
N SER A 100 -21.48 -38.96 16.99
CA SER A 100 -22.75 -39.24 17.63
C SER A 100 -23.62 -40.17 16.79
N LEU A 101 -23.75 -39.86 15.49
CA LEU A 101 -24.56 -40.69 14.60
C LEU A 101 -24.04 -42.12 14.56
N GLY A 102 -22.71 -42.27 14.44
CA GLY A 102 -22.14 -43.60 14.37
C GLY A 102 -22.38 -44.40 15.63
N ARG A 103 -22.27 -43.76 16.79
CA ARG A 103 -22.51 -44.48 18.04
C ARG A 103 -23.94 -45.01 18.10
N MET A 104 -24.93 -44.15 17.79
CA MET A 104 -26.31 -44.62 17.84
C MET A 104 -26.56 -45.76 16.84
N VAL A 105 -26.10 -45.59 15.60
CA VAL A 105 -26.37 -46.60 14.58
C VAL A 105 -25.67 -47.90 14.94
N GLY A 106 -24.46 -47.83 15.48
CA GLY A 106 -23.76 -49.04 15.86
C GLY A 106 -24.44 -49.78 16.99
N LYS A 107 -24.94 -49.04 17.99
CA LYS A 107 -25.67 -49.71 19.06
C LYS A 107 -26.90 -50.42 18.51
N LYS A 108 -27.65 -49.77 17.62
CA LYS A 108 -28.82 -50.43 17.05
C LYS A 108 -28.43 -51.64 16.19
N LEU A 109 -27.32 -51.55 15.46
CA LEU A 109 -26.90 -52.69 14.63
C LEU A 109 -26.50 -53.88 15.49
N LEU A 110 -25.65 -53.68 16.49
CA LEU A 110 -25.30 -54.79 17.37
C LEU A 110 -26.52 -55.31 18.12
N GLU A 111 -27.53 -54.48 18.34
CA GLU A 111 -28.81 -55.00 18.82
C GLU A 111 -29.44 -55.92 17.80
N LYS A 112 -29.38 -55.56 16.52
CA LYS A 112 -30.01 -56.38 15.48
C LYS A 112 -29.22 -57.65 15.21
N TYR A 113 -27.90 -57.56 15.10
CA TYR A 113 -27.04 -58.71 14.86
C TYR A 113 -26.15 -58.95 16.07
N PRO A 114 -26.51 -59.86 16.98
CA PRO A 114 -25.66 -60.08 18.16
C PRO A 114 -24.39 -60.83 17.88
N HIS A 115 -24.29 -61.54 16.74
CA HIS A 115 -23.11 -62.34 16.49
C HIS A 115 -21.86 -61.50 16.31
N LEU A 116 -22.01 -60.27 15.80
CA LEU A 116 -20.88 -59.36 15.68
C LEU A 116 -20.13 -59.21 16.99
N GLU A 117 -20.82 -58.72 18.02
CA GLU A 117 -20.20 -58.55 19.33
C GLU A 117 -19.86 -59.90 19.96
N GLN A 118 -20.74 -60.90 19.82
CA GLN A 118 -20.57 -62.14 20.55
C GLN A 118 -19.43 -63.00 20.00
N VAL A 119 -19.00 -62.78 18.75
CA VAL A 119 -17.96 -63.61 18.16
C VAL A 119 -16.77 -62.76 17.73
N TYR A 120 -17.02 -61.77 16.88
CA TYR A 120 -15.92 -60.99 16.32
C TYR A 120 -15.34 -60.02 17.34
N GLY A 121 -16.16 -59.52 18.25
CA GLY A 121 -15.67 -58.67 19.32
C GLY A 121 -15.74 -57.18 19.03
N TYR A 122 -16.84 -56.74 18.43
CA TYR A 122 -17.02 -55.35 18.07
C TYR A 122 -17.88 -54.63 19.11
N LYS A 123 -17.61 -53.34 19.27
CA LYS A 123 -18.36 -52.46 20.17
C LYS A 123 -18.87 -51.27 19.37
N PHE A 124 -19.88 -50.61 19.93
CA PHE A 124 -20.50 -49.50 19.22
C PHE A 124 -19.61 -48.27 19.14
N ASN A 125 -18.48 -48.25 19.86
CA ASN A 125 -17.54 -47.15 19.74
C ASN A 125 -16.74 -47.25 18.45
N ASP A 126 -16.61 -48.46 17.91
CA ASP A 126 -15.87 -48.64 16.66
C ASP A 126 -16.54 -47.92 15.51
N PHE A 127 -17.87 -48.00 15.43
CA PHE A 127 -18.61 -47.30 14.38
C PHE A 127 -18.42 -45.80 14.51
N GLY A 128 -18.48 -45.27 15.73
CA GLY A 128 -18.25 -43.86 15.95
C GLY A 128 -16.86 -43.44 15.55
N ALA A 129 -15.86 -44.26 15.87
CA ALA A 129 -14.49 -43.94 15.48
C ALA A 129 -14.35 -43.92 13.97
N ILE A 130 -14.95 -44.88 13.27
CA ILE A 130 -14.87 -44.92 11.81
C ILE A 130 -15.51 -43.67 11.23
N VAL A 131 -16.71 -43.32 11.68
CA VAL A 131 -17.41 -42.19 11.08
C VAL A 131 -16.71 -40.88 11.42
N ALA A 132 -16.18 -40.76 12.63
CA ALA A 132 -15.45 -39.55 13.01
C ALA A 132 -14.18 -39.38 12.17
N ALA A 133 -13.42 -40.46 11.99
CA ALA A 133 -12.21 -40.37 11.18
C ALA A 133 -12.53 -40.04 9.73
N ALA A 134 -13.59 -40.65 9.19
CA ALA A 134 -13.98 -40.35 7.81
C ALA A 134 -14.45 -38.91 7.65
N ALA A 135 -15.23 -38.41 8.61
CA ALA A 135 -15.75 -37.06 8.53
C ALA A 135 -14.69 -36.01 8.80
N LEU A 136 -13.61 -36.37 9.49
CA LEU A 136 -12.55 -35.40 9.74
C LEU A 136 -11.76 -35.06 8.48
N ALA A 137 -11.58 -36.03 7.58
CA ALA A 137 -10.76 -35.85 6.39
C ALA A 137 -11.59 -35.73 5.12
N HIS A 138 -12.89 -35.47 5.24
CA HIS A 138 -13.78 -35.50 4.08
C HIS A 138 -13.64 -34.30 3.16
N ASP A 139 -12.85 -33.29 3.48
CA ASP A 139 -12.71 -32.17 2.60
C ASP A 139 -11.29 -31.86 2.39
N ILE A 140 -10.43 -32.78 2.67
CA ILE A 140 -8.99 -32.52 2.70
C ILE A 140 -8.39 -32.27 1.34
N GLY A 141 -9.08 -32.61 0.26
CA GLY A 141 -8.60 -32.38 -1.08
C GLY A 141 -9.12 -31.13 -1.76
N ASN A 142 -9.87 -30.29 -1.07
CA ASN A 142 -10.45 -29.11 -1.70
C ASN A 142 -9.36 -28.08 -2.00
N PRO A 143 -9.46 -27.38 -3.12
CA PRO A 143 -8.47 -26.36 -3.46
C PRO A 143 -8.82 -25.03 -2.82
N PRO A 144 -7.93 -24.06 -2.88
CA PRO A 144 -8.28 -22.71 -2.41
C PRO A 144 -9.44 -22.12 -3.21
N PHE A 145 -10.22 -21.29 -2.55
CA PHE A 145 -11.38 -20.56 -3.07
C PHE A 145 -12.59 -21.45 -3.32
N GLY A 146 -12.50 -22.74 -3.02
CA GLY A 146 -13.69 -23.58 -2.96
C GLY A 146 -14.23 -23.95 -4.32
N ALA A 147 -15.56 -23.86 -4.45
CA ALA A 147 -16.25 -24.27 -5.66
C ALA A 147 -15.79 -23.46 -6.86
N SER A 148 -15.64 -22.15 -6.69
CA SER A 148 -15.09 -21.32 -7.76
C SER A 148 -13.68 -21.76 -8.12
N GLY A 149 -12.89 -22.21 -7.14
CA GLY A 149 -11.56 -22.69 -7.44
C GLY A 149 -11.57 -23.94 -8.30
N GLU A 150 -12.41 -24.91 -7.95
CA GLU A 150 -12.53 -26.11 -8.77
C GLU A 150 -12.99 -25.77 -10.17
N LYS A 151 -13.98 -24.89 -10.29
CA LYS A 151 -14.48 -24.52 -11.62
C LYS A 151 -13.41 -23.79 -12.43
N ALA A 152 -12.58 -22.97 -11.77
CA ALA A 152 -11.50 -22.31 -12.50
C ALA A 152 -10.46 -23.31 -12.99
N ILE A 153 -10.10 -24.29 -12.16
CA ILE A 153 -9.16 -25.30 -12.58
C ILE A 153 -9.70 -26.08 -13.78
N GLY A 154 -11.00 -26.39 -13.76
CA GLY A 154 -11.60 -27.06 -14.89
C GLY A 154 -11.63 -26.20 -16.15
N GLU A 155 -12.03 -24.93 -16.01
CA GLU A 155 -12.14 -24.05 -17.17
C GLU A 155 -10.78 -23.76 -17.80
N PHE A 156 -9.71 -23.85 -17.01
CA PHE A 156 -8.38 -23.67 -17.57
C PHE A 156 -8.07 -24.72 -18.63
N PHE A 157 -8.37 -25.99 -18.32
CA PHE A 157 -8.16 -27.05 -19.29
C PHE A 157 -9.24 -27.06 -20.37
N LYS A 158 -10.43 -26.55 -20.06
CA LYS A 158 -11.51 -26.56 -21.03
C LYS A 158 -11.31 -25.51 -22.13
N ASN A 159 -11.26 -24.23 -21.74
CA ASN A 159 -11.21 -23.13 -22.69
C ASN A 159 -9.92 -22.32 -22.67
N GLY A 160 -8.94 -22.71 -21.87
CA GLY A 160 -7.72 -21.94 -21.73
C GLY A 160 -6.53 -22.62 -22.38
N TYR A 161 -5.36 -22.38 -21.79
CA TYR A 161 -4.11 -22.91 -22.33
C TYR A 161 -4.11 -24.44 -22.35
N GLY A 162 -4.54 -25.07 -21.26
CA GLY A 162 -4.48 -26.52 -21.14
C GLY A 162 -5.27 -27.25 -22.21
N LYS A 163 -6.17 -26.56 -22.89
CA LYS A 163 -6.91 -27.17 -23.99
C LYS A 163 -5.98 -27.77 -25.03
N ARG A 164 -4.78 -27.20 -25.19
CA ARG A 164 -3.86 -27.71 -26.20
C ARG A 164 -3.44 -29.14 -25.94
N TYR A 165 -3.68 -29.68 -24.74
CA TYR A 165 -3.31 -31.05 -24.44
C TYR A 165 -4.39 -32.06 -24.81
N LYS A 166 -5.55 -31.60 -25.28
CA LYS A 166 -6.69 -32.50 -25.49
C LYS A 166 -6.32 -33.69 -26.37
N ASP A 167 -5.48 -33.47 -27.37
CA ASP A 167 -5.18 -34.52 -28.34
C ASP A 167 -4.16 -35.52 -27.83
N SER A 168 -3.44 -35.21 -26.76
CA SER A 168 -2.37 -36.07 -26.27
C SER A 168 -2.81 -37.01 -25.15
N LEU A 169 -4.09 -36.98 -24.76
CA LEU A 169 -4.56 -37.66 -23.58
C LEU A 169 -5.74 -38.57 -23.91
N THR A 170 -5.91 -39.60 -23.10
CA THR A 170 -7.08 -40.46 -23.20
C THR A 170 -8.33 -39.68 -22.81
N ALA A 171 -9.49 -40.14 -23.28
CA ALA A 171 -10.73 -39.42 -23.06
C ALA A 171 -11.05 -39.32 -21.57
N LYS A 172 -10.86 -40.42 -20.83
CA LYS A 172 -11.15 -40.37 -19.40
C LYS A 172 -10.16 -39.47 -18.65
N GLU A 173 -8.90 -39.44 -19.09
CA GLU A 173 -7.94 -38.54 -18.46
C GLU A 173 -8.31 -37.07 -18.70
N TYR A 174 -8.71 -36.75 -19.94
CA TYR A 174 -9.16 -35.39 -20.23
C TYR A 174 -10.40 -35.04 -19.42
N GLN A 175 -11.32 -36.00 -19.26
CA GLN A 175 -12.49 -35.76 -18.43
C GLN A 175 -12.10 -35.51 -16.98
N ASP A 176 -11.11 -36.25 -16.47
CA ASP A 176 -10.56 -35.97 -15.15
C ASP A 176 -10.09 -34.53 -15.06
N LEU A 177 -9.37 -34.07 -16.08
CA LEU A 177 -8.76 -32.74 -16.00
C LEU A 177 -9.78 -31.62 -16.19
N ILE A 178 -10.90 -31.86 -16.87
CA ILE A 178 -11.88 -30.81 -17.13
C ILE A 178 -13.04 -30.81 -16.15
N LYS A 179 -13.17 -31.84 -15.31
CA LYS A 179 -14.17 -31.89 -14.26
C LYS A 179 -13.49 -32.16 -12.92
N PHE A 180 -12.46 -31.37 -12.63
CA PHE A 180 -11.64 -31.59 -11.44
C PHE A 180 -12.50 -31.63 -10.19
N GLU A 181 -12.33 -32.68 -9.40
CA GLU A 181 -13.15 -32.93 -8.23
C GLU A 181 -12.28 -32.94 -6.98
N GLY A 182 -12.81 -32.36 -5.90
CA GLY A 182 -12.09 -32.34 -4.64
C GLY A 182 -12.05 -33.69 -3.95
N ASN A 183 -13.04 -34.55 -4.22
CA ASN A 183 -13.06 -35.88 -3.60
C ASN A 183 -11.94 -36.76 -4.15
N ALA A 184 -11.72 -36.73 -5.46
CA ALA A 184 -10.62 -37.47 -6.05
C ALA A 184 -9.28 -36.97 -5.54
N ASN A 185 -9.13 -35.65 -5.42
CA ASN A 185 -7.89 -35.11 -4.88
C ASN A 185 -7.70 -35.48 -3.41
N GLY A 186 -8.79 -35.57 -2.65
CA GLY A 186 -8.69 -36.02 -1.27
C GLY A 186 -8.23 -37.46 -1.16
N PHE A 187 -8.76 -38.33 -2.02
CA PHE A 187 -8.27 -39.71 -2.06
C PHE A 187 -6.80 -39.75 -2.44
N LYS A 188 -6.39 -38.92 -3.40
CA LYS A 188 -4.99 -38.85 -3.80
C LYS A 188 -4.10 -38.43 -2.64
N VAL A 189 -4.54 -37.44 -1.87
CA VAL A 189 -3.77 -36.97 -0.72
C VAL A 189 -3.67 -38.08 0.33
N LEU A 190 -4.77 -38.76 0.61
CA LEU A 190 -4.77 -39.77 1.65
C LEU A 190 -3.90 -40.97 1.28
N SER A 191 -3.88 -41.36 0.00
CA SER A 191 -3.20 -42.58 -0.42
C SER A 191 -2.03 -42.29 -1.34
N GLN A 192 -1.24 -41.28 -1.02
CA GLN A 192 -0.13 -40.87 -1.88
C GLN A 192 1.11 -41.71 -1.60
N SER A 193 1.79 -42.10 -2.65
CA SER A 193 3.03 -42.86 -2.54
C SER A 193 4.22 -41.95 -2.84
N LYS A 194 5.21 -41.97 -1.95
CA LYS A 194 6.39 -41.14 -2.03
C LYS A 194 7.63 -42.02 -1.90
N PRO A 195 8.77 -41.57 -2.43
CA PRO A 195 9.99 -42.37 -2.32
C PRO A 195 10.40 -42.59 -0.86
N GLY A 196 10.39 -43.85 -0.45
CA GLY A 196 10.77 -44.23 0.90
C GLY A 196 9.61 -44.42 1.86
N ALA A 197 8.39 -44.04 1.47
CA ALA A 197 7.24 -44.17 2.35
C ALA A 197 6.02 -44.45 1.48
N GLN A 198 5.68 -45.72 1.32
CA GLN A 198 4.56 -46.13 0.50
C GLN A 198 3.27 -46.13 1.30
N GLY A 199 2.17 -45.82 0.61
CA GLY A 199 0.85 -45.86 1.19
C GLY A 199 0.35 -44.55 1.77
N GLY A 200 1.23 -43.57 1.96
CA GLY A 200 0.82 -42.31 2.56
C GLY A 200 0.51 -42.42 4.04
N LEU A 201 -0.68 -42.00 4.45
CA LEU A 201 -1.05 -42.08 5.84
C LEU A 201 -1.37 -43.51 6.30
N ARG A 202 -1.58 -44.42 5.35
CA ARG A 202 -1.84 -45.83 5.64
C ARG A 202 -3.03 -46.00 6.58
N LEU A 203 -4.17 -45.51 6.15
CA LEU A 203 -5.40 -45.63 6.92
C LEU A 203 -6.02 -47.01 6.74
N SER A 204 -6.95 -47.33 7.63
CA SER A 204 -7.66 -48.60 7.53
C SER A 204 -8.62 -48.59 6.35
N TYR A 205 -8.99 -49.79 5.90
CA TYR A 205 -9.83 -49.89 4.72
C TYR A 205 -11.28 -49.51 5.01
N ALA A 206 -11.76 -49.74 6.24
CA ALA A 206 -13.09 -49.29 6.60
C ALA A 206 -13.19 -47.77 6.53
N THR A 207 -12.17 -47.07 7.01
CA THR A 207 -12.16 -45.61 6.95
C THR A 207 -12.13 -45.12 5.51
N LEU A 208 -11.33 -45.75 4.66
CA LEU A 208 -11.27 -45.34 3.26
C LEU A 208 -12.59 -45.60 2.55
N GLY A 209 -13.27 -46.70 2.89
CA GLY A 209 -14.58 -46.96 2.32
C GLY A 209 -15.62 -45.95 2.77
N ALA A 210 -15.64 -45.62 4.07
CA ALA A 210 -16.59 -44.65 4.59
C ALA A 210 -16.31 -43.24 4.09
N PHE A 211 -15.07 -42.93 3.74
CA PHE A 211 -14.74 -41.65 3.15
C PHE A 211 -15.20 -41.53 1.71
N MET A 212 -15.49 -42.66 1.06
CA MET A 212 -15.68 -42.74 -0.38
C MET A 212 -17.17 -42.66 -0.70
N LYS A 213 -17.60 -41.61 -1.41
CA LYS A 213 -19.01 -41.39 -1.65
C LYS A 213 -19.44 -41.51 -3.11
N TYR A 214 -18.51 -41.46 -4.07
CA TYR A 214 -18.81 -41.66 -5.49
C TYR A 214 -17.85 -42.69 -6.06
N PRO A 215 -18.11 -43.98 -5.82
CA PRO A 215 -17.19 -45.01 -6.31
C PRO A 215 -17.30 -45.26 -7.80
N LYS A 216 -16.83 -44.32 -8.62
CA LYS A 216 -16.87 -44.49 -10.07
C LYS A 216 -15.81 -43.59 -10.70
N GLU A 217 -15.52 -43.85 -11.96
CA GLU A 217 -14.60 -43.05 -12.75
C GLU A 217 -15.31 -41.82 -13.31
N SER A 218 -14.58 -41.03 -14.11
CA SER A 218 -15.14 -39.79 -14.61
C SER A 218 -16.10 -40.01 -15.78
N LEU A 219 -16.02 -41.16 -16.44
CA LEU A 219 -16.93 -41.46 -17.53
C LEU A 219 -17.62 -42.80 -17.29
N PRO A 220 -18.90 -42.95 -17.68
CA PRO A 220 -19.77 -41.93 -18.30
C PRO A 220 -20.23 -40.85 -17.33
N HIS A 221 -20.60 -39.70 -17.88
CA HIS A 221 -20.95 -38.52 -17.09
C HIS A 221 -22.43 -38.57 -16.74
N LYS A 222 -22.73 -38.71 -15.46
CA LYS A 222 -24.09 -38.78 -14.92
C LYS A 222 -24.95 -39.79 -15.67
N PRO A 223 -24.68 -41.09 -15.51
CA PRO A 223 -25.47 -42.10 -16.24
C PRO A 223 -26.95 -42.12 -15.82
N SER A 224 -27.21 -42.06 -14.52
CA SER A 224 -28.57 -42.22 -14.00
C SER A 224 -28.89 -41.11 -13.01
N ASP A 225 -30.06 -41.23 -12.38
CA ASP A 225 -30.52 -40.31 -11.35
C ASP A 225 -30.16 -40.76 -9.94
N HIS A 226 -29.41 -41.84 -9.82
CA HIS A 226 -28.95 -42.32 -8.52
C HIS A 226 -28.03 -41.30 -7.88
N ILE A 227 -27.80 -41.46 -6.57
CA ILE A 227 -27.05 -40.46 -5.82
C ILE A 227 -25.54 -40.68 -5.90
N ALA A 228 -25.09 -41.89 -6.22
CA ALA A 228 -23.67 -42.19 -6.35
C ALA A 228 -23.14 -41.93 -7.74
N ASP A 229 -23.87 -41.19 -8.57
CA ASP A 229 -23.50 -40.96 -9.95
C ASP A 229 -23.37 -39.49 -10.30
N LYS A 230 -23.56 -38.58 -9.35
CA LYS A 230 -23.52 -37.16 -9.67
C LYS A 230 -22.11 -36.69 -10.02
N LYS A 231 -21.09 -37.38 -9.52
CA LYS A 231 -19.70 -37.00 -9.74
C LYS A 231 -18.86 -38.27 -9.76
N TYR A 232 -17.55 -38.12 -9.61
CA TYR A 232 -16.64 -39.25 -9.54
C TYR A 232 -15.71 -39.09 -8.35
N GLY A 233 -15.07 -40.19 -7.96
CA GLY A 233 -14.34 -40.21 -6.71
C GLY A 233 -12.87 -40.53 -6.75
N PHE A 234 -12.34 -41.01 -7.87
CA PHE A 234 -10.90 -41.25 -7.96
C PHE A 234 -10.41 -40.98 -9.37
N PHE A 235 -9.11 -40.67 -9.47
CA PHE A 235 -8.44 -40.42 -10.74
C PHE A 235 -8.05 -41.74 -11.40
N GLN A 236 -7.49 -41.63 -12.61
CA GLN A 236 -7.04 -42.83 -13.32
C GLN A 236 -5.75 -43.37 -12.75
N SER A 237 -4.96 -42.53 -12.07
CA SER A 237 -3.69 -42.96 -11.52
C SER A 237 -3.85 -43.76 -10.23
N GLU A 238 -5.03 -43.74 -9.61
CA GLU A 238 -5.27 -44.50 -8.39
C GLU A 238 -6.41 -45.50 -8.51
N ARG A 239 -6.97 -45.69 -9.70
CA ARG A 239 -8.04 -46.66 -9.89
C ARG A 239 -7.66 -48.01 -9.32
N ALA A 240 -6.48 -48.51 -9.70
CA ALA A 240 -6.00 -49.79 -9.20
C ALA A 240 -6.08 -49.85 -7.68
N LEU A 241 -5.60 -48.79 -7.02
CA LEU A 241 -5.63 -48.76 -5.57
C LEU A 241 -7.05 -48.99 -5.05
N PHE A 242 -8.01 -48.23 -5.56
CA PHE A 242 -9.37 -48.38 -5.07
C PHE A 242 -9.89 -49.78 -5.34
N GLU A 243 -9.50 -50.36 -6.47
CA GLU A 243 -9.91 -51.74 -6.76
C GLU A 243 -9.57 -52.63 -5.59
N ASP A 244 -8.33 -52.55 -5.11
CA ASP A 244 -7.93 -53.35 -3.95
C ASP A 244 -8.89 -53.11 -2.78
N VAL A 245 -9.11 -51.84 -2.43
CA VAL A 245 -10.03 -51.54 -1.34
C VAL A 245 -11.39 -52.15 -1.63
N ALA A 246 -11.88 -51.94 -2.85
CA ALA A 246 -13.23 -52.39 -3.17
C ALA A 246 -13.35 -53.91 -3.13
N GLN A 247 -12.26 -54.64 -3.24
CA GLN A 247 -12.40 -56.05 -3.20
C GLN A 247 -12.22 -56.59 -1.78
N GLU A 248 -11.68 -55.80 -0.86
CA GLU A 248 -11.50 -56.29 0.50
C GLU A 248 -12.76 -56.10 1.33
N LEU A 249 -13.48 -55.00 1.12
CA LEU A 249 -14.68 -54.73 1.89
C LEU A 249 -15.85 -55.58 1.45
N GLY A 250 -15.87 -56.01 0.19
CA GLY A 250 -17.00 -56.76 -0.32
C GLY A 250 -18.10 -55.87 -0.85
N LEU A 251 -17.73 -54.76 -1.47
CA LEU A 251 -18.71 -53.86 -2.07
C LEU A 251 -19.28 -54.44 -3.35
N LEU A 252 -20.58 -54.25 -3.53
CA LEU A 252 -21.27 -54.78 -4.71
C LEU A 252 -20.87 -54.01 -5.95
N LYS A 253 -20.78 -54.72 -7.07
CA LYS A 253 -20.37 -54.11 -8.34
C LYS A 253 -21.57 -53.74 -9.18
N ARG A 254 -21.52 -52.55 -9.79
CA ARG A 254 -22.63 -52.04 -10.58
C ARG A 254 -22.31 -51.89 -12.06
N SER A 255 -21.06 -52.07 -12.46
CA SER A 255 -20.68 -51.97 -13.87
C SER A 255 -19.33 -52.63 -14.06
N THR A 256 -19.23 -53.45 -15.11
CA THR A 256 -17.97 -54.09 -15.44
C THR A 256 -17.67 -54.11 -16.94
N THR A 257 -18.41 -53.37 -17.75
CA THR A 257 -18.23 -53.39 -19.20
C THR A 257 -16.84 -52.91 -19.59
N ASP A 258 -16.59 -51.61 -19.40
CA ASP A 258 -15.24 -51.06 -19.51
C ASP A 258 -14.96 -50.01 -18.46
N ASP A 259 -15.94 -49.64 -17.65
CA ASP A 259 -15.79 -48.62 -16.62
C ASP A 259 -16.32 -49.19 -15.31
N VAL A 260 -15.48 -49.20 -14.29
CA VAL A 260 -15.83 -49.83 -13.02
C VAL A 260 -16.66 -48.87 -12.18
N SER A 261 -17.62 -49.42 -11.44
CA SER A 261 -18.43 -48.64 -10.52
C SER A 261 -19.04 -49.58 -9.49
N TRP A 262 -18.75 -49.32 -8.22
CA TRP A 262 -19.27 -50.11 -7.11
C TRP A 262 -20.33 -49.31 -6.36
N SER A 263 -20.98 -49.98 -5.42
CA SER A 263 -21.97 -49.32 -4.57
C SER A 263 -21.31 -48.71 -3.33
N ARG A 264 -22.09 -47.94 -2.61
CA ARG A 264 -21.57 -47.19 -1.47
C ARG A 264 -21.36 -48.08 -0.25
N HIS A 265 -20.32 -47.76 0.52
CA HIS A 265 -20.20 -48.25 1.87
C HIS A 265 -21.36 -47.68 2.70
N PRO A 266 -21.99 -48.49 3.55
CA PRO A 266 -23.18 -47.99 4.28
C PRO A 266 -22.93 -46.76 5.13
N LEU A 267 -21.72 -46.56 5.65
CA LEU A 267 -21.45 -45.43 6.54
C LEU A 267 -21.18 -44.13 5.79
N ALA A 268 -20.95 -44.19 4.49
CA ALA A 268 -20.83 -42.97 3.71
C ALA A 268 -22.13 -42.17 3.74
N TYR A 269 -23.26 -42.86 3.85
CA TYR A 269 -24.54 -42.18 4.03
C TYR A 269 -24.53 -41.32 5.30
N LEU A 270 -24.03 -41.88 6.41
CA LEU A 270 -23.95 -41.12 7.65
C LEU A 270 -23.01 -39.94 7.54
N VAL A 271 -21.85 -40.14 6.88
CA VAL A 271 -20.90 -39.05 6.69
C VAL A 271 -21.57 -37.90 5.92
N GLU A 272 -22.26 -38.24 4.83
CA GLU A 272 -22.93 -37.22 4.03
C GLU A 272 -24.03 -36.52 4.81
N ALA A 273 -24.80 -37.28 5.60
CA ALA A 273 -25.85 -36.68 6.41
C ALA A 273 -25.28 -35.67 7.40
N ALA A 274 -24.18 -36.03 8.07
CA ALA A 274 -23.57 -35.12 9.02
C ALA A 274 -23.09 -33.83 8.35
N ASP A 275 -22.43 -33.98 7.20
CA ASP A 275 -21.94 -32.84 6.46
C ASP A 275 -23.08 -31.91 6.02
N ASP A 276 -24.18 -32.49 5.55
CA ASP A 276 -25.32 -31.70 5.11
C ASP A 276 -25.96 -30.93 6.25
N ILE A 277 -26.22 -31.63 7.37
CA ILE A 277 -26.82 -30.97 8.53
C ILE A 277 -25.96 -29.79 8.97
N CYS A 278 -24.67 -30.03 9.14
CA CYS A 278 -23.80 -29.01 9.71
C CYS A 278 -23.74 -27.78 8.82
N TYR A 279 -23.44 -27.95 7.53
CA TYR A 279 -23.27 -26.74 6.73
C TYR A 279 -24.61 -26.04 6.51
N THR A 280 -25.70 -26.80 6.38
CA THR A 280 -27.01 -26.19 6.19
C THR A 280 -27.38 -25.27 7.35
N ILE A 281 -27.13 -25.70 8.59
CA ILE A 281 -27.51 -24.84 9.71
C ILE A 281 -26.50 -23.71 9.93
N ILE A 282 -25.20 -24.03 9.88
CA ILE A 282 -24.20 -23.03 10.25
C ILE A 282 -24.10 -21.91 9.21
N ASP A 283 -24.34 -22.20 7.93
CA ASP A 283 -24.32 -21.12 6.95
C ASP A 283 -25.40 -20.09 7.24
N PHE A 284 -26.60 -20.55 7.60
CA PHE A 284 -27.69 -19.65 7.99
C PHE A 284 -27.30 -18.84 9.22
N GLU A 285 -26.75 -19.49 10.24
CA GLU A 285 -26.38 -18.78 11.46
C GLU A 285 -25.34 -17.70 11.18
N ASP A 286 -24.32 -18.02 10.38
CA ASP A 286 -23.27 -17.04 10.07
C ASP A 286 -23.82 -15.90 9.23
N GLY A 287 -24.71 -16.20 8.28
CA GLY A 287 -25.31 -15.13 7.50
C GLY A 287 -26.15 -14.19 8.34
N ILE A 288 -26.83 -14.73 9.35
CA ILE A 288 -27.60 -13.88 10.26
C ILE A 288 -26.65 -13.01 11.09
N ASN A 289 -25.54 -13.59 11.57
CA ASN A 289 -24.62 -12.82 12.39
C ASN A 289 -23.88 -11.76 11.58
N LEU A 290 -23.67 -11.97 10.28
CA LEU A 290 -22.94 -11.01 9.46
C LEU A 290 -23.75 -9.75 9.15
N GLY A 291 -25.07 -9.84 9.13
CA GLY A 291 -25.91 -8.73 8.75
C GLY A 291 -26.58 -8.86 7.39
N LEU A 292 -26.64 -10.07 6.84
CA LEU A 292 -27.24 -10.27 5.53
C LEU A 292 -28.64 -10.89 5.60
N ILE A 293 -28.99 -11.52 6.71
CA ILE A 293 -30.32 -12.09 6.89
C ILE A 293 -30.94 -11.58 8.18
N PRO A 294 -32.17 -11.05 8.16
CA PRO A 294 -32.83 -10.64 9.39
C PRO A 294 -33.19 -11.83 10.27
N GLU A 295 -33.35 -11.55 11.57
CA GLU A 295 -33.63 -12.59 12.56
C GLU A 295 -35.07 -13.09 12.51
N GLU A 296 -35.98 -12.30 11.93
CA GLU A 296 -37.36 -12.75 11.76
C GLU A 296 -37.41 -14.06 10.98
N TYR A 297 -36.61 -14.15 9.90
CA TYR A 297 -36.50 -15.39 9.17
C TYR A 297 -35.90 -16.49 10.05
N ALA A 298 -34.97 -16.13 10.93
CA ALA A 298 -34.35 -17.13 11.80
C ALA A 298 -35.40 -17.81 12.67
N LEU A 299 -36.33 -17.04 13.22
CA LEU A 299 -37.39 -17.67 14.00
C LEU A 299 -38.41 -18.37 13.11
N GLU A 300 -38.77 -17.76 11.97
CA GLU A 300 -39.85 -18.28 11.15
C GLU A 300 -39.49 -19.65 10.55
N TYR A 301 -38.27 -19.80 10.06
CA TYR A 301 -37.88 -21.04 9.39
C TYR A 301 -37.41 -22.12 10.35
N MET A 302 -37.31 -21.83 11.64
CA MET A 302 -36.84 -22.82 12.61
C MET A 302 -37.83 -23.13 13.72
N VAL A 303 -38.96 -22.41 13.79
CA VAL A 303 -39.95 -22.68 14.83
C VAL A 303 -40.42 -24.14 14.78
N LYS A 304 -40.65 -24.66 13.57
CA LYS A 304 -41.08 -26.05 13.45
C LYS A 304 -39.98 -27.00 13.90
N LEU A 305 -38.72 -26.72 13.54
CA LEU A 305 -37.62 -27.61 13.88
C LEU A 305 -37.41 -27.67 15.39
N VAL A 306 -37.47 -26.53 16.08
CA VAL A 306 -37.11 -26.48 17.49
C VAL A 306 -38.31 -26.56 18.42
N GLY A 307 -39.52 -26.76 17.88
CA GLY A 307 -40.72 -26.68 18.69
C GLY A 307 -40.87 -27.77 19.74
N GLN A 308 -40.26 -28.94 19.51
CA GLN A 308 -40.49 -30.08 20.39
C GLN A 308 -39.66 -30.03 21.67
N THR A 309 -38.64 -29.17 21.74
CA THR A 309 -37.78 -29.16 22.91
C THR A 309 -37.43 -27.76 23.39
N ILE A 310 -38.07 -26.71 22.87
CA ILE A 310 -37.73 -25.34 23.22
C ILE A 310 -38.37 -24.97 24.55
N ASP A 311 -37.62 -24.29 25.40
CA ASP A 311 -38.12 -23.79 26.67
C ASP A 311 -38.21 -22.32 26.38
N ARG A 312 -39.43 -21.81 26.27
CA ARG A 312 -39.61 -20.41 25.93
C ARG A 312 -39.00 -19.44 26.95
N ASN A 313 -39.06 -19.78 28.22
CA ASN A 313 -38.47 -18.92 29.25
C ASN A 313 -37.03 -18.52 28.95
N LYS A 314 -36.18 -19.50 28.64
CA LYS A 314 -34.78 -19.27 28.32
C LYS A 314 -34.64 -18.44 27.06
N TYR A 315 -35.50 -18.69 26.06
CA TYR A 315 -35.44 -17.93 24.82
C TYR A 315 -35.78 -16.46 25.06
N ASN A 316 -36.75 -16.19 25.92
CA ASN A 316 -37.17 -14.82 26.19
C ASN A 316 -36.24 -14.10 27.16
N ALA A 317 -35.41 -14.84 27.91
CA ALA A 317 -34.47 -14.20 28.81
C ALA A 317 -33.28 -13.61 28.07
N LEU A 318 -32.84 -14.22 26.97
CA LEU A 318 -31.66 -13.77 26.25
C LEU A 318 -31.90 -12.41 25.63
N GLN A 319 -30.81 -11.63 25.52
CA GLN A 319 -30.91 -10.24 25.08
C GLN A 319 -30.03 -9.91 23.87
N GLU A 320 -29.46 -10.92 23.21
CA GLU A 320 -28.64 -10.70 22.04
C GLU A 320 -29.04 -11.68 20.95
N THR A 321 -28.82 -11.26 19.70
CA THR A 321 -29.15 -12.12 18.56
C THR A 321 -28.28 -13.37 18.55
N SER A 322 -27.01 -13.23 18.93
CA SER A 322 -26.08 -14.36 18.89
C SER A 322 -26.54 -15.49 19.81
N ASP A 323 -26.95 -15.15 21.03
CA ASP A 323 -27.38 -16.18 21.97
C ASP A 323 -28.62 -16.90 21.45
N ARG A 324 -29.57 -16.16 20.88
CA ARG A 324 -30.79 -16.76 20.37
C ARG A 324 -30.51 -17.70 19.20
N VAL A 325 -29.69 -17.26 18.24
CA VAL A 325 -29.41 -18.11 17.08
C VAL A 325 -28.61 -19.33 17.51
N SER A 326 -27.70 -19.18 18.48
CA SER A 326 -26.95 -20.32 18.97
C SER A 326 -27.86 -21.35 19.63
N TYR A 327 -28.81 -20.89 20.45
CA TYR A 327 -29.79 -21.77 21.05
C TYR A 327 -30.58 -22.53 19.99
N LEU A 328 -31.07 -21.81 18.98
CA LEU A 328 -31.87 -22.45 17.94
C LEU A 328 -31.06 -23.48 17.17
N ARG A 329 -29.80 -23.17 16.85
CA ARG A 329 -28.95 -24.10 16.15
C ARG A 329 -28.70 -25.36 16.97
N ALA A 330 -28.44 -25.19 18.26
CA ALA A 330 -28.19 -26.34 19.13
C ALA A 330 -29.41 -27.25 19.21
N LEU A 331 -30.61 -26.67 19.19
CA LEU A 331 -31.81 -27.51 19.21
C LEU A 331 -32.03 -28.22 17.87
N ALA A 332 -31.83 -27.49 16.77
CA ALA A 332 -32.09 -28.05 15.45
C ALA A 332 -31.18 -29.23 15.14
N ILE A 333 -29.90 -29.12 15.52
CA ILE A 333 -28.96 -30.21 15.25
C ILE A 333 -29.38 -31.48 16.00
N GLY A 334 -29.78 -31.31 17.26
CA GLY A 334 -30.23 -32.46 18.04
C GLY A 334 -31.45 -33.14 17.46
N THR A 335 -32.39 -32.35 16.93
CA THR A 335 -33.56 -32.95 16.29
C THR A 335 -33.17 -33.72 15.04
N LEU A 336 -32.37 -33.10 14.16
CA LEU A 336 -32.05 -33.71 12.88
C LEU A 336 -31.25 -35.00 13.04
N ILE A 337 -30.39 -35.07 14.05
CA ILE A 337 -29.57 -36.27 14.23
C ILE A 337 -30.46 -37.49 14.49
N ASN A 338 -31.42 -37.35 15.40
CA ASN A 338 -32.32 -38.46 15.72
C ASN A 338 -33.18 -38.84 14.53
N GLU A 339 -33.67 -37.84 13.77
CA GLU A 339 -34.43 -38.18 12.57
C GLU A 339 -33.60 -38.98 11.58
N SER A 340 -32.33 -38.60 11.39
CA SER A 340 -31.46 -39.32 10.46
C SER A 340 -31.24 -40.77 10.92
N VAL A 341 -31.06 -40.97 12.23
CA VAL A 341 -30.87 -42.33 12.72
C VAL A 341 -32.10 -43.18 12.44
N ASP A 342 -33.29 -42.61 12.69
CA ASP A 342 -34.52 -43.34 12.41
C ASP A 342 -34.61 -43.74 10.93
N THR A 343 -34.29 -42.80 10.03
CA THR A 343 -34.35 -43.09 8.61
C THR A 343 -33.37 -44.21 8.23
N PHE A 344 -32.15 -44.14 8.76
CA PHE A 344 -31.16 -45.16 8.43
C PHE A 344 -31.62 -46.54 8.89
N MET A 345 -32.17 -46.65 10.10
CA MET A 345 -32.62 -47.96 10.56
C MET A 345 -33.89 -48.41 9.85
N LYS A 346 -34.67 -47.48 9.29
CA LYS A 346 -35.83 -47.92 8.52
C LYS A 346 -35.44 -48.47 7.16
N TYR A 347 -34.39 -47.92 6.54
CA TYR A 347 -34.00 -48.36 5.20
C TYR A 347 -32.70 -49.15 5.18
N GLU A 348 -32.27 -49.69 6.33
CA GLU A 348 -31.02 -50.45 6.40
C GLU A 348 -30.93 -51.55 5.36
N GLU A 349 -32.01 -52.30 5.16
CA GLU A 349 -31.96 -53.43 4.22
C GLU A 349 -31.71 -52.96 2.80
N GLU A 350 -32.42 -51.92 2.36
CA GLU A 350 -32.21 -51.38 1.03
C GLU A 350 -30.81 -50.82 0.88
N ILE A 351 -30.29 -50.15 1.93
CA ILE A 351 -28.96 -49.58 1.85
C ILE A 351 -27.92 -50.69 1.71
N LEU A 352 -28.06 -51.77 2.48
CA LEU A 352 -27.14 -52.89 2.37
C LEU A 352 -27.27 -53.61 1.04
N ALA A 353 -28.45 -53.57 0.42
CA ALA A 353 -28.64 -54.19 -0.88
C ALA A 353 -28.23 -53.29 -2.04
N GLY A 354 -27.93 -52.02 -1.78
CA GLY A 354 -27.52 -51.11 -2.83
C GLY A 354 -28.64 -50.45 -3.60
N THR A 355 -29.88 -50.62 -3.18
CA THR A 355 -31.04 -50.12 -3.92
C THR A 355 -31.55 -48.77 -3.44
N PHE A 356 -30.87 -48.14 -2.50
CA PHE A 356 -31.34 -46.89 -1.91
C PHE A 356 -30.70 -45.72 -2.67
N ASP A 357 -31.52 -44.97 -3.40
CA ASP A 357 -31.04 -44.05 -4.42
C ASP A 357 -31.04 -42.58 -3.98
N GLN A 358 -31.31 -42.30 -2.72
CA GLN A 358 -31.33 -40.91 -2.26
C GLN A 358 -30.42 -40.73 -1.04
N SER A 359 -30.53 -39.58 -0.40
CA SER A 359 -29.83 -39.31 0.85
C SER A 359 -30.81 -39.37 2.02
N LEU A 360 -30.27 -39.60 3.21
CA LEU A 360 -31.11 -39.70 4.40
C LEU A 360 -31.84 -38.39 4.70
N ILE A 361 -31.25 -37.26 4.31
CA ILE A 361 -31.88 -35.97 4.57
C ILE A 361 -33.12 -35.79 3.68
N ASP A 362 -33.04 -36.23 2.43
CA ASP A 362 -34.15 -36.06 1.49
C ASP A 362 -35.39 -36.85 1.90
N LYS A 363 -35.25 -37.84 2.78
CA LYS A 363 -36.37 -38.62 3.27
C LYS A 363 -36.86 -38.16 4.63
N SER A 364 -36.81 -36.86 4.91
CA SER A 364 -37.15 -36.33 6.22
C SER A 364 -38.40 -35.47 6.17
N ASN A 365 -39.00 -35.28 7.34
CA ASN A 365 -40.24 -34.50 7.46
C ASN A 365 -40.02 -33.00 7.36
N TYR A 366 -38.77 -32.54 7.39
CA TYR A 366 -38.47 -31.10 7.40
C TYR A 366 -37.82 -30.66 6.09
N GLN A 367 -38.16 -31.31 4.98
CA GLN A 367 -37.52 -30.98 3.71
C GLN A 367 -37.88 -29.58 3.24
N ALA A 368 -39.13 -29.14 3.48
CA ALA A 368 -39.54 -27.82 3.04
C ALA A 368 -38.77 -26.72 3.77
N GLN A 369 -38.60 -26.86 5.08
CA GLN A 369 -37.85 -25.86 5.84
C GLN A 369 -36.39 -25.81 5.40
N ILE A 370 -35.79 -26.99 5.17
CA ILE A 370 -34.41 -27.05 4.72
C ILE A 370 -34.27 -26.38 3.36
N THR A 371 -35.21 -26.64 2.45
CA THR A 371 -35.14 -26.02 1.12
C THR A 371 -35.30 -24.52 1.21
N ASP A 372 -36.20 -24.04 2.08
CA ASP A 372 -36.35 -22.60 2.25
C ASP A 372 -35.07 -21.95 2.78
N ILE A 373 -34.44 -22.57 3.78
CA ILE A 373 -33.20 -22.02 4.33
C ILE A 373 -32.11 -22.02 3.27
N ILE A 374 -32.00 -23.09 2.49
CA ILE A 374 -30.97 -23.16 1.45
C ILE A 374 -31.21 -22.10 0.38
N ASN A 375 -32.46 -21.91 -0.04
CA ASN A 375 -32.76 -20.90 -1.05
C ASN A 375 -32.43 -19.51 -0.55
N LEU A 376 -32.77 -19.23 0.72
CA LEU A 376 -32.42 -17.94 1.31
C LEU A 376 -30.91 -17.74 1.36
N SER A 377 -30.17 -18.80 1.71
CA SER A 377 -28.71 -18.71 1.73
C SER A 377 -28.15 -18.43 0.35
N ILE A 378 -28.69 -19.08 -0.67
CA ILE A 378 -28.21 -18.86 -2.03
C ILE A 378 -28.48 -17.43 -2.47
N GLU A 379 -29.68 -16.92 -2.18
CA GLU A 379 -30.03 -15.57 -2.63
C GLU A 379 -29.26 -14.51 -1.86
N ARG A 380 -28.98 -14.74 -0.58
CA ARG A 380 -28.49 -13.67 0.28
C ARG A 380 -27.00 -13.72 0.58
N ILE A 381 -26.37 -14.89 0.50
CA ILE A 381 -24.97 -15.05 0.87
C ILE A 381 -24.09 -15.34 -0.33
N TYR A 382 -24.46 -16.34 -1.14
CA TYR A 382 -23.59 -16.75 -2.24
C TYR A 382 -23.48 -15.66 -3.31
N ASN A 383 -24.53 -14.88 -3.49
CA ASN A 383 -24.58 -13.86 -4.52
C ASN A 383 -24.37 -12.45 -3.97
N SER A 384 -23.81 -12.33 -2.77
CA SER A 384 -23.44 -11.03 -2.23
C SER A 384 -22.26 -10.46 -3.02
N ARG A 385 -22.13 -9.12 -2.98
CA ARG A 385 -21.11 -8.46 -3.80
C ARG A 385 -19.70 -8.88 -3.40
N GLU A 386 -19.56 -8.88 -2.08
CA GLU A 386 -18.37 -9.24 -1.34
C GLU A 386 -17.92 -10.61 -1.74
N VAL A 387 -18.85 -11.54 -1.71
CA VAL A 387 -18.55 -12.90 -2.09
C VAL A 387 -18.16 -12.98 -3.55
N ILE A 388 -18.85 -12.24 -4.41
CA ILE A 388 -18.60 -12.26 -5.86
C ILE A 388 -17.23 -11.78 -6.33
N GLU A 389 -16.80 -10.65 -5.82
CA GLU A 389 -15.50 -10.03 -6.10
C GLU A 389 -14.35 -10.96 -5.73
N LYS A 390 -14.46 -11.62 -4.56
CA LYS A 390 -13.44 -12.56 -4.16
C LYS A 390 -13.32 -13.72 -5.14
N GLU A 391 -14.44 -14.25 -5.63
CA GLU A 391 -14.37 -15.37 -6.57
C GLU A 391 -13.75 -14.95 -7.90
N ILE A 392 -14.04 -13.75 -8.38
CA ILE A 392 -13.42 -13.28 -9.61
C ILE A 392 -11.90 -13.17 -9.44
N ALA A 393 -11.47 -12.60 -8.32
CA ALA A 393 -10.03 -12.53 -8.04
C ALA A 393 -9.42 -13.93 -7.99
N GLY A 394 -10.12 -14.89 -7.38
CA GLY A 394 -9.61 -16.24 -7.32
C GLY A 394 -9.45 -16.88 -8.69
N TYR A 395 -10.41 -16.65 -9.58
CA TYR A 395 -10.28 -17.10 -10.96
C TYR A 395 -8.99 -16.59 -11.59
N GLU A 396 -8.75 -15.28 -11.46
CA GLU A 396 -7.54 -14.71 -12.04
C GLU A 396 -6.27 -15.35 -11.47
N ILE A 397 -6.23 -15.50 -10.14
CA ILE A 397 -5.03 -16.02 -9.48
C ILE A 397 -4.75 -17.45 -9.92
N LEU A 398 -5.77 -18.31 -9.89
CA LEU A 398 -5.57 -19.71 -10.24
C LEU A 398 -5.16 -19.87 -11.70
N SER A 399 -5.79 -19.10 -12.60
CA SER A 399 -5.41 -19.18 -14.00
C SER A 399 -3.94 -18.81 -14.19
N THR A 400 -3.49 -17.73 -13.54
CA THR A 400 -2.10 -17.32 -13.69
C THR A 400 -1.15 -18.41 -13.21
N LEU A 401 -1.38 -18.95 -12.02
CA LEU A 401 -0.45 -19.95 -11.47
C LEU A 401 -0.42 -21.21 -12.32
N LEU A 402 -1.59 -21.68 -12.77
CA LEU A 402 -1.63 -22.88 -13.61
C LEU A 402 -0.91 -22.65 -14.93
N GLU A 403 -1.12 -21.49 -15.55
CA GLU A 403 -0.43 -21.22 -16.81
C GLU A 403 1.08 -21.20 -16.63
N ALA A 404 1.56 -20.59 -15.55
CA ALA A 404 2.99 -20.56 -15.29
C ALA A 404 3.55 -21.98 -15.14
N ARG A 405 2.89 -22.81 -14.34
CA ARG A 405 3.38 -24.18 -14.15
C ARG A 405 3.37 -24.96 -15.46
N CYS A 406 2.31 -24.81 -16.25
CA CYS A 406 2.22 -25.57 -17.50
C CYS A 406 3.27 -25.13 -18.51
N ARG A 407 3.52 -23.82 -18.62
CA ARG A 407 4.56 -23.37 -19.52
C ARG A 407 5.95 -23.79 -19.04
N ALA A 408 6.15 -23.88 -17.72
CA ALA A 408 7.40 -24.43 -17.22
C ALA A 408 7.54 -25.91 -17.61
N LEU A 409 6.44 -26.66 -17.52
CA LEU A 409 6.49 -28.07 -17.86
C LEU A 409 6.78 -28.29 -19.34
N ASP A 410 6.28 -27.41 -20.22
CA ASP A 410 6.54 -27.59 -21.65
C ASP A 410 8.01 -27.45 -22.10
N ASN A 411 8.54 -26.24 -22.10
CA ASN A 411 9.91 -25.97 -22.57
C ASN A 411 11.13 -26.59 -21.86
N ASN A 412 11.15 -26.47 -20.54
CA ASN A 412 12.21 -27.02 -19.69
C ASN A 412 13.64 -26.55 -19.92
N ASP A 413 13.96 -26.02 -21.09
CA ASP A 413 15.33 -25.58 -21.37
C ASP A 413 15.62 -24.10 -21.07
N THR A 414 14.59 -23.28 -21.01
CA THR A 414 14.74 -21.84 -20.75
C THR A 414 15.17 -21.52 -19.32
N HIS A 415 15.91 -20.42 -19.15
CA HIS A 415 16.37 -19.96 -17.85
C HIS A 415 15.19 -19.61 -16.94
N TYR A 416 14.17 -19.01 -17.54
CA TYR A 416 12.97 -18.63 -16.82
C TYR A 416 12.26 -19.87 -16.31
N ASN A 417 12.23 -20.92 -17.12
CA ASN A 417 11.60 -22.17 -16.74
C ASN A 417 12.31 -22.79 -15.55
N GLN A 418 13.63 -22.71 -15.54
CA GLN A 418 14.42 -23.21 -14.42
C GLN A 418 14.12 -22.42 -13.14
N LEU A 419 13.96 -21.11 -13.27
CA LEU A 419 13.62 -20.27 -12.12
C LEU A 419 12.25 -20.64 -11.56
N ILE A 420 11.28 -20.81 -12.45
CA ILE A 420 9.93 -21.16 -12.01
C ILE A 420 9.93 -22.51 -11.32
N GLN A 421 10.70 -23.47 -11.85
CA GLN A 421 10.81 -24.77 -11.20
C GLN A 421 11.41 -24.64 -9.81
N GLN A 422 12.48 -23.87 -9.67
CA GLN A 422 13.09 -23.69 -8.34
C GLN A 422 12.15 -23.01 -7.37
N LEU A 423 11.28 -22.12 -7.86
CA LEU A 423 10.41 -21.40 -6.95
C LEU A 423 9.19 -22.23 -6.54
N LEU A 424 8.45 -22.76 -7.52
CA LEU A 424 7.16 -23.39 -7.27
C LEU A 424 7.24 -24.89 -7.06
N ALA A 425 8.42 -25.50 -7.12
CA ALA A 425 8.56 -26.94 -6.95
C ALA A 425 9.96 -27.23 -6.43
N PRO A 426 10.13 -27.36 -5.11
CA PRO A 426 11.48 -27.60 -4.57
C PRO A 426 12.13 -28.86 -5.10
N GLU A 431 10.88 -39.10 -13.80
CA GLU A 431 10.37 -39.62 -15.06
C GLU A 431 8.91 -39.99 -14.88
N LYS A 432 8.03 -39.31 -15.60
CA LYS A 432 6.59 -39.54 -15.50
C LYS A 432 5.94 -39.12 -16.81
N SER A 433 4.72 -39.62 -17.03
CA SER A 433 3.99 -39.33 -18.24
C SER A 433 3.40 -37.92 -18.18
N LEU A 434 2.80 -37.52 -19.30
CA LEU A 434 2.17 -36.20 -19.39
C LEU A 434 0.98 -36.09 -18.43
N TYR A 435 0.15 -37.13 -18.37
CA TYR A 435 -1.00 -37.11 -17.47
C TYR A 435 -0.58 -37.03 -16.02
N GLU A 436 0.47 -37.77 -15.65
CA GLU A 436 0.97 -37.72 -14.28
C GLU A 436 1.49 -36.33 -13.95
N ASN A 437 2.20 -35.70 -14.88
CA ASN A 437 2.71 -34.35 -14.64
C ASN A 437 1.58 -33.35 -14.48
N LEU A 438 0.55 -33.43 -15.33
CA LEU A 438 -0.55 -32.48 -15.23
C LEU A 438 -1.35 -32.67 -13.93
N ILE A 439 -1.60 -33.92 -13.54
CA ILE A 439 -2.34 -34.15 -12.32
C ILE A 439 -1.52 -33.74 -11.10
N GLN A 440 -0.20 -33.91 -11.15
CA GLN A 440 0.65 -33.42 -10.07
C GLN A 440 0.65 -31.90 -9.99
N ILE A 441 0.60 -31.23 -11.15
CA ILE A 441 0.52 -29.77 -11.15
C ILE A 441 -0.79 -29.32 -10.48
N CYS A 442 -1.90 -29.94 -10.87
CA CYS A 442 -3.19 -29.59 -10.26
C CYS A 442 -3.22 -29.91 -8.78
N ALA A 443 -2.51 -30.97 -8.35
CA ALA A 443 -2.47 -31.29 -6.93
C ALA A 443 -1.61 -30.30 -6.15
N GLU A 444 -0.52 -29.83 -6.75
CA GLU A 444 0.34 -28.87 -6.06
C GLU A 444 -0.31 -27.49 -5.98
N VAL A 445 -1.12 -27.12 -6.97
CA VAL A 445 -1.84 -25.85 -6.87
C VAL A 445 -2.87 -25.90 -5.74
N SER A 446 -3.48 -27.06 -5.52
CA SER A 446 -4.56 -27.20 -4.54
C SER A 446 -4.06 -27.39 -3.11
N THR A 447 -2.74 -27.46 -2.89
CA THR A 447 -2.22 -27.51 -1.53
C THR A 447 -2.17 -26.13 -0.89
N MET A 448 -2.06 -25.08 -1.70
CA MET A 448 -1.92 -23.72 -1.19
C MET A 448 -3.21 -23.26 -0.49
N THR A 449 -3.03 -22.38 0.48
CA THR A 449 -4.13 -21.64 1.07
C THR A 449 -4.49 -20.45 0.19
N ASP A 450 -5.47 -19.66 0.62
CA ASP A 450 -5.83 -18.46 -0.12
C ASP A 450 -4.72 -17.42 -0.05
N GLY A 451 -4.20 -17.17 1.15
CA GLY A 451 -3.16 -16.17 1.32
C GLY A 451 -1.88 -16.53 0.60
N LYS A 452 -1.47 -17.80 0.66
CA LYS A 452 -0.26 -18.22 -0.02
C LYS A 452 -0.41 -18.10 -1.54
N ALA A 453 -1.57 -18.47 -2.06
CA ALA A 453 -1.81 -18.33 -3.49
C ALA A 453 -1.77 -16.87 -3.92
N LEU A 454 -2.37 -15.98 -3.13
CA LEU A 454 -2.33 -14.56 -3.45
C LEU A 454 -0.92 -14.00 -3.40
N ARG A 455 -0.15 -14.38 -2.38
CA ARG A 455 1.22 -13.92 -2.26
C ARG A 455 2.08 -14.40 -3.42
N ASN A 456 1.92 -15.65 -3.82
CA ASN A 456 2.65 -16.17 -4.98
C ASN A 456 2.24 -15.44 -6.25
N TYR A 457 0.96 -15.11 -6.39
CA TYR A 457 0.51 -14.38 -7.56
C TYR A 457 1.18 -13.00 -7.64
N LYS A 458 1.22 -12.28 -6.52
CA LYS A 458 1.89 -10.98 -6.54
C LYS A 458 3.39 -11.13 -6.81
N LYS A 459 4.04 -12.15 -6.25
CA LYS A 459 5.46 -12.32 -6.51
C LYS A 459 5.73 -12.63 -7.98
N ILE A 460 4.86 -13.43 -8.60
CA ILE A 460 4.99 -13.67 -10.04
C ILE A 460 4.82 -12.37 -10.81
N LYS A 461 3.85 -11.54 -10.42
CA LYS A 461 3.67 -10.25 -11.08
C LYS A 461 4.64 -9.18 -10.60
N GLY A 462 5.41 -9.45 -9.55
CA GLY A 462 6.32 -8.43 -9.03
C GLY A 462 5.62 -7.24 -8.43
N LEU A 463 4.52 -7.47 -7.70
CA LEU A 463 3.78 -6.39 -7.08
C LEU A 463 3.84 -6.48 -5.56
N ASN B 25 -10.51 -38.49 48.03
CA ASN B 25 -10.63 -39.78 47.35
C ASN B 25 -11.20 -39.62 45.94
N TRP B 26 -11.10 -40.69 45.14
CA TRP B 26 -11.38 -40.62 43.71
C TRP B 26 -12.86 -40.54 43.39
N GLU B 27 -13.74 -40.91 44.31
CA GLU B 27 -15.17 -40.85 44.03
C GLU B 27 -15.64 -39.41 43.86
N HIS B 28 -15.14 -38.51 44.69
CA HIS B 28 -15.54 -37.11 44.62
C HIS B 28 -14.81 -36.33 43.55
N LEU B 29 -13.69 -36.85 43.04
CA LEU B 29 -12.92 -36.14 42.03
C LEU B 29 -13.58 -36.20 40.66
N LEU B 30 -14.31 -37.27 40.37
CA LEU B 30 -14.98 -37.42 39.07
C LEU B 30 -16.45 -37.02 39.18
N SER B 31 -16.68 -35.74 39.48
CA SER B 31 -18.02 -35.24 39.68
C SER B 31 -18.66 -34.84 38.36
N LEU B 32 -19.94 -35.15 38.21
CA LEU B 32 -20.72 -34.81 37.03
C LEU B 32 -21.65 -33.64 37.25
N LYS B 33 -21.37 -32.82 38.25
CA LYS B 33 -22.24 -31.70 38.61
C LYS B 33 -21.99 -30.52 37.69
N ARG B 34 -23.04 -29.74 37.45
CA ARG B 34 -22.98 -28.51 36.69
C ARG B 34 -23.54 -27.38 37.52
N GLN B 35 -23.13 -26.15 37.19
CA GLN B 35 -23.53 -24.99 37.96
C GLN B 35 -25.04 -24.79 37.89
N GLY B 36 -25.65 -24.52 39.03
CA GLY B 36 -27.08 -24.37 39.14
C GLY B 36 -27.83 -25.65 39.46
N ASP B 37 -27.16 -26.78 39.55
CA ASP B 37 -27.82 -28.05 39.81
C ASP B 37 -28.30 -28.12 41.26
N THR B 38 -29.44 -28.79 41.44
CA THR B 38 -30.00 -29.04 42.76
C THR B 38 -29.92 -30.50 43.16
N ALA B 39 -30.26 -31.41 42.25
CA ALA B 39 -30.20 -32.84 42.52
C ALA B 39 -28.76 -33.33 42.37
N LYS B 40 -28.58 -34.65 42.39
CA LYS B 40 -27.27 -35.27 42.25
C LYS B 40 -27.27 -36.15 41.01
N ARG B 41 -26.40 -35.84 40.06
CA ARG B 41 -26.25 -36.66 38.87
C ARG B 41 -25.32 -37.83 39.17
N LEU B 42 -25.78 -39.04 38.88
CA LEU B 42 -25.01 -40.24 39.14
C LEU B 42 -24.52 -40.85 37.83
N ARG B 43 -23.37 -41.52 37.90
CA ARG B 43 -22.76 -42.10 36.71
C ARG B 43 -23.63 -43.20 36.12
N ILE B 44 -24.25 -44.02 36.97
CA ILE B 44 -25.07 -45.12 36.49
C ILE B 44 -26.40 -44.68 35.89
N GLU B 45 -26.77 -43.41 36.04
CA GLU B 45 -27.99 -42.88 35.46
C GLU B 45 -27.72 -42.10 34.17
N GLN B 46 -26.50 -42.13 33.65
CA GLN B 46 -26.15 -41.41 32.44
C GLN B 46 -26.56 -42.20 31.20
N ASP B 47 -26.65 -41.49 30.08
CA ASP B 47 -26.85 -42.11 28.78
C ASP B 47 -25.49 -42.44 28.19
N ASP B 48 -25.24 -43.73 27.93
CA ASP B 48 -23.89 -44.17 27.63
C ASP B 48 -23.45 -43.73 26.24
N THR B 49 -24.38 -43.43 25.33
CA THR B 49 -24.01 -42.90 24.03
C THR B 49 -23.33 -41.54 24.15
N ARG B 50 -23.83 -40.69 25.04
CA ARG B 50 -23.32 -39.32 25.23
C ARG B 50 -23.22 -39.06 26.73
N LEU B 51 -22.02 -39.25 27.28
CA LEU B 51 -21.77 -38.90 28.67
C LEU B 51 -21.49 -37.41 28.79
N GLY B 52 -21.47 -36.93 30.04
CA GLY B 52 -21.33 -35.50 30.28
C GLY B 52 -20.03 -34.91 29.78
N PHE B 53 -18.94 -35.67 29.86
CA PHE B 53 -17.65 -35.16 29.41
C PHE B 53 -17.61 -34.99 27.89
N GLU B 54 -18.25 -35.92 27.15
CA GLU B 54 -18.40 -35.72 25.72
C GLU B 54 -19.27 -34.51 25.40
N VAL B 55 -20.29 -34.24 26.23
CA VAL B 55 -21.08 -33.03 26.05
C VAL B 55 -20.21 -31.79 26.26
N ASP B 56 -19.30 -31.84 27.23
CA ASP B 56 -18.38 -30.74 27.44
C ASP B 56 -17.50 -30.52 26.22
N TYR B 57 -16.96 -31.61 25.67
CA TYR B 57 -16.17 -31.54 24.45
C TYR B 57 -16.95 -30.88 23.31
N ASP B 58 -18.19 -31.33 23.09
CA ASP B 58 -19.00 -30.78 22.01
C ASP B 58 -19.37 -29.33 22.25
N ARG B 59 -19.56 -28.93 23.51
CA ARG B 59 -19.89 -27.54 23.79
C ARG B 59 -18.70 -26.63 23.54
N ILE B 60 -17.49 -27.11 23.84
CA ILE B 60 -16.30 -26.32 23.54
C ILE B 60 -16.09 -26.22 22.03
N ILE B 61 -16.33 -27.31 21.30
CA ILE B 61 -16.06 -27.32 19.87
C ILE B 61 -16.90 -26.28 19.13
N PHE B 62 -18.14 -26.07 19.56
CA PHE B 62 -19.11 -25.28 18.83
C PHE B 62 -19.14 -23.81 19.25
N SER B 63 -18.25 -23.36 20.12
CA SER B 63 -18.29 -22.01 20.64
C SER B 63 -17.34 -21.09 19.87
N ALA B 64 -17.57 -19.79 20.03
CA ALA B 64 -16.80 -18.73 19.37
C ALA B 64 -15.41 -18.51 19.99
N PRO B 65 -15.26 -18.56 21.32
CA PRO B 65 -13.91 -18.49 21.89
C PRO B 65 -12.97 -19.55 21.36
N PHE B 66 -13.47 -20.76 21.12
CA PHE B 66 -12.63 -21.80 20.54
C PHE B 66 -12.26 -21.48 19.09
N ARG B 67 -13.18 -20.91 18.34
CA ARG B 67 -12.91 -20.56 16.98
C ARG B 67 -11.90 -19.44 16.86
N SER B 68 -11.90 -18.49 17.77
CA SER B 68 -10.94 -17.39 17.71
C SER B 68 -9.50 -17.84 17.89
N LEU B 69 -9.27 -19.08 18.34
CA LEU B 69 -7.92 -19.61 18.48
C LEU B 69 -7.24 -19.84 17.14
N GLN B 70 -7.97 -19.78 16.03
CA GLN B 70 -7.40 -20.09 14.73
C GLN B 70 -6.41 -19.06 14.25
N ASP B 71 -6.47 -17.83 14.76
CA ASP B 71 -5.58 -16.76 14.33
C ASP B 71 -4.95 -16.11 15.57
N LYS B 72 -4.42 -16.94 16.45
CA LYS B 72 -3.73 -16.47 17.64
C LYS B 72 -2.34 -17.09 17.70
N THR B 73 -1.41 -16.33 18.26
CA THR B 73 0.00 -16.68 18.19
C THR B 73 0.33 -17.85 19.10
N GLN B 74 1.06 -18.82 18.56
CA GLN B 74 1.71 -19.85 19.36
C GLN B 74 3.17 -19.49 19.65
N VAL B 75 3.98 -19.34 18.60
CA VAL B 75 5.37 -18.91 18.75
C VAL B 75 5.62 -17.70 17.85
N ILE B 76 5.28 -17.82 16.57
CA ILE B 76 5.56 -16.79 15.57
C ILE B 76 4.28 -15.99 15.33
N PRO B 77 4.24 -14.70 15.65
CA PRO B 77 3.02 -13.93 15.47
C PRO B 77 2.67 -13.71 14.00
N LEU B 78 1.38 -13.55 13.74
CA LEU B 78 0.85 -13.22 12.43
C LEU B 78 1.32 -14.22 11.37
N SER B 79 1.00 -15.49 11.62
CA SER B 79 1.42 -16.59 10.76
C SER B 79 0.30 -17.60 10.57
N LYS B 80 -0.90 -17.10 10.28
CA LYS B 80 -2.05 -17.98 10.07
C LYS B 80 -2.12 -18.53 8.65
N ASP B 82 0.92 -20.05 6.70
CA ASP B 82 2.14 -20.83 6.61
C ASP B 82 1.88 -22.30 6.92
N PHE B 83 2.92 -22.99 7.35
CA PHE B 83 2.82 -24.36 7.79
C PHE B 83 3.13 -24.43 9.28
N VAL B 84 3.19 -23.28 9.95
CA VAL B 84 3.47 -23.22 11.36
C VAL B 84 2.21 -23.37 12.18
N HIS B 85 2.34 -23.68 13.44
CA HIS B 85 1.19 -23.94 14.30
C HIS B 85 0.58 -22.65 14.83
N THR B 86 -0.72 -22.71 15.06
CA THR B 86 -1.47 -21.72 15.82
C THR B 86 -1.93 -22.35 17.13
N ARG B 87 -2.69 -21.59 17.92
CA ARG B 87 -3.20 -22.13 19.18
C ARG B 87 -4.19 -23.26 18.95
N LEU B 88 -4.97 -23.19 17.87
CA LEU B 88 -6.01 -24.18 17.64
C LEU B 88 -5.44 -25.56 17.34
N THR B 89 -4.47 -25.63 16.43
CA THR B 89 -3.88 -26.92 16.07
C THR B 89 -3.05 -27.49 17.21
N HIS B 90 -2.34 -26.62 17.94
CA HIS B 90 -1.65 -27.05 19.14
C HIS B 90 -2.61 -27.64 20.15
N SER B 91 -3.77 -27.02 20.34
CA SER B 91 -4.76 -27.54 21.28
C SER B 91 -5.29 -28.90 20.83
N LEU B 92 -5.49 -29.08 19.53
CA LEU B 92 -5.94 -30.38 19.03
C LEU B 92 -4.91 -31.48 19.29
N GLU B 93 -3.64 -31.20 19.03
CA GLU B 93 -2.60 -32.20 19.29
C GLU B 93 -2.52 -32.54 20.77
N VAL B 94 -2.59 -31.51 21.63
CA VAL B 94 -2.59 -31.74 23.07
C VAL B 94 -3.79 -32.60 23.46
N SER B 95 -4.93 -32.39 22.81
CA SER B 95 -6.12 -33.19 23.09
C SER B 95 -5.89 -34.66 22.79
N VAL B 96 -5.25 -34.96 21.65
CA VAL B 96 -4.98 -36.35 21.29
C VAL B 96 -4.05 -37.01 22.31
N VAL B 97 -2.95 -36.33 22.63
CA VAL B 97 -1.98 -36.89 23.58
C VAL B 97 -2.62 -37.07 24.95
N GLY B 98 -3.44 -36.09 25.37
CA GLY B 98 -4.09 -36.19 26.66
C GLY B 98 -5.10 -37.31 26.73
N ARG B 99 -5.85 -37.53 25.65
CA ARG B 99 -6.77 -38.66 25.62
C ARG B 99 -6.03 -39.98 25.82
N SER B 100 -4.91 -40.14 25.12
CA SER B 100 -4.13 -41.36 25.28
C SER B 100 -3.63 -41.54 26.72
N LEU B 101 -3.04 -40.48 27.29
CA LEU B 101 -2.53 -40.54 28.65
C LEU B 101 -3.63 -40.88 29.64
N GLY B 102 -4.79 -40.22 29.49
CA GLY B 102 -5.90 -40.47 30.39
C GLY B 102 -6.41 -41.89 30.32
N ARG B 103 -6.48 -42.45 29.12
CA ARG B 103 -6.94 -43.83 29.00
C ARG B 103 -6.00 -44.79 29.71
N MET B 104 -4.68 -44.65 29.50
CA MET B 104 -3.76 -45.56 30.18
C MET B 104 -3.83 -45.41 31.70
N VAL B 105 -3.82 -44.16 32.19
CA VAL B 105 -3.82 -43.95 33.64
C VAL B 105 -5.12 -44.46 34.25
N GLY B 106 -6.25 -44.26 33.55
CA GLY B 106 -7.51 -44.74 34.08
C GLY B 106 -7.59 -46.25 34.13
N LYS B 107 -7.06 -46.94 33.12
CA LYS B 107 -7.04 -48.39 33.17
C LYS B 107 -6.21 -48.88 34.37
N LYS B 108 -5.04 -48.27 34.58
CA LYS B 108 -4.22 -48.68 35.73
C LYS B 108 -4.91 -48.37 37.05
N LEU B 109 -5.62 -47.24 37.15
CA LEU B 109 -6.31 -46.89 38.38
C LEU B 109 -7.42 -47.87 38.70
N LEU B 110 -8.30 -48.14 37.73
CA LEU B 110 -9.34 -49.13 37.96
C LEU B 110 -8.77 -50.51 38.22
N GLU B 111 -7.57 -50.80 37.71
CA GLU B 111 -6.88 -52.00 38.15
C GLU B 111 -6.52 -51.93 39.64
N LYS B 112 -6.07 -50.76 40.10
CA LYS B 112 -5.67 -50.63 41.50
C LYS B 112 -6.87 -50.60 42.43
N TYR B 113 -7.91 -49.84 42.08
CA TYR B 113 -9.12 -49.74 42.90
C TYR B 113 -10.29 -50.34 42.13
N PRO B 114 -10.66 -51.60 42.38
CA PRO B 114 -11.77 -52.20 41.62
C PRO B 114 -13.14 -51.70 42.05
N HIS B 115 -13.27 -51.09 43.23
CA HIS B 115 -14.57 -50.69 43.71
C HIS B 115 -15.17 -49.58 42.85
N LEU B 116 -14.33 -48.74 42.23
CA LEU B 116 -14.82 -47.70 41.34
C LEU B 116 -15.71 -48.29 40.26
N GLU B 117 -15.16 -49.19 39.43
CA GLU B 117 -15.93 -49.83 38.37
C GLU B 117 -17.02 -50.72 38.94
N GLN B 118 -16.72 -51.47 40.01
CA GLN B 118 -17.65 -52.48 40.49
C GLN B 118 -18.87 -51.89 41.19
N VAL B 119 -18.82 -50.64 41.64
CA VAL B 119 -19.94 -50.06 42.36
C VAL B 119 -20.42 -48.79 41.66
N TYR B 120 -19.52 -47.83 41.47
CA TYR B 120 -19.93 -46.54 40.93
C TYR B 120 -20.22 -46.61 39.44
N GLY B 121 -19.52 -47.48 38.72
CA GLY B 121 -19.80 -47.69 37.31
C GLY B 121 -18.95 -46.86 36.38
N TYR B 122 -17.67 -46.74 36.67
CA TYR B 122 -16.75 -45.95 35.86
C TYR B 122 -15.95 -46.84 34.92
N LYS B 123 -15.61 -46.27 33.77
CA LYS B 123 -14.79 -46.93 32.76
C LYS B 123 -13.58 -46.06 32.46
N PHE B 124 -12.55 -46.67 31.87
CA PHE B 124 -11.32 -45.94 31.60
C PHE B 124 -11.46 -44.93 30.48
N ASN B 125 -12.58 -44.94 29.75
CA ASN B 125 -12.82 -43.91 28.75
C ASN B 125 -13.21 -42.58 29.39
N ASP B 126 -13.77 -42.63 30.60
CA ASP B 126 -14.16 -41.41 31.29
C ASP B 126 -12.95 -40.53 31.59
N PHE B 127 -11.86 -41.15 32.05
CA PHE B 127 -10.63 -40.40 32.32
C PHE B 127 -10.10 -39.75 31.04
N GLY B 128 -10.11 -40.49 29.94
CA GLY B 128 -9.68 -39.92 28.68
C GLY B 128 -10.55 -38.77 28.23
N ALA B 129 -11.87 -38.90 28.40
CA ALA B 129 -12.77 -37.80 28.05
C ALA B 129 -12.49 -36.57 28.89
N ILE B 130 -12.27 -36.75 30.20
CA ILE B 130 -11.98 -35.62 31.07
C ILE B 130 -10.70 -34.92 30.63
N VAL B 131 -9.64 -35.69 30.40
CA VAL B 131 -8.35 -35.08 30.07
C VAL B 131 -8.41 -34.44 28.68
N ALA B 132 -9.10 -35.06 27.73
CA ALA B 132 -9.24 -34.47 26.41
C ALA B 132 -10.01 -33.16 26.45
N ALA B 133 -11.12 -33.12 27.19
CA ALA B 133 -11.89 -31.89 27.30
C ALA B 133 -11.09 -30.80 27.99
N ALA B 134 -10.35 -31.14 29.04
CA ALA B 134 -9.54 -30.15 29.73
C ALA B 134 -8.41 -29.63 28.84
N ALA B 135 -7.75 -30.53 28.10
CA ALA B 135 -6.65 -30.12 27.24
C ALA B 135 -7.11 -29.35 26.01
N LEU B 136 -8.36 -29.52 25.60
CA LEU B 136 -8.86 -28.79 24.44
C LEU B 136 -9.04 -27.31 24.73
N ALA B 137 -9.42 -26.95 25.96
CA ALA B 137 -9.72 -25.57 26.33
C ALA B 137 -8.64 -24.95 27.19
N HIS B 138 -7.46 -25.55 27.26
CA HIS B 138 -6.42 -25.10 28.19
C HIS B 138 -5.73 -23.81 27.77
N ASP B 139 -6.00 -23.24 26.63
CA ASP B 139 -5.35 -22.01 26.25
C ASP B 139 -6.35 -21.04 25.78
N ILE B 140 -7.59 -21.24 26.10
CA ILE B 140 -8.68 -20.48 25.52
C ILE B 140 -8.72 -19.03 25.98
N GLY B 141 -8.02 -18.68 27.06
CA GLY B 141 -7.97 -17.33 27.54
C GLY B 141 -6.77 -16.51 27.13
N ASN B 142 -5.91 -17.04 26.27
CA ASN B 142 -4.70 -16.32 25.90
C ASN B 142 -5.04 -15.13 25.02
N PRO B 143 -4.34 -14.01 25.17
CA PRO B 143 -4.60 -12.84 24.35
C PRO B 143 -3.84 -12.92 23.03
N PRO B 144 -4.10 -12.02 22.09
CA PRO B 144 -3.28 -11.96 20.88
C PRO B 144 -1.82 -11.64 21.20
N PHE B 145 -0.94 -12.18 20.37
CA PHE B 145 0.52 -12.01 20.43
C PHE B 145 1.18 -12.78 21.56
N GLY B 146 0.40 -13.54 22.34
CA GLY B 146 0.99 -14.51 23.25
C GLY B 146 1.61 -13.89 24.49
N ALA B 147 2.81 -14.39 24.82
CA ALA B 147 3.50 -13.97 26.03
C ALA B 147 3.81 -12.48 26.01
N SER B 148 4.27 -11.97 24.86
CA SER B 148 4.47 -10.53 24.72
C SER B 148 3.17 -9.77 24.91
N GLY B 149 2.04 -10.34 24.48
CA GLY B 149 0.76 -9.68 24.68
C GLY B 149 0.39 -9.56 26.15
N GLU B 150 0.56 -10.67 26.89
CA GLU B 150 0.28 -10.61 28.32
C GLU B 150 1.19 -9.61 29.03
N LYS B 151 2.48 -9.61 28.67
CA LYS B 151 3.40 -8.68 29.30
C LYS B 151 3.06 -7.24 28.95
N ALA B 152 2.59 -6.98 27.73
CA ALA B 152 2.18 -5.63 27.38
C ALA B 152 0.96 -5.19 28.17
N ILE B 153 -0.02 -6.08 28.33
CA ILE B 153 -1.20 -5.74 29.12
C ILE B 153 -0.80 -5.43 30.56
N GLY B 154 0.13 -6.20 31.11
CA GLY B 154 0.61 -5.91 32.46
C GLY B 154 1.37 -4.59 32.56
N GLU B 155 2.27 -4.33 31.60
CA GLU B 155 3.07 -3.13 31.64
C GLU B 155 2.23 -1.87 31.45
N PHE B 156 1.09 -1.99 30.78
CA PHE B 156 0.19 -0.84 30.63
C PHE B 156 -0.29 -0.36 31.99
N PHE B 157 -0.73 -1.28 32.85
CA PHE B 157 -1.17 -0.90 34.19
C PHE B 157 0.01 -0.59 35.10
N LYS B 158 1.18 -1.18 34.84
CA LYS B 158 2.33 -0.96 35.70
C LYS B 158 2.95 0.42 35.50
N ASN B 159 3.42 0.71 34.27
CA ASN B 159 4.15 1.94 33.98
C ASN B 159 3.44 2.89 33.03
N GLY B 160 2.23 2.58 32.60
CA GLY B 160 1.54 3.39 31.62
C GLY B 160 0.37 4.16 32.21
N TYR B 161 -0.65 4.37 31.38
CA TYR B 161 -1.82 5.15 31.79
C TYR B 161 -2.53 4.50 32.98
N GLY B 162 -2.76 3.19 32.91
CA GLY B 162 -3.53 2.50 33.93
C GLY B 162 -2.95 2.62 35.33
N LYS B 163 -1.68 3.01 35.43
CA LYS B 163 -1.08 3.23 36.75
C LYS B 163 -1.87 4.21 37.58
N ARG B 164 -2.57 5.15 36.94
CA ARG B 164 -3.33 6.14 37.69
C ARG B 164 -4.44 5.52 38.53
N TYR B 165 -4.80 4.26 38.28
CA TYR B 165 -5.85 3.62 39.06
C TYR B 165 -5.33 2.94 40.32
N LYS B 166 -4.00 2.95 40.54
CA LYS B 166 -3.43 2.17 41.65
C LYS B 166 -4.08 2.50 42.99
N ASP B 167 -4.42 3.76 43.21
CA ASP B 167 -4.94 4.19 44.50
C ASP B 167 -6.41 3.86 44.70
N SER B 168 -7.14 3.52 43.64
CA SER B 168 -8.56 3.28 43.74
C SER B 168 -8.93 1.81 43.91
N LEU B 169 -7.94 0.92 43.97
CA LEU B 169 -8.17 -0.51 43.91
C LEU B 169 -7.53 -1.21 45.10
N THR B 170 -8.09 -2.37 45.45
CA THR B 170 -7.49 -3.22 46.46
C THR B 170 -6.16 -3.78 45.95
N ALA B 171 -5.29 -4.16 46.89
CA ALA B 171 -3.96 -4.63 46.52
C ALA B 171 -4.02 -5.87 45.64
N LYS B 172 -4.89 -6.83 45.99
CA LYS B 172 -5.01 -8.03 45.18
C LYS B 172 -5.58 -7.74 43.79
N GLU B 173 -6.52 -6.79 43.71
CA GLU B 173 -7.05 -6.41 42.40
C GLU B 173 -5.97 -5.77 41.53
N TYR B 174 -5.17 -4.89 42.11
CA TYR B 174 -4.08 -4.29 41.36
C TYR B 174 -3.06 -5.34 40.93
N GLN B 175 -2.79 -6.32 41.80
CA GLN B 175 -1.91 -7.41 41.43
C GLN B 175 -2.48 -8.22 40.28
N ASP B 176 -3.80 -8.46 40.29
CA ASP B 176 -4.46 -9.08 39.14
C ASP B 176 -4.19 -8.29 37.87
N LEU B 177 -4.33 -6.98 37.94
CA LEU B 177 -4.21 -6.17 36.73
C LEU B 177 -2.78 -6.02 36.24
N ILE B 178 -1.78 -6.14 37.12
CA ILE B 178 -0.39 -5.96 36.71
C ILE B 178 0.35 -7.27 36.44
N LYS B 179 -0.24 -8.41 36.75
CA LYS B 179 0.30 -9.72 36.42
C LYS B 179 -0.74 -10.53 35.66
N PHE B 180 -1.31 -9.93 34.62
CA PHE B 180 -2.39 -10.53 33.87
C PHE B 180 -2.01 -11.92 33.38
N GLU B 181 -2.87 -12.89 33.67
CA GLU B 181 -2.60 -14.28 33.38
C GLU B 181 -3.64 -14.82 32.42
N GLY B 182 -3.20 -15.65 31.47
CA GLY B 182 -4.12 -16.26 30.53
C GLY B 182 -4.96 -17.36 31.14
N ASN B 183 -4.48 -17.99 32.20
CA ASN B 183 -5.26 -19.05 32.85
C ASN B 183 -6.48 -18.49 33.56
N ALA B 184 -6.31 -17.36 34.27
CA ALA B 184 -7.45 -16.72 34.91
C ALA B 184 -8.47 -16.24 33.88
N ASN B 185 -8.00 -15.69 32.76
CA ASN B 185 -8.91 -15.27 31.71
C ASN B 185 -9.62 -16.47 31.08
N GLY B 186 -8.94 -17.60 30.97
CA GLY B 186 -9.60 -18.80 30.47
C GLY B 186 -10.69 -19.30 31.39
N PHE B 187 -10.45 -19.27 32.70
CA PHE B 187 -11.51 -19.60 33.65
C PHE B 187 -12.67 -18.63 33.53
N LYS B 188 -12.37 -17.34 33.36
CA LYS B 188 -13.42 -16.34 33.19
C LYS B 188 -14.25 -16.61 31.95
N VAL B 189 -13.60 -16.98 30.85
CA VAL B 189 -14.33 -17.29 29.62
C VAL B 189 -15.21 -18.53 29.80
N LEU B 190 -14.67 -19.55 30.45
CA LEU B 190 -15.43 -20.79 30.61
C LEU B 190 -16.64 -20.60 31.51
N SER B 191 -16.51 -19.79 32.56
CA SER B 191 -17.56 -19.68 33.58
C SER B 191 -18.18 -18.29 33.61
N GLN B 192 -18.44 -17.72 32.44
CA GLN B 192 -18.95 -16.36 32.35
C GLN B 192 -20.47 -16.35 32.51
N SER B 193 -20.97 -15.38 33.27
CA SER B 193 -22.40 -15.20 33.46
C SER B 193 -22.89 -14.01 32.63
N LYS B 194 -23.95 -14.23 31.87
CA LYS B 194 -24.53 -13.23 30.99
C LYS B 194 -26.02 -13.13 31.26
N PRO B 195 -26.63 -11.99 30.96
CA PRO B 195 -28.08 -11.83 31.18
C PRO B 195 -28.88 -12.84 30.38
N GLY B 196 -29.58 -13.71 31.10
CA GLY B 196 -30.42 -14.72 30.49
C GLY B 196 -29.79 -16.10 30.37
N ALA B 197 -28.48 -16.21 30.61
CA ALA B 197 -27.80 -17.49 30.49
C ALA B 197 -26.68 -17.53 31.53
N GLN B 198 -26.97 -18.13 32.68
CA GLN B 198 -26.01 -18.21 33.77
C GLN B 198 -25.13 -19.44 33.62
N GLY B 199 -23.88 -19.30 34.07
CA GLY B 199 -22.94 -20.41 34.09
C GLY B 199 -22.04 -20.50 32.87
N GLY B 200 -22.36 -19.82 31.79
CA GLY B 200 -21.56 -19.92 30.58
C GLY B 200 -21.74 -21.24 29.87
N LEU B 201 -20.64 -21.94 29.61
CA LEU B 201 -20.72 -23.22 28.93
C LEU B 201 -21.25 -24.33 29.83
N ARG B 202 -21.27 -24.11 31.14
CA ARG B 202 -21.80 -25.06 32.12
C ARG B 202 -21.13 -26.43 31.99
N LEU B 203 -19.82 -26.43 32.17
CA LEU B 203 -19.04 -27.66 32.10
C LEU B 203 -19.13 -28.41 33.42
N SER B 204 -18.73 -29.68 33.38
CA SER B 204 -18.72 -30.50 34.59
C SER B 204 -17.60 -30.05 35.52
N TYR B 205 -17.75 -30.40 36.80
CA TYR B 205 -16.78 -29.95 37.80
C TYR B 205 -15.46 -30.69 37.70
N ALA B 206 -15.49 -31.96 37.27
CA ALA B 206 -14.24 -32.67 37.05
C ALA B 206 -13.42 -32.01 35.96
N THR B 207 -14.06 -31.59 34.87
CA THR B 207 -13.36 -30.90 33.79
C THR B 207 -12.77 -29.58 34.26
N LEU B 208 -13.54 -28.82 35.05
CA LEU B 208 -13.04 -27.54 35.56
C LEU B 208 -11.86 -27.75 36.51
N GLY B 209 -11.91 -28.81 37.32
CA GLY B 209 -10.78 -29.11 38.18
C GLY B 209 -9.55 -29.51 37.41
N ALA B 210 -9.71 -30.37 36.40
CA ALA B 210 -8.58 -30.80 35.60
C ALA B 210 -8.00 -29.68 34.73
N PHE B 211 -8.82 -28.69 34.39
CA PHE B 211 -8.33 -27.51 33.68
C PHE B 211 -7.52 -26.58 34.57
N MET B 212 -7.65 -26.72 35.89
CA MET B 212 -7.15 -25.74 36.84
C MET B 212 -5.78 -26.18 37.35
N LYS B 213 -4.75 -25.38 37.09
CA LYS B 213 -3.39 -25.77 37.43
C LYS B 213 -2.72 -24.92 38.50
N TYR B 214 -3.22 -23.72 38.78
CA TYR B 214 -2.70 -22.86 39.85
C TYR B 214 -3.86 -22.43 40.74
N PRO B 215 -4.32 -23.29 41.64
CA PRO B 215 -5.46 -22.93 42.49
C PRO B 215 -5.11 -21.94 43.60
N LYS B 216 -4.85 -20.69 43.24
CA LYS B 216 -4.54 -19.68 44.23
C LYS B 216 -4.82 -18.30 43.65
N GLU B 217 -4.87 -17.31 44.54
CA GLU B 217 -5.07 -15.92 44.15
C GLU B 217 -3.74 -15.30 43.73
N SER B 218 -3.77 -14.01 43.41
CA SER B 218 -2.58 -13.34 42.90
C SER B 218 -1.58 -13.01 44.01
N LEU B 219 -2.03 -12.96 45.27
CA LEU B 219 -1.12 -12.69 46.37
C LEU B 219 -1.25 -13.79 47.43
N PRO B 220 -0.14 -14.16 48.09
CA PRO B 220 1.22 -13.67 47.91
C PRO B 220 1.89 -14.15 46.63
N HIS B 221 2.89 -13.41 46.16
CA HIS B 221 3.54 -13.67 44.89
C HIS B 221 4.68 -14.67 45.10
N LYS B 222 4.54 -15.86 44.52
CA LYS B 222 5.51 -16.95 44.60
C LYS B 222 5.93 -17.23 46.04
N PRO B 223 5.06 -17.78 46.87
CA PRO B 223 5.42 -18.05 48.26
C PRO B 223 6.53 -19.07 48.41
N SER B 224 6.46 -20.17 47.66
CA SER B 224 7.39 -21.28 47.82
C SER B 224 7.94 -21.72 46.46
N ASP B 225 8.71 -22.80 46.48
CA ASP B 225 9.27 -23.40 45.28
C ASP B 225 8.40 -24.51 44.71
N HIS B 226 7.21 -24.71 45.26
CA HIS B 226 6.28 -25.70 44.75
C HIS B 226 5.81 -25.30 43.34
N ILE B 227 5.23 -26.26 42.63
CA ILE B 227 4.87 -26.04 41.24
C ILE B 227 3.52 -25.35 41.06
N ALA B 228 2.64 -25.43 42.06
CA ALA B 228 1.34 -24.78 42.01
C ALA B 228 1.37 -23.34 42.50
N ASP B 229 2.56 -22.74 42.61
CA ASP B 229 2.70 -21.40 43.16
C ASP B 229 3.39 -20.43 42.22
N LYS B 230 3.75 -20.86 41.00
CA LYS B 230 4.47 -19.97 40.10
C LYS B 230 3.59 -18.84 39.60
N LYS B 231 2.27 -19.02 39.56
CA LYS B 231 1.34 -18.03 39.05
C LYS B 231 0.04 -18.16 39.81
N TYR B 232 -1.02 -17.59 39.27
CA TYR B 232 -2.35 -17.69 39.87
C TYR B 232 -3.36 -18.08 38.80
N GLY B 233 -4.52 -18.56 39.25
CA GLY B 233 -5.47 -19.18 38.35
C GLY B 233 -6.85 -18.58 38.24
N PHE B 234 -7.23 -17.67 39.13
CA PHE B 234 -8.53 -17.02 38.99
C PHE B 234 -8.46 -15.59 39.50
N PHE B 235 -9.38 -14.77 39.00
CA PHE B 235 -9.49 -13.37 39.39
C PHE B 235 -10.29 -13.25 40.68
N GLN B 236 -10.40 -12.02 41.18
CA GLN B 236 -11.16 -11.78 42.40
C GLN B 236 -12.66 -11.82 42.14
N SER B 237 -13.09 -11.60 40.90
CA SER B 237 -14.51 -11.61 40.57
C SER B 237 -15.09 -13.01 40.46
N GLU B 238 -14.24 -14.04 40.38
CA GLU B 238 -14.71 -15.41 40.30
C GLU B 238 -14.21 -16.30 41.42
N ARG B 239 -13.51 -15.74 42.42
CA ARG B 239 -13.03 -16.53 43.54
C ARG B 239 -14.14 -17.37 44.14
N ALA B 240 -15.28 -16.74 44.45
CA ALA B 240 -16.42 -17.44 45.01
C ALA B 240 -16.76 -18.66 44.17
N LEU B 241 -16.84 -18.48 42.84
CA LEU B 241 -17.16 -19.60 41.96
C LEU B 241 -16.22 -20.76 42.20
N PHE B 242 -14.91 -20.50 42.16
CA PHE B 242 -13.97 -21.61 42.33
C PHE B 242 -14.13 -22.25 43.69
N GLU B 243 -14.45 -21.45 44.71
CA GLU B 243 -14.69 -22.01 46.04
C GLU B 243 -15.70 -23.15 45.95
N ASP B 244 -16.82 -22.88 45.27
CA ASP B 244 -17.83 -23.92 45.09
C ASP B 244 -17.21 -25.16 44.47
N VAL B 245 -16.51 -24.99 43.36
CA VAL B 245 -15.87 -26.13 42.70
C VAL B 245 -14.94 -26.83 43.68
N ALA B 246 -14.11 -26.05 44.38
CA ALA B 246 -13.12 -26.64 45.26
C ALA B 246 -13.76 -27.38 46.42
N GLN B 247 -14.98 -27.09 46.76
CA GLN B 247 -15.56 -27.80 47.85
C GLN B 247 -16.33 -29.04 47.38
N GLU B 248 -16.63 -29.13 46.10
CA GLU B 248 -17.37 -30.30 45.61
C GLU B 248 -16.43 -31.46 45.30
N LEU B 249 -15.25 -31.16 44.76
CA LEU B 249 -14.31 -32.20 44.40
C LEU B 249 -13.61 -32.80 45.62
N GLY B 250 -13.48 -32.03 46.69
CA GLY B 250 -12.76 -32.51 47.85
C GLY B 250 -11.28 -32.24 47.77
N LEU B 251 -10.90 -31.11 47.20
CA LEU B 251 -9.50 -30.73 47.11
C LEU B 251 -8.97 -30.28 48.46
N LEU B 252 -7.75 -30.68 48.77
CA LEU B 252 -7.11 -30.34 50.04
C LEU B 252 -6.76 -28.86 50.08
N LYS B 253 -6.89 -28.27 51.27
CA LYS B 253 -6.63 -26.85 51.45
C LYS B 253 -5.22 -26.63 51.97
N ARG B 254 -4.55 -25.62 51.41
CA ARG B 254 -3.17 -25.32 51.77
C ARG B 254 -2.99 -23.97 52.46
N SER B 255 -4.03 -23.14 52.52
CA SER B 255 -3.93 -21.85 53.18
C SER B 255 -5.33 -21.33 53.46
N THR B 256 -5.54 -20.83 54.67
CA THR B 256 -6.83 -20.27 55.05
C THR B 256 -6.70 -18.99 55.87
N THR B 257 -5.52 -18.40 55.97
CA THR B 257 -5.32 -17.22 56.81
C THR B 257 -6.16 -16.05 56.31
N ASP B 258 -5.79 -15.51 55.15
CA ASP B 258 -6.64 -14.54 54.45
C ASP B 258 -6.63 -14.75 52.95
N ASP B 259 -5.84 -15.68 52.43
CA ASP B 259 -5.75 -15.95 51.00
C ASP B 259 -5.90 -17.45 50.80
N VAL B 260 -6.88 -17.84 49.99
CA VAL B 260 -7.21 -19.25 49.80
C VAL B 260 -6.26 -19.86 48.79
N SER B 261 -5.90 -21.13 49.02
CA SER B 261 -5.08 -21.88 48.07
C SER B 261 -5.29 -23.36 48.34
N TRP B 262 -5.72 -24.09 47.31
CA TRP B 262 -5.95 -25.52 47.38
C TRP B 262 -4.87 -26.25 46.60
N SER B 263 -4.89 -27.57 46.71
CA SER B 263 -3.95 -28.41 45.97
C SER B 263 -4.53 -28.78 44.61
N ARG B 264 -3.69 -29.37 43.77
CA ARG B 264 -4.05 -29.66 42.39
C ARG B 264 -4.96 -30.88 42.29
N HIS B 265 -5.88 -30.82 41.34
CA HIS B 265 -6.57 -32.02 40.87
C HIS B 265 -5.53 -32.95 40.24
N PRO B 266 -5.60 -34.26 40.51
CA PRO B 266 -4.56 -35.16 40.01
C PRO B 266 -4.39 -35.17 38.49
N LEU B 267 -5.44 -34.90 37.73
CA LEU B 267 -5.35 -34.96 36.27
C LEU B 267 -4.77 -33.69 35.64
N ALA B 268 -4.66 -32.60 36.41
CA ALA B 268 -3.98 -31.43 35.90
C ALA B 268 -2.52 -31.72 35.61
N TYR B 269 -1.92 -32.66 36.36
CA TYR B 269 -0.56 -33.10 36.06
C TYR B 269 -0.48 -33.70 34.66
N LEU B 270 -1.45 -34.54 34.30
CA LEU B 270 -1.48 -35.13 32.96
C LEU B 270 -1.68 -34.07 31.88
N VAL B 271 -2.58 -33.12 32.13
CA VAL B 271 -2.79 -32.04 31.16
C VAL B 271 -1.50 -31.28 30.92
N GLU B 272 -0.79 -30.92 31.99
CA GLU B 272 0.45 -30.18 31.87
C GLU B 272 1.52 -31.00 31.15
N ALA B 273 1.60 -32.30 31.45
CA ALA B 273 2.57 -33.16 30.78
C ALA B 273 2.32 -33.20 29.28
N ALA B 274 1.06 -33.34 28.88
CA ALA B 274 0.73 -33.39 27.46
C ALA B 274 1.10 -32.09 26.77
N ASP B 275 0.77 -30.96 27.39
CA ASP B 275 1.10 -29.65 26.82
C ASP B 275 2.60 -29.47 26.67
N ASP B 276 3.38 -29.88 27.67
CA ASP B 276 4.83 -29.75 27.62
C ASP B 276 5.44 -30.60 26.52
N ILE B 277 5.04 -31.87 26.44
CA ILE B 277 5.57 -32.77 25.40
C ILE B 277 5.30 -32.18 24.03
N CYS B 278 4.04 -31.79 23.79
CA CYS B 278 3.67 -31.36 22.44
C CYS B 278 4.43 -30.13 22.02
N TYR B 279 4.42 -29.07 22.84
CA TYR B 279 5.07 -27.86 22.35
C TYR B 279 6.58 -28.03 22.28
N THR B 280 7.17 -28.78 23.22
CA THR B 280 8.61 -28.99 23.20
C THR B 280 9.07 -29.66 21.91
N ILE B 281 8.33 -30.67 21.43
CA ILE B 281 8.77 -31.34 20.21
C ILE B 281 8.41 -30.53 18.96
N ILE B 282 7.18 -30.01 18.90
CA ILE B 282 6.73 -29.39 17.66
C ILE B 282 7.44 -28.06 17.40
N ASP B 283 7.83 -27.32 18.44
CA ASP B 283 8.58 -26.08 18.19
C ASP B 283 9.91 -26.39 17.51
N PHE B 284 10.60 -27.43 17.96
CA PHE B 284 11.84 -27.85 17.31
C PHE B 284 11.60 -28.25 15.86
N GLU B 285 10.55 -29.06 15.62
CA GLU B 285 10.28 -29.50 14.25
C GLU B 285 10.00 -28.31 13.32
N ASP B 286 9.18 -27.37 13.79
CA ASP B 286 8.86 -26.21 12.96
C ASP B 286 10.07 -25.32 12.73
N GLY B 287 10.92 -25.16 13.74
CA GLY B 287 12.14 -24.38 13.55
C GLY B 287 13.07 -25.02 12.54
N ILE B 288 13.13 -26.35 12.53
CA ILE B 288 13.94 -27.04 11.54
C ILE B 288 13.36 -26.83 10.14
N ASN B 289 12.04 -26.93 10.01
CA ASN B 289 11.41 -26.78 8.71
C ASN B 289 11.50 -25.35 8.18
N LEU B 290 11.57 -24.36 9.07
CA LEU B 290 11.62 -22.97 8.64
C LEU B 290 12.97 -22.57 8.06
N GLY B 291 14.05 -23.21 8.48
CA GLY B 291 15.38 -22.84 8.07
C GLY B 291 16.23 -22.19 9.14
N LEU B 292 15.84 -22.31 10.42
CA LEU B 292 16.59 -21.69 11.50
C LEU B 292 17.44 -22.67 12.29
N ILE B 293 17.16 -23.97 12.19
CA ILE B 293 17.96 -24.99 12.87
C ILE B 293 18.39 -26.05 11.87
N PRO B 294 19.67 -26.38 11.79
CA PRO B 294 20.12 -27.48 10.91
C PRO B 294 19.63 -28.84 11.40
N GLU B 295 19.57 -29.77 10.45
CA GLU B 295 19.05 -31.11 10.72
C GLU B 295 20.04 -31.98 11.50
N GLU B 296 21.33 -31.64 11.47
CA GLU B 296 22.31 -32.37 12.26
C GLU B 296 21.93 -32.35 13.74
N TYR B 297 21.50 -31.19 14.24
CA TYR B 297 20.98 -31.11 15.60
C TYR B 297 19.74 -31.98 15.77
N ALA B 298 18.90 -32.05 14.74
CA ALA B 298 17.69 -32.86 14.82
C ALA B 298 18.02 -34.31 15.09
N LEU B 299 19.04 -34.84 14.41
CA LEU B 299 19.42 -36.22 14.70
C LEU B 299 20.17 -36.34 16.03
N GLU B 300 21.05 -35.37 16.32
CA GLU B 300 21.92 -35.48 17.49
C GLU B 300 21.12 -35.45 18.79
N TYR B 301 20.13 -34.56 18.89
CA TYR B 301 19.39 -34.40 20.14
C TYR B 301 18.24 -35.38 20.28
N MET B 302 17.96 -36.20 19.27
CA MET B 302 16.85 -37.14 19.32
C MET B 302 17.26 -38.60 19.14
N VAL B 303 18.53 -38.87 18.85
CA VAL B 303 18.97 -40.26 18.68
C VAL B 303 18.68 -41.07 19.94
N LYS B 304 18.92 -40.49 21.12
CA LYS B 304 18.65 -41.20 22.37
C LYS B 304 17.16 -41.44 22.55
N LEU B 305 16.33 -40.44 22.23
CA LEU B 305 14.90 -40.56 22.41
C LEU B 305 14.30 -41.64 21.52
N VAL B 306 14.72 -41.69 20.26
CA VAL B 306 14.09 -42.57 19.28
C VAL B 306 14.83 -43.89 19.10
N GLY B 307 15.87 -44.14 19.89
CA GLY B 307 16.72 -45.30 19.65
C GLY B 307 16.05 -46.64 19.90
N GLN B 308 15.05 -46.69 20.77
CA GLN B 308 14.47 -47.97 21.17
C GLN B 308 13.46 -48.52 20.18
N THR B 309 13.00 -47.72 19.21
CA THR B 309 11.98 -48.19 18.28
C THR B 309 12.24 -47.79 16.84
N ILE B 310 13.41 -47.25 16.52
CA ILE B 310 13.69 -46.76 15.17
C ILE B 310 14.07 -47.92 14.27
N ASP B 311 13.55 -47.91 13.06
CA ASP B 311 13.89 -48.89 12.05
C ASP B 311 14.74 -48.09 11.11
N ARG B 312 16.04 -48.36 11.10
CA ARG B 312 16.95 -47.58 10.27
C ARG B 312 16.64 -47.65 8.78
N ASN B 313 16.19 -48.79 8.30
CA ASN B 313 15.85 -48.93 6.88
C ASN B 313 14.91 -47.83 6.39
N LYS B 314 13.80 -47.62 7.09
CA LYS B 314 12.81 -46.60 6.77
C LYS B 314 13.42 -45.20 6.84
N TYR B 315 14.27 -44.96 7.84
CA TYR B 315 14.90 -43.66 7.98
C TYR B 315 15.83 -43.37 6.80
N ASN B 316 16.56 -44.37 6.34
CA ASN B 316 17.49 -44.18 5.24
C ASN B 316 16.82 -44.18 3.87
N ALA B 317 15.58 -44.67 3.79
CA ALA B 317 14.86 -44.63 2.52
C ALA B 317 14.32 -43.23 2.20
N LEU B 318 13.95 -42.46 3.21
CA LEU B 318 13.35 -41.15 2.99
C LEU B 318 14.36 -40.18 2.38
N GLN B 319 13.85 -39.25 1.58
CA GLN B 319 14.71 -38.36 0.80
C GLN B 319 14.44 -36.88 1.05
N GLU B 320 13.64 -36.54 2.06
CA GLU B 320 13.36 -35.15 2.38
C GLU B 320 13.49 -34.93 3.88
N THR B 321 13.83 -33.69 4.25
CA THR B 321 13.99 -33.35 5.66
C THR B 321 12.66 -33.47 6.40
N SER B 322 11.56 -33.09 5.75
CA SER B 322 10.25 -33.11 6.39
C SER B 322 9.87 -34.52 6.83
N ASP B 323 10.06 -35.51 5.95
CA ASP B 323 9.70 -36.87 6.28
C ASP B 323 10.52 -37.38 7.46
N ARG B 324 11.81 -37.07 7.47
CA ARG B 324 12.69 -37.53 8.55
C ARG B 324 12.30 -36.92 9.89
N VAL B 325 12.06 -35.60 9.91
CA VAL B 325 11.72 -34.96 11.17
C VAL B 325 10.35 -35.42 11.65
N SER B 326 9.42 -35.66 10.73
CA SER B 326 8.11 -36.17 11.12
C SER B 326 8.22 -37.56 11.75
N TYR B 327 9.03 -38.44 11.15
CA TYR B 327 9.27 -39.76 11.72
C TYR B 327 9.85 -39.65 13.13
N LEU B 328 10.86 -38.80 13.30
CA LEU B 328 11.49 -38.66 14.61
C LEU B 328 10.52 -38.13 15.65
N ARG B 329 9.69 -37.15 15.27
CA ARG B 329 8.69 -36.61 16.19
C ARG B 329 7.68 -37.67 16.60
N ALA B 330 7.21 -38.47 15.63
CA ALA B 330 6.24 -39.50 15.94
C ALA B 330 6.80 -40.54 16.89
N LEU B 331 8.10 -40.85 16.77
CA LEU B 331 8.70 -41.81 17.71
C LEU B 331 8.88 -41.19 19.09
N ALA B 332 9.35 -39.94 19.15
CA ALA B 332 9.63 -39.30 20.43
C ALA B 332 8.37 -39.14 21.27
N ILE B 333 7.26 -38.76 20.64
CA ILE B 333 6.02 -38.59 21.40
C ILE B 333 5.59 -39.91 22.02
N GLY B 334 5.67 -41.00 21.25
CA GLY B 334 5.29 -42.30 21.78
C GLY B 334 6.15 -42.73 22.95
N THR B 335 7.45 -42.44 22.89
CA THR B 335 8.31 -42.77 24.03
C THR B 335 7.93 -41.97 25.28
N LEU B 336 7.78 -40.65 25.11
CA LEU B 336 7.55 -39.78 26.26
C LEU B 336 6.22 -40.07 26.94
N ILE B 337 5.20 -40.46 26.17
CA ILE B 337 3.89 -40.74 26.78
C ILE B 337 3.99 -41.89 27.78
N ASN B 338 4.63 -42.98 27.38
CA ASN B 338 4.78 -44.13 28.26
C ASN B 338 5.62 -43.80 29.48
N GLU B 339 6.70 -43.02 29.29
CA GLU B 339 7.49 -42.63 30.46
C GLU B 339 6.66 -41.81 31.45
N SER B 340 5.82 -40.89 30.95
CA SER B 340 4.99 -40.09 31.82
C SER B 340 4.00 -40.95 32.60
N VAL B 341 3.40 -41.96 31.93
CA VAL B 341 2.47 -42.84 32.63
C VAL B 341 3.17 -43.58 33.76
N ASP B 342 4.38 -44.09 33.48
CA ASP B 342 5.14 -44.78 34.52
C ASP B 342 5.40 -43.86 35.72
N THR B 343 5.82 -42.61 35.45
CA THR B 343 6.08 -41.68 36.55
C THR B 343 4.82 -41.41 37.37
N PHE B 344 3.69 -41.21 36.69
CA PHE B 344 2.45 -40.93 37.41
C PHE B 344 2.07 -42.09 38.32
N MET B 345 2.17 -43.33 37.81
CA MET B 345 1.80 -44.46 38.66
C MET B 345 2.83 -44.73 39.75
N LYS B 346 4.07 -44.27 39.57
CA LYS B 346 5.05 -44.42 40.65
C LYS B 346 4.80 -43.43 41.78
N TYR B 347 4.34 -42.22 41.46
CA TYR B 347 4.13 -41.21 42.50
C TYR B 347 2.66 -40.91 42.78
N GLU B 348 1.75 -41.82 42.40
CA GLU B 348 0.33 -41.59 42.62
C GLU B 348 -0.01 -41.24 44.05
N GLU B 349 0.59 -41.93 45.03
CA GLU B 349 0.25 -41.68 46.43
C GLU B 349 0.62 -40.28 46.85
N GLU B 350 1.83 -39.83 46.48
CA GLU B 350 2.25 -38.47 46.82
C GLU B 350 1.38 -37.44 46.12
N ILE B 351 1.00 -37.72 44.86
CA ILE B 351 0.16 -36.77 44.13
C ILE B 351 -1.21 -36.64 44.79
N LEU B 352 -1.78 -37.77 45.20
CA LEU B 352 -3.08 -37.73 45.88
C LEU B 352 -2.97 -37.09 47.26
N ALA B 353 -1.81 -37.16 47.89
CA ALA B 353 -1.62 -36.53 49.19
C ALA B 353 -1.23 -35.06 49.08
N GLY B 354 -0.94 -34.56 47.89
CA GLY B 354 -0.59 -33.17 47.70
C GLY B 354 0.86 -32.82 47.95
N THR B 355 1.73 -33.82 48.14
CA THR B 355 3.13 -33.59 48.50
C THR B 355 4.08 -33.61 47.32
N PHE B 356 3.57 -33.74 46.10
CA PHE B 356 4.42 -33.86 44.92
C PHE B 356 4.62 -32.48 44.32
N ASP B 357 5.86 -31.98 44.39
CA ASP B 357 6.16 -30.57 44.16
C ASP B 357 6.75 -30.27 42.79
N GLN B 358 6.79 -31.24 41.88
CA GLN B 358 7.35 -31.01 40.55
C GLN B 358 6.37 -31.42 39.46
N SER B 359 6.84 -31.46 38.22
CA SER B 359 6.07 -31.96 37.10
C SER B 359 6.57 -33.35 36.70
N LEU B 360 5.70 -34.10 36.03
CA LEU B 360 6.05 -35.45 35.62
C LEU B 360 7.21 -35.46 34.63
N ILE B 361 7.36 -34.40 33.84
CA ILE B 361 8.44 -34.32 32.87
C ILE B 361 9.79 -34.17 33.58
N ASP B 362 9.83 -33.36 34.64
CA ASP B 362 11.09 -33.11 35.34
C ASP B 362 11.65 -34.35 36.01
N LYS B 363 10.84 -35.38 36.22
CA LYS B 363 11.28 -36.63 36.82
C LYS B 363 11.56 -37.72 35.77
N SER B 364 12.08 -37.34 34.60
CA SER B 364 12.27 -38.27 33.50
C SER B 364 13.75 -38.45 33.19
N ASN B 365 14.06 -39.55 32.52
CA ASN B 365 15.43 -39.90 32.16
C ASN B 365 15.99 -39.07 31.02
N TYR B 366 15.15 -38.29 30.32
CA TYR B 366 15.58 -37.52 29.16
C TYR B 366 15.59 -36.02 29.42
N GLN B 367 15.85 -35.61 30.67
CA GLN B 367 15.78 -34.20 31.01
C GLN B 367 16.88 -33.42 30.31
N ALA B 368 18.07 -34.01 30.14
CA ALA B 368 19.16 -33.29 29.50
C ALA B 368 18.85 -32.99 28.04
N GLN B 369 18.31 -33.97 27.32
CA GLN B 369 17.96 -33.77 25.91
C GLN B 369 16.88 -32.72 25.77
N ILE B 370 15.87 -32.77 26.65
CA ILE B 370 14.80 -31.78 26.61
C ILE B 370 15.34 -30.38 26.87
N THR B 371 16.23 -30.25 27.85
CA THR B 371 16.81 -28.95 28.15
C THR B 371 17.64 -28.43 26.99
N ASP B 372 18.40 -29.31 26.33
CA ASP B 372 19.18 -28.89 25.17
C ASP B 372 18.28 -28.40 24.04
N ILE B 373 17.20 -29.14 23.76
CA ILE B 373 16.28 -28.72 22.70
C ILE B 373 15.63 -27.40 23.04
N ILE B 374 15.23 -27.22 24.30
CA ILE B 374 14.60 -25.96 24.71
C ILE B 374 15.58 -24.79 24.59
N ASN B 375 16.82 -24.98 25.02
CA ASN B 375 17.81 -23.91 24.93
C ASN B 375 18.08 -23.54 23.47
N LEU B 376 18.17 -24.55 22.60
CA LEU B 376 18.35 -24.27 21.17
C LEU B 376 17.15 -23.51 20.61
N SER B 377 15.94 -23.87 21.02
CA SER B 377 14.75 -23.17 20.57
C SER B 377 14.75 -21.71 21.03
N ILE B 378 15.17 -21.47 22.27
CA ILE B 378 15.21 -20.10 22.79
C ILE B 378 16.24 -19.28 22.03
N GLU B 379 17.42 -19.86 21.77
CA GLU B 379 18.47 -19.10 21.10
C GLU B 379 18.14 -18.85 19.63
N ARG B 380 17.46 -19.80 18.97
CA ARG B 380 17.35 -19.75 17.52
C ARG B 380 15.99 -19.30 17.02
N ILE B 381 14.91 -19.44 17.80
CA ILE B 381 13.57 -19.13 17.33
C ILE B 381 12.99 -17.91 18.05
N TYR B 382 13.04 -17.90 19.38
CA TYR B 382 12.39 -16.82 20.12
C TYR B 382 13.09 -15.49 19.91
N ASN B 383 14.40 -15.51 19.68
CA ASN B 383 15.19 -14.30 19.52
C ASN B 383 15.54 -14.01 18.06
N SER B 384 14.83 -14.60 17.12
CA SER B 384 15.00 -14.27 15.71
C SER B 384 14.48 -12.86 15.45
N ARG B 385 14.99 -12.25 14.38
CA ARG B 385 14.67 -10.85 14.10
C ARG B 385 13.18 -10.66 13.82
N GLU B 386 12.72 -11.60 13.00
CA GLU B 386 11.36 -11.76 12.53
C GLU B 386 10.43 -11.83 13.70
N VAL B 387 10.77 -12.70 14.63
CA VAL B 387 9.96 -12.85 15.81
C VAL B 387 9.97 -11.60 16.65
N ILE B 388 11.12 -10.95 16.77
CA ILE B 388 11.26 -9.73 17.57
C ILE B 388 10.46 -8.51 17.14
N GLU B 389 10.51 -8.19 15.86
CA GLU B 389 9.80 -7.10 15.23
C GLU B 389 8.28 -7.24 15.43
N LYS B 390 7.76 -8.46 15.26
CA LYS B 390 6.34 -8.69 15.47
C LYS B 390 5.94 -8.38 16.92
N GLU B 391 6.76 -8.77 17.90
CA GLU B 391 6.41 -8.52 19.29
C GLU B 391 6.41 -7.02 19.61
N ILE B 392 7.36 -6.28 19.04
CA ILE B 392 7.37 -4.83 19.27
C ILE B 392 6.11 -4.19 18.70
N ALA B 393 5.73 -4.58 17.47
CA ALA B 393 4.49 -4.08 16.90
C ALA B 393 3.29 -4.43 17.78
N GLY B 394 3.27 -5.65 18.33
CA GLY B 394 2.17 -6.04 19.20
C GLY B 394 2.09 -5.20 20.46
N TYR B 395 3.23 -4.88 21.05
CA TYR B 395 3.26 -3.96 22.18
C TYR B 395 2.58 -2.64 21.83
N GLU B 396 2.97 -2.06 20.70
CA GLU B 396 2.37 -0.78 20.30
C GLU B 396 0.85 -0.89 20.13
N ILE B 397 0.41 -1.95 19.45
CA ILE B 397 -1.02 -2.11 19.14
C ILE B 397 -1.83 -2.26 20.43
N LEU B 398 -1.39 -3.14 21.32
CA LEU B 398 -2.14 -3.38 22.55
C LEU B 398 -2.18 -2.14 23.42
N SER B 399 -1.06 -1.43 23.53
CA SER B 399 -1.06 -0.21 24.34
C SER B 399 -2.06 0.81 23.79
N THR B 400 -2.09 0.99 22.47
CA THR B 400 -3.04 1.94 21.88
C THR B 400 -4.47 1.56 22.19
N LEU B 401 -4.84 0.29 21.96
CA LEU B 401 -6.24 -0.10 22.15
C LEU B 401 -6.65 0.02 23.62
N LEU B 402 -5.77 -0.41 24.53
CA LEU B 402 -6.11 -0.31 25.95
C LEU B 402 -6.25 1.14 26.39
N GLU B 403 -5.37 2.03 25.92
CA GLU B 403 -5.51 3.43 26.30
C GLU B 403 -6.81 4.03 25.79
N ALA B 404 -7.19 3.68 24.55
CA ALA B 404 -8.46 4.20 24.02
C ALA B 404 -9.64 3.73 24.85
N ARG B 405 -9.69 2.44 25.19
CA ARG B 405 -10.80 1.94 26.00
C ARG B 405 -10.83 2.59 27.38
N CYS B 406 -9.66 2.77 28.00
CA CYS B 406 -9.63 3.33 29.34
C CYS B 406 -10.05 4.80 29.34
N ARG B 407 -9.60 5.57 28.35
CA ARG B 407 -10.04 6.96 28.27
C ARG B 407 -11.52 7.07 27.95
N ALA B 408 -12.07 6.12 27.19
CA ALA B 408 -13.52 6.10 27.00
C ALA B 408 -14.24 5.82 28.31
N LEU B 409 -13.70 4.89 29.11
CA LEU B 409 -14.33 4.57 30.39
C LEU B 409 -14.30 5.75 31.36
N ASP B 410 -13.24 6.55 31.34
CA ASP B 410 -13.18 7.70 32.25
C ASP B 410 -14.24 8.80 32.04
N ASN B 411 -14.09 9.58 30.98
CA ASN B 411 -15.00 10.72 30.71
C ASN B 411 -16.49 10.49 30.45
N ASN B 412 -16.80 9.54 29.57
CA ASN B 412 -18.17 9.16 29.21
C ASN B 412 -19.10 10.22 28.61
N ASP B 413 -18.81 11.50 28.83
CA ASP B 413 -19.67 12.56 28.31
C ASP B 413 -19.29 13.11 26.93
N THR B 414 -18.04 12.93 26.53
CA THR B 414 -17.55 13.43 25.24
C THR B 414 -18.13 12.68 24.03
N HIS B 415 -18.26 13.38 22.91
CA HIS B 415 -18.76 12.81 21.67
C HIS B 415 -17.83 11.70 21.16
N TYR B 416 -16.53 11.93 21.32
CA TYR B 416 -15.53 10.97 20.91
C TYR B 416 -15.65 9.69 21.73
N ASN B 417 -15.93 9.86 23.02
CA ASN B 417 -16.09 8.73 23.91
C ASN B 417 -17.28 7.88 23.50
N GLN B 418 -18.35 8.53 23.08
CA GLN B 418 -19.55 7.84 22.62
C GLN B 418 -19.24 7.08 21.32
N LEU B 419 -18.45 7.66 20.44
CA LEU B 419 -18.06 6.98 19.21
C LEU B 419 -17.23 5.74 19.50
N ILE B 420 -16.26 5.87 20.40
CA ILE B 420 -15.40 4.75 20.76
C ILE B 420 -16.23 3.63 21.38
N GLN B 421 -17.20 3.98 22.22
CA GLN B 421 -18.08 2.98 22.81
C GLN B 421 -18.88 2.26 21.73
N GLN B 422 -19.44 3.00 20.78
CA GLN B 422 -20.21 2.36 19.71
C GLN B 422 -19.33 1.46 18.85
N LEU B 423 -18.06 1.81 18.69
CA LEU B 423 -17.21 1.01 17.82
C LEU B 423 -16.69 -0.24 18.52
N LEU B 424 -16.08 -0.08 19.69
CA LEU B 424 -15.35 -1.16 20.35
C LEU B 424 -16.19 -1.94 21.35
N ALA B 425 -17.45 -1.59 21.56
CA ALA B 425 -18.30 -2.28 22.51
C ALA B 425 -19.76 -2.14 22.08
N PRO B 426 -20.29 -3.11 21.34
CA PRO B 426 -21.68 -2.98 20.86
C PRO B 426 -22.70 -2.81 21.98
N GLU B 431 -24.33 -1.22 35.27
CA GLU B 431 -23.83 -0.73 36.55
C GLU B 431 -22.82 -1.74 37.10
N LYS B 432 -21.57 -1.30 37.23
CA LYS B 432 -20.51 -2.16 37.71
C LYS B 432 -19.42 -1.29 38.34
N SER B 433 -18.58 -1.92 39.15
CA SER B 433 -17.51 -1.23 39.84
C SER B 433 -16.36 -0.93 38.88
N LEU B 434 -15.37 -0.19 39.39
CA LEU B 434 -14.19 0.14 38.59
C LEU B 434 -13.39 -1.10 38.24
N TYR B 435 -13.21 -2.01 39.21
CA TYR B 435 -12.46 -3.23 38.97
C TYR B 435 -13.15 -4.10 37.92
N GLU B 436 -14.47 -4.21 38.01
CA GLU B 436 -15.21 -4.99 37.03
C GLU B 436 -15.07 -4.39 35.63
N ASN B 437 -15.13 -3.07 35.53
CA ASN B 437 -14.98 -2.43 34.23
C ASN B 437 -13.59 -2.66 33.65
N LEU B 438 -12.55 -2.54 34.48
CA LEU B 438 -11.19 -2.72 33.97
C LEU B 438 -10.94 -4.17 33.56
N ILE B 439 -11.43 -5.13 34.35
CA ILE B 439 -11.22 -6.52 33.98
C ILE B 439 -12.02 -6.88 32.74
N GLN B 440 -13.21 -6.27 32.56
CA GLN B 440 -13.96 -6.49 31.33
C GLN B 440 -13.25 -5.89 30.13
N ILE B 441 -12.60 -4.75 30.30
CA ILE B 441 -11.82 -4.15 29.21
C ILE B 441 -10.69 -5.08 28.81
N CYS B 442 -9.95 -5.59 29.79
CA CYS B 442 -8.86 -6.51 29.49
C CYS B 442 -9.36 -7.81 28.86
N ALA B 443 -10.57 -8.26 29.23
CA ALA B 443 -11.12 -9.46 28.63
C ALA B 443 -11.57 -9.21 27.19
N GLU B 444 -12.10 -8.03 26.91
CA GLU B 444 -12.55 -7.73 25.55
C GLU B 444 -11.36 -7.50 24.62
N VAL B 445 -10.26 -6.98 25.13
CA VAL B 445 -9.06 -6.84 24.29
C VAL B 445 -8.51 -8.21 23.92
N SER B 446 -8.61 -9.18 24.82
CA SER B 446 -8.02 -10.50 24.62
C SER B 446 -8.90 -11.43 23.80
N THR B 447 -10.09 -11.00 23.38
CA THR B 447 -10.90 -11.82 22.48
C THR B 447 -10.43 -11.68 21.03
N MET B 448 -9.83 -10.56 20.67
CA MET B 448 -9.42 -10.30 19.31
C MET B 448 -8.31 -11.24 18.87
N THR B 449 -8.27 -11.51 17.57
CA THR B 449 -7.15 -12.17 16.94
C THR B 449 -6.05 -11.15 16.65
N ASP B 450 -4.96 -11.61 16.04
CA ASP B 450 -3.90 -10.69 15.66
C ASP B 450 -4.34 -9.76 14.53
N GLY B 451 -4.97 -10.33 13.50
CA GLY B 451 -5.40 -9.52 12.37
C GLY B 451 -6.47 -8.51 12.74
N LYS B 452 -7.44 -8.92 13.57
CA LYS B 452 -8.49 -8.00 13.99
C LYS B 452 -7.91 -6.87 14.83
N ALA B 453 -6.98 -7.18 15.73
CA ALA B 453 -6.35 -6.14 16.53
C ALA B 453 -5.58 -5.16 15.65
N LEU B 454 -4.85 -5.66 14.66
CA LEU B 454 -4.11 -4.78 13.75
C LEU B 454 -5.06 -3.91 12.93
N ARG B 455 -6.14 -4.49 12.43
CA ARG B 455 -7.11 -3.72 11.65
C ARG B 455 -7.76 -2.63 12.50
N ASN B 456 -8.13 -2.94 13.73
CA ASN B 456 -8.69 -1.94 14.63
C ASN B 456 -7.67 -0.84 14.93
N TYR B 457 -6.40 -1.21 15.10
CA TYR B 457 -5.37 -0.21 15.34
C TYR B 457 -5.26 0.76 14.16
N LYS B 458 -5.24 0.24 12.94
CA LYS B 458 -5.18 1.14 11.79
C LYS B 458 -6.42 2.01 11.68
N LYS B 459 -7.61 1.44 11.96
CA LYS B 459 -8.82 2.24 11.88
C LYS B 459 -8.82 3.36 12.93
N ILE B 460 -8.32 3.07 14.13
CA ILE B 460 -8.18 4.13 15.13
C ILE B 460 -7.21 5.20 14.63
N LYS B 461 -6.10 4.80 14.02
CA LYS B 461 -5.17 5.78 13.47
C LYS B 461 -5.59 6.34 12.12
N GLY B 462 -6.64 5.80 11.50
CA GLY B 462 -7.03 6.28 10.20
C GLY B 462 -6.04 5.99 9.10
N LEU B 463 -5.42 4.82 9.13
CA LEU B 463 -4.42 4.45 8.12
C LEU B 463 -4.92 3.28 7.27
N ASN C 25 54.24 -4.43 -30.66
CA ASN C 25 55.17 -3.96 -29.65
C ASN C 25 54.53 -2.93 -28.71
N TRP C 26 55.23 -2.63 -27.60
CA TRP C 26 54.64 -1.86 -26.52
C TRP C 26 54.51 -0.37 -26.83
N GLU C 27 55.27 0.14 -27.80
CA GLU C 27 55.18 1.56 -28.13
C GLU C 27 53.82 1.93 -28.69
N HIS C 28 53.26 1.08 -29.55
CA HIS C 28 51.96 1.35 -30.15
C HIS C 28 50.80 0.99 -29.25
N LEU C 29 51.03 0.20 -28.21
CA LEU C 29 49.95 -0.21 -27.32
C LEU C 29 49.52 0.90 -26.38
N LEU C 30 50.44 1.79 -26.01
CA LEU C 30 50.14 2.90 -25.10
C LEU C 30 49.89 4.18 -25.89
N SER C 31 48.84 4.16 -26.70
CA SER C 31 48.52 5.29 -27.56
C SER C 31 47.70 6.32 -26.81
N LEU C 32 48.00 7.60 -27.06
CA LEU C 32 47.30 8.72 -26.46
C LEU C 32 46.34 9.39 -27.45
N LYS C 33 45.95 8.69 -28.49
CA LYS C 33 45.10 9.26 -29.52
C LYS C 33 43.63 9.26 -29.09
N ARG C 34 42.89 10.25 -29.56
CA ARG C 34 41.46 10.36 -29.34
C ARG C 34 40.75 10.47 -30.68
N GLN C 35 39.47 10.10 -30.69
CA GLN C 35 38.71 10.08 -31.93
C GLN C 35 38.59 11.49 -32.51
N GLY C 36 38.81 11.61 -33.81
CA GLY C 36 38.79 12.89 -34.49
C GLY C 36 40.14 13.58 -34.57
N ASP C 37 41.18 13.02 -33.97
CA ASP C 37 42.49 13.65 -33.99
C ASP C 37 43.12 13.57 -35.37
N THR C 38 43.87 14.61 -35.71
CA THR C 38 44.63 14.67 -36.96
C THR C 38 46.13 14.58 -36.73
N ALA C 39 46.65 15.31 -35.74
CA ALA C 39 48.06 15.29 -35.43
C ALA C 39 48.38 14.06 -34.58
N LYS C 40 49.61 14.01 -34.04
CA LYS C 40 50.06 12.90 -33.21
C LYS C 40 50.40 13.44 -31.82
N ARG C 41 49.70 12.95 -30.81
CA ARG C 41 50.01 13.32 -29.43
C ARG C 41 51.15 12.46 -28.91
N LEU C 42 52.19 13.11 -28.39
CA LEU C 42 53.36 12.42 -27.87
C LEU C 42 53.40 12.50 -26.36
N ARG C 43 53.98 11.47 -25.74
CA ARG C 43 54.04 11.40 -24.29
C ARG C 43 54.88 12.52 -23.71
N ILE C 44 56.00 12.85 -24.36
CA ILE C 44 56.88 13.90 -23.85
C ILE C 44 56.32 15.30 -24.00
N GLU C 45 55.23 15.47 -24.74
CA GLU C 45 54.58 16.76 -24.89
C GLU C 45 53.37 16.93 -23.98
N GLN C 46 53.13 15.99 -23.08
CA GLN C 46 52.00 16.04 -22.18
C GLN C 46 52.28 16.94 -20.98
N ASP C 47 51.22 17.37 -20.32
CA ASP C 47 51.31 18.10 -19.06
C ASP C 47 51.32 17.08 -17.93
N ASP C 48 52.40 17.06 -17.15
CA ASP C 48 52.61 15.97 -16.21
C ASP C 48 51.66 16.03 -15.02
N THR C 49 51.10 17.20 -14.72
CA THR C 49 50.10 17.29 -13.66
C THR C 49 48.85 16.48 -14.02
N ARG C 50 48.42 16.56 -15.28
CA ARG C 50 47.20 15.89 -15.74
C ARG C 50 47.50 15.20 -17.08
N LEU C 51 47.82 13.91 -17.02
CA LEU C 51 48.01 13.15 -18.24
C LEU C 51 46.66 12.70 -18.80
N GLY C 52 46.68 12.18 -20.02
CA GLY C 52 45.45 11.83 -20.71
C GLY C 52 44.63 10.76 -20.00
N PHE C 53 45.30 9.79 -19.39
CA PHE C 53 44.59 8.72 -18.70
C PHE C 53 43.86 9.22 -17.46
N GLU C 54 44.47 10.16 -16.74
CA GLU C 54 43.76 10.82 -15.64
C GLU C 54 42.57 11.63 -16.15
N VAL C 55 42.70 12.24 -17.33
CA VAL C 55 41.56 12.93 -17.93
C VAL C 55 40.44 11.94 -18.22
N ASP C 56 40.79 10.74 -18.70
CA ASP C 56 39.79 9.70 -18.94
C ASP C 56 39.08 9.32 -17.64
N TYR C 57 39.85 9.13 -16.57
CA TYR C 57 39.29 8.84 -15.26
C TYR C 57 38.29 9.91 -14.84
N ASP C 58 38.70 11.18 -14.94
CA ASP C 58 37.83 12.28 -14.52
C ASP C 58 36.61 12.41 -15.40
N ARG C 59 36.72 12.09 -16.69
CA ARG C 59 35.56 12.16 -17.57
C ARG C 59 34.56 11.06 -17.25
N ILE C 60 35.04 9.88 -16.87
CA ILE C 60 34.13 8.82 -16.47
C ILE C 60 33.46 9.17 -15.13
N ILE C 61 34.21 9.77 -14.21
CA ILE C 61 33.67 10.05 -12.87
C ILE C 61 32.47 10.99 -12.95
N PHE C 62 32.52 11.96 -13.86
CA PHE C 62 31.56 13.05 -13.89
C PHE C 62 30.36 12.80 -14.79
N SER C 63 30.23 11.61 -15.37
CA SER C 63 29.16 11.33 -16.32
C SER C 63 27.97 10.66 -15.65
N ALA C 64 26.84 10.69 -16.34
CA ALA C 64 25.57 10.12 -15.88
C ALA C 64 25.52 8.59 -15.98
N PRO C 65 26.05 7.97 -17.04
CA PRO C 65 26.12 6.50 -17.04
C PRO C 65 26.85 5.92 -15.84
N PHE C 66 27.91 6.58 -15.38
CA PHE C 66 28.61 6.11 -14.18
C PHE C 66 27.74 6.27 -12.95
N ARG C 67 27.00 7.35 -12.86
CA ARG C 67 26.15 7.57 -11.72
C ARG C 67 25.01 6.58 -11.66
N SER C 68 24.47 6.16 -12.78
CA SER C 68 23.37 5.20 -12.77
C SER C 68 23.78 3.83 -12.22
N LEU C 69 25.08 3.57 -12.06
CA LEU C 69 25.54 2.32 -11.48
C LEU C 69 25.22 2.20 -10.00
N GLN C 70 24.78 3.28 -9.35
CA GLN C 70 24.55 3.26 -7.92
C GLN C 70 23.35 2.42 -7.52
N ASP C 71 22.42 2.18 -8.43
CA ASP C 71 21.21 1.42 -8.14
C ASP C 71 21.04 0.32 -9.18
N LYS C 72 22.11 -0.42 -9.42
CA LYS C 72 22.08 -1.55 -10.35
C LYS C 72 22.59 -2.80 -9.66
N THR C 73 22.04 -3.93 -10.06
CA THR C 73 22.26 -5.18 -9.34
C THR C 73 23.67 -5.71 -9.57
N GLN C 74 24.33 -6.10 -8.47
CA GLN C 74 25.55 -6.90 -8.53
C GLN C 74 25.23 -8.38 -8.36
N VAL C 75 24.66 -8.77 -7.23
CA VAL C 75 24.22 -10.15 -6.99
C VAL C 75 22.75 -10.15 -6.58
N ILE C 76 22.41 -9.36 -5.58
CA ILE C 76 21.07 -9.35 -5.00
C ILE C 76 20.31 -8.15 -5.56
N PRO C 77 19.24 -8.36 -6.32
CA PRO C 77 18.52 -7.22 -6.91
C PRO C 77 17.79 -6.39 -5.87
N LEU C 78 17.62 -5.11 -6.19
CA LEU C 78 16.85 -4.16 -5.39
C LEU C 78 17.36 -4.11 -3.95
N SER C 79 18.65 -3.79 -3.81
CA SER C 79 19.31 -3.77 -2.52
C SER C 79 20.24 -2.56 -2.41
N LYS C 80 19.74 -1.39 -2.80
CA LYS C 80 20.53 -0.17 -2.73
C LYS C 80 20.53 0.47 -1.34
N ASP C 82 21.03 -1.49 2.02
CA ASP C 82 21.65 -2.51 2.84
C ASP C 82 23.14 -2.26 3.01
N PHE C 83 23.87 -3.31 3.30
CA PHE C 83 25.32 -3.26 3.39
C PHE C 83 25.92 -4.09 2.26
N VAL C 84 25.10 -4.50 1.30
CA VAL C 84 25.56 -5.29 0.17
C VAL C 84 26.08 -4.40 -0.94
N HIS C 85 26.84 -4.96 -1.86
CA HIS C 85 27.46 -4.18 -2.91
C HIS C 85 26.51 -3.94 -4.08
N THR C 86 26.72 -2.81 -4.74
CA THR C 86 26.12 -2.48 -6.03
C THR C 86 27.22 -2.49 -7.08
N ARG C 87 26.86 -2.14 -8.31
CA ARG C 87 27.86 -2.08 -9.38
C ARG C 87 28.88 -0.97 -9.14
N LEU C 88 28.46 0.13 -8.55
CA LEU C 88 29.35 1.28 -8.36
C LEU C 88 30.48 0.97 -7.39
N THR C 89 30.15 0.43 -6.23
CA THR C 89 31.17 0.14 -5.22
C THR C 89 32.08 -1.01 -5.66
N HIS C 90 31.50 -2.01 -6.35
CA HIS C 90 32.30 -3.06 -6.96
C HIS C 90 33.30 -2.48 -7.96
N SER C 91 32.85 -1.53 -8.78
CA SER C 91 33.75 -0.91 -9.76
C SER C 91 34.86 -0.14 -9.08
N LEU C 92 34.56 0.54 -7.98
CA LEU C 92 35.60 1.26 -7.25
C LEU C 92 36.66 0.31 -6.68
N GLU C 93 36.22 -0.79 -6.08
CA GLU C 93 37.19 -1.75 -5.54
C GLU C 93 38.05 -2.35 -6.65
N VAL C 94 37.43 -2.68 -7.78
CA VAL C 94 38.18 -3.19 -8.92
C VAL C 94 39.19 -2.15 -9.39
N SER C 95 38.81 -0.88 -9.34
CA SER C 95 39.73 0.19 -9.74
C SER C 95 40.96 0.22 -8.84
N VAL C 96 40.77 0.08 -7.53
CA VAL C 96 41.92 0.09 -6.61
C VAL C 96 42.86 -1.08 -6.89
N VAL C 97 42.29 -2.29 -7.00
CA VAL C 97 43.11 -3.47 -7.23
C VAL C 97 43.81 -3.38 -8.58
N GLY C 98 43.12 -2.86 -9.61
CA GLY C 98 43.73 -2.73 -10.91
C GLY C 98 44.85 -1.72 -10.94
N ARG C 99 44.70 -0.60 -10.22
CA ARG C 99 45.77 0.36 -10.12
C ARG C 99 47.02 -0.28 -9.53
N SER C 100 46.85 -1.04 -8.46
CA SER C 100 47.99 -1.71 -7.85
C SER C 100 48.68 -2.69 -8.82
N LEU C 101 47.87 -3.54 -9.47
CA LEU C 101 48.41 -4.51 -10.42
C LEU C 101 49.16 -3.81 -11.55
N GLY C 102 48.56 -2.75 -12.10
CA GLY C 102 49.19 -2.04 -13.19
C GLY C 102 50.51 -1.41 -12.80
N ARG C 103 50.58 -0.85 -11.59
CA ARG C 103 51.83 -0.25 -11.14
C ARG C 103 52.94 -1.30 -11.06
N MET C 104 52.65 -2.45 -10.43
CA MET C 104 53.69 -3.48 -10.34
C MET C 104 54.13 -3.98 -11.71
N VAL C 105 53.17 -4.28 -12.58
CA VAL C 105 53.51 -4.83 -13.89
C VAL C 105 54.28 -3.80 -14.71
N GLY C 106 53.91 -2.53 -14.62
CA GLY C 106 54.61 -1.50 -15.36
C GLY C 106 56.04 -1.32 -14.89
N LYS C 107 56.26 -1.37 -13.57
CA LYS C 107 57.62 -1.29 -13.07
C LYS C 107 58.47 -2.43 -13.59
N LYS C 108 57.92 -3.66 -13.57
CA LYS C 108 58.68 -4.79 -14.08
C LYS C 108 58.93 -4.67 -15.59
N LEU C 109 57.97 -4.15 -16.34
CA LEU C 109 58.15 -4.01 -17.78
C LEU C 109 59.24 -3.00 -18.11
N LEU C 110 59.18 -1.81 -17.51
CA LEU C 110 60.24 -0.84 -17.74
C LEU C 110 61.59 -1.34 -17.23
N GLU C 111 61.59 -2.24 -16.25
CA GLU C 111 62.83 -2.93 -15.92
C GLU C 111 63.29 -3.80 -17.08
N LYS C 112 62.36 -4.51 -17.73
CA LYS C 112 62.74 -5.40 -18.82
C LYS C 112 63.13 -4.64 -20.08
N TYR C 113 62.35 -3.62 -20.45
CA TYR C 113 62.64 -2.81 -21.63
C TYR C 113 62.98 -1.38 -21.19
N PRO C 114 64.26 -1.02 -21.08
CA PRO C 114 64.59 0.34 -20.64
C PRO C 114 64.37 1.41 -21.69
N HIS C 115 64.26 1.03 -22.96
CA HIS C 115 64.13 2.03 -24.01
C HIS C 115 62.82 2.80 -23.91
N LEU C 116 61.77 2.16 -23.38
CA LEU C 116 60.50 2.85 -23.18
C LEU C 116 60.69 4.14 -22.38
N GLU C 117 61.18 4.00 -21.15
CA GLU C 117 61.41 5.17 -20.31
C GLU C 117 62.52 6.06 -20.86
N GLN C 118 63.59 5.45 -21.39
CA GLN C 118 64.76 6.22 -21.77
C GLN C 118 64.55 7.05 -23.04
N VAL C 119 63.55 6.71 -23.86
CA VAL C 119 63.35 7.43 -25.11
C VAL C 119 61.95 8.02 -25.16
N TYR C 120 60.93 7.16 -25.01
CA TYR C 120 59.56 7.63 -25.19
C TYR C 120 59.09 8.45 -24.00
N GLY C 121 59.58 8.14 -22.80
CA GLY C 121 59.27 8.95 -21.63
C GLY C 121 58.09 8.44 -20.83
N TYR C 122 58.02 7.12 -20.63
CA TYR C 122 56.94 6.51 -19.89
C TYR C 122 57.36 6.19 -18.46
N LYS C 123 56.38 6.23 -17.56
CA LYS C 123 56.57 5.91 -16.16
C LYS C 123 55.58 4.82 -15.77
N PHE C 124 55.87 4.14 -14.66
CA PHE C 124 55.02 3.04 -14.24
C PHE C 124 53.67 3.49 -13.71
N ASN C 125 53.47 4.80 -13.50
CA ASN C 125 52.16 5.29 -13.12
C ASN C 125 51.19 5.30 -14.30
N ASP C 126 51.72 5.37 -15.52
CA ASP C 126 50.87 5.37 -16.71
C ASP C 126 50.11 4.05 -16.83
N PHE C 127 50.78 2.93 -16.57
CA PHE C 127 50.11 1.64 -16.63
C PHE C 127 49.01 1.55 -15.58
N GLY C 128 49.29 2.04 -14.37
CA GLY C 128 48.26 2.05 -13.34
C GLY C 128 47.08 2.91 -13.72
N ALA C 129 47.34 4.08 -14.31
CA ALA C 129 46.25 4.94 -14.75
C ALA C 129 45.40 4.27 -15.82
N ILE C 130 46.04 3.60 -16.78
CA ILE C 130 45.31 2.90 -17.83
C ILE C 130 44.42 1.81 -17.23
N VAL C 131 45.00 0.99 -16.35
CA VAL C 131 44.23 -0.14 -15.81
C VAL C 131 43.12 0.36 -14.90
N ALA C 132 43.38 1.41 -14.12
CA ALA C 132 42.34 1.97 -13.26
C ALA C 132 41.19 2.55 -14.07
N ALA C 133 41.49 3.30 -15.13
CA ALA C 133 40.44 3.86 -15.96
C ALA C 133 39.63 2.77 -16.65
N ALA C 134 40.31 1.73 -17.13
CA ALA C 134 39.59 0.63 -17.78
C ALA C 134 38.72 -0.14 -16.80
N ALA C 135 39.23 -0.39 -15.59
CA ALA C 135 38.48 -1.13 -14.60
C ALA C 135 37.33 -0.32 -14.00
N LEU C 136 37.41 1.01 -14.06
CA LEU C 136 36.32 1.83 -13.53
C LEU C 136 35.07 1.74 -14.39
N ALA C 137 35.22 1.62 -15.70
CA ALA C 137 34.09 1.64 -16.64
C ALA C 137 33.78 0.26 -17.21
N HIS C 138 34.29 -0.81 -16.59
CA HIS C 138 34.18 -2.14 -17.16
C HIS C 138 32.79 -2.75 -17.03
N ASP C 139 31.84 -2.13 -16.36
CA ASP C 139 30.52 -2.70 -16.26
C ASP C 139 29.51 -1.70 -16.58
N ILE C 140 29.89 -0.65 -17.24
CA ILE C 140 29.02 0.50 -17.44
C ILE C 140 27.86 0.23 -18.37
N GLY C 141 27.90 -0.83 -19.16
CA GLY C 141 26.82 -1.19 -20.06
C GLY C 141 25.85 -2.23 -19.55
N ASN C 142 25.97 -2.65 -18.30
CA ASN C 142 25.09 -3.70 -17.79
C ASN C 142 23.67 -3.16 -17.61
N PRO C 143 22.65 -3.98 -17.89
CA PRO C 143 21.28 -3.54 -17.71
C PRO C 143 20.82 -3.76 -16.28
N PRO C 144 19.65 -3.24 -15.91
CA PRO C 144 19.10 -3.56 -14.60
C PRO C 144 18.84 -5.05 -14.45
N PHE C 145 18.96 -5.52 -13.20
CA PHE C 145 18.74 -6.91 -12.77
C PHE C 145 19.85 -7.86 -13.20
N GLY C 146 20.88 -7.36 -13.88
CA GLY C 146 22.09 -8.15 -14.08
C GLY C 146 21.95 -9.24 -15.12
N ALA C 147 22.47 -10.42 -14.77
CA ALA C 147 22.49 -11.55 -15.70
C ALA C 147 21.08 -11.95 -16.12
N SER C 148 20.16 -12.01 -15.16
CA SER C 148 18.77 -12.27 -15.49
C SER C 148 18.21 -11.20 -16.42
N GLY C 149 18.63 -9.96 -16.26
CA GLY C 149 18.17 -8.91 -17.15
C GLY C 149 18.64 -9.12 -18.59
N GLU C 150 19.92 -9.44 -18.76
CA GLU C 150 20.43 -9.72 -20.11
C GLU C 150 19.72 -10.91 -20.72
N LYS C 151 19.51 -11.97 -19.94
CA LYS C 151 18.83 -13.14 -20.47
C LYS C 151 17.38 -12.84 -20.82
N ALA C 152 16.72 -11.97 -20.06
CA ALA C 152 15.36 -11.58 -20.41
C ALA C 152 15.32 -10.79 -21.71
N ILE C 153 16.26 -9.85 -21.88
CA ILE C 153 16.31 -9.09 -23.12
C ILE C 153 16.53 -10.01 -24.30
N GLY C 154 17.40 -11.02 -24.14
CA GLY C 154 17.60 -11.98 -25.22
C GLY C 154 16.38 -12.83 -25.50
N GLU C 155 15.74 -13.33 -24.45
CA GLU C 155 14.58 -14.22 -24.63
C GLU C 155 13.40 -13.47 -25.24
N PHE C 156 13.32 -12.16 -25.05
CA PHE C 156 12.27 -11.38 -25.69
C PHE C 156 12.35 -11.48 -27.21
N PHE C 157 13.55 -11.31 -27.75
CA PHE C 157 13.73 -11.43 -29.20
C PHE C 157 13.72 -12.89 -29.65
N LYS C 158 14.09 -13.82 -28.77
CA LYS C 158 14.15 -15.21 -29.15
C LYS C 158 12.75 -15.84 -29.26
N ASN C 159 12.00 -15.85 -28.15
CA ASN C 159 10.71 -16.53 -28.08
C ASN C 159 9.52 -15.60 -27.88
N GLY C 160 9.71 -14.30 -27.85
CA GLY C 160 8.64 -13.36 -27.58
C GLY C 160 8.21 -12.59 -28.81
N TYR C 161 7.76 -11.34 -28.56
CA TYR C 161 7.26 -10.49 -29.63
C TYR C 161 8.35 -10.21 -30.67
N GLY C 162 9.56 -9.86 -30.21
CA GLY C 162 10.62 -9.46 -31.12
C GLY C 162 10.99 -10.52 -32.14
N LYS C 163 10.60 -11.78 -31.90
CA LYS C 163 10.85 -12.83 -32.86
C LYS C 163 10.30 -12.48 -34.23
N ARG C 164 9.23 -11.68 -34.30
CA ARG C 164 8.64 -11.35 -35.58
C ARG C 164 9.59 -10.58 -36.49
N TYR C 165 10.68 -10.04 -35.94
CA TYR C 165 11.63 -9.30 -36.76
C TYR C 165 12.71 -10.18 -37.39
N LYS C 166 12.71 -11.50 -37.10
CA LYS C 166 13.81 -12.35 -37.52
C LYS C 166 14.04 -12.28 -39.03
N ASP C 167 12.97 -12.16 -39.81
CA ASP C 167 13.09 -12.19 -41.26
C ASP C 167 13.55 -10.88 -41.86
N SER C 168 13.52 -9.79 -41.10
CA SER C 168 13.86 -8.48 -41.64
C SER C 168 15.30 -8.07 -41.37
N LEU C 169 16.09 -8.93 -40.73
CA LEU C 169 17.41 -8.55 -40.24
C LEU C 169 18.46 -9.52 -40.75
N THR C 170 19.70 -9.03 -40.83
CA THR C 170 20.83 -9.87 -41.16
C THR C 170 21.08 -10.87 -40.02
N ALA C 171 21.73 -11.98 -40.35
CA ALA C 171 21.95 -13.04 -39.37
C ALA C 171 22.78 -12.54 -38.19
N LYS C 172 23.84 -11.78 -38.45
CA LYS C 172 24.67 -11.27 -37.36
C LYS C 172 23.91 -10.25 -36.52
N GLU C 173 23.05 -9.44 -37.14
CA GLU C 173 22.24 -8.50 -36.37
C GLU C 173 21.26 -9.23 -35.46
N TYR C 174 20.61 -10.27 -35.97
CA TYR C 174 19.71 -11.06 -35.15
C TYR C 174 20.46 -11.74 -34.01
N GLN C 175 21.67 -12.23 -34.29
CA GLN C 175 22.51 -12.81 -33.24
C GLN C 175 22.85 -11.78 -32.18
N ASP C 176 23.15 -10.55 -32.60
CA ASP C 176 23.34 -9.46 -31.65
C ASP C 176 22.13 -9.31 -30.74
N LEU C 177 20.93 -9.33 -31.34
CA LEU C 177 19.73 -9.06 -30.57
C LEU C 177 19.32 -10.23 -29.67
N ILE C 178 19.72 -11.46 -30.00
CA ILE C 178 19.30 -12.61 -29.19
C ILE C 178 20.37 -13.08 -28.20
N LYS C 179 21.58 -12.53 -28.28
CA LYS C 179 22.64 -12.79 -27.30
C LYS C 179 23.17 -11.48 -26.75
N PHE C 180 22.24 -10.63 -26.31
CA PHE C 180 22.59 -9.29 -25.86
C PHE C 180 23.67 -9.34 -24.79
N GLU C 181 24.72 -8.57 -24.99
CA GLU C 181 25.89 -8.58 -24.12
C GLU C 181 26.09 -7.20 -23.50
N GLY C 182 26.48 -7.19 -22.22
CA GLY C 182 26.74 -5.94 -21.55
C GLY C 182 28.03 -5.27 -21.97
N ASN C 183 28.99 -6.07 -22.46
CA ASN C 183 30.25 -5.49 -22.92
C ASN C 183 30.06 -4.67 -24.19
N ALA C 184 29.29 -5.19 -25.14
CA ALA C 184 28.99 -4.43 -26.36
C ALA C 184 28.22 -3.16 -26.03
N ASN C 185 27.26 -3.23 -25.11
CA ASN C 185 26.55 -2.03 -24.70
C ASN C 185 27.45 -1.04 -24.00
N GLY C 186 28.42 -1.52 -23.23
CA GLY C 186 29.38 -0.62 -22.61
C GLY C 186 30.24 0.11 -23.62
N PHE C 187 30.70 -0.62 -24.65
CA PHE C 187 31.42 0.05 -25.74
C PHE C 187 30.54 1.08 -26.43
N LYS C 188 29.27 0.74 -26.65
CA LYS C 188 28.34 1.68 -27.27
C LYS C 188 28.18 2.94 -26.43
N VAL C 189 28.07 2.78 -25.11
CA VAL C 189 27.93 3.93 -24.21
C VAL C 189 29.20 4.78 -24.25
N LEU C 190 30.37 4.15 -24.22
CA LEU C 190 31.61 4.91 -24.18
C LEU C 190 31.85 5.68 -25.48
N SER C 191 31.48 5.10 -26.62
CA SER C 191 31.81 5.68 -27.91
C SER C 191 30.58 6.11 -28.68
N GLN C 192 29.62 6.74 -28.00
CA GLN C 192 28.36 7.12 -28.62
C GLN C 192 28.49 8.46 -29.33
N SER C 193 27.92 8.56 -30.51
CA SER C 193 27.90 9.80 -31.28
C SER C 193 26.53 10.44 -31.19
N LYS C 194 26.50 11.72 -30.87
CA LYS C 194 25.28 12.49 -30.70
C LYS C 194 25.38 13.76 -31.53
N PRO C 195 24.23 14.34 -31.92
CA PRO C 195 24.26 15.58 -32.71
C PRO C 195 24.94 16.71 -31.95
N GLY C 196 26.06 17.19 -32.51
CA GLY C 196 26.81 18.27 -31.93
C GLY C 196 28.00 17.85 -31.09
N ALA C 197 28.13 16.57 -30.76
CA ALA C 197 29.23 16.09 -29.93
C ALA C 197 29.58 14.68 -30.38
N GLN C 198 30.58 14.58 -31.26
CA GLN C 198 31.01 13.30 -31.79
C GLN C 198 32.04 12.65 -30.87
N GLY C 199 32.02 11.32 -30.85
CA GLY C 199 32.98 10.54 -30.11
C GLY C 199 32.58 10.16 -28.69
N GLY C 200 31.55 10.80 -28.14
CA GLY C 200 31.14 10.52 -26.78
C GLY C 200 32.11 11.06 -25.75
N LEU C 201 32.59 10.19 -24.86
CA LEU C 201 33.54 10.64 -23.85
C LEU C 201 34.93 10.90 -24.40
N ARG C 202 35.22 10.41 -25.61
CA ARG C 202 36.50 10.64 -26.28
C ARG C 202 37.68 10.19 -25.41
N LEU C 203 37.66 8.90 -25.07
CA LEU C 203 38.73 8.33 -24.28
C LEU C 203 39.94 7.99 -25.17
N SER C 204 41.07 7.75 -24.51
CA SER C 204 42.27 7.37 -25.22
C SER C 204 42.14 5.95 -25.78
N TYR C 205 42.96 5.65 -26.79
CA TYR C 205 42.85 4.35 -27.44
C TYR C 205 43.43 3.23 -26.59
N ALA C 206 44.43 3.53 -25.77
CA ALA C 206 44.96 2.52 -24.85
C ALA C 206 43.88 2.10 -23.85
N THR C 207 43.12 3.06 -23.33
CA THR C 207 42.04 2.74 -22.39
C THR C 207 40.96 1.90 -23.06
N LEU C 208 40.59 2.25 -24.30
CA LEU C 208 39.58 1.49 -25.01
C LEU C 208 40.06 0.08 -25.31
N GLY C 209 41.34 -0.08 -25.63
CA GLY C 209 41.88 -1.41 -25.83
C GLY C 209 41.90 -2.25 -24.56
N ALA C 210 42.32 -1.65 -23.44
CA ALA C 210 42.35 -2.36 -22.18
C ALA C 210 40.96 -2.67 -21.64
N PHE C 211 39.96 -1.89 -22.02
CA PHE C 211 38.57 -2.17 -21.67
C PHE C 211 38.00 -3.34 -22.47
N MET C 212 38.63 -3.70 -23.58
CA MET C 212 38.05 -4.60 -24.57
C MET C 212 38.57 -6.01 -24.33
N LYS C 213 37.67 -6.94 -24.00
CA LYS C 213 38.08 -8.29 -23.64
C LYS C 213 37.65 -9.38 -24.61
N TYR C 214 36.68 -9.12 -25.48
CA TYR C 214 36.26 -10.08 -26.51
C TYR C 214 36.26 -9.37 -27.87
N PRO C 215 37.42 -9.20 -28.49
CA PRO C 215 37.47 -8.48 -29.77
C PRO C 215 36.95 -9.31 -30.95
N LYS C 216 35.65 -9.54 -31.00
CA LYS C 216 35.06 -10.30 -32.11
C LYS C 216 33.58 -9.94 -32.23
N GLU C 217 32.99 -10.31 -33.36
CA GLU C 217 31.58 -10.11 -33.62
C GLU C 217 30.77 -11.24 -32.99
N SER C 218 29.46 -11.21 -33.21
CA SER C 218 28.59 -12.19 -32.57
C SER C 218 28.63 -13.55 -33.26
N LEU C 219 29.08 -13.60 -34.51
CA LEU C 219 29.20 -14.87 -35.22
C LEU C 219 30.61 -15.05 -35.76
N PRO C 220 31.15 -16.28 -35.78
CA PRO C 220 30.54 -17.52 -35.29
C PRO C 220 30.47 -17.62 -33.76
N HIS C 221 29.56 -18.44 -33.27
CA HIS C 221 29.28 -18.55 -31.85
C HIS C 221 30.21 -19.60 -31.23
N LYS C 222 31.11 -19.14 -30.36
CA LYS C 222 32.08 -19.97 -29.66
C LYS C 222 32.85 -20.87 -30.62
N PRO C 223 33.74 -20.30 -31.45
CA PRO C 223 34.49 -21.13 -32.40
C PRO C 223 35.43 -22.13 -31.73
N SER C 224 36.16 -21.68 -30.72
CA SER C 224 37.20 -22.50 -30.10
C SER C 224 37.06 -22.46 -28.58
N ASP C 225 38.03 -23.09 -27.91
CA ASP C 225 38.11 -23.11 -26.45
C ASP C 225 38.96 -21.99 -25.88
N HIS C 226 39.42 -21.07 -26.72
CA HIS C 226 40.20 -19.93 -26.28
C HIS C 226 39.33 -19.02 -25.40
N ILE C 227 39.99 -18.13 -24.66
CA ILE C 227 39.28 -17.31 -23.69
C ILE C 227 38.65 -16.05 -24.31
N ALA C 228 39.14 -15.61 -25.45
CA ALA C 228 38.61 -14.44 -26.13
C ALA C 228 37.46 -14.78 -27.07
N ASP C 229 36.87 -15.97 -26.94
CA ASP C 229 35.84 -16.44 -27.84
C ASP C 229 34.54 -16.81 -27.14
N LYS C 230 34.46 -16.65 -25.82
CA LYS C 230 33.27 -17.07 -25.10
C LYS C 230 32.07 -16.18 -25.43
N LYS C 231 32.31 -14.93 -25.81
CA LYS C 231 31.25 -13.97 -26.09
C LYS C 231 31.74 -13.03 -27.19
N TYR C 232 31.06 -11.90 -27.34
CA TYR C 232 31.45 -10.88 -28.31
C TYR C 232 31.48 -9.52 -27.62
N GLY C 233 32.16 -8.58 -28.27
CA GLY C 233 32.44 -7.31 -27.62
C GLY C 233 31.92 -6.04 -28.27
N PHE C 234 31.44 -6.10 -29.51
CA PHE C 234 30.87 -4.92 -30.12
C PHE C 234 29.73 -5.29 -31.05
N PHE C 235 28.83 -4.33 -31.26
CA PHE C 235 27.69 -4.49 -32.15
C PHE C 235 28.11 -4.25 -33.61
N GLN C 236 27.16 -4.44 -34.52
CA GLN C 236 27.44 -4.20 -35.94
C GLN C 236 27.48 -2.72 -36.25
N SER C 237 26.83 -1.89 -35.45
CA SER C 237 26.80 -0.46 -35.70
C SER C 237 28.08 0.25 -35.30
N GLU C 238 28.96 -0.40 -34.54
CA GLU C 238 30.22 0.19 -34.14
C GLU C 238 31.44 -0.62 -34.57
N ARG C 239 31.25 -1.67 -35.38
CA ARG C 239 32.38 -2.46 -35.86
C ARG C 239 33.45 -1.57 -36.47
N ALA C 240 33.04 -0.70 -37.39
CA ALA C 240 33.97 0.22 -38.04
C ALA C 240 34.80 0.96 -37.01
N LEU C 241 34.14 1.49 -35.97
CA LEU C 241 34.85 2.22 -34.94
C LEU C 241 35.97 1.37 -34.35
N PHE C 242 35.64 0.14 -33.93
CA PHE C 242 36.67 -0.69 -33.31
C PHE C 242 37.79 -0.98 -34.29
N GLU C 243 37.45 -1.14 -35.58
CA GLU C 243 38.48 -1.34 -36.58
C GLU C 243 39.55 -0.27 -36.47
N ASP C 244 39.12 1.00 -36.42
CA ASP C 244 40.07 2.09 -36.26
C ASP C 244 40.95 1.86 -35.04
N VAL C 245 40.33 1.61 -33.89
CA VAL C 245 41.10 1.35 -32.68
C VAL C 245 42.06 0.20 -32.91
N ALA C 246 41.55 -0.90 -33.48
CA ALA C 246 42.37 -2.09 -33.63
C ALA C 246 43.53 -1.86 -34.59
N GLN C 247 43.47 -0.87 -35.44
CA GLN C 247 44.57 -0.67 -36.33
C GLN C 247 45.58 0.32 -35.76
N GLU C 248 45.20 1.09 -34.74
CA GLU C 248 46.14 2.05 -34.18
C GLU C 248 47.04 1.40 -33.14
N LEU C 249 46.50 0.49 -32.35
CA LEU C 249 47.27 -0.17 -31.30
C LEU C 249 48.24 -1.19 -31.86
N GLY C 250 47.92 -1.79 -33.01
CA GLY C 250 48.75 -2.83 -33.55
C GLY C 250 48.39 -4.20 -33.02
N LEU C 251 47.11 -4.44 -32.81
CA LEU C 251 46.64 -5.74 -32.35
C LEU C 251 46.70 -6.77 -33.47
N LEU C 252 47.12 -7.99 -33.11
CA LEU C 252 47.25 -9.07 -34.09
C LEU C 252 45.88 -9.53 -34.54
N LYS C 253 45.78 -9.91 -35.81
CA LYS C 253 44.52 -10.35 -36.40
C LYS C 253 44.43 -11.87 -36.39
N ARG C 254 43.25 -12.38 -36.04
CA ARG C 254 43.02 -13.81 -35.93
C ARG C 254 42.02 -14.35 -36.95
N SER C 255 41.33 -13.49 -37.69
CA SER C 255 40.38 -13.95 -38.69
C SER C 255 40.09 -12.79 -39.64
N THR C 256 40.10 -13.09 -40.94
CA THR C 256 39.79 -12.09 -41.95
C THR C 256 38.91 -12.62 -43.07
N THR C 257 38.32 -13.82 -42.93
CA THR C 257 37.54 -14.41 -44.00
C THR C 257 36.31 -13.57 -44.33
N ASP C 258 35.36 -13.53 -43.40
CA ASP C 258 34.25 -12.58 -43.48
C ASP C 258 33.89 -12.00 -42.12
N ASP C 259 34.51 -12.47 -41.04
CA ASP C 259 34.21 -12.00 -39.69
C ASP C 259 35.53 -11.65 -39.02
N VAL C 260 35.64 -10.41 -38.56
CA VAL C 260 36.89 -9.91 -38.01
C VAL C 260 37.03 -10.36 -36.56
N SER C 261 38.27 -10.65 -36.15
CA SER C 261 38.56 -10.99 -34.77
C SER C 261 40.04 -10.77 -34.52
N TRP C 262 40.35 -9.92 -33.55
CA TRP C 262 41.72 -9.61 -33.17
C TRP C 262 42.05 -10.24 -31.83
N SER C 263 43.32 -10.16 -31.44
CA SER C 263 43.76 -10.67 -30.15
C SER C 263 43.61 -9.60 -29.08
N ARG C 264 43.80 -10.01 -27.83
CA ARG C 264 43.59 -9.15 -26.69
C ARG C 264 44.72 -8.15 -26.50
N HIS C 265 44.36 -6.95 -26.05
CA HIS C 265 45.33 -6.05 -25.46
C HIS C 265 45.90 -6.68 -24.20
N PRO C 266 47.22 -6.60 -23.97
CA PRO C 266 47.81 -7.30 -22.82
C PRO C 266 47.23 -6.90 -21.47
N LEU C 267 46.76 -5.66 -21.31
CA LEU C 267 46.26 -5.20 -20.01
C LEU C 267 44.83 -5.63 -19.73
N ALA C 268 44.10 -6.11 -20.74
CA ALA C 268 42.77 -6.67 -20.49
C ALA C 268 42.85 -7.89 -19.58
N TYR C 269 43.96 -8.63 -19.65
CA TYR C 269 44.19 -9.73 -18.72
C TYR C 269 44.20 -9.23 -17.28
N LEU C 270 44.91 -8.12 -17.02
CA LEU C 270 44.95 -7.57 -15.67
C LEU C 270 43.58 -7.07 -15.23
N VAL C 271 42.85 -6.42 -16.13
CA VAL C 271 41.50 -5.96 -15.78
C VAL C 271 40.63 -7.14 -15.36
N GLU C 272 40.66 -8.22 -16.15
CA GLU C 272 39.86 -9.39 -15.85
C GLU C 272 40.29 -10.05 -14.54
N ALA C 273 41.60 -10.11 -14.29
CA ALA C 273 42.09 -10.68 -13.04
C ALA C 273 41.58 -9.89 -11.83
N ALA C 274 41.63 -8.56 -11.92
CA ALA C 274 41.16 -7.74 -10.81
C ALA C 274 39.67 -7.95 -10.56
N ASP C 275 38.88 -7.97 -11.62
CA ASP C 275 37.44 -8.18 -11.51
C ASP C 275 37.13 -9.54 -10.87
N ASP C 276 37.84 -10.59 -11.29
CA ASP C 276 37.61 -11.93 -10.75
C ASP C 276 37.96 -12.00 -9.27
N ILE C 277 39.13 -11.49 -8.89
CA ILE C 277 39.54 -11.51 -7.48
C ILE C 277 38.49 -10.81 -6.63
N CYS C 278 38.11 -9.60 -7.04
CA CYS C 278 37.24 -8.79 -6.19
C CYS C 278 35.89 -9.46 -6.00
N TYR C 279 35.22 -9.85 -7.09
CA TYR C 279 33.87 -10.37 -6.88
C TYR C 279 33.93 -11.73 -6.19
N THR C 280 34.94 -12.56 -6.49
CA THR C 280 35.04 -13.86 -5.86
C THR C 280 35.15 -13.74 -4.33
N ILE C 281 35.94 -12.80 -3.83
CA ILE C 281 36.09 -12.70 -2.39
C ILE C 281 34.88 -11.97 -1.76
N ILE C 282 34.45 -10.86 -2.36
CA ILE C 282 33.44 -10.04 -1.70
C ILE C 282 32.08 -10.73 -1.69
N ASP C 283 31.75 -11.54 -2.71
CA ASP C 283 30.48 -12.26 -2.67
C ASP C 283 30.42 -13.20 -1.48
N PHE C 284 31.51 -13.92 -1.22
CA PHE C 284 31.60 -14.79 -0.05
C PHE C 284 31.43 -13.99 1.24
N GLU C 285 32.15 -12.86 1.35
CA GLU C 285 32.05 -12.08 2.58
C GLU C 285 30.64 -11.58 2.82
N ASP C 286 29.98 -11.07 1.78
CA ASP C 286 28.61 -10.58 1.93
C ASP C 286 27.64 -11.70 2.26
N GLY C 287 27.81 -12.87 1.65
CA GLY C 287 26.95 -13.99 1.99
C GLY C 287 27.12 -14.43 3.43
N ILE C 288 28.34 -14.37 3.95
CA ILE C 288 28.55 -14.69 5.36
C ILE C 288 27.88 -13.65 6.25
N ASN C 289 28.00 -12.37 5.89
CA ASN C 289 27.40 -11.32 6.71
C ASN C 289 25.87 -11.36 6.67
N LEU C 290 25.28 -11.82 5.57
CA LEU C 290 23.83 -11.84 5.45
C LEU C 290 23.17 -12.93 6.30
N GLY C 291 23.87 -14.01 6.59
CA GLY C 291 23.28 -15.12 7.29
C GLY C 291 23.04 -16.36 6.46
N LEU C 292 23.64 -16.46 5.28
CA LEU C 292 23.44 -17.60 4.41
C LEU C 292 24.60 -18.59 4.42
N ILE C 293 25.78 -18.19 4.87
CA ILE C 293 26.93 -19.08 4.96
C ILE C 293 27.51 -19.01 6.38
N PRO C 294 27.72 -20.14 7.04
CA PRO C 294 28.36 -20.12 8.36
C PRO C 294 29.83 -19.73 8.27
N GLU C 295 30.35 -19.24 9.39
CA GLU C 295 31.73 -18.74 9.46
C GLU C 295 32.76 -19.86 9.49
N GLU C 296 32.36 -21.08 9.87
CA GLU C 296 33.28 -22.21 9.83
C GLU C 296 33.84 -22.40 8.42
N TYR C 297 32.98 -22.29 7.41
CA TYR C 297 33.45 -22.33 6.03
C TYR C 297 34.38 -21.15 5.74
N ALA C 298 34.11 -19.99 6.33
CA ALA C 298 34.95 -18.83 6.10
C ALA C 298 36.38 -19.09 6.53
N LEU C 299 36.57 -19.74 7.69
CA LEU C 299 37.93 -20.08 8.09
C LEU C 299 38.49 -21.25 7.28
N GLU C 300 37.65 -22.26 7.01
CA GLU C 300 38.14 -23.49 6.39
C GLU C 300 38.64 -23.23 4.96
N TYR C 301 37.92 -22.43 4.18
CA TYR C 301 38.27 -22.22 2.78
C TYR C 301 39.30 -21.11 2.59
N MET C 302 39.70 -20.40 3.65
CA MET C 302 40.65 -19.32 3.53
C MET C 302 41.90 -19.49 4.37
N VAL C 303 41.99 -20.54 5.21
CA VAL C 303 43.18 -20.75 6.01
C VAL C 303 44.42 -20.88 5.14
N LYS C 304 44.31 -21.59 4.01
CA LYS C 304 45.45 -21.73 3.11
C LYS C 304 45.82 -20.40 2.48
N LEU C 305 44.82 -19.60 2.08
CA LEU C 305 45.09 -18.33 1.43
C LEU C 305 45.78 -17.35 2.36
N VAL C 306 45.33 -17.27 3.61
CA VAL C 306 45.82 -16.24 4.53
C VAL C 306 46.93 -16.74 5.44
N GLY C 307 47.41 -17.98 5.27
CA GLY C 307 48.33 -18.56 6.21
C GLY C 307 49.71 -17.92 6.24
N GLN C 308 50.13 -17.30 5.14
CA GLN C 308 51.50 -16.80 5.05
C GLN C 308 51.70 -15.45 5.73
N THR C 309 50.62 -14.74 6.08
CA THR C 309 50.77 -13.42 6.66
C THR C 309 49.84 -13.16 7.84
N ILE C 310 49.15 -14.18 8.35
CA ILE C 310 48.18 -13.99 9.41
C ILE C 310 48.89 -13.90 10.76
N ASP C 311 48.46 -12.97 11.59
CA ASP C 311 48.97 -12.82 12.94
C ASP C 311 47.83 -13.35 13.76
N ARG C 312 48.01 -14.51 14.36
CA ARG C 312 46.92 -15.12 15.12
C ARG C 312 46.43 -14.28 16.29
N ASN C 313 47.34 -13.59 16.96
CA ASN C 313 46.96 -12.73 18.08
C ASN C 313 45.80 -11.78 17.74
N LYS C 314 45.95 -11.03 16.65
CA LYS C 314 44.93 -10.09 16.18
C LYS C 314 43.64 -10.81 15.84
N TYR C 315 43.73 -11.99 15.22
CA TYR C 315 42.54 -12.74 14.85
C TYR C 315 41.78 -13.19 16.09
N ASN C 316 42.50 -13.61 17.13
CA ASN C 316 41.86 -14.08 18.35
C ASN C 316 41.37 -12.96 19.25
N ALA C 317 41.87 -11.73 19.05
CA ALA C 317 41.40 -10.61 19.84
C ALA C 317 40.02 -10.12 19.40
N LEU C 318 39.70 -10.22 18.11
CA LEU C 318 38.45 -9.71 17.59
C LEU C 318 37.27 -10.51 18.14
N GLN C 319 36.13 -9.82 18.28
CA GLN C 319 34.96 -10.41 18.94
C GLN C 319 33.70 -10.38 18.08
N GLU C 320 33.82 -10.05 16.81
CA GLU C 320 32.66 -10.03 15.91
C GLU C 320 33.01 -10.74 14.61
N THR C 321 31.99 -11.30 13.96
CA THR C 321 32.19 -11.98 12.69
C THR C 321 32.66 -11.02 11.61
N SER C 322 32.12 -9.79 11.62
CA SER C 322 32.46 -8.82 10.58
C SER C 322 33.94 -8.50 10.59
N ASP C 323 34.52 -8.26 11.77
CA ASP C 323 35.94 -7.93 11.85
C ASP C 323 36.80 -9.08 11.35
N ARG C 324 36.44 -10.30 11.70
CA ARG C 324 37.22 -11.46 11.29
C ARG C 324 37.18 -11.65 9.77
N VAL C 325 35.99 -11.57 9.18
CA VAL C 325 35.88 -11.77 7.74
C VAL C 325 36.56 -10.64 6.99
N SER C 326 36.49 -9.41 7.52
CA SER C 326 37.19 -8.30 6.88
C SER C 326 38.70 -8.51 6.90
N TYR C 327 39.24 -8.96 8.04
CA TYR C 327 40.66 -9.26 8.12
C TYR C 327 41.06 -10.33 7.10
N LEU C 328 40.28 -11.41 7.02
CA LEU C 328 40.61 -12.49 6.10
C LEU C 328 40.56 -12.01 4.65
N ARG C 329 39.56 -11.20 4.30
CA ARG C 329 39.46 -10.67 2.95
C ARG C 329 40.66 -9.79 2.61
N ALA C 330 41.05 -8.91 3.54
CA ALA C 330 42.18 -8.03 3.30
C ALA C 330 43.47 -8.82 3.09
N LEU C 331 43.63 -9.94 3.79
CA LEU C 331 44.83 -10.75 3.57
C LEU C 331 44.77 -11.48 2.24
N ALA C 332 43.61 -12.05 1.90
CA ALA C 332 43.48 -12.85 0.68
C ALA C 332 43.72 -12.00 -0.57
N ILE C 333 43.20 -10.78 -0.58
CA ILE C 333 43.39 -9.93 -1.76
C ILE C 333 44.87 -9.63 -1.97
N GLY C 334 45.59 -9.32 -0.88
CA GLY C 334 47.01 -9.05 -0.99
C GLY C 334 47.80 -10.24 -1.50
N THR C 335 47.44 -11.45 -1.08
CA THR C 335 48.12 -12.63 -1.60
C THR C 335 47.87 -12.81 -3.10
N LEU C 336 46.59 -12.73 -3.50
CA LEU C 336 46.23 -13.02 -4.89
C LEU C 336 46.83 -12.02 -5.85
N ILE C 337 46.96 -10.75 -5.44
CA ILE C 337 47.53 -9.74 -6.34
C ILE C 337 48.95 -10.10 -6.74
N ASN C 338 49.78 -10.44 -5.75
CA ASN C 338 51.17 -10.80 -6.03
C ASN C 338 51.26 -12.06 -6.88
N GLU C 339 50.42 -13.05 -6.59
CA GLU C 339 50.43 -14.25 -7.43
C GLU C 339 50.11 -13.92 -8.89
N SER C 340 49.11 -13.04 -9.11
CA SER C 340 48.75 -12.67 -10.47
C SER C 340 49.89 -11.96 -11.18
N VAL C 341 50.60 -11.08 -10.47
CA VAL C 341 51.74 -10.38 -11.09
C VAL C 341 52.81 -11.38 -11.51
N ASP C 342 53.11 -12.35 -10.63
CA ASP C 342 54.09 -13.37 -10.99
C ASP C 342 53.68 -14.14 -12.23
N THR C 343 52.40 -14.54 -12.32
CA THR C 343 51.93 -15.27 -13.49
C THR C 343 52.05 -14.44 -14.76
N PHE C 344 51.68 -13.16 -14.68
CA PHE C 344 51.77 -12.30 -15.86
C PHE C 344 53.20 -12.18 -16.35
N MET C 345 54.15 -11.97 -15.42
CA MET C 345 55.53 -11.85 -15.87
C MET C 345 56.12 -13.17 -16.31
N LYS C 346 55.57 -14.30 -15.87
CA LYS C 346 56.06 -15.58 -16.36
C LYS C 346 55.59 -15.85 -17.78
N TYR C 347 54.37 -15.42 -18.13
CA TYR C 347 53.83 -15.71 -19.46
C TYR C 347 53.75 -14.48 -20.36
N GLU C 348 54.48 -13.41 -20.04
CA GLU C 348 54.46 -12.19 -20.84
C GLU C 348 54.69 -12.44 -22.33
N GLU C 349 55.64 -13.29 -22.67
CA GLU C 349 55.97 -13.51 -24.08
C GLU C 349 54.79 -14.14 -24.82
N GLU C 350 54.18 -15.16 -24.23
CA GLU C 350 53.03 -15.80 -24.85
C GLU C 350 51.86 -14.82 -24.96
N ILE C 351 51.67 -13.99 -23.93
CA ILE C 351 50.56 -13.04 -23.97
C ILE C 351 50.77 -12.02 -25.09
N LEU C 352 52.00 -11.53 -25.24
CA LEU C 352 52.29 -10.59 -26.32
C LEU C 352 52.21 -11.26 -27.69
N ALA C 353 52.46 -12.56 -27.76
CA ALA C 353 52.34 -13.27 -29.04
C ALA C 353 50.92 -13.72 -29.34
N GLY C 354 49.99 -13.60 -28.39
CA GLY C 354 48.61 -13.99 -28.61
C GLY C 354 48.30 -15.46 -28.41
N THR C 355 49.24 -16.23 -27.88
CA THR C 355 49.08 -17.68 -27.76
C THR C 355 48.61 -18.12 -26.38
N PHE C 356 48.30 -17.19 -25.48
CA PHE C 356 47.93 -17.53 -24.12
C PHE C 356 46.41 -17.63 -24.03
N ASP C 357 45.90 -18.85 -23.81
CA ASP C 357 44.50 -19.16 -24.03
C ASP C 357 43.67 -19.23 -22.75
N GLN C 358 44.23 -18.85 -21.60
CA GLN C 358 43.47 -18.89 -20.35
C GLN C 358 43.50 -17.55 -19.64
N SER C 359 43.05 -17.53 -18.39
CA SER C 359 43.14 -16.35 -17.54
C SER C 359 44.25 -16.54 -16.51
N LEU C 360 44.75 -15.42 -15.98
CA LEU C 360 45.82 -15.47 -15.00
C LEU C 360 45.39 -16.18 -13.72
N ILE C 361 44.10 -16.12 -13.40
CA ILE C 361 43.61 -16.78 -12.19
C ILE C 361 43.64 -18.29 -12.34
N ASP C 362 43.29 -18.80 -13.52
CA ASP C 362 43.26 -20.24 -13.74
C ASP C 362 44.62 -20.89 -13.64
N LYS C 363 45.71 -20.13 -13.75
CA LYS C 363 47.06 -20.64 -13.63
C LYS C 363 47.64 -20.42 -12.24
N SER C 364 46.83 -20.49 -11.19
CA SER C 364 47.27 -20.20 -9.83
C SER C 364 47.24 -21.43 -8.96
N ASN C 365 47.99 -21.37 -7.85
CA ASN C 365 48.10 -22.47 -6.91
C ASN C 365 46.86 -22.65 -6.04
N TYR C 366 45.93 -21.69 -6.05
CA TYR C 366 44.77 -21.72 -5.17
C TYR C 366 43.47 -21.97 -5.95
N GLN C 367 43.55 -22.70 -7.06
CA GLN C 367 42.38 -22.90 -7.89
C GLN C 367 41.31 -23.73 -7.17
N ALA C 368 41.74 -24.71 -6.37
CA ALA C 368 40.77 -25.55 -5.68
C ALA C 368 39.96 -24.75 -4.66
N GLN C 369 40.63 -23.90 -3.89
CA GLN C 369 39.94 -23.09 -2.90
C GLN C 369 38.97 -22.12 -3.57
N ILE C 370 39.41 -21.50 -4.68
CA ILE C 370 38.54 -20.59 -5.41
C ILE C 370 37.32 -21.31 -5.94
N THR C 371 37.51 -22.51 -6.49
CA THR C 371 36.38 -23.27 -7.01
C THR C 371 35.42 -23.67 -5.90
N ASP C 372 35.94 -24.04 -4.73
CA ASP C 372 35.08 -24.38 -3.61
C ASP C 372 34.25 -23.17 -3.16
N ILE C 373 34.89 -22.00 -3.05
CA ILE C 373 34.16 -20.80 -2.66
C ILE C 373 33.10 -20.45 -3.68
N ILE C 374 33.42 -20.56 -4.96
CA ILE C 374 32.45 -20.24 -6.01
C ILE C 374 31.27 -21.20 -5.98
N ASN C 375 31.55 -22.50 -5.80
CA ASN C 375 30.45 -23.47 -5.74
C ASN C 375 29.55 -23.22 -4.54
N LEU C 376 30.15 -22.89 -3.40
CA LEU C 376 29.35 -22.56 -2.22
C LEU C 376 28.50 -21.31 -2.47
N SER C 377 29.07 -20.31 -3.14
CA SER C 377 28.31 -19.11 -3.46
C SER C 377 27.13 -19.42 -4.38
N ILE C 378 27.36 -20.27 -5.38
CA ILE C 378 26.28 -20.63 -6.31
C ILE C 378 25.17 -21.38 -5.57
N GLU C 379 25.54 -22.32 -4.70
CA GLU C 379 24.53 -23.12 -4.01
C GLU C 379 23.77 -22.30 -2.97
N ARG C 380 24.43 -21.34 -2.32
CA ARG C 380 23.86 -20.70 -1.15
C ARG C 380 23.33 -19.29 -1.39
N ILE C 381 23.81 -18.59 -2.40
CA ILE C 381 23.42 -17.19 -2.63
C ILE C 381 22.60 -17.04 -3.90
N TYR C 382 23.09 -17.57 -5.03
CA TYR C 382 22.40 -17.34 -6.29
C TYR C 382 21.05 -18.03 -6.33
N ASN C 383 20.91 -19.16 -5.65
CA ASN C 383 19.69 -19.94 -5.66
C ASN C 383 18.85 -19.75 -4.40
N SER C 384 19.09 -18.69 -3.64
CA SER C 384 18.24 -18.37 -2.51
C SER C 384 16.87 -17.92 -2.98
N ARG C 385 15.87 -18.06 -2.11
CA ARG C 385 14.50 -17.77 -2.51
C ARG C 385 14.30 -16.32 -2.90
N GLU C 386 14.88 -15.50 -2.02
CA GLU C 386 14.93 -14.05 -2.08
C GLU C 386 15.50 -13.62 -3.39
N VAL C 387 16.63 -14.19 -3.74
CA VAL C 387 17.26 -13.86 -5.00
C VAL C 387 16.41 -14.29 -6.16
N ILE C 388 15.79 -15.47 -6.08
CA ILE C 388 14.95 -16.00 -7.15
C ILE C 388 13.70 -15.22 -7.53
N GLU C 389 12.93 -14.83 -6.54
CA GLU C 389 11.72 -14.02 -6.68
C GLU C 389 12.02 -12.69 -7.36
N LYS C 390 13.11 -12.04 -6.96
CA LYS C 390 13.49 -10.78 -7.60
C LYS C 390 13.76 -10.96 -9.09
N GLU C 391 14.45 -12.05 -9.47
CA GLU C 391 14.75 -12.26 -10.89
C GLU C 391 13.48 -12.52 -11.70
N ILE C 392 12.53 -13.26 -11.14
CA ILE C 392 11.27 -13.48 -11.85
C ILE C 392 10.54 -12.16 -12.08
N ALA C 393 10.48 -11.33 -11.04
CA ALA C 393 9.86 -10.01 -11.20
C ALA C 393 10.59 -9.19 -12.27
N GLY C 394 11.92 -9.26 -12.29
CA GLY C 394 12.67 -8.53 -13.30
C GLY C 394 12.37 -9.00 -14.71
N TYR C 395 12.23 -10.30 -14.91
CA TYR C 395 11.81 -10.82 -16.20
C TYR C 395 10.49 -10.19 -16.64
N GLU C 396 9.50 -10.19 -15.74
CA GLU C 396 8.20 -9.60 -16.10
C GLU C 396 8.33 -8.13 -16.48
N ILE C 397 9.08 -7.36 -15.68
CA ILE C 397 9.19 -5.92 -15.90
C ILE C 397 9.86 -5.63 -17.24
N LEU C 398 10.98 -6.29 -17.51
CA LEU C 398 11.71 -6.02 -18.74
C LEU C 398 10.90 -6.41 -19.96
N SER C 399 10.21 -7.56 -19.90
CA SER C 399 9.38 -7.96 -21.03
C SER C 399 8.30 -6.93 -21.32
N THR C 400 7.64 -6.43 -20.26
CA THR C 400 6.59 -5.43 -20.47
C THR C 400 7.14 -4.17 -21.14
N LEU C 401 8.25 -3.64 -20.61
CA LEU C 401 8.76 -2.38 -21.15
C LEU C 401 9.23 -2.55 -22.60
N LEU C 402 9.92 -3.66 -22.89
CA LEU C 402 10.38 -3.88 -24.26
C LEU C 402 9.21 -4.03 -25.23
N GLU C 403 8.16 -4.75 -24.83
CA GLU C 403 7.01 -4.90 -25.71
C GLU C 403 6.34 -3.57 -25.97
N ALA C 404 6.22 -2.72 -24.94
CA ALA C 404 5.61 -1.41 -25.15
C ALA C 404 6.43 -0.58 -26.14
N ARG C 405 7.75 -0.54 -25.97
CA ARG C 405 8.58 0.24 -26.89
C ARG C 405 8.50 -0.30 -28.31
N CYS C 406 8.50 -1.63 -28.47
CA CYS C 406 8.47 -2.20 -29.81
C CYS C 406 7.14 -1.95 -30.50
N ARG C 407 6.04 -2.06 -29.77
CA ARG C 407 4.74 -1.76 -30.37
C ARG C 407 4.61 -0.28 -30.71
N ALA C 408 5.23 0.60 -29.92
CA ALA C 408 5.26 2.01 -30.29
C ALA C 408 6.06 2.21 -31.57
N LEU C 409 7.18 1.51 -31.71
CA LEU C 409 8.00 1.65 -32.91
C LEU C 409 7.27 1.15 -34.16
N ASP C 410 6.45 0.12 -34.04
CA ASP C 410 5.74 -0.38 -35.22
C ASP C 410 4.70 0.57 -35.84
N ASN C 411 3.56 0.76 -35.17
CA ASN C 411 2.47 1.59 -35.70
C ASN C 411 2.66 3.10 -35.94
N ASN C 412 3.24 3.78 -34.96
CA ASN C 412 3.53 5.21 -35.03
C ASN C 412 2.38 6.20 -35.27
N ASP C 413 1.26 5.73 -35.82
CA ASP C 413 0.13 6.63 -36.08
C ASP C 413 -0.91 6.73 -34.97
N THR C 414 -0.97 5.74 -34.10
CA THR C 414 -1.94 5.71 -32.99
C THR C 414 -1.67 6.76 -31.91
N HIS C 415 -2.73 7.23 -31.27
CA HIS C 415 -2.64 8.21 -30.18
C HIS C 415 -1.86 7.63 -29.00
N TYR C 416 -2.09 6.35 -28.73
CA TYR C 416 -1.41 5.66 -27.65
C TYR C 416 0.08 5.59 -27.92
N ASN C 417 0.43 5.36 -29.19
CA ASN C 417 1.83 5.28 -29.59
C ASN C 417 2.52 6.61 -29.37
N GLN C 418 1.82 7.70 -29.66
CA GLN C 418 2.35 9.05 -29.46
C GLN C 418 2.57 9.31 -27.97
N LEU C 419 1.65 8.84 -27.12
CA LEU C 419 1.78 9.00 -25.68
C LEU C 419 3.00 8.24 -25.16
N ILE C 420 3.16 6.99 -25.62
CA ILE C 420 4.28 6.17 -25.18
C ILE C 420 5.60 6.80 -25.62
N GLN C 421 5.64 7.37 -26.83
CA GLN C 421 6.84 8.06 -27.28
C GLN C 421 7.15 9.25 -26.40
N GLN C 422 6.15 10.06 -26.08
CA GLN C 422 6.38 11.22 -25.22
C GLN C 422 6.83 10.81 -23.83
N LEU C 423 6.38 9.67 -23.33
CA LEU C 423 6.75 9.27 -21.98
C LEU C 423 8.13 8.64 -21.93
N LEU C 424 8.39 7.63 -22.75
CA LEU C 424 9.60 6.81 -22.63
C LEU C 424 10.74 7.29 -23.53
N ALA C 425 10.56 8.35 -24.30
CA ALA C 425 11.61 8.85 -25.18
C ALA C 425 11.40 10.34 -25.41
N PRO C 426 12.06 11.20 -24.62
CA PRO C 426 11.84 12.65 -24.78
C PRO C 426 12.16 13.17 -26.17
N GLU C 431 15.76 9.64 -38.68
CA GLU C 431 15.75 8.66 -39.77
C GLU C 431 16.83 7.62 -39.49
N LYS C 432 16.41 6.38 -39.29
CA LYS C 432 17.32 5.28 -38.98
C LYS C 432 16.69 3.97 -39.42
N SER C 433 17.53 2.95 -39.57
CA SER C 433 17.08 1.65 -40.01
C SER C 433 16.38 0.90 -38.88
N LEU C 434 15.83 -0.26 -39.22
CA LEU C 434 15.16 -1.09 -38.21
C LEU C 434 16.14 -1.59 -37.15
N TYR C 435 17.32 -2.03 -37.58
CA TYR C 435 18.32 -2.53 -36.64
C TYR C 435 18.77 -1.43 -35.69
N GLU C 436 18.98 -0.22 -36.23
CA GLU C 436 19.38 0.90 -35.37
C GLU C 436 18.30 1.22 -34.36
N ASN C 437 17.03 1.20 -34.78
CA ASN C 437 15.95 1.48 -33.85
C ASN C 437 15.86 0.43 -32.75
N LEU C 438 16.00 -0.85 -33.11
CA LEU C 438 15.90 -1.91 -32.10
C LEU C 438 17.08 -1.86 -31.13
N ILE C 439 18.29 -1.60 -31.63
CA ILE C 439 19.43 -1.54 -30.72
C ILE C 439 19.34 -0.30 -29.84
N GLN C 440 18.78 0.80 -30.35
CA GLN C 440 18.57 1.98 -29.51
C GLN C 440 17.52 1.70 -28.44
N ILE C 441 16.48 0.94 -28.77
CA ILE C 441 15.48 0.57 -27.77
C ILE C 441 16.13 -0.25 -26.65
N CYS C 442 16.93 -1.26 -27.02
CA CYS C 442 17.61 -2.07 -26.03
C CYS C 442 18.60 -1.25 -25.20
N ALA C 443 19.21 -0.23 -25.81
CA ALA C 443 20.13 0.61 -25.05
C ALA C 443 19.39 1.53 -24.08
N GLU C 444 18.22 2.03 -24.48
CA GLU C 444 17.46 2.90 -23.60
C GLU C 444 16.83 2.14 -22.45
N VAL C 445 16.47 0.87 -22.66
CA VAL C 445 15.97 0.06 -21.56
C VAL C 445 17.07 -0.19 -20.52
N SER C 446 18.31 -0.34 -20.97
CA SER C 446 19.42 -0.69 -20.10
C SER C 446 20.02 0.51 -19.38
N THR C 447 19.53 1.72 -19.63
CA THR C 447 20.00 2.88 -18.87
C THR C 447 19.31 2.98 -17.51
N MET C 448 18.10 2.44 -17.40
CA MET C 448 17.32 2.55 -16.17
C MET C 448 17.96 1.76 -15.04
N THR C 449 17.73 2.23 -13.81
CA THR C 449 18.03 1.48 -12.62
C THR C 449 16.92 0.48 -12.33
N ASP C 450 17.05 -0.26 -11.23
CA ASP C 450 16.00 -1.20 -10.85
C ASP C 450 14.74 -0.45 -10.40
N GLY C 451 14.91 0.57 -9.55
CA GLY C 451 13.77 1.31 -9.05
C GLY C 451 13.04 2.07 -10.14
N LYS C 452 13.78 2.69 -11.05
CA LYS C 452 13.14 3.43 -12.14
C LYS C 452 12.38 2.49 -13.06
N ALA C 453 12.95 1.32 -13.36
CA ALA C 453 12.26 0.35 -14.19
C ALA C 453 10.97 -0.12 -13.51
N LEU C 454 11.02 -0.40 -12.21
CA LEU C 454 9.84 -0.83 -11.49
C LEU C 454 8.76 0.26 -11.47
N ARG C 455 9.18 1.52 -11.23
CA ARG C 455 8.23 2.62 -11.21
C ARG C 455 7.57 2.81 -12.58
N ASN C 456 8.36 2.72 -13.65
CA ASN C 456 7.79 2.83 -14.99
C ASN C 456 6.82 1.68 -15.27
N TYR C 457 7.16 0.47 -14.79
CA TYR C 457 6.27 -0.66 -14.99
C TYR C 457 4.91 -0.43 -14.31
N LYS C 458 4.94 0.05 -13.07
CA LYS C 458 3.67 0.34 -12.40
C LYS C 458 2.90 1.46 -13.09
N LYS C 459 3.60 2.50 -13.55
CA LYS C 459 2.89 3.58 -14.25
C LYS C 459 2.26 3.09 -15.54
N ILE C 460 2.94 2.21 -16.27
CA ILE C 460 2.34 1.60 -17.46
C ILE C 460 1.09 0.81 -17.07
N LYS C 461 1.18 0.04 -15.99
CA LYS C 461 0.00 -0.72 -15.53
C LYS C 461 -0.99 0.13 -14.75
N GLY C 462 -0.66 1.37 -14.41
CA GLY C 462 -1.56 2.18 -13.62
C GLY C 462 -1.78 1.68 -12.22
N LEU C 463 -0.72 1.21 -11.56
CA LEU C 463 -0.81 0.68 -10.20
C LEU C 463 -0.02 1.57 -9.24
N ASN D 25 56.65 24.22 10.29
CA ASN D 25 57.28 24.02 8.99
C ASN D 25 56.74 22.78 8.27
N TRP D 26 57.07 22.67 6.98
CA TRP D 26 56.44 21.67 6.12
C TRP D 26 56.94 20.25 6.35
N GLU D 27 58.10 20.08 6.98
CA GLU D 27 58.62 18.74 7.22
C GLU D 27 57.73 17.97 8.20
N HIS D 28 57.26 18.64 9.25
CA HIS D 28 56.42 17.98 10.24
C HIS D 28 54.97 17.87 9.82
N LEU D 29 54.55 18.64 8.81
CA LEU D 29 53.15 18.61 8.39
C LEU D 29 52.83 17.35 7.58
N LEU D 30 53.81 16.80 6.86
CA LEU D 30 53.60 15.60 6.05
C LEU D 30 54.09 14.36 6.79
N SER D 31 53.44 14.08 7.92
CA SER D 31 53.83 12.96 8.76
C SER D 31 53.20 11.67 8.29
N LEU D 32 53.98 10.59 8.34
CA LEU D 32 53.53 9.27 7.95
C LEU D 32 53.26 8.37 9.15
N LYS D 33 53.03 8.97 10.32
CA LYS D 33 52.83 8.21 11.54
C LYS D 33 51.40 7.70 11.64
N ARG D 34 51.25 6.54 12.28
CA ARG D 34 49.96 5.94 12.56
C ARG D 34 49.84 5.68 14.06
N GLN D 35 48.59 5.62 14.52
CA GLN D 35 48.35 5.44 15.95
C GLN D 35 48.91 4.12 16.44
N GLY D 36 49.59 4.16 17.58
CA GLY D 36 50.23 3.00 18.15
C GLY D 36 51.68 2.80 17.72
N ASP D 37 52.20 3.64 16.83
CA ASP D 37 53.56 3.48 16.36
C ASP D 37 54.56 3.86 17.43
N THR D 38 55.69 3.15 17.43
CA THR D 38 56.80 3.43 18.33
C THR D 38 58.01 4.00 17.61
N ALA D 39 58.36 3.43 16.46
CA ALA D 39 59.50 3.90 15.68
C ALA D 39 59.07 5.12 14.85
N LYS D 40 59.93 5.53 13.93
CA LYS D 40 59.68 6.67 13.06
C LYS D 40 59.68 6.19 11.61
N ARG D 41 58.56 6.36 10.93
CA ARG D 41 58.48 6.02 9.51
C ARG D 41 59.01 7.18 8.68
N LEU D 42 59.95 6.90 7.80
CA LEU D 42 60.56 7.92 6.95
C LEU D 42 60.11 7.75 5.52
N ARG D 43 60.06 8.87 4.80
CA ARG D 43 59.58 8.87 3.42
C ARG D 43 60.50 8.06 2.52
N ILE D 44 61.81 8.15 2.72
CA ILE D 44 62.77 7.45 1.87
C ILE D 44 62.80 5.95 2.12
N GLU D 45 62.15 5.47 3.18
CA GLU D 45 62.08 4.04 3.47
C GLU D 45 60.75 3.43 3.03
N GLN D 46 59.92 4.18 2.32
CA GLN D 46 58.63 3.69 1.87
C GLN D 46 58.76 2.86 0.58
N ASP D 47 57.75 2.06 0.32
CA ASP D 47 57.64 1.33 -0.94
C ASP D 47 56.92 2.22 -1.94
N ASP D 48 57.59 2.54 -3.04
CA ASP D 48 57.09 3.59 -3.93
C ASP D 48 55.86 3.14 -4.72
N THR D 49 55.65 1.83 -4.88
CA THR D 49 54.45 1.35 -5.52
C THR D 49 53.21 1.71 -4.71
N ARG D 50 53.29 1.58 -3.39
CA ARG D 50 52.15 1.83 -2.49
C ARG D 50 52.65 2.65 -1.30
N LEU D 51 52.47 3.97 -1.39
CA LEU D 51 52.80 4.83 -0.27
C LEU D 51 51.66 4.83 0.74
N GLY D 52 51.93 5.40 1.92
CA GLY D 52 50.96 5.36 3.00
C GLY D 52 49.64 6.05 2.70
N PHE D 53 49.70 7.15 1.94
CA PHE D 53 48.48 7.88 1.62
C PHE D 53 47.58 7.08 0.67
N GLU D 54 48.18 6.35 -0.28
CA GLU D 54 47.40 5.43 -1.09
C GLU D 54 46.81 4.31 -0.26
N VAL D 55 47.53 3.84 0.76
CA VAL D 55 46.97 2.85 1.67
C VAL D 55 45.75 3.42 2.41
N ASP D 56 45.83 4.69 2.79
CA ASP D 56 44.68 5.35 3.43
C ASP D 56 43.49 5.39 2.49
N TYR D 57 43.73 5.77 1.23
CA TYR D 57 42.69 5.78 0.21
C TYR D 57 42.03 4.41 0.09
N ASP D 58 42.85 3.35 -0.03
CA ASP D 58 42.31 2.00 -0.19
C ASP D 58 41.58 1.52 1.06
N ARG D 59 42.02 1.94 2.24
CA ARG D 59 41.33 1.54 3.46
C ARG D 59 39.97 2.22 3.57
N ILE D 60 39.86 3.47 3.12
CA ILE D 60 38.57 4.14 3.12
C ILE D 60 37.64 3.50 2.08
N ILE D 61 38.18 3.14 0.92
CA ILE D 61 37.34 2.60 -0.16
C ILE D 61 36.63 1.32 0.27
N PHE D 62 37.31 0.49 1.04
CA PHE D 62 36.85 -0.87 1.33
C PHE D 62 36.02 -0.97 2.61
N SER D 63 35.71 0.14 3.27
CA SER D 63 35.01 0.10 4.55
C SER D 63 33.51 0.29 4.37
N ALA D 64 32.77 -0.07 5.42
CA ALA D 64 31.30 0.01 5.45
C ALA D 64 30.78 1.43 5.65
N PRO D 65 31.41 2.27 6.50
CA PRO D 65 30.97 3.67 6.56
C PRO D 65 31.01 4.38 5.22
N PHE D 66 31.99 4.08 4.38
CA PHE D 66 32.04 4.69 3.06
C PHE D 66 30.91 4.17 2.17
N ARG D 67 30.59 2.90 2.29
CA ARG D 67 29.52 2.34 1.51
C ARG D 67 28.16 2.89 1.90
N SER D 68 27.94 3.17 3.17
CA SER D 68 26.65 3.71 3.59
C SER D 68 26.36 5.09 3.02
N LEU D 69 27.35 5.76 2.44
CA LEU D 69 27.14 7.06 1.81
C LEU D 69 26.31 6.97 0.54
N GLN D 70 26.07 5.77 0.02
CA GLN D 70 25.37 5.63 -1.25
C GLN D 70 23.89 5.99 -1.15
N ASP D 71 23.30 5.95 0.05
CA ASP D 71 21.89 6.25 0.22
C ASP D 71 21.73 7.30 1.33
N LYS D 72 22.51 8.36 1.24
CA LYS D 72 22.43 9.46 2.19
C LYS D 72 22.21 10.76 1.43
N THR D 73 21.49 11.68 2.07
CA THR D 73 21.01 12.88 1.40
C THR D 73 22.15 13.86 1.15
N GLN D 74 22.22 14.38 -0.08
CA GLN D 74 23.03 15.55 -0.39
C GLN D 74 22.21 16.83 -0.35
N VAL D 75 21.18 16.92 -1.19
CA VAL D 75 20.26 18.06 -1.18
C VAL D 75 18.82 17.55 -1.07
N ILE D 76 18.44 16.63 -1.94
CA ILE D 76 17.07 16.12 -2.01
C ILE D 76 17.00 14.78 -1.29
N PRO D 77 16.26 14.66 -0.20
CA PRO D 77 16.22 13.39 0.53
C PRO D 77 15.50 12.30 -0.23
N LEU D 78 15.89 11.06 0.05
CA LEU D 78 15.25 9.86 -0.50
C LEU D 78 15.22 9.89 -2.03
N SER D 79 16.40 10.02 -2.61
CA SER D 79 16.55 10.14 -4.07
C SER D 79 17.73 9.31 -4.55
N LYS D 80 17.82 8.07 -4.09
CA LYS D 80 18.90 7.18 -4.51
C LYS D 80 18.63 6.49 -5.85
N ASP D 82 17.26 8.29 -9.04
CA ASP D 82 17.17 9.41 -9.96
C ASP D 82 18.51 9.66 -10.65
N PHE D 83 18.69 10.88 -11.11
CA PHE D 83 19.95 11.30 -11.70
C PHE D 83 20.59 12.36 -10.80
N VAL D 84 20.07 12.53 -9.59
CA VAL D 84 20.59 13.48 -8.65
C VAL D 84 21.72 12.90 -7.84
N HIS D 85 22.52 13.73 -7.20
CA HIS D 85 23.69 13.29 -6.47
C HIS D 85 23.34 12.81 -5.08
N THR D 86 24.12 11.85 -4.59
CA THR D 86 24.16 11.43 -3.21
C THR D 86 25.49 11.87 -2.60
N ARG D 87 25.72 11.49 -1.34
CA ARG D 87 26.98 11.85 -0.69
C ARG D 87 28.16 11.13 -1.32
N LEU D 88 27.95 9.91 -1.81
CA LEU D 88 29.06 9.12 -2.35
C LEU D 88 29.61 9.73 -3.64
N THR D 89 28.74 10.06 -4.58
CA THR D 89 29.19 10.62 -5.86
C THR D 89 29.75 12.02 -5.68
N HIS D 90 29.15 12.81 -4.78
CA HIS D 90 29.72 14.10 -4.43
C HIS D 90 31.13 13.95 -3.87
N SER D 91 31.33 12.97 -3.00
CA SER D 91 32.66 12.74 -2.43
C SER D 91 33.66 12.35 -3.51
N LEU D 92 33.25 11.54 -4.48
CA LEU D 92 34.15 11.15 -5.56
C LEU D 92 34.57 12.37 -6.40
N GLU D 93 33.60 13.23 -6.74
CA GLU D 93 33.94 14.42 -7.51
C GLU D 93 34.88 15.34 -6.74
N VAL D 94 34.61 15.52 -5.44
CA VAL D 94 35.50 16.32 -4.61
C VAL D 94 36.89 15.71 -4.58
N SER D 95 36.97 14.38 -4.57
CA SER D 95 38.27 13.71 -4.58
C SER D 95 39.06 14.04 -5.85
N VAL D 96 38.39 14.03 -7.01
CA VAL D 96 39.08 14.33 -8.26
C VAL D 96 39.60 15.78 -8.24
N VAL D 97 38.73 16.72 -7.87
CA VAL D 97 39.14 18.13 -7.87
C VAL D 97 40.25 18.36 -6.85
N GLY D 98 40.17 17.71 -5.70
CA GLY D 98 41.20 17.86 -4.68
C GLY D 98 42.53 17.29 -5.11
N ARG D 99 42.52 16.15 -5.80
CA ARG D 99 43.76 15.58 -6.33
C ARG D 99 44.44 16.58 -7.26
N SER D 100 43.65 17.18 -8.16
CA SER D 100 44.22 18.15 -9.10
C SER D 100 44.83 19.35 -8.35
N LEU D 101 44.07 19.93 -7.41
CA LEU D 101 44.55 21.08 -6.65
C LEU D 101 45.82 20.74 -5.90
N GLY D 102 45.84 19.58 -5.24
CA GLY D 102 47.00 19.19 -4.48
C GLY D 102 48.23 19.01 -5.34
N ARG D 103 48.07 18.44 -6.53
CA ARG D 103 49.23 18.27 -7.41
C ARG D 103 49.81 19.61 -7.82
N MET D 104 48.95 20.56 -8.23
CA MET D 104 49.49 21.87 -8.62
C MET D 104 50.18 22.57 -7.45
N VAL D 105 49.53 22.60 -6.28
CA VAL D 105 50.10 23.30 -5.14
C VAL D 105 51.41 22.65 -4.70
N GLY D 106 51.46 21.31 -4.74
CA GLY D 106 52.68 20.64 -4.35
C GLY D 106 53.84 20.91 -5.30
N LYS D 107 53.56 20.96 -6.60
CA LYS D 107 54.61 21.29 -7.55
C LYS D 107 55.15 22.70 -7.29
N LYS D 108 54.26 23.66 -7.04
CA LYS D 108 54.71 25.01 -6.75
C LYS D 108 55.50 25.08 -5.44
N LEU D 109 55.07 24.32 -4.42
CA LEU D 109 55.78 24.33 -3.15
C LEU D 109 57.19 23.77 -3.28
N LEU D 110 57.32 22.58 -3.89
CA LEU D 110 58.67 22.04 -4.10
C LEU D 110 59.50 22.94 -5.01
N GLU D 111 58.86 23.71 -5.88
CA GLU D 111 59.61 24.77 -6.58
C GLU D 111 60.12 25.82 -5.59
N LYS D 112 59.29 26.21 -4.62
CA LYS D 112 59.69 27.24 -3.67
C LYS D 112 60.73 26.73 -2.68
N TYR D 113 60.52 25.53 -2.12
CA TYR D 113 61.45 24.94 -1.17
C TYR D 113 62.08 23.69 -1.78
N PRO D 114 63.28 23.77 -2.35
CA PRO D 114 63.87 22.58 -2.97
C PRO D 114 64.40 21.56 -1.97
N HIS D 115 64.61 21.96 -0.71
CA HIS D 115 65.20 21.04 0.25
C HIS D 115 64.27 19.88 0.56
N LEU D 116 62.96 20.08 0.47
CA LEU D 116 62.01 18.99 0.68
C LEU D 116 62.33 17.81 -0.21
N GLU D 117 62.29 18.02 -1.53
CA GLU D 117 62.60 16.94 -2.47
C GLU D 117 64.06 16.52 -2.38
N GLN D 118 64.97 17.48 -2.23
CA GLN D 118 66.39 17.17 -2.32
C GLN D 118 66.92 16.40 -1.11
N VAL D 119 66.22 16.43 0.03
CA VAL D 119 66.71 15.77 1.22
C VAL D 119 65.69 14.75 1.72
N TYR D 120 64.46 15.20 1.99
CA TYR D 120 63.48 14.32 2.59
C TYR D 120 62.93 13.31 1.59
N GLY D 121 62.85 13.69 0.32
CA GLY D 121 62.43 12.77 -0.72
C GLY D 121 60.95 12.80 -1.05
N TYR D 122 60.39 14.00 -1.11
CA TYR D 122 58.97 14.17 -1.39
C TYR D 122 58.75 14.51 -2.85
N LYS D 123 57.59 14.09 -3.37
CA LYS D 123 57.17 14.37 -4.73
C LYS D 123 55.79 15.03 -4.69
N PHE D 124 55.44 15.70 -5.78
CA PHE D 124 54.19 16.44 -5.82
C PHE D 124 52.97 15.52 -5.88
N ASN D 125 53.16 14.22 -6.08
CA ASN D 125 52.04 13.28 -6.01
C ASN D 125 51.61 13.03 -4.58
N ASP D 126 52.51 13.21 -3.62
CA ASP D 126 52.17 13.01 -2.22
C ASP D 126 51.10 14.00 -1.76
N PHE D 127 51.23 15.25 -2.17
CA PHE D 127 50.24 16.26 -1.80
C PHE D 127 48.87 15.90 -2.39
N GLY D 128 48.86 15.46 -3.65
CA GLY D 128 47.62 15.04 -4.27
C GLY D 128 46.99 13.86 -3.56
N ALA D 129 47.82 12.89 -3.16
CA ALA D 129 47.30 11.74 -2.43
C ALA D 129 46.71 12.16 -1.10
N ILE D 130 47.37 13.06 -0.38
CA ILE D 130 46.85 13.54 0.90
C ILE D 130 45.51 14.21 0.71
N VAL D 131 45.43 15.14 -0.26
CA VAL D 131 44.20 15.90 -0.42
C VAL D 131 43.08 15.00 -0.93
N ALA D 132 43.38 14.05 -1.81
CA ALA D 132 42.36 13.13 -2.30
C ALA D 132 41.83 12.25 -1.18
N ALA D 133 42.71 11.71 -0.34
CA ALA D 133 42.27 10.87 0.77
C ALA D 133 41.44 11.68 1.76
N ALA D 134 41.84 12.92 2.05
CA ALA D 134 41.07 13.75 2.97
C ALA D 134 39.72 14.12 2.40
N ALA D 135 39.65 14.44 1.11
CA ALA D 135 38.40 14.82 0.47
C ALA D 135 37.47 13.65 0.26
N LEU D 136 38.00 12.43 0.22
CA LEU D 136 37.14 11.26 0.04
C LEU D 136 36.31 10.98 1.28
N ALA D 137 36.85 11.21 2.47
CA ALA D 137 36.20 10.89 3.73
C ALA D 137 35.65 12.11 4.46
N HIS D 138 35.54 13.25 3.77
CA HIS D 138 35.18 14.50 4.43
C HIS D 138 33.71 14.60 4.82
N ASP D 139 32.86 13.66 4.48
CA ASP D 139 31.47 13.75 4.86
C ASP D 139 31.04 12.48 5.46
N ILE D 140 31.95 11.66 5.89
CA ILE D 140 31.64 10.31 6.31
C ILE D 140 30.85 10.22 7.60
N GLY D 141 30.80 11.30 8.38
CA GLY D 141 30.05 11.32 9.62
C GLY D 141 28.67 11.93 9.54
N ASN D 142 28.20 12.30 8.36
CA ASN D 142 26.91 12.96 8.25
C ASN D 142 25.78 11.97 8.53
N PRO D 143 24.72 12.41 9.19
CA PRO D 143 23.59 11.52 9.47
C PRO D 143 22.62 11.49 8.31
N PRO D 144 21.64 10.59 8.34
CA PRO D 144 20.59 10.62 7.31
C PRO D 144 19.82 11.93 7.35
N PHE D 145 19.34 12.34 6.18
CA PHE D 145 18.53 13.54 5.92
C PHE D 145 19.33 14.83 6.01
N GLY D 146 20.64 14.75 6.25
CA GLY D 146 21.50 15.91 6.07
C GLY D 146 21.37 16.95 7.17
N ALA D 147 21.31 18.22 6.73
CA ALA D 147 21.27 19.33 7.66
C ALA D 147 20.05 19.28 8.56
N SER D 148 18.89 18.95 7.99
CA SER D 148 17.70 18.76 8.80
C SER D 148 17.88 17.63 9.80
N GLY D 149 18.62 16.58 9.42
CA GLY D 149 18.88 15.51 10.36
C GLY D 149 19.71 15.94 11.54
N GLU D 150 20.79 16.69 11.28
CA GLU D 150 21.60 17.20 12.38
C GLU D 150 20.79 18.12 13.28
N LYS D 151 19.98 19.00 12.68
CA LYS D 151 19.17 19.91 13.49
C LYS D 151 18.14 19.16 14.31
N ALA D 152 17.58 18.07 13.77
CA ALA D 152 16.63 17.28 14.54
C ALA D 152 17.31 16.60 15.72
N ILE D 153 18.51 16.04 15.50
CA ILE D 153 19.24 15.41 16.59
C ILE D 153 19.52 16.43 17.69
N GLY D 154 19.90 17.65 17.30
CA GLY D 154 20.13 18.69 18.29
C GLY D 154 18.86 19.11 19.03
N GLU D 155 17.77 19.30 18.29
CA GLU D 155 16.53 19.74 18.92
C GLU D 155 15.94 18.70 19.86
N PHE D 156 16.26 17.42 19.62
CA PHE D 156 15.81 16.37 20.53
C PHE D 156 16.38 16.59 21.93
N PHE D 157 17.67 16.87 22.03
CA PHE D 157 18.29 17.13 23.32
C PHE D 157 17.94 18.51 23.83
N LYS D 158 17.65 19.46 22.94
CA LYS D 158 17.36 20.82 23.37
C LYS D 158 15.97 20.94 23.98
N ASN D 159 14.93 20.63 23.20
CA ASN D 159 13.55 20.84 23.62
C ASN D 159 12.73 19.56 23.79
N GLY D 160 13.33 18.40 23.62
CA GLY D 160 12.61 17.15 23.68
C GLY D 160 12.92 16.34 24.93
N TYR D 161 12.86 15.02 24.78
CA TYR D 161 13.09 14.11 25.90
C TYR D 161 14.48 14.27 26.48
N GLY D 162 15.50 14.32 25.62
CA GLY D 162 16.88 14.35 26.08
C GLY D 162 17.21 15.53 26.96
N LYS D 163 16.36 16.56 26.95
CA LYS D 163 16.55 17.71 27.83
C LYS D 163 16.66 17.28 29.29
N ARG D 164 16.01 16.18 29.65
CA ARG D 164 16.06 15.75 31.05
C ARG D 164 17.46 15.41 31.52
N TYR D 165 18.41 15.22 30.61
CA TYR D 165 19.77 14.89 30.99
C TYR D 165 20.63 16.13 31.26
N LYS D 166 20.09 17.33 31.07
CA LYS D 166 20.92 18.54 31.15
C LYS D 166 21.67 18.64 32.47
N ASP D 167 21.04 18.22 33.56
CA ASP D 167 21.63 18.38 34.88
C ASP D 167 22.69 17.35 35.21
N SER D 168 22.76 16.25 34.45
CA SER D 168 23.67 15.17 34.75
C SER D 168 24.99 15.26 33.97
N LEU D 169 25.17 16.29 33.16
CA LEU D 169 26.28 16.34 32.22
C LEU D 169 27.05 17.64 32.39
N THR D 170 28.33 17.60 32.02
CA THR D 170 29.16 18.79 31.98
C THR D 170 28.65 19.74 30.89
N ALA D 171 28.96 21.03 31.04
CA ALA D 171 28.46 22.03 30.11
C ALA D 171 28.95 21.76 28.69
N LYS D 172 30.22 21.42 28.53
CA LYS D 172 30.75 21.15 27.19
C LYS D 172 30.13 19.88 26.59
N GLU D 173 29.86 18.88 27.42
CA GLU D 173 29.20 17.67 26.92
C GLU D 173 27.79 17.97 26.46
N TYR D 174 27.04 18.77 27.23
CA TYR D 174 25.70 19.15 26.81
C TYR D 174 25.75 19.98 25.53
N GLN D 175 26.74 20.86 25.40
CA GLN D 175 26.92 21.62 24.16
C GLN D 175 27.20 20.70 22.98
N ASP D 176 28.01 19.66 23.20
CA ASP D 176 28.21 18.65 22.18
C ASP D 176 26.89 18.05 21.74
N LEU D 177 26.04 17.70 22.71
CA LEU D 177 24.81 17.00 22.39
C LEU D 177 23.75 17.90 21.76
N ILE D 178 23.79 19.21 22.00
CA ILE D 178 22.78 20.11 21.47
C ILE D 178 23.21 20.83 20.20
N LYS D 179 24.48 20.74 19.81
CA LYS D 179 24.98 21.28 18.56
C LYS D 179 25.70 20.19 17.78
N PHE D 180 25.02 19.05 17.62
CA PHE D 180 25.61 17.88 17.00
C PHE D 180 26.18 18.22 15.63
N GLU D 181 27.44 17.86 15.41
CA GLU D 181 28.15 18.21 14.20
C GLU D 181 28.58 16.95 13.46
N GLY D 182 28.47 16.99 12.13
CA GLY D 182 28.88 15.85 11.33
C GLY D 182 30.39 15.69 11.25
N ASN D 183 31.14 16.78 11.43
CA ASN D 183 32.60 16.69 11.38
C ASN D 183 33.14 15.94 12.59
N ALA D 184 32.61 16.22 13.78
CA ALA D 184 33.03 15.48 14.96
C ALA D 184 32.68 14.01 14.85
N ASN D 185 31.49 13.70 14.32
CA ASN D 185 31.12 12.30 14.12
C ASN D 185 32.01 11.63 13.08
N GLY D 186 32.43 12.37 12.05
CA GLY D 186 33.37 11.81 11.09
C GLY D 186 34.70 11.47 11.70
N PHE D 187 35.22 12.36 12.55
CA PHE D 187 36.45 12.05 13.27
C PHE D 187 36.27 10.83 14.16
N LYS D 188 35.12 10.74 14.83
CA LYS D 188 34.83 9.57 15.68
C LYS D 188 34.81 8.29 14.86
N VAL D 189 34.21 8.32 13.67
CA VAL D 189 34.17 7.14 12.82
C VAL D 189 35.58 6.76 12.36
N LEU D 190 36.38 7.75 11.97
CA LEU D 190 37.71 7.44 11.45
C LEU D 190 38.63 6.89 12.54
N SER D 191 38.51 7.37 13.77
CA SER D 191 39.44 7.02 14.84
C SER D 191 38.76 6.25 15.96
N GLN D 192 37.90 5.30 15.60
CA GLN D 192 37.13 4.56 16.59
C GLN D 192 37.94 3.39 17.13
N SER D 193 37.88 3.17 18.44
CA SER D 193 38.54 2.05 19.08
C SER D 193 37.52 0.98 19.44
N LYS D 194 37.83 -0.26 19.06
CA LYS D 194 36.96 -1.40 19.28
C LYS D 194 37.74 -2.51 19.94
N PRO D 195 37.07 -3.41 20.66
CA PRO D 195 37.79 -4.52 21.33
C PRO D 195 38.51 -5.39 20.32
N GLY D 196 39.82 -5.44 20.42
CA GLY D 196 40.66 -6.25 19.55
C GLY D 196 41.26 -5.51 18.38
N ALA D 197 40.83 -4.28 18.11
CA ALA D 197 41.35 -3.51 16.98
C ALA D 197 41.35 -2.04 17.37
N GLN D 198 42.49 -1.55 17.85
CA GLN D 198 42.62 -0.17 18.28
C GLN D 198 42.99 0.73 17.11
N GLY D 199 42.51 1.98 17.16
CA GLY D 199 42.84 2.98 16.18
C GLY D 199 41.88 3.11 15.03
N GLY D 200 40.99 2.14 14.83
CA GLY D 200 40.07 2.19 13.71
C GLY D 200 40.75 1.93 12.39
N LEU D 201 40.58 2.85 11.43
CA LEU D 201 41.20 2.68 10.13
C LEU D 201 42.70 2.94 10.15
N ARG D 202 43.21 3.57 11.21
CA ARG D 202 44.64 3.83 11.39
C ARG D 202 45.23 4.59 10.20
N LEU D 203 44.66 5.77 9.95
CA LEU D 203 45.14 6.63 8.88
C LEU D 203 46.38 7.39 9.31
N SER D 204 47.07 7.97 8.33
CA SER D 204 48.25 8.77 8.60
C SER D 204 47.84 10.09 9.25
N TYR D 205 48.81 10.71 9.94
CA TYR D 205 48.51 11.94 10.67
C TYR D 205 48.34 13.13 9.73
N ALA D 206 49.05 13.14 8.60
CA ALA D 206 48.84 14.20 7.62
C ALA D 206 47.41 14.18 7.09
N THR D 207 46.89 12.99 6.80
CA THR D 207 45.52 12.87 6.31
C THR D 207 44.52 13.33 7.37
N LEU D 208 44.74 12.95 8.64
CA LEU D 208 43.84 13.39 9.70
C LEU D 208 43.88 14.89 9.89
N GLY D 209 45.07 15.50 9.76
CA GLY D 209 45.17 16.94 9.84
C GLY D 209 44.46 17.63 8.70
N ALA D 210 44.65 17.15 7.47
CA ALA D 210 44.00 17.76 6.31
C ALA D 210 42.49 17.55 6.32
N PHE D 211 42.00 16.50 6.97
CA PHE D 211 40.57 16.29 7.13
C PHE D 211 39.95 17.24 8.14
N MET D 212 40.77 17.85 8.99
CA MET D 212 40.30 18.56 10.18
C MET D 212 40.20 20.05 9.86
N LYS D 213 38.99 20.61 9.92
CA LYS D 213 38.77 21.99 9.52
C LYS D 213 38.36 22.93 10.65
N TYR D 214 37.90 22.42 11.79
CA TYR D 214 37.57 23.24 12.96
C TYR D 214 38.27 22.66 14.18
N PRO D 215 39.55 22.93 14.35
CA PRO D 215 40.29 22.36 15.49
C PRO D 215 39.96 23.02 16.82
N LYS D 216 38.76 22.81 17.34
CA LYS D 216 38.37 23.39 18.62
C LYS D 216 37.24 22.56 19.22
N GLU D 217 36.99 22.78 20.51
CA GLU D 217 35.90 22.15 21.23
C GLU D 217 34.60 22.90 20.98
N SER D 218 33.53 22.45 21.64
CA SER D 218 32.21 23.03 21.40
C SER D 218 32.04 24.37 22.11
N LEU D 219 32.85 24.65 23.14
CA LEU D 219 32.77 25.92 23.83
C LEU D 219 34.13 26.59 23.86
N PRO D 220 34.20 27.93 23.77
CA PRO D 220 33.08 28.87 23.59
C PRO D 220 32.47 28.84 22.21
N HIS D 221 31.21 29.28 22.10
CA HIS D 221 30.45 29.20 20.87
C HIS D 221 30.70 30.45 20.04
N LYS D 222 31.34 30.27 18.88
CA LYS D 222 31.68 31.34 17.94
C LYS D 222 32.38 32.49 18.63
N PRO D 223 33.63 32.31 19.07
CA PRO D 223 34.34 33.41 19.75
C PRO D 223 34.60 34.61 18.87
N SER D 224 35.04 34.38 17.64
CA SER D 224 35.46 35.46 16.74
C SER D 224 34.83 35.28 15.37
N ASP D 225 35.25 36.15 14.44
CA ASP D 225 34.80 36.12 13.05
C ASP D 225 35.73 35.31 12.16
N HIS D 226 36.73 34.65 12.73
CA HIS D 226 37.64 33.80 11.98
C HIS D 226 36.88 32.61 11.39
N ILE D 227 37.50 31.94 10.42
CA ILE D 227 36.82 30.87 9.71
C ILE D 227 36.90 29.53 10.42
N ALA D 228 37.88 29.33 11.30
CA ALA D 228 38.03 28.10 12.06
C ALA D 228 37.23 28.10 13.35
N ASP D 229 36.28 29.01 13.50
CA ASP D 229 35.52 29.16 14.73
C ASP D 229 34.02 29.03 14.54
N LYS D 230 33.55 28.77 13.32
CA LYS D 230 32.12 28.72 13.08
C LYS D 230 31.47 27.51 13.75
N LYS D 231 32.24 26.44 13.95
CA LYS D 231 31.72 25.20 14.52
C LYS D 231 32.84 24.54 15.32
N TYR D 232 32.68 23.26 15.63
CA TYR D 232 33.70 22.50 16.33
C TYR D 232 33.95 21.19 15.61
N GLY D 233 35.08 20.56 15.92
CA GLY D 233 35.53 19.43 15.14
C GLY D 233 35.73 18.09 15.85
N PHE D 234 35.71 18.07 17.18
CA PHE D 234 35.82 16.80 17.88
C PHE D 234 35.01 16.84 19.16
N PHE D 235 34.62 15.64 19.61
CA PHE D 235 33.87 15.47 20.85
C PHE D 235 34.82 15.47 22.05
N GLN D 236 34.24 15.38 23.25
CA GLN D 236 35.05 15.35 24.46
C GLN D 236 35.70 13.98 24.67
N SER D 237 35.12 12.94 24.08
CA SER D 237 35.66 11.59 24.23
C SER D 237 36.89 11.33 23.37
N GLU D 238 37.17 12.21 22.40
CA GLU D 238 38.34 12.05 21.55
C GLU D 238 39.29 13.23 21.58
N ARG D 239 39.05 14.21 22.47
CA ARG D 239 39.94 15.36 22.58
C ARG D 239 41.38 14.93 22.74
N ALA D 240 41.63 14.01 23.68
CA ALA D 240 42.98 13.51 23.91
C ALA D 240 43.60 13.02 22.61
N LEU D 241 42.85 12.23 21.84
CA LEU D 241 43.37 11.72 20.58
C LEU D 241 43.85 12.87 19.69
N PHE D 242 43.01 13.88 19.48
CA PHE D 242 43.41 14.97 18.61
C PHE D 242 44.64 15.68 19.15
N GLU D 243 44.73 15.79 20.48
CA GLU D 243 45.91 16.40 21.09
C GLU D 243 47.17 15.75 20.54
N ASP D 244 47.20 14.41 20.56
CA ASP D 244 48.35 13.68 20.02
C ASP D 244 48.62 14.12 18.60
N VAL D 245 47.59 14.08 17.75
CA VAL D 245 47.77 14.50 16.35
C VAL D 245 48.30 15.93 16.31
N ALA D 246 47.68 16.81 17.09
CA ALA D 246 48.06 18.21 17.03
C ALA D 246 49.49 18.45 17.50
N GLN D 247 50.05 17.55 18.27
CA GLN D 247 51.39 17.79 18.71
C GLN D 247 52.41 17.16 17.76
N GLU D 248 51.99 16.25 16.90
CA GLU D 248 52.94 15.62 15.99
C GLU D 248 53.16 16.47 14.74
N LEU D 249 52.10 17.10 14.24
CA LEU D 249 52.19 17.91 13.03
C LEU D 249 52.89 19.24 13.28
N GLY D 250 52.81 19.76 14.50
CA GLY D 250 53.38 21.06 14.79
C GLY D 250 52.42 22.19 14.50
N LEU D 251 51.14 21.97 14.76
CA LEU D 251 50.14 23.01 14.57
C LEU D 251 50.23 24.07 15.66
N LEU D 252 50.06 25.32 15.26
CA LEU D 252 50.15 26.44 16.19
C LEU D 252 48.95 26.45 17.12
N LYS D 253 49.17 26.85 18.37
CA LYS D 253 48.13 26.87 19.37
C LYS D 253 47.53 28.27 19.50
N ARG D 254 46.20 28.34 19.60
CA ARG D 254 45.49 29.61 19.67
C ARG D 254 44.78 29.83 21.00
N SER D 255 44.73 28.84 21.88
CA SER D 255 44.08 29.01 23.18
C SER D 255 44.54 27.89 24.09
N THR D 256 44.91 28.25 25.32
CA THR D 256 45.31 27.27 26.32
C THR D 256 44.75 27.54 27.70
N THR D 257 43.79 28.46 27.84
CA THR D 257 43.26 28.83 29.15
C THR D 257 42.59 27.64 29.82
N ASP D 258 41.44 27.23 29.30
CA ASP D 258 40.82 25.97 29.68
C ASP D 258 40.22 25.22 28.51
N ASP D 259 40.24 25.79 27.31
CA ASP D 259 39.68 25.19 26.12
C ASP D 259 40.72 25.25 25.01
N VAL D 260 41.06 24.10 24.47
CA VAL D 260 42.14 24.01 23.49
C VAL D 260 41.61 24.38 22.11
N SER D 261 42.46 25.05 21.32
CA SER D 261 42.13 25.39 19.95
C SER D 261 43.41 25.66 19.19
N TRP D 262 43.64 24.91 18.12
CA TRP D 262 44.81 25.04 17.28
C TRP D 262 44.42 25.67 15.94
N SER D 263 45.43 25.98 15.14
CA SER D 263 45.20 26.53 13.81
C SER D 263 45.06 25.41 12.78
N ARG D 264 44.66 25.79 11.57
CA ARG D 264 44.36 24.82 10.52
C ARG D 264 45.62 24.26 9.90
N HIS D 265 45.55 22.99 9.53
CA HIS D 265 46.51 22.43 8.59
C HIS D 265 46.36 23.15 7.25
N PRO D 266 47.46 23.49 6.58
CA PRO D 266 47.35 24.27 5.33
C PRO D 266 46.52 23.62 4.25
N LEU D 267 46.46 22.28 4.18
CA LEU D 267 45.73 21.61 3.11
C LEU D 267 44.23 21.51 3.38
N ALA D 268 43.78 21.78 4.60
CA ALA D 268 42.35 21.84 4.86
C ALA D 268 41.70 22.96 4.05
N TYR D 269 42.44 24.04 3.78
CA TYR D 269 41.95 25.08 2.90
C TYR D 269 41.64 24.54 1.51
N LEU D 270 42.53 23.71 0.96
CA LEU D 270 42.30 23.12 -0.35
C LEU D 270 41.11 22.17 -0.33
N VAL D 271 40.99 21.36 0.73
CA VAL D 271 39.84 20.45 0.85
C VAL D 271 38.53 21.25 0.82
N GLU D 272 38.48 22.33 1.61
CA GLU D 272 37.27 23.14 1.68
C GLU D 272 36.98 23.81 0.34
N ALA D 273 38.03 24.29 -0.34
CA ALA D 273 37.83 24.92 -1.64
C ALA D 273 37.23 23.94 -2.64
N ALA D 274 37.75 22.70 -2.66
CA ALA D 274 37.24 21.70 -3.58
C ALA D 274 35.77 21.39 -3.30
N ASP D 275 35.44 21.22 -2.02
CA ASP D 275 34.07 20.93 -1.63
C ASP D 275 33.12 22.06 -2.03
N ASP D 276 33.54 23.30 -1.83
CA ASP D 276 32.70 24.45 -2.17
C ASP D 276 32.46 24.55 -3.66
N ILE D 277 33.54 24.43 -4.46
CA ILE D 277 33.40 24.50 -5.91
C ILE D 277 32.42 23.45 -6.39
N CYS D 278 32.64 22.20 -5.96
CA CYS D 278 31.85 21.10 -6.50
C CYS D 278 30.37 21.26 -6.17
N TYR D 279 30.04 21.47 -4.90
CA TYR D 279 28.61 21.51 -4.60
C TYR D 279 27.96 22.75 -5.17
N THR D 280 28.68 23.89 -5.20
CA THR D 280 28.11 25.11 -5.75
C THR D 280 27.71 24.94 -7.21
N ILE D 281 28.56 24.29 -8.01
CA ILE D 281 28.22 24.14 -9.43
C ILE D 281 27.20 23.02 -9.65
N ILE D 282 27.40 21.87 -9.00
CA ILE D 282 26.55 20.72 -9.31
C ILE D 282 25.12 20.91 -8.81
N ASP D 283 24.92 21.63 -7.69
CA ASP D 283 23.55 21.87 -7.25
C ASP D 283 22.77 22.67 -8.29
N PHE D 284 23.41 23.69 -8.87
CA PHE D 284 22.78 24.46 -9.94
C PHE D 284 22.46 23.59 -11.14
N GLU D 285 23.43 22.76 -11.55
CA GLU D 285 23.19 21.91 -12.72
C GLU D 285 22.02 20.95 -12.49
N ASP D 286 21.96 20.32 -11.31
CA ASP D 286 20.89 19.39 -11.02
C ASP D 286 19.55 20.09 -10.93
N GLY D 287 19.52 21.29 -10.34
CA GLY D 287 18.27 22.04 -10.29
C GLY D 287 17.77 22.41 -11.68
N ILE D 288 18.68 22.73 -12.59
CA ILE D 288 18.28 23.02 -13.96
C ILE D 288 17.72 21.76 -14.63
N ASN D 289 18.38 20.62 -14.41
CA ASN D 289 17.92 19.38 -15.03
C ASN D 289 16.59 18.89 -14.47
N LEU D 290 16.30 19.20 -13.21
CA LEU D 290 15.06 18.74 -12.59
C LEU D 290 13.83 19.48 -13.09
N GLY D 291 13.98 20.73 -13.54
CA GLY D 291 12.84 21.54 -13.93
C GLY D 291 12.50 22.67 -12.99
N LEU D 292 13.41 23.04 -12.09
CA LEU D 292 13.15 24.10 -11.12
C LEU D 292 13.82 25.41 -11.48
N ILE D 293 14.85 25.40 -12.34
CA ILE D 293 15.52 26.62 -12.77
C ILE D 293 15.56 26.67 -14.29
N PRO D 294 15.13 27.76 -14.92
CA PRO D 294 15.26 27.87 -16.38
C PRO D 294 16.71 28.01 -16.82
N GLU D 295 16.94 27.64 -18.08
CA GLU D 295 18.29 27.63 -18.66
C GLU D 295 18.81 29.03 -18.97
N GLU D 296 17.92 30.02 -19.11
CA GLU D 296 18.36 31.39 -19.32
C GLU D 296 19.26 31.84 -18.19
N TYR D 297 18.90 31.51 -16.94
CA TYR D 297 19.78 31.79 -15.82
C TYR D 297 21.08 31.02 -15.93
N ALA D 298 21.03 29.80 -16.46
CA ALA D 298 22.25 29.00 -16.62
C ALA D 298 23.26 29.71 -17.49
N LEU D 299 22.81 30.30 -18.59
CA LEU D 299 23.74 31.05 -19.42
C LEU D 299 24.12 32.39 -18.78
N GLU D 300 23.14 33.08 -18.18
CA GLU D 300 23.39 34.43 -17.69
C GLU D 300 24.40 34.45 -16.55
N TYR D 301 24.29 33.51 -15.62
CA TYR D 301 25.16 33.51 -14.45
C TYR D 301 26.50 32.83 -14.68
N MET D 302 26.71 32.23 -15.85
CA MET D 302 27.96 31.53 -16.14
C MET D 302 28.71 32.07 -17.35
N VAL D 303 28.14 33.02 -18.09
CA VAL D 303 28.84 33.57 -19.25
C VAL D 303 30.20 34.16 -18.84
N LYS D 304 30.24 34.86 -17.71
CA LYS D 304 31.50 35.43 -17.25
C LYS D 304 32.50 34.34 -16.87
N LEU D 305 32.02 33.29 -16.20
CA LEU D 305 32.91 32.23 -15.76
C LEU D 305 33.53 31.48 -16.93
N VAL D 306 32.73 31.18 -17.96
CA VAL D 306 33.19 30.32 -19.05
C VAL D 306 33.68 31.10 -20.25
N GLY D 307 33.74 32.43 -20.17
CA GLY D 307 34.03 33.24 -21.34
C GLY D 307 35.44 33.09 -21.89
N GLN D 308 36.40 32.72 -21.04
CA GLN D 308 37.79 32.71 -21.46
C GLN D 308 38.19 31.46 -22.24
N THR D 309 37.36 30.42 -22.25
CA THR D 309 37.74 29.19 -22.92
C THR D 309 36.60 28.56 -23.72
N ILE D 310 35.48 29.25 -23.90
CA ILE D 310 34.32 28.67 -24.57
C ILE D 310 34.51 28.76 -26.08
N ASP D 311 34.16 27.67 -26.77
CA ASP D 311 34.20 27.63 -28.22
C ASP D 311 32.73 27.69 -28.56
N ARG D 312 32.28 28.81 -29.11
CA ARG D 312 30.87 28.97 -29.40
C ARG D 312 30.32 27.95 -30.39
N ASN D 313 31.12 27.55 -31.38
CA ASN D 313 30.69 26.56 -32.34
C ASN D 313 30.11 25.29 -31.70
N LYS D 314 30.86 24.71 -30.76
CA LYS D 314 30.45 23.52 -30.04
C LYS D 314 29.19 23.77 -29.22
N TYR D 315 29.11 24.95 -28.60
CA TYR D 315 27.93 25.28 -27.81
C TYR D 315 26.67 25.38 -28.67
N ASN D 316 26.81 25.94 -29.87
CA ASN D 316 25.66 26.09 -30.76
C ASN D 316 25.31 24.82 -31.50
N ALA D 317 26.23 23.85 -31.55
CA ALA D 317 25.91 22.58 -32.21
C ALA D 317 25.03 21.68 -31.35
N LEU D 318 25.16 21.76 -30.03
CA LEU D 318 24.41 20.88 -29.14
C LEU D 318 22.91 21.20 -29.19
N GLN D 319 22.09 20.17 -28.97
CA GLN D 319 20.65 20.28 -29.16
C GLN D 319 19.86 19.89 -27.92
N GLU D 320 20.50 19.71 -26.78
CA GLU D 320 19.80 19.36 -25.55
C GLU D 320 20.33 20.21 -24.40
N THR D 321 19.46 20.44 -23.41
CA THR D 321 19.84 21.23 -22.25
C THR D 321 20.95 20.55 -21.45
N SER D 322 20.89 19.22 -21.35
CA SER D 322 21.87 18.48 -20.57
C SER D 322 23.28 18.67 -21.10
N ASP D 323 23.45 18.58 -22.41
CA ASP D 323 24.78 18.73 -23.00
C ASP D 323 25.33 20.13 -22.75
N ARG D 324 24.48 21.15 -22.90
CA ARG D 324 24.91 22.52 -22.70
C ARG D 324 25.34 22.76 -21.26
N VAL D 325 24.52 22.33 -20.29
CA VAL D 325 24.85 22.58 -18.89
C VAL D 325 26.09 21.79 -18.50
N SER D 326 26.26 20.58 -19.05
CA SER D 326 27.47 19.81 -18.75
C SER D 326 28.71 20.50 -19.29
N TYR D 327 28.65 21.03 -20.51
CA TYR D 327 29.76 21.79 -21.06
C TYR D 327 30.10 22.99 -20.17
N LEU D 328 29.08 23.75 -19.77
CA LEU D 328 29.33 24.93 -18.95
C LEU D 328 29.95 24.56 -17.60
N ARG D 329 29.46 23.49 -16.98
CA ARG D 329 30.02 23.04 -15.71
C ARG D 329 31.48 22.63 -15.85
N ALA D 330 31.79 21.89 -16.93
CA ALA D 330 33.17 21.46 -17.14
C ALA D 330 34.11 22.63 -17.34
N LEU D 331 33.63 23.69 -17.99
CA LEU D 331 34.48 24.88 -18.14
C LEU D 331 34.65 25.63 -16.82
N ALA D 332 33.56 25.80 -16.08
CA ALA D 332 33.59 26.57 -14.84
C ALA D 332 34.52 25.94 -13.82
N ILE D 333 34.48 24.61 -13.68
CA ILE D 333 35.34 23.95 -12.70
C ILE D 333 36.80 24.18 -13.04
N GLY D 334 37.16 24.07 -14.33
CA GLY D 334 38.53 24.29 -14.73
C GLY D 334 39.01 25.70 -14.44
N THR D 335 38.14 26.70 -14.65
CA THR D 335 38.52 28.07 -14.31
C THR D 335 38.75 28.25 -12.81
N LEU D 336 37.80 27.78 -12.00
CA LEU D 336 37.87 28.00 -10.56
C LEU D 336 39.07 27.32 -9.93
N ILE D 337 39.47 26.15 -10.44
CA ILE D 337 40.61 25.44 -9.85
C ILE D 337 41.88 26.28 -9.94
N ASN D 338 42.14 26.82 -11.14
CA ASN D 338 43.34 27.64 -11.33
C ASN D 338 43.29 28.91 -10.49
N GLU D 339 42.12 29.54 -10.41
CA GLU D 339 42.02 30.72 -9.55
C GLU D 339 42.35 30.39 -8.09
N SER D 340 41.85 29.26 -7.61
CA SER D 340 42.12 28.87 -6.22
C SER D 340 43.61 28.62 -6.00
N VAL D 341 44.27 27.99 -6.96
CA VAL D 341 45.72 27.75 -6.82
C VAL D 341 46.46 29.08 -6.74
N ASP D 342 46.10 30.04 -7.59
CA ASP D 342 46.74 31.35 -7.54
C ASP D 342 46.56 32.01 -6.18
N THR D 343 45.33 31.96 -5.64
CA THR D 343 45.07 32.57 -4.34
C THR D 343 45.91 31.90 -3.24
N PHE D 344 45.97 30.57 -3.26
CA PHE D 344 46.74 29.86 -2.24
C PHE D 344 48.22 30.26 -2.29
N MET D 345 48.80 30.33 -3.48
CA MET D 345 50.21 30.69 -3.55
C MET D 345 50.44 32.17 -3.27
N LYS D 346 49.41 33.01 -3.42
CA LYS D 346 49.59 34.41 -3.06
C LYS D 346 49.57 34.60 -1.55
N TYR D 347 48.76 33.81 -0.83
CA TYR D 347 48.66 33.98 0.62
C TYR D 347 49.30 32.86 1.43
N GLU D 348 50.20 32.09 0.81
CA GLU D 348 50.86 30.97 1.49
C GLU D 348 51.49 31.37 2.82
N GLU D 349 52.16 32.53 2.86
CA GLU D 349 52.86 32.91 4.08
C GLU D 349 51.88 33.17 5.22
N GLU D 350 50.79 33.89 4.94
CA GLU D 350 49.78 34.13 5.96
C GLU D 350 49.11 32.84 6.39
N ILE D 351 48.88 31.92 5.46
CA ILE D 351 48.24 30.65 5.82
C ILE D 351 49.15 29.84 6.74
N LEU D 352 50.45 29.80 6.42
CA LEU D 352 51.38 29.08 7.27
C LEU D 352 51.56 29.77 8.62
N ALA D 353 51.37 31.08 8.69
CA ALA D 353 51.46 31.79 9.96
C ALA D 353 50.18 31.75 10.77
N GLY D 354 49.08 31.27 10.19
CA GLY D 354 47.81 31.19 10.90
C GLY D 354 46.98 32.45 10.90
N THR D 355 47.36 33.45 10.13
CA THR D 355 46.69 34.76 10.15
C THR D 355 45.65 34.93 9.05
N PHE D 356 45.39 33.89 8.26
CA PHE D 356 44.48 34.01 7.13
C PHE D 356 43.07 33.58 7.59
N ASP D 357 42.15 34.54 7.64
CA ASP D 357 40.88 34.39 8.34
C ASP D 357 39.70 34.09 7.43
N GLN D 358 39.92 33.85 6.14
CA GLN D 358 38.82 33.56 5.23
C GLN D 358 39.05 32.27 4.48
N SER D 359 38.23 32.02 3.46
CA SER D 359 38.41 30.89 2.56
C SER D 359 38.95 31.37 1.22
N LEU D 360 39.58 30.45 0.49
CA LEU D 360 40.17 30.80 -0.80
C LEU D 360 39.11 31.24 -1.81
N ILE D 361 37.89 30.74 -1.66
CA ILE D 361 36.82 31.11 -2.59
C ILE D 361 36.40 32.56 -2.37
N ASP D 362 36.33 32.99 -1.11
CA ASP D 362 35.89 34.35 -0.80
C ASP D 362 36.84 35.41 -1.33
N LYS D 363 38.08 35.05 -1.64
CA LYS D 363 39.05 35.99 -2.21
C LYS D 363 39.16 35.89 -3.72
N SER D 364 38.07 35.63 -4.41
CA SER D 364 38.09 35.40 -5.85
C SER D 364 37.34 36.51 -6.59
N ASN D 365 37.63 36.62 -7.89
CA ASN D 365 37.04 37.64 -8.74
C ASN D 365 35.59 37.34 -9.11
N TYR D 366 35.10 36.13 -8.85
CA TYR D 366 33.76 35.72 -9.26
C TYR D 366 32.81 35.55 -8.08
N GLN D 367 33.02 36.34 -7.02
CA GLN D 367 32.22 36.19 -5.81
C GLN D 367 30.76 36.56 -6.07
N ALA D 368 30.52 37.58 -6.90
CA ALA D 368 29.15 38.01 -7.17
C ALA D 368 28.37 36.93 -7.90
N GLN D 369 28.97 36.29 -8.90
CA GLN D 369 28.29 35.24 -9.64
C GLN D 369 28.00 34.04 -8.74
N ILE D 370 28.97 33.68 -7.89
CA ILE D 370 28.77 32.58 -6.96
C ILE D 370 27.64 32.88 -6.00
N THR D 371 27.59 34.11 -5.48
CA THR D 371 26.52 34.48 -4.55
C THR D 371 25.17 34.45 -5.24
N ASP D 372 25.10 34.92 -6.49
CA ASP D 372 23.84 34.86 -7.22
C ASP D 372 23.37 33.43 -7.42
N ILE D 373 24.29 32.54 -7.82
CA ILE D 373 23.91 31.14 -8.02
C ILE D 373 23.44 30.51 -6.72
N ILE D 374 24.14 30.80 -5.61
CA ILE D 374 23.76 30.25 -4.32
C ILE D 374 22.38 30.75 -3.89
N ASN D 375 22.13 32.05 -4.07
CA ASN D 375 20.83 32.60 -3.68
C ASN D 375 19.71 31.99 -4.51
N LEU D 376 19.94 31.80 -5.81
CA LEU D 376 18.95 31.15 -6.65
C LEU D 376 18.70 29.71 -6.21
N SER D 377 19.78 29.00 -5.84
CA SER D 377 19.62 27.63 -5.35
C SER D 377 18.81 27.59 -4.07
N ILE D 378 19.05 28.54 -3.15
CA ILE D 378 18.31 28.57 -1.90
C ILE D 378 16.84 28.85 -2.15
N GLU D 379 16.54 29.80 -3.04
CA GLU D 379 15.15 30.16 -3.28
C GLU D 379 14.41 29.08 -4.04
N ARG D 380 15.09 28.37 -4.95
CA ARG D 380 14.39 27.50 -5.89
C ARG D 380 14.47 26.01 -5.55
N ILE D 381 15.49 25.56 -4.81
CA ILE D 381 15.69 24.15 -4.55
C ILE D 381 15.46 23.81 -3.09
N TYR D 382 16.10 24.53 -2.18
CA TYR D 382 16.02 24.17 -0.76
C TYR D 382 14.61 24.37 -0.21
N ASN D 383 13.87 25.34 -0.74
CA ASN D 383 12.53 25.66 -0.26
C ASN D 383 11.44 25.13 -1.17
N SER D 384 11.75 24.16 -2.03
CA SER D 384 10.72 23.51 -2.82
C SER D 384 9.83 22.66 -1.91
N ARG D 385 8.60 22.40 -2.39
CA ARG D 385 7.62 21.70 -1.55
C ARG D 385 8.08 20.28 -1.21
N GLU D 386 8.57 19.66 -2.28
CA GLU D 386 9.11 18.32 -2.33
C GLU D 386 10.20 18.18 -1.32
N VAL D 387 11.13 19.12 -1.35
CA VAL D 387 12.22 19.11 -0.42
C VAL D 387 11.73 19.29 1.00
N ILE D 388 10.76 20.18 1.20
CA ILE D 388 10.22 20.48 2.53
C ILE D 388 9.53 19.33 3.27
N GLU D 389 8.64 18.65 2.58
CA GLU D 389 7.89 17.50 3.08
C GLU D 389 8.83 16.39 3.53
N LYS D 390 9.87 16.11 2.74
CA LYS D 390 10.84 15.09 3.13
C LYS D 390 11.55 15.45 4.44
N GLU D 391 11.91 16.73 4.63
CA GLU D 391 12.59 17.11 5.87
C GLU D 391 11.67 16.99 7.08
N ILE D 392 10.39 17.32 6.93
CA ILE D 392 9.46 17.16 8.05
C ILE D 392 9.35 15.68 8.43
N ALA D 393 9.21 14.81 7.43
CA ALA D 393 9.17 13.38 7.71
C ALA D 393 10.44 12.92 8.41
N GLY D 394 11.59 13.43 7.98
CA GLY D 394 12.85 13.06 8.61
C GLY D 394 12.92 13.47 10.08
N TYR D 395 12.42 14.68 10.38
CA TYR D 395 12.31 15.11 11.77
C TYR D 395 11.53 14.10 12.60
N GLU D 396 10.35 13.70 12.10
CA GLU D 396 9.53 12.74 12.85
C GLU D 396 10.28 11.42 13.07
N ILE D 397 10.92 10.90 12.01
CA ILE D 397 11.57 9.60 12.10
C ILE D 397 12.72 9.63 13.10
N LEU D 398 13.57 10.66 13.01
CA LEU D 398 14.73 10.71 13.89
C LEU D 398 14.30 10.89 15.35
N SER D 399 13.30 11.74 15.59
CA SER D 399 12.83 11.90 16.96
C SER D 399 12.32 10.59 17.54
N THR D 400 11.54 9.83 16.75
CA THR D 400 11.03 8.55 17.24
C THR D 400 12.16 7.60 17.61
N LEU D 401 13.13 7.42 16.69
CA LEU D 401 14.19 6.46 16.95
C LEU D 401 15.05 6.87 18.15
N LEU D 402 15.38 8.16 18.26
CA LEU D 402 16.18 8.61 19.39
C LEU D 402 15.43 8.41 20.70
N GLU D 403 14.13 8.72 20.74
CA GLU D 403 13.38 8.53 21.98
C GLU D 403 13.33 7.06 22.37
N ALA D 404 13.15 6.17 21.39
CA ALA D 404 13.14 4.74 21.72
C ALA D 404 14.47 4.29 22.31
N ARG D 405 15.59 4.69 21.69
CA ARG D 405 16.88 4.29 22.22
C ARG D 405 17.12 4.86 23.62
N CYS D 406 16.74 6.12 23.84
CA CYS D 406 16.98 6.73 25.14
C CYS D 406 16.14 6.08 26.24
N ARG D 407 14.88 5.78 25.94
CA ARG D 407 14.05 5.10 26.93
C ARG D 407 14.55 3.68 27.20
N ALA D 408 15.11 3.02 26.19
CA ALA D 408 15.74 1.72 26.44
C ALA D 408 16.95 1.87 27.35
N LEU D 409 17.75 2.92 27.15
CA LEU D 409 18.93 3.14 27.98
C LEU D 409 18.54 3.44 29.43
N ASP D 410 17.45 4.14 29.66
CA ASP D 410 17.06 4.44 31.04
C ASP D 410 16.68 3.24 31.93
N ASN D 411 15.51 2.63 31.68
CA ASN D 411 15.02 1.52 32.49
C ASN D 411 15.78 0.18 32.58
N ASN D 412 16.18 -0.33 31.42
CA ASN D 412 16.93 -1.58 31.28
C ASN D 412 16.34 -2.87 31.84
N ASP D 413 15.39 -2.78 32.77
CA ASP D 413 14.79 -3.98 33.36
C ASP D 413 13.53 -4.49 32.67
N THR D 414 12.84 -3.64 31.93
CA THR D 414 11.60 -4.00 31.24
C THR D 414 11.82 -4.96 30.06
N HIS D 415 10.82 -5.80 29.79
CA HIS D 415 10.86 -6.75 28.68
C HIS D 415 10.94 -6.02 27.34
N TYR D 416 10.21 -4.92 27.25
CA TYR D 416 10.21 -4.10 26.05
C TYR D 416 11.59 -3.53 25.79
N ASN D 417 12.25 -3.11 26.87
CA ASN D 417 13.59 -2.54 26.77
C ASN D 417 14.57 -3.57 26.24
N GLN D 418 14.42 -4.82 26.69
CA GLN D 418 15.26 -5.91 26.24
C GLN D 418 15.02 -6.18 24.75
N LEU D 419 13.77 -6.11 24.31
CA LEU D 419 13.46 -6.30 22.90
C LEU D 419 14.07 -5.21 22.03
N ILE D 420 13.96 -3.95 22.48
CA ILE D 420 14.53 -2.83 21.74
C ILE D 420 16.04 -2.96 21.65
N GLN D 421 16.67 -3.40 22.74
CA GLN D 421 18.11 -3.62 22.71
C GLN D 421 18.49 -4.70 21.70
N GLN D 422 17.76 -5.81 21.70
CA GLN D 422 18.06 -6.88 20.75
C GLN D 422 17.85 -6.43 19.30
N LEU D 423 16.90 -5.53 19.08
CA LEU D 423 16.61 -5.12 17.70
C LEU D 423 17.60 -4.07 17.21
N LEU D 424 17.77 -2.97 17.96
CA LEU D 424 18.52 -1.81 17.49
C LEU D 424 19.98 -1.83 17.90
N ALA D 425 20.45 -2.84 18.62
CA ALA D 425 21.85 -2.90 19.05
C ALA D 425 22.24 -4.36 19.24
N PRO D 426 22.82 -4.99 18.23
CA PRO D 426 23.18 -6.41 18.36
C PRO D 426 24.11 -6.71 19.53
N GLU D 431 30.39 -1.41 30.21
CA GLU D 431 30.44 -0.43 31.29
C GLU D 431 30.94 0.90 30.73
N LYS D 432 30.08 1.91 30.76
CA LYS D 432 30.41 3.23 30.23
C LYS D 432 29.57 4.28 30.94
N SER D 433 30.02 5.52 30.85
CA SER D 433 29.34 6.63 31.50
C SER D 433 28.09 7.02 30.71
N LEU D 434 27.33 7.96 31.29
CA LEU D 434 26.11 8.45 30.64
C LEU D 434 26.44 9.18 29.34
N TYR D 435 27.48 10.02 29.36
CA TYR D 435 27.86 10.76 28.17
C TYR D 435 28.30 9.82 27.06
N GLU D 436 29.07 8.79 27.40
CA GLU D 436 29.50 7.81 26.40
C GLU D 436 28.31 7.08 25.80
N ASN D 437 27.34 6.71 26.63
CA ASN D 437 26.15 6.02 26.12
C ASN D 437 25.35 6.92 25.19
N LEU D 438 25.17 8.19 25.56
CA LEU D 438 24.39 9.08 24.71
C LEU D 438 25.10 9.37 23.39
N ILE D 439 26.41 9.57 23.42
CA ILE D 439 27.13 9.84 22.18
C ILE D 439 27.16 8.58 21.31
N GLN D 440 27.22 7.39 21.91
CA GLN D 440 27.13 6.16 21.12
C GLN D 440 25.75 6.01 20.50
N ILE D 441 24.69 6.40 21.21
CA ILE D 441 23.35 6.35 20.64
C ILE D 441 23.26 7.26 19.43
N CYS D 442 23.75 8.50 19.56
CA CYS D 442 23.72 9.43 18.44
C CYS D 442 24.59 8.94 17.27
N ALA D 443 25.68 8.23 17.57
CA ALA D 443 26.51 7.70 16.49
C ALA D 443 25.84 6.53 15.79
N GLU D 444 25.12 5.69 16.53
CA GLU D 444 24.43 4.56 15.92
C GLU D 444 23.22 5.00 15.10
N VAL D 445 22.56 6.09 15.50
CA VAL D 445 21.47 6.60 14.68
C VAL D 445 21.99 7.13 13.36
N SER D 446 23.18 7.72 13.36
CA SER D 446 23.74 8.36 12.18
C SER D 446 24.42 7.39 11.22
N THR D 447 24.49 6.11 11.55
CA THR D 447 25.01 5.13 10.60
C THR D 447 23.98 4.73 9.57
N MET D 448 22.70 4.81 9.91
CA MET D 448 21.63 4.39 9.03
C MET D 448 21.53 5.27 7.78
N THR D 449 21.07 4.67 6.70
CA THR D 449 20.67 5.41 5.52
C THR D 449 19.26 5.95 5.69
N ASP D 450 18.76 6.62 4.66
CA ASP D 450 17.38 7.12 4.72
C ASP D 450 16.38 5.98 4.70
N GLY D 451 16.57 5.03 3.77
CA GLY D 451 15.64 3.92 3.65
C GLY D 451 15.63 3.03 4.89
N LYS D 452 16.81 2.74 5.44
CA LYS D 452 16.87 1.91 6.64
C LYS D 452 16.21 2.59 7.82
N ALA D 453 16.41 3.89 7.97
CA ALA D 453 15.76 4.64 9.05
C ALA D 453 14.25 4.60 8.90
N LEU D 454 13.76 4.80 7.67
CA LEU D 454 12.32 4.76 7.43
C LEU D 454 11.74 3.37 7.71
N ARG D 455 12.44 2.32 7.27
CA ARG D 455 11.98 0.96 7.51
C ARG D 455 11.93 0.64 9.00
N ASN D 456 12.96 1.06 9.75
CA ASN D 456 12.96 0.85 11.19
C ASN D 456 11.82 1.62 11.85
N TYR D 457 11.54 2.84 11.37
CA TYR D 457 10.45 3.62 11.92
C TYR D 457 9.12 2.91 11.75
N LYS D 458 8.87 2.39 10.54
CA LYS D 458 7.61 1.65 10.33
C LYS D 458 7.56 0.39 11.18
N LYS D 459 8.68 -0.34 11.31
CA LYS D 459 8.66 -1.54 12.13
C LYS D 459 8.38 -1.21 13.60
N ILE D 460 8.94 -0.11 14.11
CA ILE D 460 8.61 0.32 15.46
C ILE D 460 7.13 0.64 15.57
N LYS D 461 6.57 1.32 14.57
CA LYS D 461 5.14 1.61 14.59
C LYS D 461 4.27 0.43 14.15
N GLY D 462 4.86 -0.64 13.65
CA GLY D 462 4.07 -1.76 13.18
C GLY D 462 3.23 -1.44 11.96
N LEU D 463 3.78 -0.69 11.02
CA LEU D 463 3.05 -0.32 9.80
C LEU D 463 3.70 -0.93 8.58
N ASN E 25 -38.67 29.72 -39.01
CA ASN E 25 -38.97 30.93 -38.24
C ASN E 25 -38.92 30.68 -36.73
N TRP E 26 -38.93 31.77 -35.96
CA TRP E 26 -38.66 31.69 -34.54
C TRP E 26 -39.80 31.14 -33.72
N GLU E 27 -41.03 31.14 -34.26
CA GLU E 27 -42.16 30.62 -33.50
C GLU E 27 -42.03 29.12 -33.28
N HIS E 28 -41.59 28.38 -34.28
CA HIS E 28 -41.45 26.94 -34.16
C HIS E 28 -40.16 26.52 -33.45
N LEU E 29 -39.19 27.42 -33.33
CA LEU E 29 -37.92 27.07 -32.70
C LEU E 29 -38.05 26.99 -31.18
N LEU E 30 -38.95 27.76 -30.58
CA LEU E 30 -39.15 27.76 -29.14
C LEU E 30 -40.33 26.88 -28.76
N SER E 31 -40.21 25.59 -29.03
CA SER E 31 -41.28 24.65 -28.78
C SER E 31 -41.25 24.15 -27.36
N LEU E 32 -42.43 24.01 -26.76
CA LEU E 32 -42.59 23.52 -25.40
C LEU E 32 -43.10 22.09 -25.36
N LYS E 33 -42.92 21.35 -26.46
CA LYS E 33 -43.43 19.99 -26.55
C LYS E 33 -42.49 19.01 -25.84
N ARG E 34 -43.08 17.94 -25.31
CA ARG E 34 -42.34 16.86 -24.69
C ARG E 34 -42.74 15.55 -25.34
N GLN E 35 -41.86 14.55 -25.25
CA GLN E 35 -42.09 13.28 -25.90
C GLN E 35 -43.31 12.60 -25.32
N GLY E 36 -44.16 12.07 -26.21
CA GLY E 36 -45.41 11.45 -25.82
C GLY E 36 -46.60 12.37 -25.78
N ASP E 37 -46.42 13.66 -26.03
CA ASP E 37 -47.51 14.61 -25.97
C ASP E 37 -48.45 14.42 -27.16
N THR E 38 -49.74 14.67 -26.90
CA THR E 38 -50.77 14.62 -27.92
C THR E 38 -51.34 16.00 -28.24
N ALA E 39 -51.61 16.80 -27.22
CA ALA E 39 -52.13 18.14 -27.40
C ALA E 39 -50.99 19.10 -27.72
N LYS E 40 -51.28 20.39 -27.73
CA LYS E 40 -50.30 21.43 -28.01
C LYS E 40 -50.17 22.33 -26.79
N ARG E 41 -48.96 22.38 -26.23
CA ARG E 41 -48.69 23.29 -25.11
C ARG E 41 -48.38 24.68 -25.64
N LEU E 42 -49.09 25.68 -25.14
CA LEU E 42 -48.90 27.06 -25.56
C LEU E 42 -48.23 27.87 -24.47
N ARG E 43 -47.47 28.88 -24.90
CA ARG E 43 -46.72 29.70 -23.95
C ARG E 43 -47.65 30.48 -23.02
N ILE E 44 -48.76 31.00 -23.56
CA ILE E 44 -49.68 31.79 -22.76
C ILE E 44 -50.48 30.96 -21.77
N GLU E 45 -50.44 29.64 -21.87
CA GLU E 45 -51.12 28.76 -20.93
C GLU E 45 -50.20 28.20 -19.86
N GLN E 46 -48.96 28.67 -19.79
CA GLN E 46 -47.99 28.19 -18.83
C GLN E 46 -48.18 28.88 -17.48
N ASP E 47 -47.64 28.24 -16.44
CA ASP E 47 -47.57 28.84 -15.11
C ASP E 47 -46.28 29.64 -15.01
N ASP E 48 -46.42 30.94 -14.78
CA ASP E 48 -45.27 31.84 -14.92
C ASP E 48 -44.25 31.66 -13.81
N THR E 49 -44.66 31.12 -12.66
CA THR E 49 -43.71 30.82 -11.60
C THR E 49 -42.71 29.77 -12.04
N ARG E 50 -43.17 28.74 -12.75
CA ARG E 50 -42.33 27.62 -13.17
C ARG E 50 -42.65 27.30 -14.64
N LEU E 51 -41.86 27.85 -15.55
CA LEU E 51 -42.00 27.53 -16.96
C LEU E 51 -41.29 26.21 -17.27
N GLY E 52 -41.56 25.69 -18.47
CA GLY E 52 -41.04 24.38 -18.83
C GLY E 52 -39.52 24.29 -18.84
N PHE E 53 -38.85 25.37 -19.26
CA PHE E 53 -37.39 25.35 -19.31
C PHE E 53 -36.78 25.30 -17.90
N GLU E 54 -37.39 25.99 -16.93
CA GLU E 54 -36.96 25.84 -15.55
C GLU E 54 -37.21 24.43 -15.04
N VAL E 55 -38.30 23.80 -15.47
CA VAL E 55 -38.54 22.40 -15.10
C VAL E 55 -37.43 21.52 -15.68
N ASP E 56 -36.98 21.81 -16.90
CA ASP E 56 -35.87 21.06 -17.48
C ASP E 56 -34.60 21.22 -16.65
N TYR E 57 -34.31 22.47 -16.26
CA TYR E 57 -33.16 22.74 -15.39
C TYR E 57 -33.24 21.93 -14.10
N ASP E 58 -34.40 21.95 -13.43
CA ASP E 58 -34.55 21.24 -12.17
C ASP E 58 -34.48 19.73 -12.35
N ARG E 59 -34.95 19.22 -13.49
CA ARG E 59 -34.87 17.78 -13.73
C ARG E 59 -33.43 17.34 -13.97
N ILE E 60 -32.63 18.18 -14.63
CA ILE E 60 -31.23 17.84 -14.81
C ILE E 60 -30.49 17.92 -13.47
N ILE E 61 -30.82 18.91 -12.65
CA ILE E 61 -30.09 19.10 -11.38
C ILE E 61 -30.21 17.89 -10.48
N PHE E 62 -31.38 17.25 -10.47
CA PHE E 62 -31.72 16.22 -9.49
C PHE E 62 -31.39 14.80 -9.96
N SER E 63 -30.77 14.63 -11.11
CA SER E 63 -30.52 13.30 -11.67
C SER E 63 -29.12 12.81 -11.33
N ALA E 64 -28.93 11.50 -11.48
CA ALA E 64 -27.68 10.81 -11.19
C ALA E 64 -26.61 11.02 -12.27
N PRO E 65 -26.95 11.04 -13.57
CA PRO E 65 -25.94 11.38 -14.56
C PRO E 65 -25.28 12.73 -14.32
N PHE E 66 -26.04 13.72 -13.85
CA PHE E 66 -25.45 15.02 -13.54
C PHE E 66 -24.52 14.92 -12.33
N ARG E 67 -24.89 14.13 -11.35
CA ARG E 67 -24.06 13.97 -10.18
C ARG E 67 -22.76 13.27 -10.49
N SER E 68 -22.76 12.31 -11.40
CA SER E 68 -21.52 11.61 -11.74
C SER E 68 -20.47 12.51 -12.38
N LEU E 69 -20.84 13.72 -12.80
CA LEU E 69 -19.89 14.66 -13.37
C LEU E 69 -18.90 15.20 -12.34
N GLN E 70 -19.15 14.95 -11.05
CA GLN E 70 -18.30 15.52 -10.01
C GLN E 70 -16.91 14.90 -9.96
N ASP E 71 -16.74 13.70 -10.50
CA ASP E 71 -15.45 13.01 -10.47
C ASP E 71 -15.10 12.55 -11.88
N LYS E 72 -15.23 13.45 -12.84
CA LYS E 72 -14.87 13.16 -14.22
C LYS E 72 -13.87 14.20 -14.71
N THR E 73 -13.00 13.77 -15.61
CA THR E 73 -11.85 14.58 -16.01
C THR E 73 -12.27 15.73 -16.90
N GLN E 74 -11.77 16.92 -16.59
CA GLN E 74 -11.82 18.06 -17.51
C GLN E 74 -10.53 18.19 -18.30
N VAL E 75 -9.40 18.39 -17.60
CA VAL E 75 -8.09 18.43 -18.24
C VAL E 75 -7.15 17.43 -17.56
N ILE E 76 -7.06 17.52 -16.24
CA ILE E 76 -6.13 16.70 -15.46
C ILE E 76 -6.89 15.54 -14.84
N PRO E 77 -6.59 14.29 -15.22
CA PRO E 77 -7.35 13.17 -14.68
C PRO E 77 -7.07 12.94 -13.20
N LEU E 78 -8.07 12.37 -12.52
CA LEU E 78 -7.97 11.96 -11.11
C LEU E 78 -7.53 13.13 -10.22
N SER E 79 -8.32 14.20 -10.28
CA SER E 79 -8.01 15.43 -9.55
C SER E 79 -9.28 16.01 -8.92
N LYS E 80 -10.07 15.16 -8.27
CA LYS E 80 -11.29 15.60 -7.61
C LYS E 80 -11.05 16.19 -6.24
N ASP E 82 -8.22 18.77 -5.36
CA ASP E 82 -7.38 19.92 -5.64
C ASP E 82 -8.21 21.18 -5.76
N PHE E 83 -7.67 22.15 -6.48
CA PHE E 83 -8.37 23.39 -6.77
C PHE E 83 -8.64 23.47 -8.27
N VAL E 84 -8.43 22.37 -8.99
CA VAL E 84 -8.64 22.31 -10.42
C VAL E 84 -10.09 21.99 -10.73
N HIS E 85 -10.51 22.24 -11.94
CA HIS E 85 -11.90 22.04 -12.33
C HIS E 85 -12.19 20.60 -12.70
N THR E 86 -13.43 20.19 -12.47
CA THR E 86 -14.02 18.96 -12.97
C THR E 86 -15.08 19.32 -14.00
N ARG E 87 -15.76 18.30 -14.53
CA ARG E 87 -16.83 18.57 -15.50
C ARG E 87 -18.00 19.31 -14.88
N LEU E 88 -18.29 19.06 -13.60
CA LEU E 88 -19.46 19.65 -12.95
C LEU E 88 -19.31 21.17 -12.80
N THR E 89 -18.17 21.61 -12.27
CA THR E 89 -17.96 23.03 -12.05
C THR E 89 -17.81 23.78 -13.38
N HIS E 90 -17.16 23.16 -14.36
CA HIS E 90 -17.10 23.71 -15.70
C HIS E 90 -18.50 23.89 -16.28
N SER E 91 -19.36 22.90 -16.08
CA SER E 91 -20.73 23.00 -16.59
C SER E 91 -21.49 24.13 -15.92
N LEU E 92 -21.28 24.31 -14.61
CA LEU E 92 -21.95 25.42 -13.92
C LEU E 92 -21.51 26.78 -14.44
N GLU E 93 -20.20 26.95 -14.65
CA GLU E 93 -19.71 28.23 -15.19
C GLU E 93 -20.26 28.48 -16.59
N VAL E 94 -20.29 27.44 -17.42
CA VAL E 94 -20.86 27.57 -18.76
C VAL E 94 -22.33 27.95 -18.67
N SER E 95 -23.04 27.41 -17.68
CA SER E 95 -24.45 27.75 -17.49
C SER E 95 -24.63 29.23 -17.18
N VAL E 96 -23.78 29.79 -16.32
CA VAL E 96 -23.88 31.21 -15.99
C VAL E 96 -23.64 32.08 -17.23
N VAL E 97 -22.55 31.80 -17.95
CA VAL E 97 -22.23 32.59 -19.13
C VAL E 97 -23.31 32.45 -20.20
N GLY E 98 -23.85 31.23 -20.37
CA GLY E 98 -24.90 31.02 -21.34
C GLY E 98 -26.19 31.73 -20.99
N ARG E 99 -26.54 31.76 -19.70
CA ARG E 99 -27.72 32.51 -19.28
C ARG E 99 -27.58 33.98 -19.65
N SER E 100 -26.40 34.55 -19.39
CA SER E 100 -26.18 35.96 -19.72
C SER E 100 -26.31 36.20 -21.22
N LEU E 101 -25.63 35.37 -22.03
CA LEU E 101 -25.68 35.51 -23.49
C LEU E 101 -27.10 35.40 -24.00
N GLY E 102 -27.84 34.40 -23.50
CA GLY E 102 -29.20 34.21 -23.96
C GLY E 102 -30.10 35.39 -23.62
N ARG E 103 -29.94 35.97 -22.44
CA ARG E 103 -30.76 37.11 -22.08
C ARG E 103 -30.51 38.29 -23.02
N MET E 104 -29.24 38.60 -23.28
CA MET E 104 -28.96 39.72 -24.18
C MET E 104 -29.50 39.47 -25.59
N VAL E 105 -29.24 38.28 -26.13
CA VAL E 105 -29.68 37.98 -27.50
C VAL E 105 -31.19 37.99 -27.58
N GLY E 106 -31.88 37.47 -26.56
CA GLY E 106 -33.32 37.46 -26.58
C GLY E 106 -33.91 38.85 -26.52
N LYS E 107 -33.33 39.73 -25.71
CA LYS E 107 -33.81 41.10 -25.68
C LYS E 107 -33.67 41.77 -27.04
N LYS E 108 -32.51 41.57 -27.70
CA LYS E 108 -32.32 42.16 -29.02
C LYS E 108 -33.28 41.55 -30.05
N LEU E 109 -33.56 40.25 -29.96
CA LEU E 109 -34.46 39.61 -30.91
C LEU E 109 -35.89 40.15 -30.76
N LEU E 110 -36.41 40.16 -29.53
CA LEU E 110 -37.74 40.73 -29.33
C LEU E 110 -37.79 42.21 -29.68
N GLU E 111 -36.65 42.91 -29.60
CA GLU E 111 -36.60 44.25 -30.18
C GLU E 111 -36.79 44.20 -31.70
N LYS E 112 -36.15 43.23 -32.36
CA LYS E 112 -36.23 43.15 -33.81
C LYS E 112 -37.60 42.66 -34.27
N TYR E 113 -38.14 41.62 -33.63
CA TYR E 113 -39.45 41.08 -33.99
C TYR E 113 -40.41 41.29 -32.83
N PRO E 114 -41.25 42.34 -32.86
CA PRO E 114 -42.15 42.58 -31.73
C PRO E 114 -43.34 41.63 -31.69
N HIS E 115 -43.65 40.94 -32.78
CA HIS E 115 -44.83 40.08 -32.80
C HIS E 115 -44.68 38.90 -31.87
N LEU E 116 -43.46 38.43 -31.63
CA LEU E 116 -43.22 37.34 -30.68
C LEU E 116 -43.84 37.67 -29.32
N GLU E 117 -43.36 38.75 -28.69
CA GLU E 117 -43.89 39.15 -27.39
C GLU E 117 -45.35 39.60 -27.49
N GLN E 118 -45.69 40.33 -28.56
CA GLN E 118 -47.02 40.94 -28.62
C GLN E 118 -48.14 39.93 -28.89
N VAL E 119 -47.82 38.74 -29.40
CA VAL E 119 -48.85 37.78 -29.73
C VAL E 119 -48.61 36.47 -28.99
N TYR E 120 -47.44 35.88 -29.18
CA TYR E 120 -47.18 34.56 -28.61
C TYR E 120 -46.94 34.63 -27.11
N GLY E 121 -46.37 35.73 -26.63
CA GLY E 121 -46.21 35.92 -25.20
C GLY E 121 -44.86 35.47 -24.66
N TYR E 122 -43.79 35.78 -25.39
CA TYR E 122 -42.45 35.39 -24.99
C TYR E 122 -41.72 36.55 -24.33
N LYS E 123 -40.82 36.20 -23.41
CA LYS E 123 -39.98 37.16 -22.72
C LYS E 123 -38.53 36.77 -22.89
N PHE E 124 -37.63 37.73 -22.66
CA PHE E 124 -36.22 37.47 -22.88
C PHE E 124 -35.61 36.53 -21.85
N ASN E 125 -36.34 36.21 -20.77
CA ASN E 125 -35.87 35.23 -19.81
C ASN E 125 -35.99 33.82 -20.36
N ASP E 126 -36.91 33.60 -21.31
CA ASP E 126 -37.07 32.27 -21.89
C ASP E 126 -35.82 31.83 -22.64
N PHE E 127 -35.22 32.75 -23.40
CA PHE E 127 -34.00 32.44 -24.12
C PHE E 127 -32.88 32.08 -23.15
N GLY E 128 -32.76 32.85 -22.07
CA GLY E 128 -31.75 32.54 -21.08
C GLY E 128 -31.97 31.19 -20.42
N ALA E 129 -33.23 30.86 -20.13
CA ALA E 129 -33.53 29.55 -19.55
C ALA E 129 -33.17 28.42 -20.52
N ILE E 130 -33.48 28.59 -21.80
CA ILE E 130 -33.14 27.57 -22.79
C ILE E 130 -31.63 27.37 -22.86
N VAL E 131 -30.89 28.47 -22.97
CA VAL E 131 -29.45 28.35 -23.13
C VAL E 131 -28.80 27.80 -21.86
N ALA E 132 -29.29 28.22 -20.69
CA ALA E 132 -28.75 27.70 -19.44
C ALA E 132 -29.00 26.20 -19.29
N ALA E 133 -30.22 25.75 -19.60
CA ALA E 133 -30.52 24.33 -19.51
C ALA E 133 -29.69 23.52 -20.50
N ALA E 134 -29.52 24.04 -21.72
CA ALA E 134 -28.70 23.33 -22.70
C ALA E 134 -27.24 23.28 -22.30
N ALA E 135 -26.71 24.38 -21.77
CA ALA E 135 -25.31 24.42 -21.37
C ALA E 135 -25.03 23.63 -20.11
N LEU E 136 -26.05 23.39 -19.28
CA LEU E 136 -25.83 22.61 -18.07
C LEU E 136 -25.58 21.14 -18.38
N ALA E 137 -26.24 20.60 -19.40
CA ALA E 137 -26.17 19.18 -19.73
C ALA E 137 -25.30 18.89 -20.96
N HIS E 138 -24.49 19.85 -21.39
CA HIS E 138 -23.76 19.72 -22.65
C HIS E 138 -22.58 18.77 -22.58
N ASP E 139 -22.23 18.21 -21.45
CA ASP E 139 -21.12 17.30 -21.39
C ASP E 139 -21.50 16.09 -20.66
N ILE E 140 -22.76 15.84 -20.52
CA ILE E 140 -23.26 14.78 -19.65
C ILE E 140 -22.97 13.38 -20.16
N GLY E 141 -22.61 13.22 -21.43
CA GLY E 141 -22.29 11.93 -21.99
C GLY E 141 -20.82 11.60 -22.06
N ASN E 142 -19.94 12.44 -21.52
CA ASN E 142 -18.51 12.18 -21.63
C ASN E 142 -18.11 11.01 -20.75
N PRO E 143 -17.17 10.18 -21.21
CA PRO E 143 -16.72 9.04 -20.41
C PRO E 143 -15.63 9.46 -19.46
N PRO E 144 -15.23 8.57 -18.53
CA PRO E 144 -14.08 8.87 -17.68
C PRO E 144 -12.81 9.05 -18.51
N PHE E 145 -11.92 9.89 -18.00
CA PHE E 145 -10.61 10.22 -18.56
C PHE E 145 -10.68 11.09 -19.81
N GLY E 146 -11.88 11.50 -20.23
CA GLY E 146 -12.01 12.55 -21.22
C GLY E 146 -11.68 12.10 -22.64
N ALA E 147 -10.91 12.95 -23.32
CA ALA E 147 -10.59 12.71 -24.73
C ALA E 147 -9.81 11.41 -24.90
N SER E 148 -8.84 11.16 -24.01
CA SER E 148 -8.13 9.89 -24.05
C SER E 148 -9.08 8.72 -23.82
N GLY E 149 -10.10 8.90 -22.99
CA GLY E 149 -11.08 7.84 -22.78
C GLY E 149 -11.87 7.53 -24.03
N GLU E 150 -12.36 8.57 -24.72
CA GLU E 150 -13.08 8.33 -25.97
C GLU E 150 -12.18 7.66 -27.00
N LYS E 151 -10.93 8.11 -27.11
CA LYS E 151 -10.02 7.50 -28.08
C LYS E 151 -9.71 6.06 -27.73
N ALA E 152 -9.63 5.73 -26.44
CA ALA E 152 -9.41 4.35 -26.05
C ALA E 152 -10.60 3.47 -26.39
N ILE E 153 -11.83 3.97 -26.15
CA ILE E 153 -13.02 3.21 -26.50
C ILE E 153 -13.05 2.95 -28.00
N GLY E 154 -12.68 3.96 -28.80
CA GLY E 154 -12.63 3.77 -30.23
C GLY E 154 -11.56 2.78 -30.67
N GLU E 155 -10.36 2.90 -30.10
CA GLU E 155 -9.26 2.02 -30.50
C GLU E 155 -9.52 0.58 -30.11
N PHE E 156 -10.32 0.35 -29.07
CA PHE E 156 -10.67 -1.02 -28.69
C PHE E 156 -11.41 -1.72 -29.83
N PHE E 157 -12.39 -1.05 -30.43
CA PHE E 157 -13.10 -1.64 -31.55
C PHE E 157 -12.29 -1.59 -32.83
N LYS E 158 -11.36 -0.64 -32.95
CA LYS E 158 -10.57 -0.51 -34.18
C LYS E 158 -9.50 -1.59 -34.28
N ASN E 159 -8.58 -1.63 -33.31
CA ASN E 159 -7.42 -2.52 -33.37
C ASN E 159 -7.40 -3.59 -32.29
N GLY E 160 -8.41 -3.67 -31.45
CA GLY E 160 -8.42 -4.61 -30.34
C GLY E 160 -9.38 -5.77 -30.54
N TYR E 161 -9.92 -6.26 -29.42
CA TYR E 161 -10.82 -7.40 -29.45
C TYR E 161 -12.07 -7.11 -30.28
N GLY E 162 -12.69 -5.94 -30.06
CA GLY E 162 -13.95 -5.62 -30.71
C GLY E 162 -13.89 -5.62 -32.22
N LYS E 163 -12.68 -5.57 -32.79
CA LYS E 163 -12.52 -5.65 -34.23
C LYS E 163 -13.19 -6.90 -34.80
N ARG E 164 -13.27 -7.98 -34.01
CA ARG E 164 -13.85 -9.21 -34.52
C ARG E 164 -15.32 -9.04 -34.89
N TYR E 165 -15.97 -7.97 -34.45
CA TYR E 165 -17.38 -7.76 -34.77
C TYR E 165 -17.58 -7.03 -36.10
N LYS E 166 -16.50 -6.60 -36.77
CA LYS E 166 -16.63 -5.75 -37.95
C LYS E 166 -17.55 -6.36 -39.00
N ASP E 167 -17.51 -7.68 -39.16
CA ASP E 167 -18.26 -8.33 -40.22
C ASP E 167 -19.73 -8.53 -39.89
N SER E 168 -20.12 -8.38 -38.63
CA SER E 168 -21.48 -8.64 -38.20
C SER E 168 -22.35 -7.39 -38.14
N LEU E 169 -21.81 -6.23 -38.49
CA LEU E 169 -22.47 -4.95 -38.27
C LEU E 169 -22.55 -4.16 -39.56
N THR E 170 -23.55 -3.28 -39.63
CA THR E 170 -23.66 -2.34 -40.73
C THR E 170 -22.51 -1.34 -40.67
N ALA E 171 -22.19 -0.75 -41.83
CA ALA E 171 -21.05 0.16 -41.91
C ALA E 171 -21.22 1.37 -41.00
N LYS E 172 -22.42 1.94 -40.96
CA LYS E 172 -22.65 3.10 -40.09
C LYS E 172 -22.59 2.71 -38.61
N GLU E 173 -23.06 1.51 -38.27
CA GLU E 173 -22.95 1.06 -36.88
C GLU E 173 -21.49 0.86 -36.47
N TYR E 174 -20.68 0.27 -37.35
CA TYR E 174 -19.27 0.12 -37.06
C TYR E 174 -18.58 1.47 -36.94
N GLN E 175 -18.97 2.43 -37.79
CA GLN E 175 -18.43 3.79 -37.69
C GLN E 175 -18.81 4.42 -36.35
N ASP E 176 -20.05 4.20 -35.89
CA ASP E 176 -20.44 4.64 -34.56
C ASP E 176 -19.51 4.07 -33.51
N LEU E 177 -19.20 2.78 -33.61
CA LEU E 177 -18.42 2.13 -32.56
C LEU E 177 -16.94 2.51 -32.61
N ILE E 178 -16.41 2.91 -33.77
CA ILE E 178 -14.99 3.22 -33.88
C ILE E 178 -14.69 4.71 -33.80
N LYS E 179 -15.71 5.56 -33.82
CA LYS E 179 -15.54 7.00 -33.61
C LYS E 179 -16.46 7.46 -32.50
N PHE E 180 -16.40 6.77 -31.36
CA PHE E 180 -17.31 7.02 -30.24
C PHE E 180 -17.27 8.48 -29.83
N GLU E 181 -18.44 9.09 -29.75
CA GLU E 181 -18.56 10.51 -29.48
C GLU E 181 -19.34 10.73 -28.19
N GLY E 182 -18.90 11.72 -27.41
CA GLY E 182 -19.59 12.04 -26.17
C GLY E 182 -20.91 12.75 -26.38
N ASN E 183 -21.06 13.44 -27.51
CA ASN E 183 -22.32 14.13 -27.79
C ASN E 183 -23.45 13.14 -28.06
N ALA E 184 -23.16 12.10 -28.85
CA ALA E 184 -24.16 11.08 -29.09
C ALA E 184 -24.55 10.36 -27.81
N ASN E 185 -23.56 10.06 -26.96
CA ASN E 185 -23.86 9.43 -25.68
C ASN E 185 -24.66 10.36 -24.78
N GLY E 186 -24.41 11.66 -24.84
CA GLY E 186 -25.22 12.60 -24.07
C GLY E 186 -26.66 12.64 -24.52
N PHE E 187 -26.88 12.62 -25.84
CA PHE E 187 -28.25 12.51 -26.34
C PHE E 187 -28.90 11.21 -25.89
N LYS E 188 -28.15 10.11 -25.92
CA LYS E 188 -28.68 8.83 -25.47
C LYS E 188 -29.07 8.89 -23.99
N VAL E 189 -28.26 9.52 -23.16
CA VAL E 189 -28.56 9.65 -21.73
C VAL E 189 -29.81 10.49 -21.53
N LEU E 190 -29.91 11.61 -22.25
CA LEU E 190 -31.04 12.51 -22.07
C LEU E 190 -32.35 11.87 -22.51
N SER E 191 -32.33 11.08 -23.59
CA SER E 191 -33.57 10.56 -24.19
C SER E 191 -33.65 9.05 -24.09
N GLN E 192 -33.29 8.49 -22.93
CA GLN E 192 -33.24 7.05 -22.76
C GLN E 192 -34.63 6.52 -22.39
N SER E 193 -35.00 5.40 -22.98
CA SER E 193 -36.26 4.74 -22.68
C SER E 193 -36.00 3.51 -21.81
N LYS E 194 -36.76 3.41 -20.73
CA LYS E 194 -36.62 2.33 -19.75
C LYS E 194 -37.99 1.71 -19.50
N PRO E 195 -38.03 0.45 -19.07
CA PRO E 195 -39.33 -0.18 -18.80
C PRO E 195 -40.10 0.54 -17.71
N GLY E 196 -41.26 1.07 -18.08
CA GLY E 196 -42.11 1.78 -17.16
C GLY E 196 -41.98 3.29 -17.18
N ALA E 197 -40.96 3.82 -17.86
CA ALA E 197 -40.74 5.27 -17.90
C ALA E 197 -40.14 5.62 -19.25
N GLN E 198 -40.99 6.00 -20.19
CA GLN E 198 -40.55 6.34 -21.54
C GLN E 198 -40.13 7.80 -21.62
N GLY E 199 -39.15 8.06 -22.49
CA GLY E 199 -38.69 9.40 -22.76
C GLY E 199 -37.53 9.88 -21.92
N GLY E 200 -37.20 9.19 -20.85
CA GLY E 200 -36.12 9.63 -19.98
C GLY E 200 -36.47 10.86 -19.17
N LEU E 201 -35.65 11.90 -19.26
CA LEU E 201 -35.92 13.12 -18.52
C LEU E 201 -37.07 13.93 -19.11
N ARG E 202 -37.46 13.64 -20.36
CA ARG E 202 -38.58 14.30 -21.03
C ARG E 202 -38.41 15.82 -21.06
N LEU E 203 -37.31 16.24 -21.66
CA LEU E 203 -37.03 17.66 -21.81
C LEU E 203 -37.82 18.26 -22.96
N SER E 204 -37.87 19.58 -22.99
CA SER E 204 -38.55 20.28 -24.07
C SER E 204 -37.75 20.18 -25.36
N TYR E 205 -38.43 20.38 -26.48
CA TYR E 205 -37.78 20.21 -27.78
C TYR E 205 -36.83 21.37 -28.09
N ALA E 206 -37.13 22.57 -27.61
CA ALA E 206 -36.20 23.67 -27.78
C ALA E 206 -34.88 23.40 -27.08
N THR E 207 -34.93 22.85 -25.87
CA THR E 207 -33.71 22.52 -25.15
C THR E 207 -32.92 21.43 -25.87
N LEU E 208 -33.60 20.41 -26.39
CA LEU E 208 -32.92 19.35 -27.12
C LEU E 208 -32.29 19.88 -28.40
N GLY E 209 -32.96 20.80 -29.07
CA GLY E 209 -32.37 21.42 -30.26
C GLY E 209 -31.15 22.25 -29.94
N ALA E 210 -31.24 23.07 -28.88
CA ALA E 210 -30.10 23.90 -28.50
C ALA E 210 -28.94 23.10 -27.96
N PHE E 211 -29.20 21.91 -27.42
CA PHE E 211 -28.14 21.01 -26.99
C PHE E 211 -27.41 20.36 -28.15
N MET E 212 -28.02 20.35 -29.34
CA MET E 212 -27.60 19.54 -30.47
C MET E 212 -26.72 20.39 -31.39
N LYS E 213 -25.45 20.00 -31.54
CA LYS E 213 -24.51 20.80 -32.31
C LYS E 213 -24.00 20.15 -33.58
N TYR E 214 -24.14 18.84 -33.75
CA TYR E 214 -23.77 18.14 -34.98
C TYR E 214 -24.94 17.29 -35.45
N PRO E 215 -25.94 17.89 -36.08
CA PRO E 215 -27.12 17.11 -36.50
C PRO E 215 -26.86 16.24 -37.72
N LYS E 216 -26.09 15.17 -37.55
CA LYS E 216 -25.81 14.26 -38.66
C LYS E 216 -25.41 12.91 -38.10
N GLU E 217 -25.43 11.90 -38.97
CA GLU E 217 -25.00 10.55 -38.63
C GLU E 217 -23.47 10.44 -38.73
N SER E 218 -22.97 9.23 -38.50
CA SER E 218 -21.51 9.04 -38.47
C SER E 218 -20.91 9.00 -39.88
N LEU E 219 -21.72 8.73 -40.90
CA LEU E 219 -21.22 8.71 -42.26
C LEU E 219 -22.05 9.62 -43.15
N PRO E 220 -21.44 10.31 -44.12
CA PRO E 220 -20.02 10.31 -44.46
C PRO E 220 -19.16 11.07 -43.45
N HIS E 221 -17.87 10.73 -43.41
CA HIS E 221 -16.95 11.28 -42.43
C HIS E 221 -16.35 12.58 -42.96
N LYS E 222 -16.68 13.69 -42.29
CA LYS E 222 -16.22 15.03 -42.63
C LYS E 222 -16.43 15.34 -44.11
N PRO E 223 -17.68 15.53 -44.54
CA PRO E 223 -17.93 15.81 -45.97
C PRO E 223 -17.35 17.14 -46.42
N SER E 224 -17.52 18.19 -45.62
CA SER E 224 -17.13 19.54 -46.03
C SER E 224 -16.33 20.22 -44.92
N ASP E 225 -16.03 21.50 -45.13
CA ASP E 225 -15.32 22.33 -44.18
C ASP E 225 -16.25 23.11 -43.27
N HIS E 226 -17.56 22.87 -43.36
CA HIS E 226 -18.54 23.51 -42.50
C HIS E 226 -18.31 23.07 -41.04
N ILE E 227 -18.90 23.82 -40.12
CA ILE E 227 -18.66 23.58 -38.70
C ILE E 227 -19.56 22.49 -38.12
N ALA E 228 -20.69 22.20 -38.75
CA ALA E 228 -21.60 21.16 -38.28
C ALA E 228 -21.27 19.79 -38.84
N ASP E 229 -20.07 19.61 -39.39
CA ASP E 229 -19.68 18.37 -40.04
C ASP E 229 -18.43 17.75 -39.46
N LYS E 230 -17.84 18.34 -38.42
CA LYS E 230 -16.60 17.81 -37.87
C LYS E 230 -16.81 16.47 -37.17
N LYS E 231 -18.01 16.22 -36.66
CA LYS E 231 -18.32 15.00 -35.92
C LYS E 231 -19.78 14.64 -36.19
N TYR E 232 -20.33 13.78 -35.35
CA TYR E 232 -21.73 13.39 -35.43
C TYR E 232 -22.37 13.49 -34.07
N GLY E 233 -23.71 13.53 -34.06
CA GLY E 233 -24.43 13.85 -32.85
C GLY E 233 -25.40 12.83 -32.30
N PHE E 234 -25.74 11.79 -33.07
CA PHE E 234 -26.62 10.75 -32.54
C PHE E 234 -26.25 9.40 -33.12
N PHE E 235 -26.61 8.35 -32.38
CA PHE E 235 -26.38 6.98 -32.79
C PHE E 235 -27.48 6.51 -33.74
N GLN E 236 -27.34 5.28 -34.24
CA GLN E 236 -28.35 4.72 -35.13
C GLN E 236 -29.59 4.29 -34.37
N SER E 237 -29.46 4.01 -33.08
CA SER E 237 -30.59 3.56 -32.29
C SER E 237 -31.53 4.70 -31.89
N GLU E 238 -31.11 5.95 -32.04
CA GLU E 238 -31.95 7.09 -31.73
C GLU E 238 -32.19 8.02 -32.89
N ARG E 239 -31.74 7.66 -34.10
CA ARG E 239 -31.97 8.50 -35.27
C ARG E 239 -33.44 8.88 -35.40
N ALA E 240 -34.32 7.89 -35.33
CA ALA E 240 -35.75 8.13 -35.42
C ALA E 240 -36.18 9.22 -34.44
N LEU E 241 -35.73 9.10 -33.19
CA LEU E 241 -36.08 10.09 -32.18
C LEU E 241 -35.72 11.50 -32.65
N PHE E 242 -34.47 11.69 -33.09
CA PHE E 242 -34.08 13.03 -33.51
C PHE E 242 -34.90 13.50 -34.68
N GLU E 243 -35.27 12.58 -35.58
CA GLU E 243 -36.12 12.95 -36.70
C GLU E 243 -37.36 13.68 -36.20
N ASP E 244 -38.02 13.09 -35.20
CA ASP E 244 -39.19 13.74 -34.61
C ASP E 244 -38.86 15.15 -34.17
N VAL E 245 -37.79 15.29 -33.38
CA VAL E 245 -37.39 16.62 -32.92
C VAL E 245 -37.15 17.53 -34.11
N ALA E 246 -36.40 17.02 -35.10
CA ALA E 246 -36.03 17.86 -36.23
C ALA E 246 -37.23 18.28 -37.05
N GLN E 247 -38.33 17.58 -36.97
CA GLN E 247 -39.46 17.99 -37.75
C GLN E 247 -40.38 18.92 -36.96
N GLU E 248 -40.24 18.99 -35.65
CA GLU E 248 -41.11 19.86 -34.87
C GLU E 248 -40.56 21.29 -34.83
N LEU E 249 -39.24 21.44 -34.75
CA LEU E 249 -38.64 22.75 -34.68
C LEU E 249 -38.65 23.48 -36.02
N GLY E 250 -38.65 22.73 -37.12
CA GLY E 250 -38.57 23.34 -38.43
C GLY E 250 -37.15 23.60 -38.87
N LEU E 251 -36.24 22.69 -38.55
CA LEU E 251 -34.86 22.81 -38.96
C LEU E 251 -34.72 22.48 -40.44
N LEU E 252 -33.87 23.25 -41.13
CA LEU E 252 -33.65 23.07 -42.55
C LEU E 252 -32.86 21.79 -42.80
N LYS E 253 -33.19 21.12 -43.91
CA LYS E 253 -32.55 19.85 -44.25
C LYS E 253 -31.41 20.08 -45.24
N ARG E 254 -30.29 19.40 -45.01
CA ARG E 254 -29.11 19.55 -45.84
C ARG E 254 -28.73 18.30 -46.63
N SER E 255 -29.38 17.17 -46.38
CA SER E 255 -29.09 15.95 -47.11
C SER E 255 -30.25 14.98 -46.92
N THR E 256 -30.69 14.37 -48.01
CA THR E 256 -31.75 13.38 -47.95
C THR E 256 -31.50 12.17 -48.85
N THR E 257 -30.29 12.01 -49.39
CA THR E 257 -30.01 10.91 -50.31
C THR E 257 -30.18 9.56 -49.63
N ASP E 258 -29.28 9.24 -48.70
CA ASP E 258 -29.46 8.09 -47.82
C ASP E 258 -29.01 8.39 -46.40
N ASP E 259 -28.44 9.56 -46.13
CA ASP E 259 -27.96 9.93 -44.81
C ASP E 259 -28.52 11.31 -44.47
N VAL E 260 -29.24 11.39 -43.36
CA VAL E 260 -29.93 12.61 -42.98
C VAL E 260 -28.96 13.58 -42.32
N SER E 261 -29.14 14.87 -42.57
CA SER E 261 -28.35 15.91 -41.93
C SER E 261 -29.12 17.22 -42.01
N TRP E 262 -29.40 17.82 -40.86
CA TRP E 262 -30.10 19.08 -40.76
C TRP E 262 -29.13 20.18 -40.35
N SER E 263 -29.62 21.42 -40.37
CA SER E 263 -28.83 22.56 -39.95
C SER E 263 -28.98 22.79 -38.45
N ARG E 264 -28.16 23.68 -37.92
CA ARG E 264 -28.11 23.93 -36.49
C ARG E 264 -29.28 24.77 -36.00
N HIS E 265 -29.73 24.46 -34.80
CA HIS E 265 -30.57 25.39 -34.05
C HIS E 265 -29.76 26.66 -33.76
N PRO E 266 -30.35 27.85 -33.91
CA PRO E 266 -29.56 29.08 -33.74
C PRO E 266 -28.90 29.24 -32.38
N LEU E 267 -29.47 28.67 -31.32
CA LEU E 267 -28.90 28.86 -29.98
C LEU E 267 -27.76 27.89 -29.67
N ALA E 268 -27.57 26.86 -30.50
CA ALA E 268 -26.39 26.01 -30.33
C ALA E 268 -25.10 26.80 -30.54
N TYR E 269 -25.15 27.83 -31.39
CA TYR E 269 -24.01 28.72 -31.54
C TYR E 269 -23.66 29.40 -30.23
N LEU E 270 -24.67 29.88 -29.50
CA LEU E 270 -24.42 30.52 -28.21
C LEU E 270 -23.87 29.51 -27.19
N VAL E 271 -24.43 28.30 -27.17
CA VAL E 271 -23.93 27.27 -26.26
C VAL E 271 -22.45 27.01 -26.52
N GLU E 272 -22.09 26.85 -27.80
CA GLU E 272 -20.70 26.57 -28.15
C GLU E 272 -19.79 27.75 -27.79
N ALA E 273 -20.27 28.98 -28.03
CA ALA E 273 -19.47 30.15 -27.68
C ALA E 273 -19.18 30.21 -26.19
N ALA E 274 -20.21 29.93 -25.37
CA ALA E 274 -20.01 29.95 -23.93
C ALA E 274 -19.01 28.89 -23.48
N ASP E 275 -19.13 27.70 -24.01
CA ASP E 275 -18.22 26.61 -23.69
C ASP E 275 -16.78 26.95 -24.06
N ASP E 276 -16.58 27.54 -25.24
CA ASP E 276 -15.25 27.90 -25.72
C ASP E 276 -14.62 28.98 -24.83
N ILE E 277 -15.37 30.04 -24.55
CA ILE E 277 -14.86 31.12 -23.71
C ILE E 277 -14.41 30.56 -22.36
N CYS E 278 -15.30 29.79 -21.72
CA CYS E 278 -15.03 29.34 -20.37
C CYS E 278 -13.80 28.47 -20.30
N TYR E 279 -13.74 27.43 -21.13
CA TYR E 279 -12.59 26.52 -20.98
C TYR E 279 -11.30 27.20 -21.41
N THR E 280 -11.36 28.05 -22.45
CA THR E 280 -10.16 28.73 -22.92
C THR E 280 -9.54 29.58 -21.82
N ILE E 281 -10.36 30.32 -21.06
CA ILE E 281 -9.78 31.18 -20.03
C ILE E 281 -9.39 30.37 -18.78
N ILE E 282 -10.28 29.47 -18.34
CA ILE E 282 -10.03 28.80 -17.05
C ILE E 282 -8.87 27.81 -17.14
N ASP E 283 -8.64 27.18 -18.29
CA ASP E 283 -7.48 26.30 -18.39
C ASP E 283 -6.19 27.06 -18.19
N PHE E 284 -6.09 28.24 -18.79
CA PHE E 284 -4.92 29.10 -18.58
C PHE E 284 -4.76 29.49 -17.12
N GLU E 285 -5.87 29.91 -16.48
CA GLU E 285 -5.77 30.31 -15.09
C GLU E 285 -5.32 29.17 -14.19
N ASP E 286 -5.87 27.97 -14.40
CA ASP E 286 -5.48 26.82 -13.58
C ASP E 286 -4.03 26.42 -13.84
N GLY E 287 -3.59 26.47 -15.09
CA GLY E 287 -2.19 26.17 -15.37
C GLY E 287 -1.24 27.14 -14.71
N ILE E 288 -1.63 28.42 -14.66
CA ILE E 288 -0.80 29.40 -13.96
C ILE E 288 -0.77 29.10 -12.46
N ASN E 289 -1.92 28.76 -11.88
CA ASN E 289 -1.97 28.48 -10.44
C ASN E 289 -1.23 27.20 -10.07
N LEU E 290 -1.14 26.23 -10.99
CA LEU E 290 -0.48 24.97 -10.69
C LEU E 290 1.04 25.08 -10.64
N GLY E 291 1.62 26.03 -11.36
CA GLY E 291 3.05 26.14 -11.46
C GLY E 291 3.64 25.75 -12.79
N LEU E 292 2.83 25.65 -13.85
CA LEU E 292 3.31 25.26 -15.16
C LEU E 292 3.46 26.42 -16.12
N ILE E 293 2.82 27.55 -15.86
CA ILE E 293 2.94 28.73 -16.71
C ILE E 293 3.31 29.94 -15.86
N PRO E 294 4.35 30.69 -16.21
CA PRO E 294 4.67 31.91 -15.46
C PRO E 294 3.63 32.99 -15.67
N GLU E 295 3.58 33.92 -14.71
CA GLU E 295 2.59 34.99 -14.70
C GLU E 295 2.89 36.10 -15.72
N GLU E 296 4.15 36.20 -16.16
CA GLU E 296 4.50 37.16 -17.20
C GLU E 296 3.65 36.93 -18.44
N TYR E 297 3.49 35.66 -18.84
CA TYR E 297 2.59 35.34 -19.94
C TYR E 297 1.16 35.72 -19.61
N ALA E 298 0.76 35.57 -18.35
CA ALA E 298 -0.60 35.91 -17.96
C ALA E 298 -0.90 37.38 -18.25
N LEU E 299 0.04 38.26 -17.93
CA LEU E 299 -0.18 39.67 -18.26
C LEU E 299 -0.01 39.94 -19.74
N GLU E 300 0.99 39.32 -20.38
CA GLU E 300 1.30 39.64 -21.77
C GLU E 300 0.17 39.26 -22.70
N TYR E 301 -0.44 38.10 -22.51
CA TYR E 301 -1.46 37.61 -23.43
C TYR E 301 -2.84 38.13 -23.11
N MET E 302 -3.02 38.87 -22.02
CA MET E 302 -4.32 39.38 -21.63
C MET E 302 -4.39 40.90 -21.51
N VAL E 303 -3.27 41.61 -21.66
CA VAL E 303 -3.31 43.07 -21.57
C VAL E 303 -4.25 43.66 -22.61
N LYS E 304 -4.25 43.12 -23.83
CA LYS E 304 -5.16 43.62 -24.85
C LYS E 304 -6.61 43.32 -24.50
N LEU E 305 -6.88 42.13 -23.97
CA LEU E 305 -8.25 41.76 -23.65
C LEU E 305 -8.82 42.62 -22.53
N VAL E 306 -8.04 42.89 -21.49
CA VAL E 306 -8.56 43.57 -20.30
C VAL E 306 -8.29 45.07 -20.32
N GLY E 307 -7.73 45.61 -21.39
CA GLY E 307 -7.29 47.00 -21.39
C GLY E 307 -8.41 48.01 -21.31
N GLN E 308 -9.61 47.67 -21.78
CA GLN E 308 -10.68 48.65 -21.88
C GLN E 308 -11.41 48.90 -20.57
N THR E 309 -11.20 48.05 -19.55
CA THR E 309 -11.94 48.22 -18.31
C THR E 309 -11.09 48.01 -17.06
N ILE E 310 -9.77 47.91 -17.20
CA ILE E 310 -8.89 47.63 -16.07
C ILE E 310 -8.63 48.90 -15.28
N ASP E 311 -8.67 48.79 -13.95
CA ASP E 311 -8.36 49.89 -13.07
C ASP E 311 -7.02 49.48 -12.55
N ARG E 312 -5.96 50.18 -12.96
CA ARG E 312 -4.63 49.80 -12.55
C ARG E 312 -4.39 49.84 -11.04
N ASN E 313 -5.00 50.81 -10.36
CA ASN E 313 -4.87 50.90 -8.92
C ASN E 313 -5.16 49.58 -8.19
N LYS E 314 -6.30 48.98 -8.49
CA LYS E 314 -6.71 47.71 -7.89
C LYS E 314 -5.73 46.60 -8.26
N TYR E 315 -5.26 46.59 -9.50
CA TYR E 315 -4.31 45.57 -9.93
C TYR E 315 -2.99 45.67 -9.18
N ASN E 316 -2.53 46.90 -8.92
CA ASN E 316 -1.26 47.09 -8.23
C ASN E 316 -1.40 46.95 -6.72
N ALA E 317 -2.61 47.00 -6.18
CA ALA E 317 -2.79 46.80 -4.75
C ALA E 317 -2.68 45.33 -4.35
N LEU E 318 -3.10 44.41 -5.21
CA LEU E 318 -3.11 42.99 -4.88
C LEU E 318 -1.70 42.47 -4.72
N GLN E 319 -1.55 41.46 -3.85
CA GLN E 319 -0.24 40.96 -3.46
C GLN E 319 -0.07 39.47 -3.69
N GLU E 320 -0.99 38.81 -4.39
CA GLU E 320 -0.88 37.40 -4.68
C GLU E 320 -1.20 37.14 -6.15
N THR E 321 -0.62 36.07 -6.69
CA THR E 321 -0.86 35.71 -8.08
C THR E 321 -2.32 35.33 -8.30
N SER E 322 -2.93 34.65 -7.34
CA SER E 322 -4.31 34.19 -7.48
C SER E 322 -5.27 35.36 -7.68
N ASP E 323 -5.12 36.41 -6.86
CA ASP E 323 -6.02 37.55 -6.97
C ASP E 323 -5.87 38.22 -8.33
N ARG E 324 -4.63 38.37 -8.80
CA ARG E 324 -4.40 39.03 -10.08
C ARG E 324 -5.00 38.23 -11.23
N VAL E 325 -4.77 36.92 -11.27
CA VAL E 325 -5.29 36.12 -12.37
C VAL E 325 -6.81 36.07 -12.31
N SER E 326 -7.39 36.04 -11.11
CA SER E 326 -8.84 36.06 -11.00
C SER E 326 -9.42 37.36 -11.53
N TYR E 327 -8.80 38.50 -11.19
CA TYR E 327 -9.22 39.78 -11.73
C TYR E 327 -9.18 39.78 -13.26
N LEU E 328 -8.06 39.31 -13.82
CA LEU E 328 -7.91 39.32 -15.27
C LEU E 328 -8.95 38.43 -15.94
N ARG E 329 -9.21 37.25 -15.37
CA ARG E 329 -10.22 36.35 -15.92
C ARG E 329 -11.61 36.98 -15.89
N ALA E 330 -11.95 37.63 -14.78
CA ALA E 330 -13.26 38.26 -14.66
C ALA E 330 -13.44 39.37 -15.69
N LEU E 331 -12.36 40.11 -15.99
CA LEU E 331 -12.48 41.14 -17.02
C LEU E 331 -12.59 40.54 -18.42
N ALA E 332 -11.78 39.52 -18.71
CA ALA E 332 -11.76 38.93 -20.05
C ALA E 332 -13.10 38.31 -20.40
N ILE E 333 -13.74 37.62 -19.46
CA ILE E 333 -15.02 36.99 -19.74
C ILE E 333 -16.07 38.06 -20.10
N GLY E 334 -16.09 39.14 -19.34
CA GLY E 334 -17.03 40.21 -19.63
C GLY E 334 -16.83 40.84 -21.00
N THR E 335 -15.58 41.00 -21.41
CA THR E 335 -15.33 41.53 -22.75
C THR E 335 -15.81 40.57 -23.84
N LEU E 336 -15.44 39.29 -23.72
CA LEU E 336 -15.76 38.32 -24.76
C LEU E 336 -17.25 38.11 -24.92
N ILE E 337 -18.02 38.19 -23.83
CA ILE E 337 -19.47 37.97 -23.92
C ILE E 337 -20.11 39.02 -24.84
N ASN E 338 -19.77 40.29 -24.61
CA ASN E 338 -20.34 41.36 -25.42
C ASN E 338 -19.90 41.25 -26.87
N GLU E 339 -18.64 40.90 -27.11
CA GLU E 339 -18.22 40.71 -28.49
C GLU E 339 -19.01 39.61 -29.19
N SER E 340 -19.26 38.51 -28.49
CA SER E 340 -20.04 37.41 -29.08
C SER E 340 -21.45 37.84 -29.40
N VAL E 341 -22.08 38.63 -28.52
CA VAL E 341 -23.43 39.10 -28.78
C VAL E 341 -23.46 39.97 -30.04
N ASP E 342 -22.47 40.86 -30.17
CA ASP E 342 -22.40 41.70 -31.36
C ASP E 342 -22.26 40.85 -32.63
N THR E 343 -21.40 39.84 -32.60
CA THR E 343 -21.23 38.98 -33.77
C THR E 343 -22.53 38.25 -34.12
N PHE E 344 -23.21 37.73 -33.11
CA PHE E 344 -24.46 37.01 -33.37
C PHE E 344 -25.49 37.92 -34.03
N MET E 345 -25.65 39.14 -33.51
CA MET E 345 -26.64 40.02 -34.11
C MET E 345 -26.20 40.56 -35.46
N LYS E 346 -24.90 40.55 -35.76
CA LYS E 346 -24.47 40.97 -37.09
C LYS E 346 -24.74 39.88 -38.12
N TYR E 347 -24.63 38.61 -37.74
CA TYR E 347 -24.83 37.52 -38.70
C TYR E 347 -26.12 36.72 -38.48
N GLU E 348 -27.08 37.29 -37.76
CA GLU E 348 -28.34 36.60 -37.48
C GLU E 348 -29.01 36.06 -38.73
N GLU E 349 -29.05 36.85 -39.81
CA GLU E 349 -29.75 36.42 -41.01
C GLU E 349 -29.09 35.19 -41.62
N GLU E 350 -27.77 35.20 -41.73
CA GLU E 350 -27.06 34.05 -42.27
C GLU E 350 -27.23 32.83 -41.37
N ILE E 351 -27.22 33.03 -40.06
CA ILE E 351 -27.39 31.91 -39.13
C ILE E 351 -28.77 31.29 -39.29
N LEU E 352 -29.80 32.13 -39.41
CA LEU E 352 -31.15 31.62 -39.59
C LEU E 352 -31.32 30.96 -40.96
N ALA E 353 -30.54 31.40 -41.96
CA ALA E 353 -30.62 30.77 -43.28
C ALA E 353 -29.75 29.53 -43.40
N GLY E 354 -28.91 29.23 -42.40
CA GLY E 354 -28.07 28.06 -42.44
C GLY E 354 -26.76 28.20 -43.20
N THR E 355 -26.41 29.41 -43.61
CA THR E 355 -25.24 29.64 -44.45
C THR E 355 -23.99 30.05 -43.66
N PHE E 356 -24.06 30.09 -42.34
CA PHE E 356 -22.95 30.55 -41.52
C PHE E 356 -22.10 29.36 -41.12
N ASP E 357 -20.88 29.30 -41.63
CA ASP E 357 -20.06 28.09 -41.61
C ASP E 357 -18.97 28.09 -40.55
N GLN E 358 -18.95 29.08 -39.65
CA GLN E 358 -17.93 29.12 -38.61
C GLN E 358 -18.54 29.25 -37.23
N SER E 359 -17.71 29.52 -36.23
CA SER E 359 -18.18 29.81 -34.88
C SER E 359 -18.06 31.30 -34.60
N LEU E 360 -18.84 31.76 -33.62
CA LEU E 360 -18.85 33.17 -33.27
C LEU E 360 -17.49 33.63 -32.74
N ILE E 361 -16.74 32.72 -32.12
CA ILE E 361 -15.43 33.08 -31.60
C ILE E 361 -14.44 33.33 -32.73
N ASP E 362 -14.49 32.52 -33.79
CA ASP E 362 -13.55 32.67 -34.89
C ASP E 362 -13.71 33.98 -35.64
N LYS E 363 -14.84 34.67 -35.49
CA LYS E 363 -15.07 35.96 -36.13
C LYS E 363 -14.83 37.14 -35.18
N SER E 364 -13.85 37.02 -34.28
CA SER E 364 -13.61 38.03 -33.26
C SER E 364 -12.27 38.72 -33.47
N ASN E 365 -12.13 39.90 -32.88
CA ASN E 365 -10.92 40.71 -32.99
C ASN E 365 -9.76 40.18 -32.18
N TYR E 366 -9.99 39.21 -31.28
CA TYR E 366 -8.95 38.71 -30.38
C TYR E 366 -8.54 37.29 -30.72
N GLN E 367 -8.61 36.92 -32.00
CA GLN E 367 -8.31 35.54 -32.39
C GLN E 367 -6.84 35.21 -32.16
N ALA E 368 -5.93 36.17 -32.38
CA ALA E 368 -4.52 35.91 -32.20
C ALA E 368 -4.19 35.62 -30.74
N GLN E 369 -4.74 36.41 -29.82
CA GLN E 369 -4.49 36.18 -28.40
C GLN E 369 -5.04 34.84 -27.96
N ILE E 370 -6.24 34.49 -28.42
CA ILE E 370 -6.85 33.20 -28.08
C ILE E 370 -5.99 32.06 -28.58
N THR E 371 -5.50 32.17 -29.82
CA THR E 371 -4.66 31.12 -30.38
C THR E 371 -3.35 30.99 -29.62
N ASP E 372 -2.76 32.11 -29.21
CA ASP E 372 -1.54 32.05 -28.42
C ASP E 372 -1.77 31.36 -27.08
N ILE E 373 -2.87 31.70 -26.40
CA ILE E 373 -3.17 31.08 -25.12
C ILE E 373 -3.41 29.58 -25.29
N ILE E 374 -4.14 29.20 -26.35
CA ILE E 374 -4.41 27.78 -26.59
C ILE E 374 -3.12 27.02 -26.88
N ASN E 375 -2.24 27.60 -27.70
CA ASN E 375 -0.99 26.92 -28.02
C ASN E 375 -0.13 26.76 -26.77
N LEU E 376 -0.09 27.78 -25.92
CA LEU E 376 0.66 27.67 -24.67
C LEU E 376 0.06 26.58 -23.77
N SER E 377 -1.27 26.51 -23.72
CA SER E 377 -1.91 25.46 -22.92
C SER E 377 -1.58 24.07 -23.45
N ILE E 378 -1.57 23.91 -24.77
CA ILE E 378 -1.25 22.60 -25.36
C ILE E 378 0.19 22.22 -25.04
N GLU E 379 1.11 23.17 -25.17
CA GLU E 379 2.52 22.85 -24.95
C GLU E 379 2.83 22.60 -23.48
N ARG E 380 2.14 23.31 -22.57
CA ARG E 380 2.56 23.32 -21.18
C ARG E 380 1.69 22.47 -20.26
N ILE E 381 0.44 22.19 -20.62
CA ILE E 381 -0.49 21.47 -19.73
C ILE E 381 -0.83 20.09 -20.28
N TYR E 382 -1.24 20.02 -21.55
CA TYR E 382 -1.70 18.73 -22.07
C TYR E 382 -0.57 17.74 -22.20
N ASN E 383 0.65 18.20 -22.45
CA ASN E 383 1.80 17.34 -22.64
C ASN E 383 2.71 17.28 -21.41
N SER E 384 2.21 17.66 -20.24
CA SER E 384 2.96 17.48 -19.01
C SER E 384 3.07 16.00 -18.66
N ARG E 385 4.09 15.67 -17.88
CA ARG E 385 4.37 14.26 -17.59
C ARG E 385 3.23 13.61 -16.83
N GLU E 386 2.79 14.38 -15.84
CA GLU E 386 1.71 14.10 -14.92
C GLU E 386 0.46 13.79 -15.69
N VAL E 387 0.14 14.66 -16.63
CA VAL E 387 -1.02 14.46 -17.45
C VAL E 387 -0.88 13.24 -18.31
N ILE E 388 0.30 13.00 -18.86
CA ILE E 388 0.56 11.86 -19.74
C ILE E 388 0.42 10.46 -19.13
N GLU E 389 1.00 10.26 -17.97
CA GLU E 389 0.96 9.03 -17.19
C GLU E 389 -0.48 8.64 -16.85
N LYS E 390 -1.28 9.63 -16.44
CA LYS E 390 -2.68 9.35 -16.15
C LYS E 390 -3.43 8.84 -17.37
N GLU E 391 -3.18 9.42 -18.55
CA GLU E 391 -3.88 8.97 -19.75
C GLU E 391 -3.49 7.55 -20.14
N ILE E 392 -2.21 7.20 -19.98
CA ILE E 392 -1.78 5.83 -20.28
C ILE E 392 -2.49 4.84 -19.35
N ALA E 393 -2.53 5.17 -18.06
CA ALA E 393 -3.26 4.31 -17.11
C ALA E 393 -4.72 4.19 -17.51
N GLY E 394 -5.34 5.29 -17.93
CA GLY E 394 -6.74 5.24 -18.35
C GLY E 394 -6.96 4.35 -19.55
N TYR E 395 -6.05 4.39 -20.53
CA TYR E 395 -6.11 3.46 -21.65
C TYR E 395 -6.15 2.01 -21.17
N GLU E 396 -5.22 1.66 -20.27
CA GLU E 396 -5.18 0.29 -19.77
C GLU E 396 -6.48 -0.10 -19.09
N ILE E 397 -7.00 0.78 -18.22
CA ILE E 397 -8.19 0.47 -17.44
C ILE E 397 -9.40 0.27 -18.35
N LEU E 398 -9.61 1.19 -19.29
CA LEU E 398 -10.77 1.09 -20.16
C LEU E 398 -10.70 -0.14 -21.05
N SER E 399 -9.52 -0.45 -21.59
CA SER E 399 -9.39 -1.65 -22.40
C SER E 399 -9.73 -2.91 -21.62
N THR E 400 -9.25 -3.00 -20.37
CA THR E 400 -9.55 -4.17 -19.56
C THR E 400 -11.05 -4.33 -19.32
N LEU E 401 -11.72 -3.25 -18.90
CA LEU E 401 -13.14 -3.35 -18.58
C LEU E 401 -13.97 -3.69 -19.83
N LEU E 402 -13.66 -3.05 -20.96
CA LEU E 402 -14.39 -3.34 -22.18
C LEU E 402 -14.20 -4.78 -22.62
N GLU E 403 -12.97 -5.30 -22.54
CA GLU E 403 -12.74 -6.68 -22.93
C GLU E 403 -13.50 -7.64 -22.04
N ALA E 404 -13.54 -7.37 -20.74
CA ALA E 404 -14.29 -8.24 -19.83
C ALA E 404 -15.76 -8.26 -20.18
N ARG E 405 -16.36 -7.08 -20.39
CA ARG E 405 -17.78 -7.03 -20.73
C ARG E 405 -18.06 -7.74 -22.06
N CYS E 406 -17.19 -7.55 -23.05
CA CYS E 406 -17.45 -8.16 -24.36
C CYS E 406 -17.32 -9.67 -24.30
N ARG E 407 -16.33 -10.19 -23.57
CA ARG E 407 -16.21 -11.64 -23.43
C ARG E 407 -17.37 -12.22 -22.63
N ALA E 408 -17.90 -11.46 -21.66
CA ALA E 408 -19.11 -11.92 -20.99
C ALA E 408 -20.29 -11.97 -21.95
N LEU E 409 -20.41 -10.98 -22.84
CA LEU E 409 -21.50 -10.95 -23.79
C LEU E 409 -21.41 -12.12 -24.78
N ASP E 410 -20.22 -12.52 -25.17
CA ASP E 410 -20.10 -13.62 -26.12
C ASP E 410 -20.58 -15.00 -25.63
N ASN E 411 -19.82 -15.63 -24.73
CA ASN E 411 -20.14 -16.97 -24.24
C ASN E 411 -21.45 -17.24 -23.46
N ASN E 412 -21.73 -16.41 -22.47
CA ASN E 412 -22.92 -16.48 -21.64
C ASN E 412 -23.19 -17.76 -20.83
N ASP E 413 -22.57 -18.87 -21.21
CA ASP E 413 -22.81 -20.13 -20.49
C ASP E 413 -21.81 -20.44 -19.37
N THR E 414 -20.63 -19.82 -19.41
CA THR E 414 -19.60 -20.05 -18.40
C THR E 414 -19.93 -19.46 -17.03
N HIS E 415 -19.43 -20.09 -15.97
CA HIS E 415 -19.63 -19.65 -14.59
C HIS E 415 -19.01 -18.26 -14.38
N TYR E 416 -17.84 -18.05 -14.99
CA TYR E 416 -17.14 -16.79 -14.89
C TYR E 416 -17.95 -15.69 -15.54
N ASN E 417 -18.59 -16.01 -16.66
CA ASN E 417 -19.43 -15.05 -17.38
C ASN E 417 -20.62 -14.63 -16.52
N GLN E 418 -21.20 -15.58 -15.80
CA GLN E 418 -22.30 -15.30 -14.91
C GLN E 418 -21.85 -14.40 -13.76
N LEU E 419 -20.65 -14.63 -13.24
CA LEU E 419 -20.12 -13.78 -12.18
C LEU E 419 -19.90 -12.35 -12.67
N ILE E 420 -19.32 -12.21 -13.85
CA ILE E 420 -19.07 -10.89 -14.41
C ILE E 420 -20.38 -10.15 -14.64
N GLN E 421 -21.41 -10.87 -15.12
CA GLN E 421 -22.71 -10.26 -15.30
C GLN E 421 -23.28 -9.77 -13.98
N GLN E 422 -23.21 -10.60 -12.93
CA GLN E 422 -23.72 -10.19 -11.63
C GLN E 422 -22.96 -9.00 -11.07
N LEU E 423 -21.67 -8.88 -11.38
CA LEU E 423 -20.89 -7.79 -10.81
C LEU E 423 -21.10 -6.49 -11.56
N LEU E 424 -20.91 -6.51 -12.89
CA LEU E 424 -20.86 -5.28 -13.68
C LEU E 424 -22.20 -4.89 -14.29
N ALA E 425 -23.26 -5.67 -14.06
CA ALA E 425 -24.57 -5.36 -14.63
C ALA E 425 -25.65 -5.95 -13.73
N PRO E 426 -26.18 -5.17 -12.79
CA PRO E 426 -27.20 -5.73 -11.87
C PRO E 426 -28.42 -6.30 -12.57
N GLU E 431 -33.90 -9.17 -24.56
CA GLU E 431 -33.74 -9.54 -25.96
C GLU E 431 -33.39 -8.30 -26.76
N LYS E 432 -32.18 -8.29 -27.34
CA LYS E 432 -31.70 -7.15 -28.11
C LYS E 432 -30.67 -7.64 -29.12
N SER E 433 -30.43 -6.82 -30.14
CA SER E 433 -29.49 -7.16 -31.19
C SER E 433 -28.06 -6.99 -30.72
N LEU E 434 -27.12 -7.39 -31.57
CA LEU E 434 -25.70 -7.25 -31.26
C LEU E 434 -25.29 -5.80 -31.13
N TYR E 435 -25.77 -4.95 -32.05
CA TYR E 435 -25.43 -3.53 -32.00
C TYR E 435 -25.96 -2.88 -30.73
N GLU E 436 -27.20 -3.22 -30.35
CA GLU E 436 -27.77 -2.67 -29.12
C GLU E 436 -26.97 -3.09 -27.90
N ASN E 437 -26.54 -4.36 -27.87
CA ASN E 437 -25.74 -4.83 -26.74
C ASN E 437 -24.40 -4.12 -26.66
N LEU E 438 -23.73 -3.93 -27.81
CA LEU E 438 -22.44 -3.27 -27.79
C LEU E 438 -22.55 -1.80 -27.39
N ILE E 439 -23.58 -1.12 -27.91
CA ILE E 439 -23.74 0.29 -27.56
C ILE E 439 -24.13 0.44 -26.09
N GLN E 440 -24.91 -0.52 -25.56
CA GLN E 440 -25.21 -0.49 -24.13
C GLN E 440 -23.98 -0.74 -23.29
N ILE E 441 -23.08 -1.62 -23.74
CA ILE E 441 -21.83 -1.85 -23.03
C ILE E 441 -21.01 -0.56 -22.98
N CYS E 442 -20.87 0.11 -24.13
CA CYS E 442 -20.11 1.35 -24.16
C CYS E 442 -20.78 2.44 -23.32
N ALA E 443 -22.10 2.43 -23.23
CA ALA E 443 -22.79 3.42 -22.40
C ALA E 443 -22.59 3.12 -20.91
N GLU E 444 -22.58 1.85 -20.53
CA GLU E 444 -22.39 1.50 -19.13
C GLU E 444 -20.96 1.73 -18.67
N VAL E 445 -19.99 1.59 -19.57
CA VAL E 445 -18.61 1.92 -19.20
C VAL E 445 -18.46 3.41 -18.95
N SER E 446 -19.18 4.24 -19.72
CA SER E 446 -19.04 5.68 -19.64
C SER E 446 -19.83 6.32 -18.51
N THR E 447 -20.58 5.54 -17.73
CA THR E 447 -21.26 6.09 -16.56
C THR E 447 -20.31 6.21 -15.38
N MET E 448 -19.28 5.38 -15.33
CA MET E 448 -18.37 5.36 -14.20
C MET E 448 -17.55 6.64 -14.11
N THR E 449 -17.17 6.98 -12.90
CA THR E 449 -16.18 8.03 -12.65
C THR E 449 -14.78 7.45 -12.82
N ASP E 450 -13.76 8.28 -12.59
CA ASP E 450 -12.39 7.80 -12.66
C ASP E 450 -12.09 6.85 -11.51
N GLY E 451 -12.47 7.23 -10.29
CA GLY E 451 -12.20 6.40 -9.13
C GLY E 451 -12.92 5.07 -9.17
N LYS E 452 -14.19 5.07 -9.59
CA LYS E 452 -14.94 3.84 -9.68
C LYS E 452 -14.35 2.90 -10.73
N ALA E 453 -13.95 3.46 -11.87
CA ALA E 453 -13.32 2.64 -12.90
C ALA E 453 -12.02 2.03 -12.40
N LEU E 454 -11.20 2.82 -11.71
CA LEU E 454 -9.95 2.29 -11.17
C LEU E 454 -10.20 1.20 -10.13
N ARG E 455 -11.18 1.41 -9.24
CA ARG E 455 -11.49 0.41 -8.23
C ARG E 455 -11.99 -0.88 -8.86
N ASN E 456 -12.84 -0.78 -9.87
CA ASN E 456 -13.30 -1.98 -10.58
C ASN E 456 -12.16 -2.68 -11.27
N TYR E 457 -11.23 -1.92 -11.84
CA TYR E 457 -10.07 -2.53 -12.49
C TYR E 457 -9.23 -3.34 -11.49
N LYS E 458 -8.97 -2.77 -10.32
CA LYS E 458 -8.22 -3.52 -9.32
C LYS E 458 -8.99 -4.75 -8.83
N LYS E 459 -10.31 -4.63 -8.66
CA LYS E 459 -11.09 -5.78 -8.21
C LYS E 459 -11.07 -6.90 -9.26
N ILE E 460 -11.13 -6.53 -10.54
CA ILE E 460 -11.00 -7.54 -11.60
C ILE E 460 -9.62 -8.20 -11.52
N LYS E 461 -8.57 -7.40 -11.31
CA LYS E 461 -7.24 -7.98 -11.18
C LYS E 461 -6.96 -8.57 -9.80
N GLY E 462 -7.84 -8.37 -8.83
CA GLY E 462 -7.59 -8.87 -7.49
C GLY E 462 -6.42 -8.20 -6.80
N LEU E 463 -6.27 -6.89 -6.96
CA LEU E 463 -5.18 -6.15 -6.34
C LEU E 463 -5.71 -5.17 -5.30
N ASN F 25 -39.91 47.42 7.77
CA ASN F 25 -40.72 47.30 6.56
C ASN F 25 -39.93 46.73 5.38
N TRP F 26 -40.65 46.35 4.32
CA TRP F 26 -40.06 45.58 3.24
C TRP F 26 -39.17 46.40 2.32
N GLU F 27 -39.31 47.72 2.32
CA GLU F 27 -38.48 48.54 1.44
C GLU F 27 -37.01 48.48 1.84
N HIS F 28 -36.73 48.50 3.14
CA HIS F 28 -35.36 48.46 3.62
C HIS F 28 -34.78 47.06 3.66
N LEU F 29 -35.63 46.02 3.58
CA LEU F 29 -35.13 44.66 3.65
C LEU F 29 -34.49 44.22 2.34
N LEU F 30 -34.92 44.76 1.21
CA LEU F 30 -34.37 44.40 -0.09
C LEU F 30 -33.34 45.45 -0.54
N SER F 31 -32.26 45.55 0.23
CA SER F 31 -31.23 46.55 -0.05
C SER F 31 -30.24 46.03 -1.07
N LEU F 32 -29.82 46.92 -1.97
CA LEU F 32 -28.85 46.61 -3.00
C LEU F 32 -27.47 47.20 -2.69
N LYS F 33 -27.21 47.50 -1.43
CA LYS F 33 -25.96 48.13 -1.04
C LYS F 33 -24.84 47.10 -0.92
N ARG F 34 -23.62 47.53 -1.21
CA ARG F 34 -22.42 46.73 -1.06
C ARG F 34 -21.43 47.46 -0.17
N GLN F 35 -20.54 46.69 0.44
CA GLN F 35 -19.58 47.27 1.39
C GLN F 35 -18.66 48.26 0.69
N GLY F 36 -18.46 49.41 1.32
CA GLY F 36 -17.67 50.47 0.75
C GLY F 36 -18.43 51.49 -0.07
N ASP F 37 -19.74 51.28 -0.27
CA ASP F 37 -20.53 52.19 -1.08
C ASP F 37 -20.74 53.52 -0.35
N THR F 38 -20.80 54.60 -1.14
CA THR F 38 -21.09 55.92 -0.64
C THR F 38 -22.45 56.43 -1.09
N ALA F 39 -22.79 56.24 -2.36
CA ALA F 39 -24.06 56.67 -2.89
C ALA F 39 -25.14 55.64 -2.54
N LYS F 40 -26.33 55.80 -3.13
CA LYS F 40 -27.44 54.89 -2.90
C LYS F 40 -27.83 54.24 -4.22
N ARG F 41 -27.75 52.91 -4.27
CA ARG F 41 -28.17 52.17 -5.44
C ARG F 41 -29.67 51.95 -5.39
N LEU F 42 -30.36 52.33 -6.46
CA LEU F 42 -31.82 52.19 -6.52
C LEU F 42 -32.19 51.09 -7.51
N ARG F 43 -33.33 50.45 -7.24
CA ARG F 43 -33.78 49.33 -8.06
C ARG F 43 -34.10 49.78 -9.48
N ILE F 44 -34.72 50.96 -9.63
CA ILE F 44 -35.10 51.45 -10.95
C ILE F 44 -33.91 51.90 -11.78
N GLU F 45 -32.72 52.01 -11.20
CA GLU F 45 -31.52 52.39 -11.94
C GLU F 45 -30.66 51.19 -12.28
N GLN F 46 -31.14 49.97 -12.05
CA GLN F 46 -30.39 48.76 -12.34
C GLN F 46 -30.50 48.38 -13.81
N ASP F 47 -29.56 47.55 -14.26
CA ASP F 47 -29.61 46.95 -15.58
C ASP F 47 -30.39 45.65 -15.48
N ASP F 48 -31.51 45.57 -16.20
CA ASP F 48 -32.45 44.48 -15.98
C ASP F 48 -31.92 43.15 -16.48
N THR F 49 -30.97 43.15 -17.42
CA THR F 49 -30.35 41.90 -17.86
C THR F 49 -29.61 41.23 -16.72
N ARG F 50 -28.90 42.01 -15.91
CA ARG F 50 -28.06 41.50 -14.81
C ARG F 50 -28.30 42.36 -13.58
N LEU F 51 -29.20 41.91 -12.71
CA LEU F 51 -29.42 42.59 -11.45
C LEU F 51 -28.36 42.17 -10.43
N GLY F 52 -28.31 42.91 -9.31
CA GLY F 52 -27.26 42.68 -8.33
C GLY F 52 -27.27 41.29 -7.72
N PHE F 53 -28.46 40.71 -7.51
CA PHE F 53 -28.55 39.39 -6.92
C PHE F 53 -28.01 38.32 -7.85
N GLU F 54 -28.25 38.46 -9.16
CA GLU F 54 -27.62 37.57 -10.13
C GLU F 54 -26.10 37.74 -10.15
N VAL F 55 -25.62 38.97 -9.95
CA VAL F 55 -24.18 39.18 -9.83
C VAL F 55 -23.63 38.44 -8.61
N ASP F 56 -24.39 38.45 -7.50
CA ASP F 56 -23.98 37.70 -6.32
C ASP F 56 -23.90 36.21 -6.61
N TYR F 57 -24.92 35.68 -7.30
CA TYR F 57 -24.91 34.28 -7.71
C TYR F 57 -23.67 33.95 -8.52
N ASP F 58 -23.38 34.77 -9.53
CA ASP F 58 -22.23 34.52 -10.40
C ASP F 58 -20.91 34.65 -9.66
N ARG F 59 -20.83 35.55 -8.69
CA ARG F 59 -19.60 35.70 -7.92
C ARG F 59 -19.37 34.50 -7.02
N ILE F 60 -20.43 33.93 -6.46
CA ILE F 60 -20.27 32.72 -5.67
C ILE F 60 -19.89 31.54 -6.55
N ILE F 61 -20.46 31.45 -7.75
CA ILE F 61 -20.22 30.29 -8.61
C ILE F 61 -18.74 30.19 -8.98
N PHE F 62 -18.08 31.32 -9.19
CA PHE F 62 -16.75 31.37 -9.77
C PHE F 62 -15.63 31.37 -8.73
N SER F 63 -15.94 31.23 -7.45
CA SER F 63 -14.94 31.33 -6.39
C SER F 63 -14.43 29.96 -5.98
N ALA F 64 -13.28 29.96 -5.30
CA ALA F 64 -12.61 28.75 -4.81
C ALA F 64 -13.28 28.14 -3.58
N PRO F 65 -13.75 28.93 -2.61
CA PRO F 65 -14.51 28.33 -1.51
C PRO F 65 -15.70 27.51 -1.97
N PHE F 66 -16.40 27.95 -3.01
CA PHE F 66 -17.51 27.16 -3.54
C PHE F 66 -17.02 25.87 -4.18
N ARG F 67 -15.91 25.92 -4.87
CA ARG F 67 -15.37 24.74 -5.49
C ARG F 67 -14.90 23.72 -4.48
N SER F 68 -14.37 24.14 -3.35
CA SER F 68 -13.91 23.19 -2.34
C SER F 68 -15.04 22.37 -1.74
N LEU F 69 -16.30 22.75 -1.96
CA LEU F 69 -17.43 21.99 -1.46
C LEU F 69 -17.60 20.65 -2.18
N GLN F 70 -16.88 20.42 -3.28
CA GLN F 70 -17.07 19.20 -4.05
C GLN F 70 -16.56 17.96 -3.34
N ASP F 71 -15.65 18.10 -2.38
CA ASP F 71 -15.08 16.97 -1.67
C ASP F 71 -15.20 17.21 -0.17
N LYS F 72 -16.39 17.59 0.27
CA LYS F 72 -16.67 17.80 1.69
C LYS F 72 -17.87 16.96 2.10
N THR F 73 -17.85 16.52 3.35
CA THR F 73 -18.82 15.53 3.82
C THR F 73 -20.20 16.14 3.99
N GLN F 74 -21.21 15.45 3.48
CA GLN F 74 -22.60 15.74 3.82
C GLN F 74 -23.10 14.81 4.93
N VAL F 75 -23.08 13.50 4.69
CA VAL F 75 -23.44 12.52 5.71
C VAL F 75 -22.31 11.49 5.85
N ILE F 76 -21.90 10.91 4.73
CA ILE F 76 -20.90 9.83 4.72
C ILE F 76 -19.56 10.42 4.33
N PRO F 77 -18.56 10.40 5.22
CA PRO F 77 -17.27 11.01 4.89
C PRO F 77 -16.52 10.22 3.82
N LEU F 78 -15.67 10.94 3.07
CA LEU F 78 -14.77 10.37 2.07
C LEU F 78 -15.55 9.54 1.05
N SER F 79 -16.52 10.19 0.40
CA SER F 79 -17.40 9.53 -0.55
C SER F 79 -17.63 10.42 -1.78
N LYS F 80 -16.56 10.98 -2.31
CA LYS F 80 -16.65 11.83 -3.49
C LYS F 80 -16.69 11.05 -4.80
N ASP F 82 -18.90 7.88 -5.42
CA ASP F 82 -20.13 7.10 -5.30
C ASP F 82 -21.29 7.79 -5.97
N PHE F 83 -22.49 7.46 -5.52
CA PHE F 83 -23.70 8.10 -5.98
C PHE F 83 -24.32 8.90 -4.84
N VAL F 84 -23.58 9.07 -3.74
CA VAL F 84 -24.06 9.80 -2.59
C VAL F 84 -23.78 11.28 -2.74
N HIS F 85 -24.45 12.10 -1.96
CA HIS F 85 -24.34 13.54 -2.08
C HIS F 85 -23.13 14.08 -1.34
N THR F 86 -22.59 15.18 -1.86
CA THR F 86 -21.61 16.02 -1.20
C THR F 86 -22.27 17.34 -0.85
N ARG F 87 -21.48 18.27 -0.29
CA ARG F 87 -22.03 19.58 0.05
C ARG F 87 -22.42 20.37 -1.20
N LEU F 88 -21.69 20.20 -2.29
CA LEU F 88 -21.92 20.98 -3.50
C LEU F 88 -23.27 20.65 -4.13
N THR F 89 -23.55 19.36 -4.32
CA THR F 89 -24.81 18.95 -4.95
C THR F 89 -26.01 19.23 -4.04
N HIS F 90 -25.83 19.04 -2.73
CA HIS F 90 -26.85 19.44 -1.77
C HIS F 90 -27.16 20.92 -1.88
N SER F 91 -26.10 21.75 -2.00
CA SER F 91 -26.31 23.19 -2.12
C SER F 91 -27.06 23.55 -3.39
N LEU F 92 -26.76 22.85 -4.49
CA LEU F 92 -27.48 23.11 -5.74
C LEU F 92 -28.96 22.77 -5.63
N GLU F 93 -29.28 21.62 -5.03
CA GLU F 93 -30.68 21.26 -4.86
C GLU F 93 -31.41 22.26 -3.96
N VAL F 94 -30.76 22.68 -2.88
CA VAL F 94 -31.35 23.69 -2.00
C VAL F 94 -31.57 24.98 -2.77
N SER F 95 -30.67 25.32 -3.69
CA SER F 95 -30.83 26.52 -4.49
C SER F 95 -32.08 26.44 -5.37
N VAL F 96 -32.32 25.29 -5.99
CA VAL F 96 -33.51 25.13 -6.83
C VAL F 96 -34.79 25.29 -6.01
N VAL F 97 -34.85 24.57 -4.88
CA VAL F 97 -36.06 24.63 -4.04
C VAL F 97 -36.25 26.05 -3.50
N GLY F 98 -35.17 26.71 -3.11
CA GLY F 98 -35.28 28.06 -2.59
C GLY F 98 -35.73 29.06 -3.63
N ARG F 99 -35.25 28.91 -4.87
CA ARG F 99 -35.72 29.78 -5.95
C ARG F 99 -37.23 29.65 -6.12
N SER F 100 -37.73 28.41 -6.12
CA SER F 100 -39.17 28.20 -6.27
C SER F 100 -39.95 28.85 -5.12
N LEU F 101 -39.52 28.59 -3.88
CA LEU F 101 -40.20 29.16 -2.72
C LEU F 101 -40.20 30.68 -2.76
N GLY F 102 -39.05 31.27 -3.10
CA GLY F 102 -38.97 32.71 -3.16
C GLY F 102 -39.87 33.31 -4.20
N ARG F 103 -39.98 32.67 -5.37
CA ARG F 103 -40.85 33.20 -6.40
C ARG F 103 -42.30 33.20 -5.95
N MET F 104 -42.77 32.09 -5.36
CA MET F 104 -44.16 32.06 -4.90
C MET F 104 -44.42 33.11 -3.81
N VAL F 105 -43.54 33.18 -2.82
CA VAL F 105 -43.75 34.11 -1.71
C VAL F 105 -43.70 35.54 -2.20
N GLY F 106 -42.80 35.84 -3.14
CA GLY F 106 -42.72 37.19 -3.66
C GLY F 106 -43.95 37.59 -4.44
N LYS F 107 -44.49 36.67 -5.24
CA LYS F 107 -45.72 36.98 -5.95
C LYS F 107 -46.85 37.29 -4.98
N LYS F 108 -46.98 36.48 -3.93
CA LYS F 108 -48.03 36.74 -2.94
C LYS F 108 -47.80 38.06 -2.21
N LEU F 109 -46.55 38.39 -1.90
CA LEU F 109 -46.26 39.64 -1.21
C LEU F 109 -46.62 40.86 -2.06
N LEU F 110 -46.15 40.88 -3.31
CA LEU F 110 -46.52 41.99 -4.19
C LEU F 110 -48.02 42.03 -4.45
N GLU F 111 -48.70 40.89 -4.34
CA GLU F 111 -50.15 40.93 -4.33
C GLU F 111 -50.67 41.66 -3.09
N LYS F 112 -50.06 41.40 -1.93
CA LYS F 112 -50.52 42.02 -0.70
C LYS F 112 -50.17 43.51 -0.63
N TYR F 113 -48.93 43.86 -0.99
CA TYR F 113 -48.49 45.26 -0.99
C TYR F 113 -48.20 45.70 -2.42
N PRO F 114 -49.13 46.38 -3.09
CA PRO F 114 -48.87 46.79 -4.48
C PRO F 114 -47.91 47.95 -4.61
N HIS F 115 -47.67 48.71 -3.53
CA HIS F 115 -46.81 49.89 -3.64
C HIS F 115 -45.38 49.52 -3.95
N LEU F 116 -44.93 48.34 -3.51
CA LEU F 116 -43.58 47.87 -3.83
C LEU F 116 -43.33 47.91 -5.35
N GLU F 117 -44.12 47.14 -6.10
CA GLU F 117 -43.97 47.12 -7.55
C GLU F 117 -44.34 48.46 -8.18
N GLN F 118 -45.40 49.11 -7.67
CA GLN F 118 -45.92 50.30 -8.33
C GLN F 118 -45.02 51.53 -8.16
N VAL F 119 -44.13 51.53 -7.16
CA VAL F 119 -43.30 52.70 -6.92
C VAL F 119 -41.83 52.31 -6.98
N TYR F 120 -41.41 51.35 -6.15
CA TYR F 120 -40.00 51.03 -6.06
C TYR F 120 -39.51 50.25 -7.27
N GLY F 121 -40.38 49.44 -7.88
CA GLY F 121 -40.03 48.75 -9.10
C GLY F 121 -39.49 47.34 -8.88
N TYR F 122 -40.11 46.60 -7.98
CA TYR F 122 -39.68 45.25 -7.67
C TYR F 122 -40.55 44.22 -8.38
N LYS F 123 -39.93 43.08 -8.70
CA LYS F 123 -40.60 41.97 -9.34
C LYS F 123 -40.39 40.71 -8.49
N PHE F 124 -41.25 39.71 -8.71
CA PHE F 124 -41.17 38.50 -7.90
C PHE F 124 -39.95 37.66 -8.21
N ASN F 125 -39.21 37.97 -9.27
CA ASN F 125 -37.97 37.26 -9.55
C ASN F 125 -36.86 37.70 -8.61
N ASP F 126 -36.94 38.92 -8.07
CA ASP F 126 -35.94 39.42 -7.14
C ASP F 126 -35.89 38.57 -5.88
N PHE F 127 -37.06 38.21 -5.34
CA PHE F 127 -37.11 37.37 -4.16
C PHE F 127 -36.48 36.01 -4.43
N GLY F 128 -36.78 35.43 -5.59
CA GLY F 128 -36.19 34.16 -5.94
C GLY F 128 -34.69 34.25 -6.08
N ALA F 129 -34.20 35.33 -6.69
CA ALA F 129 -32.75 35.53 -6.81
C ALA F 129 -32.09 35.64 -5.43
N ILE F 130 -32.70 36.39 -4.53
CA ILE F 130 -32.15 36.54 -3.18
C ILE F 130 -32.08 35.19 -2.48
N VAL F 131 -33.18 34.44 -2.51
CA VAL F 131 -33.21 33.17 -1.79
C VAL F 131 -32.27 32.15 -2.42
N ALA F 132 -32.19 32.14 -3.76
CA ALA F 132 -31.26 31.22 -4.43
C ALA F 132 -29.81 31.55 -4.10
N ALA F 133 -29.44 32.83 -4.13
CA ALA F 133 -28.08 33.20 -3.79
C ALA F 133 -27.75 32.87 -2.34
N ALA F 134 -28.69 33.12 -1.42
CA ALA F 134 -28.45 32.79 -0.02
C ALA F 134 -28.34 31.29 0.20
N ALA F 135 -29.19 30.50 -0.46
CA ALA F 135 -29.17 29.06 -0.29
C ALA F 135 -27.96 28.41 -0.96
N LEU F 136 -27.38 29.07 -1.95
CA LEU F 136 -26.21 28.49 -2.63
C LEU F 136 -24.98 28.51 -1.73
N ALA F 137 -24.83 29.55 -0.90
CA ALA F 137 -23.65 29.72 -0.08
C ALA F 137 -23.89 29.40 1.40
N HIS F 138 -24.99 28.73 1.72
CA HIS F 138 -25.38 28.52 3.12
C HIS F 138 -24.55 27.49 3.85
N ASP F 139 -23.62 26.80 3.22
CA ASP F 139 -22.82 25.84 3.93
C ASP F 139 -21.41 26.03 3.61
N ILE F 140 -21.05 27.17 3.10
CA ILE F 140 -19.71 27.41 2.57
C ILE F 140 -18.62 27.46 3.63
N GLY F 141 -18.98 27.60 4.89
CA GLY F 141 -18.01 27.63 5.97
C GLY F 141 -17.82 26.33 6.71
N ASN F 142 -18.44 25.24 6.26
CA ASN F 142 -18.33 23.98 6.98
C ASN F 142 -16.93 23.40 6.83
N PRO F 143 -16.40 22.78 7.88
CA PRO F 143 -15.07 22.16 7.79
C PRO F 143 -15.15 20.76 7.22
N PRO F 144 -14.02 20.14 6.91
CA PRO F 144 -14.05 18.73 6.52
C PRO F 144 -14.58 17.85 7.63
N PHE F 145 -15.23 16.75 7.21
CA PHE F 145 -15.81 15.72 8.07
C PHE F 145 -17.09 16.16 8.78
N GLY F 146 -17.55 17.39 8.53
CA GLY F 146 -18.89 17.78 8.94
C GLY F 146 -19.03 18.03 10.43
N ALA F 147 -20.12 17.49 11.00
CA ALA F 147 -20.44 17.73 12.40
C ALA F 147 -19.35 17.20 13.32
N SER F 148 -18.84 16.00 13.02
CA SER F 148 -17.71 15.48 13.78
C SER F 148 -16.49 16.38 13.66
N GLY F 149 -16.29 17.00 12.50
CA GLY F 149 -15.18 17.92 12.35
C GLY F 149 -15.30 19.15 13.24
N GLU F 150 -16.49 19.75 13.25
CA GLU F 150 -16.71 20.89 14.14
C GLU F 150 -16.52 20.51 15.60
N LYS F 151 -17.06 19.35 16.00
CA LYS F 151 -16.92 18.93 17.37
C LYS F 151 -15.46 18.64 17.73
N ALA F 152 -14.68 18.12 16.78
CA ALA F 152 -13.26 17.90 17.04
C ALA F 152 -12.52 19.22 17.21
N ILE F 153 -12.82 20.20 16.36
CA ILE F 153 -12.17 21.50 16.50
C ILE F 153 -12.50 22.12 17.85
N GLY F 154 -13.76 21.97 18.30
CA GLY F 154 -14.11 22.47 19.62
C GLY F 154 -13.42 21.74 20.76
N GLU F 155 -13.39 20.40 20.67
CA GLU F 155 -12.79 19.60 21.74
C GLU F 155 -11.29 19.83 21.85
N PHE F 156 -10.65 20.21 20.74
CA PHE F 156 -9.22 20.53 20.81
C PHE F 156 -8.95 21.69 21.76
N PHE F 157 -9.74 22.76 21.65
CA PHE F 157 -9.58 23.89 22.56
C PHE F 157 -10.16 23.60 23.94
N LYS F 158 -11.13 22.70 24.02
CA LYS F 158 -11.75 22.42 25.31
C LYS F 158 -10.86 21.55 26.20
N ASN F 159 -10.51 20.36 25.74
CA ASN F 159 -9.77 19.39 26.55
C ASN F 159 -8.38 19.06 26.03
N GLY F 160 -7.92 19.69 24.97
CA GLY F 160 -6.64 19.38 24.37
C GLY F 160 -5.59 20.45 24.60
N TYR F 161 -4.69 20.59 23.63
CA TYR F 161 -3.59 21.54 23.74
C TYR F 161 -4.10 22.98 23.87
N GLY F 162 -5.06 23.36 23.03
CA GLY F 162 -5.53 24.72 22.98
C GLY F 162 -6.10 25.23 24.30
N LYS F 163 -6.43 24.31 25.20
CA LYS F 163 -6.90 24.71 26.53
C LYS F 163 -5.92 25.65 27.23
N ARG F 164 -4.63 25.53 26.92
CA ARG F 164 -3.65 26.37 27.58
C ARG F 164 -3.85 27.85 27.28
N TYR F 165 -4.64 28.20 26.28
CA TYR F 165 -4.88 29.58 25.95
C TYR F 165 -6.04 30.20 26.73
N LYS F 166 -6.74 29.41 27.55
CA LYS F 166 -7.97 29.89 28.18
C LYS F 166 -7.75 31.18 28.96
N ASP F 167 -6.60 31.32 29.60
CA ASP F 167 -6.34 32.46 30.46
C ASP F 167 -5.95 33.72 29.69
N SER F 168 -5.59 33.60 28.43
CA SER F 168 -5.11 34.74 27.64
C SER F 168 -6.20 35.40 26.81
N LEU F 169 -7.44 34.91 26.89
CA LEU F 169 -8.49 35.33 25.98
C LEU F 169 -9.71 35.80 26.75
N THR F 170 -10.49 36.67 26.12
CA THR F 170 -11.76 37.09 26.66
C THR F 170 -12.74 35.91 26.67
N ALA F 171 -13.73 36.00 27.56
CA ALA F 171 -14.68 34.90 27.72
C ALA F 171 -15.43 34.61 26.44
N LYS F 172 -15.89 35.64 25.74
CA LYS F 172 -16.62 35.42 24.49
C LYS F 172 -15.71 34.86 23.41
N GLU F 173 -14.44 35.27 23.37
CA GLU F 173 -13.50 34.71 22.41
C GLU F 173 -13.26 33.22 22.67
N TYR F 174 -13.09 32.86 23.94
CA TYR F 174 -12.92 31.45 24.28
C TYR F 174 -14.17 30.65 23.93
N GLN F 175 -15.35 31.24 24.17
CA GLN F 175 -16.59 30.58 23.77
C GLN F 175 -16.65 30.39 22.26
N ASP F 176 -16.21 31.38 21.50
CA ASP F 176 -16.09 31.22 20.05
C ASP F 176 -15.22 30.01 19.71
N LEU F 177 -14.09 29.88 20.38
CA LEU F 177 -13.14 28.84 20.03
C LEU F 177 -13.59 27.45 20.49
N ILE F 178 -14.42 27.35 21.53
CA ILE F 178 -14.83 26.04 22.03
C ILE F 178 -16.20 25.60 21.53
N LYS F 179 -16.94 26.47 20.85
CA LYS F 179 -18.21 26.12 20.20
C LYS F 179 -18.16 26.52 18.74
N PHE F 180 -17.09 26.11 18.06
CA PHE F 180 -16.86 26.51 16.68
C PHE F 180 -18.05 26.19 15.81
N GLU F 181 -18.52 27.19 15.07
CA GLU F 181 -19.73 27.07 14.27
C GLU F 181 -19.40 27.29 12.80
N GLY F 182 -20.04 26.51 11.93
CA GLY F 182 -19.83 26.66 10.51
C GLY F 182 -20.50 27.89 9.93
N ASN F 183 -21.55 28.38 10.57
CA ASN F 183 -22.22 29.59 10.08
C ASN F 183 -21.35 30.82 10.26
N ALA F 184 -20.69 30.95 11.41
CA ALA F 184 -19.79 32.06 11.63
C ALA F 184 -18.61 32.01 10.66
N ASN F 185 -18.07 30.81 10.42
CA ASN F 185 -16.99 30.67 9.45
C ASN F 185 -17.46 31.00 8.04
N GLY F 186 -18.71 30.66 7.71
CA GLY F 186 -19.24 31.05 6.40
C GLY F 186 -19.36 32.55 6.23
N PHE F 187 -19.82 33.24 7.28
CA PHE F 187 -19.85 34.70 7.23
C PHE F 187 -18.42 35.25 7.08
N LYS F 188 -17.46 34.67 7.79
CA LYS F 188 -16.08 35.11 7.67
C LYS F 188 -15.55 34.92 6.25
N VAL F 189 -15.88 33.80 5.62
CA VAL F 189 -15.44 33.55 4.25
C VAL F 189 -16.08 34.55 3.30
N LEU F 190 -17.37 34.81 3.46
CA LEU F 190 -18.07 35.71 2.55
C LEU F 190 -17.57 37.14 2.67
N SER F 191 -17.24 37.60 3.88
CA SER F 191 -16.92 39.00 4.12
C SER F 191 -15.48 39.18 4.56
N GLN F 192 -14.55 38.47 3.92
CA GLN F 192 -13.15 38.50 4.32
C GLN F 192 -12.44 39.69 3.68
N SER F 193 -11.60 40.36 4.46
CA SER F 193 -10.81 41.47 3.97
C SER F 193 -9.36 41.03 3.79
N LYS F 194 -8.81 41.34 2.62
CA LYS F 194 -7.46 40.95 2.23
C LYS F 194 -6.72 42.18 1.74
N PRO F 195 -5.38 42.17 1.82
CA PRO F 195 -4.62 43.34 1.34
C PRO F 195 -4.84 43.58 -0.15
N GLY F 196 -5.40 44.73 -0.46
CA GLY F 196 -5.67 45.14 -1.83
C GLY F 196 -7.08 44.87 -2.31
N ALA F 197 -7.88 44.13 -1.55
CA ALA F 197 -9.25 43.81 -1.97
C ALA F 197 -10.11 43.73 -0.71
N GLN F 198 -10.77 44.82 -0.38
CA GLN F 198 -11.61 44.88 0.81
C GLN F 198 -13.02 44.39 0.51
N GLY F 199 -13.64 43.77 1.50
CA GLY F 199 -15.02 43.33 1.42
C GLY F 199 -15.22 41.90 0.96
N GLY F 200 -14.19 41.26 0.42
CA GLY F 200 -14.33 39.90 -0.07
C GLY F 200 -15.14 39.81 -1.34
N LEU F 201 -16.19 39.00 -1.34
CA LEU F 201 -17.02 38.86 -2.52
C LEU F 201 -17.93 40.07 -2.75
N ARG F 202 -18.10 40.92 -1.73
CA ARG F 202 -18.90 42.14 -1.83
C ARG F 202 -20.33 41.85 -2.29
N LEU F 203 -21.02 41.02 -1.52
CA LEU F 203 -22.40 40.67 -1.82
C LEU F 203 -23.34 41.78 -1.34
N SER F 204 -24.57 41.72 -1.84
CA SER F 204 -25.59 42.67 -1.43
C SER F 204 -26.01 42.42 0.01
N TYR F 205 -26.59 43.44 0.64
CA TYR F 205 -26.96 43.34 2.05
C TYR F 205 -28.19 42.48 2.25
N ALA F 206 -29.10 42.46 1.28
CA ALA F 206 -30.25 41.56 1.36
C ALA F 206 -29.82 40.11 1.37
N THR F 207 -28.84 39.76 0.51
CA THR F 207 -28.33 38.40 0.49
C THR F 207 -27.64 38.03 1.80
N LEU F 208 -26.85 38.94 2.35
CA LEU F 208 -26.19 38.68 3.62
C LEU F 208 -27.19 38.52 4.75
N GLY F 209 -28.27 39.30 4.73
CA GLY F 209 -29.30 39.13 5.73
C GLY F 209 -30.03 37.81 5.61
N ALA F 210 -30.39 37.42 4.38
CA ALA F 210 -31.08 36.16 4.17
C ALA F 210 -30.19 34.95 4.44
N PHE F 211 -28.88 35.11 4.32
CA PHE F 211 -27.96 34.04 4.69
C PHE F 211 -27.83 33.87 6.20
N MET F 212 -28.23 34.88 6.97
CA MET F 212 -27.93 34.96 8.39
C MET F 212 -29.11 34.41 9.19
N LYS F 213 -28.88 33.33 9.94
CA LYS F 213 -29.97 32.66 10.65
C LYS F 213 -29.87 32.72 12.17
N TYR F 214 -28.71 33.04 12.74
CA TYR F 214 -28.56 33.22 14.18
C TYR F 214 -27.87 34.54 14.45
N PRO F 215 -28.61 35.65 14.39
CA PRO F 215 -27.98 36.96 14.60
C PRO F 215 -27.64 37.25 16.06
N LYS F 216 -26.64 36.57 16.60
CA LYS F 216 -26.23 36.81 17.98
C LYS F 216 -24.78 36.35 18.15
N GLU F 217 -24.17 36.78 19.26
CA GLU F 217 -22.83 36.39 19.62
C GLU F 217 -22.84 35.02 20.32
N SER F 218 -21.67 34.57 20.76
CA SER F 218 -21.57 33.24 21.35
C SER F 218 -22.09 33.20 22.79
N LEU F 219 -22.17 34.35 23.46
CA LEU F 219 -22.69 34.39 24.81
C LEU F 219 -23.83 35.41 24.91
N PRO F 220 -24.87 35.14 25.71
CA PRO F 220 -25.08 33.94 26.54
C PRO F 220 -25.45 32.70 25.72
N HIS F 221 -25.21 31.53 26.30
CA HIS F 221 -25.39 30.26 25.59
C HIS F 221 -26.82 29.79 25.79
N LYS F 222 -27.58 29.74 24.69
CA LYS F 222 -28.98 29.31 24.67
C LYS F 222 -29.81 30.04 25.72
N PRO F 223 -30.06 31.33 25.56
CA PRO F 223 -30.85 32.05 26.57
C PRO F 223 -32.29 31.57 26.69
N SER F 224 -32.95 31.34 25.57
CA SER F 224 -34.37 31.01 25.55
C SER F 224 -34.63 29.79 24.66
N ASP F 225 -35.91 29.47 24.49
CA ASP F 225 -36.36 28.38 23.63
C ASP F 225 -36.68 28.85 22.22
N HIS F 226 -36.42 30.11 21.89
CA HIS F 226 -36.64 30.64 20.56
C HIS F 226 -35.70 29.94 19.56
N ILE F 227 -36.02 30.08 18.28
CA ILE F 227 -35.27 29.36 17.25
C ILE F 227 -33.99 30.08 16.83
N ALA F 228 -33.89 31.39 17.04
CA ALA F 228 -32.71 32.15 16.69
C ALA F 228 -31.67 32.16 17.80
N ASP F 229 -31.78 31.27 18.77
CA ASP F 229 -30.90 31.26 19.94
C ASP F 229 -30.17 29.94 20.13
N LYS F 230 -30.37 28.97 19.25
CA LYS F 230 -29.74 27.67 19.44
C LYS F 230 -28.23 27.73 19.26
N LYS F 231 -27.73 28.67 18.48
CA LYS F 231 -26.31 28.80 18.18
C LYS F 231 -25.99 30.28 17.99
N TYR F 232 -24.85 30.56 17.39
CA TYR F 232 -24.44 31.93 17.09
C TYR F 232 -23.99 32.01 15.64
N GLY F 233 -23.94 33.24 15.13
CA GLY F 233 -23.74 33.43 13.70
C GLY F 233 -22.53 34.23 13.25
N PHE F 234 -21.85 34.92 14.16
CA PHE F 234 -20.63 35.63 13.76
C PHE F 234 -19.62 35.62 14.90
N PHE F 235 -18.35 35.78 14.52
CA PHE F 235 -17.25 35.84 15.46
C PHE F 235 -17.11 37.25 16.02
N GLN F 236 -16.16 37.42 16.96
CA GLN F 236 -15.93 38.74 17.54
C GLN F 236 -15.17 39.65 16.59
N SER F 237 -14.43 39.07 15.64
CA SER F 237 -13.66 39.87 14.70
C SER F 237 -14.50 40.48 13.61
N GLU F 238 -15.75 40.04 13.43
CA GLU F 238 -16.63 40.60 12.42
C GLU F 238 -17.92 41.17 12.98
N ARG F 239 -18.07 41.23 14.31
CA ARG F 239 -19.27 41.78 14.91
C ARG F 239 -19.58 43.16 14.33
N ALA F 240 -18.58 44.04 14.31
CA ALA F 240 -18.76 45.38 13.75
C ALA F 240 -19.38 45.31 12.36
N LEU F 241 -18.82 44.45 11.51
CA LEU F 241 -19.34 44.31 10.16
C LEU F 241 -20.84 44.02 10.17
N PHE F 242 -21.26 43.01 10.93
CA PHE F 242 -22.67 42.67 10.94
C PHE F 242 -23.51 43.83 11.47
N GLU F 243 -22.97 44.58 12.43
CA GLU F 243 -23.68 45.75 12.93
C GLU F 243 -24.09 46.64 11.77
N ASP F 244 -23.14 46.95 10.89
CA ASP F 244 -23.45 47.75 9.72
C ASP F 244 -24.61 47.14 8.94
N VAL F 245 -24.50 45.86 8.61
CA VAL F 245 -25.58 45.19 7.89
C VAL F 245 -26.88 45.32 8.66
N ALA F 246 -26.83 45.04 9.96
CA ALA F 246 -28.05 45.04 10.76
C ALA F 246 -28.68 46.42 10.86
N GLN F 247 -27.94 47.47 10.62
CA GLN F 247 -28.54 48.76 10.72
C GLN F 247 -29.06 49.24 9.37
N GLU F 248 -28.63 48.62 8.27
CA GLU F 248 -29.10 49.05 6.96
C GLU F 248 -30.43 48.41 6.61
N LEU F 249 -30.61 47.15 6.98
CA LEU F 249 -31.84 46.43 6.66
C LEU F 249 -33.01 46.87 7.52
N GLY F 250 -32.74 47.34 8.73
CA GLY F 250 -33.80 47.70 9.65
C GLY F 250 -34.29 46.52 10.47
N LEU F 251 -33.38 45.65 10.86
CA LEU F 251 -33.72 44.51 11.69
C LEU F 251 -33.98 44.95 13.13
N LEU F 252 -35.00 44.35 13.75
CA LEU F 252 -35.37 44.69 15.11
C LEU F 252 -34.34 44.17 16.09
N LYS F 253 -34.11 44.94 17.15
CA LYS F 253 -33.11 44.58 18.16
C LYS F 253 -33.76 43.88 19.33
N ARG F 254 -33.09 42.82 19.81
CA ARG F 254 -33.63 42.01 20.91
C ARG F 254 -32.79 42.07 22.18
N SER F 255 -31.61 42.69 22.13
CA SER F 255 -30.77 42.81 23.32
C SER F 255 -29.73 43.89 23.08
N THR F 256 -29.55 44.75 24.07
CA THR F 256 -28.56 45.81 23.99
C THR F 256 -27.79 46.02 25.29
N THR F 257 -27.90 45.11 26.26
CA THR F 257 -27.25 45.28 27.55
C THR F 257 -25.73 45.32 27.41
N ASP F 258 -25.15 44.18 27.07
CA ASP F 258 -23.75 44.12 26.68
C ASP F 258 -23.50 43.15 25.53
N ASP F 259 -24.53 42.43 25.07
CA ASP F 259 -24.40 41.45 24.00
C ASP F 259 -25.51 41.73 22.99
N VAL F 260 -25.14 41.96 21.75
CA VAL F 260 -26.09 42.36 20.72
C VAL F 260 -26.78 41.13 20.17
N SER F 261 -28.06 41.27 19.83
CA SER F 261 -28.83 40.21 19.20
C SER F 261 -30.03 40.83 18.50
N TRP F 262 -30.13 40.61 17.20
CA TRP F 262 -31.22 41.11 16.38
C TRP F 262 -32.15 39.96 15.99
N SER F 263 -33.27 40.31 15.37
CA SER F 263 -34.21 39.31 14.88
C SER F 263 -33.85 38.89 13.46
N ARG F 264 -34.53 37.84 13.00
CA ARG F 264 -34.22 37.25 11.71
C ARG F 264 -34.75 38.08 10.55
N HIS F 265 -33.99 38.09 9.46
CA HIS F 265 -34.52 38.49 8.17
C HIS F 265 -35.63 37.52 7.76
N PRO F 266 -36.74 38.02 7.23
CA PRO F 266 -37.87 37.11 6.94
C PRO F 266 -37.54 35.99 5.96
N LEU F 267 -36.59 36.17 5.05
CA LEU F 267 -36.28 35.14 4.06
C LEU F 267 -35.34 34.06 4.58
N ALA F 268 -34.70 34.27 5.73
CA ALA F 268 -33.93 33.20 6.35
C ALA F 268 -34.81 32.02 6.72
N TYR F 269 -36.08 32.29 7.04
CA TYR F 269 -37.03 31.20 7.27
C TYR F 269 -37.18 30.33 6.03
N LEU F 270 -37.30 30.95 4.85
CA LEU F 270 -37.41 30.19 3.62
C LEU F 270 -36.14 29.40 3.32
N VAL F 271 -34.98 30.02 3.55
CA VAL F 271 -33.71 29.31 3.34
C VAL F 271 -33.65 28.07 4.21
N GLU F 272 -34.00 28.21 5.49
CA GLU F 272 -33.96 27.08 6.41
C GLU F 272 -34.97 26.01 6.02
N ALA F 273 -36.16 26.42 5.59
CA ALA F 273 -37.16 25.45 5.16
C ALA F 273 -36.67 24.63 3.98
N ALA F 274 -36.06 25.30 2.99
CA ALA F 274 -35.54 24.58 1.83
C ALA F 274 -34.46 23.59 2.21
N ASP F 275 -33.54 24.01 3.07
CA ASP F 275 -32.46 23.14 3.53
C ASP F 275 -33.01 21.92 4.27
N ASP F 276 -34.00 22.12 5.13
CA ASP F 276 -34.58 21.02 5.89
C ASP F 276 -35.28 20.03 4.98
N ILE F 277 -36.13 20.52 4.07
CA ILE F 277 -36.84 19.63 3.15
C ILE F 277 -35.84 18.78 2.38
N CYS F 278 -34.84 19.43 1.78
CA CYS F 278 -33.93 18.72 0.89
C CYS F 278 -33.16 17.63 1.63
N TYR F 279 -32.51 17.98 2.74
CA TYR F 279 -31.69 16.94 3.36
C TYR F 279 -32.55 15.85 3.98
N THR F 280 -33.73 16.22 4.52
CA THR F 280 -34.60 15.21 5.11
C THR F 280 -35.01 14.15 4.10
N ILE F 281 -35.36 14.57 2.88
CA ILE F 281 -35.80 13.57 1.89
C ILE F 281 -34.61 12.83 1.28
N ILE F 282 -33.56 13.56 0.90
CA ILE F 282 -32.47 12.93 0.15
C ILE F 282 -31.66 11.97 1.01
N ASP F 283 -31.52 12.25 2.32
CA ASP F 283 -30.80 11.30 3.17
C ASP F 283 -31.51 9.94 3.20
N PHE F 284 -32.84 9.96 3.31
CA PHE F 284 -33.62 8.73 3.26
C PHE F 284 -33.43 8.02 1.93
N GLU F 285 -33.52 8.77 0.82
CA GLU F 285 -33.38 8.13 -0.49
C GLU F 285 -32.01 7.47 -0.65
N ASP F 286 -30.95 8.17 -0.24
CA ASP F 286 -29.60 7.62 -0.37
C ASP F 286 -29.41 6.42 0.53
N GLY F 287 -29.96 6.45 1.76
CA GLY F 287 -29.86 5.31 2.62
C GLY F 287 -30.57 4.09 2.07
N ILE F 288 -31.70 4.31 1.39
CA ILE F 288 -32.39 3.19 0.75
C ILE F 288 -31.56 2.63 -0.40
N ASN F 289 -30.95 3.52 -1.19
CA ASN F 289 -30.16 3.07 -2.33
C ASN F 289 -28.88 2.35 -1.89
N LEU F 290 -28.33 2.71 -0.74
CA LEU F 290 -27.09 2.10 -0.28
C LEU F 290 -27.26 0.66 0.21
N GLY F 291 -28.45 0.30 0.69
CA GLY F 291 -28.67 -1.00 1.27
C GLY F 291 -28.84 -1.01 2.78
N LEU F 292 -29.09 0.13 3.39
CA LEU F 292 -29.25 0.21 4.84
C LEU F 292 -30.70 0.32 5.29
N ILE F 293 -31.61 0.72 4.41
CA ILE F 293 -33.04 0.81 4.74
C ILE F 293 -33.84 0.04 3.71
N PRO F 294 -34.72 -0.87 4.12
CA PRO F 294 -35.60 -1.56 3.16
C PRO F 294 -36.62 -0.60 2.54
N GLU F 295 -37.11 -1.00 1.36
CA GLU F 295 -38.05 -0.18 0.59
C GLU F 295 -39.46 -0.19 1.17
N GLU F 296 -39.79 -1.20 1.97
CA GLU F 296 -41.09 -1.23 2.63
C GLU F 296 -41.31 0.03 3.47
N TYR F 297 -40.28 0.44 4.20
CA TYR F 297 -40.33 1.70 4.93
C TYR F 297 -40.48 2.88 3.97
N ALA F 298 -39.85 2.80 2.80
CA ALA F 298 -39.94 3.88 1.83
C ALA F 298 -41.38 4.12 1.42
N LEU F 299 -42.13 3.06 1.18
CA LEU F 299 -43.54 3.25 0.85
C LEU F 299 -44.36 3.62 2.09
N GLU F 300 -44.08 3.00 3.23
CA GLU F 300 -44.92 3.18 4.41
C GLU F 300 -44.86 4.61 4.93
N TYR F 301 -43.67 5.20 4.97
CA TYR F 301 -43.51 6.53 5.54
C TYR F 301 -43.79 7.66 4.56
N MET F 302 -44.06 7.34 3.28
CA MET F 302 -44.30 8.36 2.29
C MET F 302 -45.66 8.25 1.60
N VAL F 303 -46.44 7.20 1.88
CA VAL F 303 -47.76 7.06 1.26
C VAL F 303 -48.63 8.27 1.56
N LYS F 304 -48.59 8.76 2.80
CA LYS F 304 -49.39 9.93 3.15
C LYS F 304 -48.90 11.17 2.40
N LEU F 305 -47.58 11.34 2.29
CA LEU F 305 -47.03 12.53 1.65
C LEU F 305 -47.38 12.57 0.17
N VAL F 306 -47.29 11.43 -0.53
CA VAL F 306 -47.44 11.41 -1.97
C VAL F 306 -48.84 11.03 -2.43
N GLY F 307 -49.78 10.85 -1.50
CA GLY F 307 -51.09 10.33 -1.84
C GLY F 307 -51.95 11.23 -2.71
N GLN F 308 -51.73 12.54 -2.63
CA GLN F 308 -52.61 13.48 -3.30
C GLN F 308 -52.30 13.65 -4.78
N THR F 309 -51.15 13.17 -5.26
CA THR F 309 -50.79 13.37 -6.66
C THR F 309 -50.18 12.14 -7.32
N ILE F 310 -50.22 10.98 -6.67
CA ILE F 310 -49.58 9.79 -7.20
C ILE F 310 -50.48 9.14 -8.24
N ASP F 311 -49.88 8.70 -9.34
CA ASP F 311 -50.59 7.99 -10.39
C ASP F 311 -50.09 6.58 -10.18
N ARG F 312 -50.95 5.70 -9.68
CA ARG F 312 -50.51 4.34 -9.39
C ARG F 312 -50.01 3.57 -10.61
N ASN F 313 -50.60 3.80 -11.77
CA ASN F 313 -50.16 3.14 -13.00
C ASN F 313 -48.66 3.25 -13.23
N LYS F 314 -48.13 4.48 -13.17
CA LYS F 314 -46.72 4.75 -13.37
C LYS F 314 -45.89 4.09 -12.28
N TYR F 315 -46.37 4.10 -11.04
CA TYR F 315 -45.64 3.48 -9.94
C TYR F 315 -45.53 1.98 -10.14
N ASN F 316 -46.60 1.35 -10.63
CA ASN F 316 -46.59 -0.10 -10.82
C ASN F 316 -45.88 -0.53 -12.09
N ALA F 317 -45.65 0.40 -13.03
CA ALA F 317 -44.92 0.06 -14.25
C ALA F 317 -43.41 -0.06 -14.01
N LEU F 318 -42.87 0.73 -13.08
CA LEU F 318 -41.43 0.75 -12.85
C LEU F 318 -40.96 -0.58 -12.26
N GLN F 319 -39.72 -0.94 -12.57
CA GLN F 319 -39.18 -2.25 -12.23
C GLN F 319 -37.90 -2.19 -11.42
N GLU F 320 -37.51 -1.01 -10.93
CA GLU F 320 -36.31 -0.88 -10.12
C GLU F 320 -36.60 -0.02 -8.90
N THR F 321 -35.84 -0.26 -7.83
CA THR F 321 -36.03 0.51 -6.60
C THR F 321 -35.68 1.98 -6.81
N SER F 322 -34.65 2.25 -7.61
CA SER F 322 -34.19 3.61 -7.84
C SER F 322 -35.29 4.47 -8.46
N ASP F 323 -35.96 3.95 -9.49
CA ASP F 323 -37.01 4.70 -10.15
C ASP F 323 -38.16 5.00 -9.19
N ARG F 324 -38.54 4.02 -8.38
CA ARG F 324 -39.64 4.22 -7.45
C ARG F 324 -39.30 5.26 -6.40
N VAL F 325 -38.11 5.18 -5.79
CA VAL F 325 -37.76 6.14 -4.76
C VAL F 325 -37.60 7.54 -5.35
N SER F 326 -37.09 7.63 -6.59
CA SER F 326 -36.98 8.94 -7.23
C SER F 326 -38.35 9.55 -7.48
N TYR F 327 -39.31 8.74 -7.95
CA TYR F 327 -40.67 9.23 -8.12
C TYR F 327 -41.26 9.74 -6.81
N LEU F 328 -41.10 8.96 -5.74
CA LEU F 328 -41.65 9.35 -4.45
C LEU F 328 -41.02 10.64 -3.94
N ARG F 329 -39.70 10.78 -4.09
CA ARG F 329 -39.02 12.00 -3.67
C ARG F 329 -39.51 13.22 -4.45
N ALA F 330 -39.67 13.05 -5.77
CA ALA F 330 -40.14 14.18 -6.59
C ALA F 330 -41.54 14.61 -6.19
N LEU F 331 -42.40 13.67 -5.79
CA LEU F 331 -43.74 14.06 -5.35
C LEU F 331 -43.70 14.72 -3.98
N ALA F 332 -42.90 14.18 -3.05
CA ALA F 332 -42.87 14.70 -1.69
C ALA F 332 -42.35 16.13 -1.66
N ILE F 333 -41.32 16.43 -2.44
CA ILE F 333 -40.77 17.79 -2.45
C ILE F 333 -41.82 18.79 -2.92
N GLY F 334 -42.55 18.42 -3.99
CA GLY F 334 -43.59 19.31 -4.49
C GLY F 334 -44.69 19.57 -3.48
N THR F 335 -45.07 18.54 -2.72
CA THR F 335 -46.08 18.76 -1.68
C THR F 335 -45.57 19.70 -0.58
N LEU F 336 -44.36 19.43 -0.08
CA LEU F 336 -43.84 20.19 1.05
C LEU F 336 -43.62 21.65 0.70
N ILE F 337 -43.23 21.95 -0.54
CA ILE F 337 -42.99 23.34 -0.92
C ILE F 337 -44.26 24.18 -0.77
N ASN F 338 -45.37 23.67 -1.31
CA ASN F 338 -46.64 24.39 -1.23
C ASN F 338 -47.10 24.54 0.21
N GLU F 339 -46.95 23.48 1.02
CA GLU F 339 -47.32 23.62 2.42
C GLU F 339 -46.50 24.71 3.12
N SER F 340 -45.20 24.78 2.84
CA SER F 340 -44.38 25.81 3.46
C SER F 340 -44.81 27.21 3.04
N VAL F 341 -45.17 27.39 1.77
CA VAL F 341 -45.62 28.71 1.32
C VAL F 341 -46.90 29.10 2.05
N ASP F 342 -47.83 28.16 2.21
CA ASP F 342 -49.06 28.46 2.94
C ASP F 342 -48.76 28.87 4.37
N THR F 343 -47.87 28.16 5.05
CA THR F 343 -47.52 28.51 6.42
C THR F 343 -46.91 29.90 6.51
N PHE F 344 -46.00 30.22 5.58
CA PHE F 344 -45.36 31.53 5.61
C PHE F 344 -46.38 32.64 5.44
N MET F 345 -47.31 32.48 4.49
CA MET F 345 -48.30 33.54 4.30
C MET F 345 -49.33 33.58 5.42
N LYS F 346 -49.51 32.49 6.17
CA LYS F 346 -50.41 32.55 7.30
C LYS F 346 -49.78 33.28 8.48
N TYR F 347 -48.47 33.15 8.67
CA TYR F 347 -47.81 33.78 9.81
C TYR F 347 -46.92 34.97 9.44
N GLU F 348 -47.12 35.54 8.25
CA GLU F 348 -46.29 36.67 7.80
C GLU F 348 -46.23 37.80 8.81
N GLU F 349 -47.36 38.15 9.42
CA GLU F 349 -47.38 39.29 10.33
C GLU F 349 -46.51 39.02 11.57
N GLU F 350 -46.64 37.83 12.14
CA GLU F 350 -45.81 37.48 13.29
C GLU F 350 -44.33 37.42 12.91
N ILE F 351 -44.03 36.90 11.72
CA ILE F 351 -42.63 36.83 11.29
C ILE F 351 -42.04 38.22 11.13
N LEU F 352 -42.80 39.14 10.53
CA LEU F 352 -42.33 40.51 10.37
C LEU F 352 -42.22 41.22 11.72
N ALA F 353 -43.04 40.83 12.70
CA ALA F 353 -42.95 41.44 14.02
C ALA F 353 -41.90 40.80 14.91
N GLY F 354 -41.30 39.68 14.49
CA GLY F 354 -40.27 39.03 15.27
C GLY F 354 -40.76 38.08 16.34
N THR F 355 -42.06 37.79 16.39
CA THR F 355 -42.65 37.00 17.45
C THR F 355 -42.82 35.52 17.09
N PHE F 356 -42.34 35.09 15.92
CA PHE F 356 -42.53 33.72 15.48
C PHE F 356 -41.32 32.89 15.89
N ASP F 357 -41.53 31.96 16.82
CA ASP F 357 -40.45 31.30 17.55
C ASP F 357 -40.12 29.91 17.05
N GLN F 358 -40.70 29.47 15.93
CA GLN F 358 -40.40 28.13 15.43
C GLN F 358 -39.96 28.19 13.97
N SER F 359 -39.89 27.02 13.32
CA SER F 359 -39.62 26.93 11.89
C SER F 359 -40.91 26.58 11.14
N LEU F 360 -40.92 26.91 9.85
CA LEU F 360 -42.10 26.65 9.03
C LEU F 360 -42.40 25.16 8.93
N ILE F 361 -41.37 24.32 9.02
CA ILE F 361 -41.58 22.88 8.92
C ILE F 361 -42.30 22.35 10.16
N ASP F 362 -41.94 22.87 11.34
CA ASP F 362 -42.54 22.39 12.58
C ASP F 362 -44.03 22.68 12.67
N LYS F 363 -44.55 23.62 11.87
CA LYS F 363 -45.96 23.94 11.84
C LYS F 363 -46.71 23.27 10.70
N SER F 364 -46.32 22.05 10.34
CA SER F 364 -46.89 21.35 9.20
C SER F 364 -47.68 20.14 9.63
N ASN F 365 -48.56 19.67 8.73
CA ASN F 365 -49.42 18.53 8.99
C ASN F 365 -48.69 17.20 8.93
N TYR F 366 -47.44 17.17 8.43
CA TYR F 366 -46.70 15.93 8.24
C TYR F 366 -45.54 15.80 9.21
N GLN F 367 -45.68 16.37 10.40
CA GLN F 367 -44.57 16.36 11.36
C GLN F 367 -44.25 14.94 11.83
N ALA F 368 -45.28 14.10 12.01
CA ALA F 368 -45.05 12.74 12.48
C ALA F 368 -44.26 11.93 11.48
N GLN F 369 -44.61 12.03 10.19
CA GLN F 369 -43.88 11.30 9.16
C GLN F 369 -42.44 11.77 9.07
N ILE F 370 -42.22 13.08 9.14
CA ILE F 370 -40.87 13.64 9.10
C ILE F 370 -40.05 13.13 10.27
N THR F 371 -40.65 13.12 11.47
CA THR F 371 -39.94 12.65 12.65
C THR F 371 -39.60 11.17 12.54
N ASP F 372 -40.52 10.37 11.99
CA ASP F 372 -40.23 8.95 11.80
C ASP F 372 -39.08 8.74 10.83
N ILE F 373 -39.08 9.47 9.71
CA ILE F 373 -37.99 9.34 8.74
C ILE F 373 -36.66 9.76 9.34
N ILE F 374 -36.66 10.85 10.12
CA ILE F 374 -35.43 11.33 10.74
C ILE F 374 -34.91 10.32 11.75
N ASN F 375 -35.80 9.75 12.58
CA ASN F 375 -35.37 8.77 13.55
C ASN F 375 -34.79 7.52 12.88
N LEU F 376 -35.43 7.08 11.79
CA LEU F 376 -34.90 5.95 11.05
C LEU F 376 -33.52 6.26 10.46
N SER F 377 -33.35 7.49 9.94
CA SER F 377 -32.05 7.88 9.41
C SER F 377 -30.99 7.89 10.49
N ILE F 378 -31.33 8.39 11.69
CA ILE F 378 -30.36 8.42 12.79
C ILE F 378 -29.97 7.01 13.20
N GLU F 379 -30.95 6.11 13.30
CA GLU F 379 -30.66 4.76 13.76
C GLU F 379 -29.89 3.96 12.72
N ARG F 380 -30.17 4.20 11.43
CA ARG F 380 -29.67 3.30 10.39
C ARG F 380 -28.49 3.85 9.60
N ILE F 381 -28.30 5.15 9.54
CA ILE F 381 -27.25 5.75 8.71
C ILE F 381 -26.16 6.39 9.55
N TYR F 382 -26.53 7.25 10.50
CA TYR F 382 -25.52 7.99 11.25
C TYR F 382 -24.71 7.08 12.15
N ASN F 383 -25.31 6.00 12.64
CA ASN F 383 -24.65 5.08 13.55
C ASN F 383 -24.18 3.80 12.88
N SER F 384 -24.06 3.80 11.55
CA SER F 384 -23.49 2.66 10.85
C SER F 384 -21.99 2.57 11.14
N ARG F 385 -21.45 1.36 10.98
CA ARG F 385 -20.06 1.13 11.36
C ARG F 385 -19.09 1.97 10.52
N GLU F 386 -19.42 1.94 9.23
CA GLU F 386 -18.75 2.63 8.15
C GLU F 386 -18.69 4.09 8.45
N VAL F 387 -19.82 4.65 8.81
CA VAL F 387 -19.88 6.05 9.15
C VAL F 387 -19.07 6.35 10.38
N ILE F 388 -19.13 5.48 11.38
CA ILE F 388 -18.41 5.67 12.65
C ILE F 388 -16.88 5.70 12.58
N GLU F 389 -16.30 4.75 11.89
CA GLU F 389 -14.86 4.61 11.67
C GLU F 389 -14.30 5.86 10.98
N LYS F 390 -15.01 6.36 9.98
CA LYS F 390 -14.57 7.57 9.29
C LYS F 390 -14.50 8.76 10.24
N GLU F 391 -15.50 8.91 11.13
CA GLU F 391 -15.50 10.04 12.05
C GLU F 391 -14.34 9.95 13.06
N ILE F 392 -14.04 8.74 13.53
CA ILE F 392 -12.91 8.59 14.45
C ILE F 392 -11.61 8.98 13.77
N ALA F 393 -11.42 8.52 12.52
CA ALA F 393 -10.24 8.92 11.77
C ALA F 393 -10.18 10.43 11.59
N GLY F 394 -11.32 11.06 11.33
CA GLY F 394 -11.36 12.51 11.18
C GLY F 394 -10.95 13.24 12.44
N TYR F 395 -11.42 12.75 13.59
CA TYR F 395 -10.97 13.31 14.87
C TYR F 395 -9.45 13.30 14.97
N GLU F 396 -8.85 12.14 14.69
CA GLU F 396 -7.39 12.05 14.79
C GLU F 396 -6.70 13.04 13.86
N ILE F 397 -7.17 13.11 12.61
CA ILE F 397 -6.51 13.97 11.61
C ILE F 397 -6.60 15.44 12.01
N LEU F 398 -7.79 15.89 12.39
CA LEU F 398 -7.96 17.30 12.73
C LEU F 398 -7.15 17.67 13.96
N SER F 399 -7.14 16.80 14.97
CA SER F 399 -6.35 17.09 16.16
C SER F 399 -4.87 17.23 15.82
N THR F 400 -4.35 16.34 14.98
CA THR F 400 -2.94 16.42 14.61
C THR F 400 -2.62 17.73 13.91
N LEU F 401 -3.43 18.10 12.90
CA LEU F 401 -3.12 19.31 12.13
C LEU F 401 -3.23 20.56 13.00
N LEU F 402 -4.27 20.64 13.85
CA LEU F 402 -4.41 21.80 14.71
C LEU F 402 -3.26 21.91 15.70
N GLU F 403 -2.83 20.79 16.28
CA GLU F 403 -1.70 20.84 17.21
C GLU F 403 -0.43 21.31 16.52
N ALA F 404 -0.19 20.84 15.30
CA ALA F 404 1.01 21.28 14.56
C ALA F 404 0.97 22.79 14.31
N ARG F 405 -0.17 23.30 13.84
CA ARG F 405 -0.25 24.74 13.59
C ARG F 405 -0.08 25.55 14.86
N CYS F 406 -0.68 25.10 15.97
CA CYS F 406 -0.59 25.86 17.21
C CYS F 406 0.82 25.86 17.77
N ARG F 407 1.51 24.72 17.71
CA ARG F 407 2.90 24.69 18.16
C ARG F 407 3.80 25.53 17.25
N ALA F 408 3.49 25.59 15.96
CA ALA F 408 4.24 26.51 15.09
C ALA F 408 4.00 27.96 15.50
N LEU F 409 2.75 28.30 15.84
CA LEU F 409 2.44 29.66 16.24
C LEU F 409 3.13 30.05 17.54
N ASP F 410 3.29 29.12 18.47
CA ASP F 410 3.95 29.46 19.73
C ASP F 410 5.44 29.86 19.64
N ASN F 411 6.32 28.88 19.39
CA ASN F 411 7.76 29.12 19.34
C ASN F 411 8.38 30.06 18.30
N ASN F 412 7.99 29.88 17.03
CA ASN F 412 8.43 30.70 15.91
C ASN F 412 9.94 30.75 15.59
N ASP F 413 10.79 30.43 16.56
CA ASP F 413 12.24 30.50 16.32
C ASP F 413 12.89 29.19 15.85
N THR F 414 12.23 28.05 16.10
CA THR F 414 12.76 26.75 15.72
C THR F 414 12.76 26.50 14.20
N HIS F 415 13.71 25.70 13.73
CA HIS F 415 13.82 25.34 12.32
C HIS F 415 12.58 24.57 11.86
N TYR F 416 12.10 23.69 12.73
CA TYR F 416 10.93 22.89 12.45
C TYR F 416 9.71 23.79 12.28
N ASN F 417 9.62 24.81 13.12
CA ASN F 417 8.52 25.76 13.07
C ASN F 417 8.51 26.50 11.74
N GLN F 418 9.69 26.86 11.26
CA GLN F 418 9.84 27.54 9.98
C GLN F 418 9.41 26.61 8.84
N LEU F 419 9.74 25.33 8.93
CA LEU F 419 9.33 24.36 7.91
C LEU F 419 7.82 24.22 7.88
N ILE F 420 7.21 24.10 9.06
CA ILE F 420 5.75 23.95 9.14
C ILE F 420 5.06 25.18 8.58
N GLN F 421 5.61 26.37 8.86
CA GLN F 421 5.05 27.59 8.30
C GLN F 421 5.13 27.59 6.78
N GLN F 422 6.28 27.21 6.23
CA GLN F 422 6.42 27.18 4.77
C GLN F 422 5.48 26.16 4.14
N LEU F 423 5.19 25.06 4.84
CA LEU F 423 4.35 24.02 4.25
C LEU F 423 2.88 24.38 4.34
N LEU F 424 2.38 24.69 5.54
CA LEU F 424 0.95 24.83 5.78
C LEU F 424 0.44 26.27 5.66
N ALA F 425 1.30 27.23 5.36
CA ALA F 425 0.88 28.62 5.22
C ALA F 425 1.82 29.34 4.28
N PRO F 426 1.48 29.42 2.99
CA PRO F 426 2.41 30.07 2.03
C PRO F 426 2.74 31.51 2.39
N GLU F 431 1.21 41.24 11.58
CA GLU F 431 1.02 41.65 12.97
C GLU F 431 -0.46 41.50 13.34
N LYS F 432 -0.74 40.61 14.27
CA LYS F 432 -2.11 40.34 14.70
C LYS F 432 -2.10 39.81 16.12
N SER F 433 -3.26 39.88 16.76
CA SER F 433 -3.39 39.43 18.14
C SER F 433 -3.45 37.90 18.21
N LEU F 434 -3.45 37.39 19.44
CA LEU F 434 -3.54 35.95 19.65
C LEU F 434 -4.87 35.39 19.16
N TYR F 435 -5.98 36.09 19.45
CA TYR F 435 -7.28 35.64 19.01
C TYR F 435 -7.39 35.61 17.49
N GLU F 436 -6.85 36.63 16.83
CA GLU F 436 -6.86 36.67 15.37
C GLU F 436 -6.06 35.51 14.80
N ASN F 437 -4.90 35.21 15.38
CA ASN F 437 -4.09 34.11 14.90
C ASN F 437 -4.80 32.77 15.07
N LEU F 438 -5.44 32.56 16.23
CA LEU F 438 -6.12 31.29 16.46
C LEU F 438 -7.32 31.13 15.53
N ILE F 439 -8.09 32.19 15.33
CA ILE F 439 -9.25 32.08 14.46
C ILE F 439 -8.81 31.90 13.00
N GLN F 440 -7.68 32.50 12.61
CA GLN F 440 -7.15 32.26 11.27
C GLN F 440 -6.68 30.83 11.12
N ILE F 441 -6.09 30.25 12.16
CA ILE F 441 -5.68 28.85 12.11
C ILE F 441 -6.90 27.95 11.89
N CYS F 442 -7.95 28.19 12.68
CA CYS F 442 -9.17 27.38 12.54
C CYS F 442 -9.82 27.59 11.17
N ALA F 443 -9.70 28.79 10.60
CA ALA F 443 -10.26 29.03 9.27
C ALA F 443 -9.44 28.33 8.19
N GLU F 444 -8.12 28.29 8.34
CA GLU F 444 -7.28 27.63 7.35
C GLU F 444 -7.42 26.11 7.40
N VAL F 445 -7.67 25.56 8.59
CA VAL F 445 -7.91 24.12 8.67
C VAL F 445 -9.21 23.75 7.97
N SER F 446 -10.22 24.62 8.04
CA SER F 446 -11.54 24.33 7.50
C SER F 446 -11.66 24.59 6.00
N THR F 447 -10.60 25.07 5.35
CA THR F 447 -10.63 25.22 3.89
C THR F 447 -10.35 23.89 3.20
N MET F 448 -9.62 23.00 3.85
CA MET F 448 -9.23 21.74 3.24
C MET F 448 -10.43 20.84 3.00
N THR F 449 -10.31 20.00 1.98
CA THR F 449 -11.25 18.90 1.75
C THR F 449 -10.86 17.72 2.64
N ASP F 450 -11.60 16.62 2.52
CA ASP F 450 -11.25 15.42 3.26
C ASP F 450 -9.97 14.80 2.75
N GLY F 451 -9.84 14.67 1.43
CA GLY F 451 -8.65 14.07 0.86
C GLY F 451 -7.39 14.87 1.11
N LYS F 452 -7.48 16.20 0.99
CA LYS F 452 -6.33 17.04 1.23
C LYS F 452 -5.89 16.97 2.70
N ALA F 453 -6.86 16.97 3.61
CA ALA F 453 -6.53 16.84 5.03
C ALA F 453 -5.85 15.51 5.32
N LEU F 454 -6.36 14.42 4.74
CA LEU F 454 -5.75 13.11 4.94
C LEU F 454 -4.33 13.06 4.37
N ARG F 455 -4.13 13.62 3.17
CA ARG F 455 -2.81 13.64 2.55
C ARG F 455 -1.82 14.45 3.38
N ASN F 456 -2.25 15.60 3.89
CA ASN F 456 -1.38 16.40 4.75
C ASN F 456 -1.05 15.65 6.04
N TYR F 457 -2.03 14.93 6.59
CA TYR F 457 -1.77 14.15 7.80
C TYR F 457 -0.70 13.08 7.56
N LYS F 458 -0.80 12.36 6.45
CA LYS F 458 0.23 11.37 6.15
C LYS F 458 1.59 12.01 5.91
N LYS F 459 1.62 13.16 5.21
CA LYS F 459 2.91 13.81 4.98
C LYS F 459 3.54 14.29 6.29
N ILE F 460 2.73 14.79 7.22
CA ILE F 460 3.25 15.14 8.53
C ILE F 460 3.81 13.90 9.23
N LYS F 461 3.09 12.78 9.15
CA LYS F 461 3.59 11.55 9.75
C LYS F 461 4.64 10.83 8.90
N GLY F 462 4.87 11.28 7.67
CA GLY F 462 5.83 10.60 6.82
C GLY F 462 5.39 9.20 6.42
N LEU F 463 4.12 9.01 6.13
CA LEU F 463 3.60 7.70 5.73
C LEU F 463 3.11 7.72 4.29
#